data_2L9C
#
_entry.id   2L9C
#
_cell.length_a   1.000
_cell.length_b   1.000
_cell.length_c   1.000
_cell.angle_alpha   90.00
_cell.angle_beta   90.00
_cell.angle_gamma   90.00
#
_symmetry.space_group_name_H-M   'P 1'
#
_entity_poly.entity_id   1
_entity_poly.type   'polypeptide(L)'
_entity_poly.pdbx_seq_one_letter_code
;MGSSHHHHHHIEGREEASSMERNFNVEKINGEWYTIMLATDKREKIEEHGSMRVFVEYIHVLENSLALKFHIIINEECSE
IFLVADKTEKAGEYSVTYDGSNTFTILKTDYDNYIMIHLINKKDGETFQLMELYGREPDLSSDIKEKFAQLSEEHGIVRE
NIIDLTNANRCLEARE
;
_entity_poly.pdbx_strand_id   A
#
# COMPACT_ATOMS: atom_id res chain seq x y z
N MET A 1 15.85 19.13 -61.35
CA MET A 1 15.84 18.71 -59.96
C MET A 1 16.01 17.19 -59.85
N GLY A 2 16.13 16.71 -58.61
CA GLY A 2 16.30 15.28 -58.39
C GLY A 2 15.41 14.76 -57.29
N SER A 3 15.75 13.59 -56.75
CA SER A 3 14.98 12.99 -55.67
C SER A 3 15.86 12.10 -54.80
N SER A 4 15.69 12.22 -53.48
CA SER A 4 16.47 11.43 -52.53
C SER A 4 15.65 10.28 -51.98
N HIS A 5 16.27 9.47 -51.14
CA HIS A 5 15.61 8.32 -50.53
C HIS A 5 16.16 8.04 -49.13
N HIS A 6 15.61 7.02 -48.48
CA HIS A 6 16.05 6.66 -47.14
C HIS A 6 15.41 5.34 -46.70
N HIS A 7 15.74 4.90 -45.49
CA HIS A 7 15.20 3.66 -44.95
C HIS A 7 14.97 3.77 -43.45
N HIS A 8 14.49 2.68 -42.85
CA HIS A 8 14.22 2.67 -41.42
C HIS A 8 14.48 1.28 -40.83
N HIS A 9 14.67 1.21 -39.52
CA HIS A 9 14.94 -0.06 -38.85
C HIS A 9 13.93 -0.29 -37.73
N HIS A 10 13.98 -1.47 -37.13
CA HIS A 10 13.07 -1.83 -36.04
C HIS A 10 13.81 -1.86 -34.71
N ILE A 11 13.06 -2.07 -33.63
CA ILE A 11 13.64 -2.13 -32.29
C ILE A 11 13.55 -3.53 -31.72
N GLU A 12 14.62 -3.98 -31.07
CA GLU A 12 14.66 -5.31 -30.48
C GLU A 12 14.42 -5.24 -28.97
N GLY A 13 14.47 -6.38 -28.31
CA GLY A 13 14.26 -6.43 -26.87
C GLY A 13 13.00 -7.16 -26.49
N ARG A 14 12.69 -8.23 -27.22
CA ARG A 14 11.49 -9.01 -26.96
C ARG A 14 11.45 -9.47 -25.50
N GLU A 15 10.47 -8.98 -24.75
CA GLU A 15 10.31 -9.34 -23.35
C GLU A 15 9.93 -10.82 -23.20
N GLU A 16 10.20 -11.37 -22.02
CA GLU A 16 9.90 -12.77 -21.76
C GLU A 16 8.59 -12.89 -20.96
N ALA A 17 8.12 -14.12 -20.80
CA ALA A 17 6.89 -14.38 -20.07
C ALA A 17 7.18 -14.76 -18.63
N SER A 18 6.18 -14.60 -17.76
CA SER A 18 6.33 -14.92 -16.34
C SER A 18 5.37 -16.02 -15.93
N SER A 19 5.66 -16.67 -14.80
CA SER A 19 4.82 -17.74 -14.30
C SER A 19 4.00 -17.27 -13.10
N MET A 20 3.27 -18.21 -12.49
CA MET A 20 2.44 -17.89 -11.33
C MET A 20 3.30 -17.43 -10.15
N GLU A 21 2.64 -17.00 -9.09
CA GLU A 21 3.35 -16.53 -7.90
C GLU A 21 3.86 -17.70 -7.08
N ARG A 22 4.71 -18.52 -7.69
CA ARG A 22 5.28 -19.68 -7.02
C ARG A 22 6.58 -19.32 -6.32
N ASN A 23 7.22 -18.26 -6.79
CA ASN A 23 8.48 -17.81 -6.21
C ASN A 23 8.25 -16.70 -5.19
N PHE A 24 7.08 -16.72 -4.57
CA PHE A 24 6.72 -15.71 -3.57
C PHE A 24 7.81 -15.61 -2.50
N ASN A 25 8.13 -14.38 -2.11
CA ASN A 25 9.16 -14.14 -1.10
C ASN A 25 9.00 -12.76 -0.48
N VAL A 26 8.96 -12.71 0.85
CA VAL A 26 8.81 -11.44 1.57
C VAL A 26 10.07 -10.59 1.45
N GLU A 27 11.20 -11.25 1.23
CA GLU A 27 12.48 -10.56 1.10
C GLU A 27 12.43 -9.56 -0.06
N LYS A 28 11.58 -9.84 -1.04
CA LYS A 28 11.44 -8.97 -2.20
C LYS A 28 10.89 -7.60 -1.79
N ILE A 29 9.75 -7.61 -1.10
CA ILE A 29 9.12 -6.38 -0.65
C ILE A 29 9.91 -5.75 0.49
N ASN A 30 10.59 -6.58 1.27
CA ASN A 30 11.38 -6.09 2.39
C ASN A 30 12.44 -5.10 1.93
N GLY A 31 12.27 -3.84 2.31
CA GLY A 31 13.21 -2.81 1.92
C GLY A 31 12.59 -1.42 1.89
N GLU A 32 12.39 -0.90 0.69
CA GLU A 32 11.79 0.43 0.53
C GLU A 32 10.83 0.45 -0.65
N TRP A 33 10.03 1.52 -0.73
CA TRP A 33 9.07 1.66 -1.82
C TRP A 33 8.93 3.12 -2.22
N TYR A 34 8.02 3.39 -3.15
CA TYR A 34 7.79 4.75 -3.64
C TYR A 34 6.31 4.97 -3.92
N THR A 35 5.87 6.22 -3.75
CA THR A 35 4.48 6.58 -3.98
C THR A 35 4.20 6.76 -5.48
N ILE A 36 3.10 6.18 -5.94
CA ILE A 36 2.72 6.28 -7.34
C ILE A 36 1.48 7.14 -7.52
N MET A 37 0.39 6.72 -6.90
CA MET A 37 -0.88 7.45 -6.98
C MET A 37 -1.72 7.23 -5.73
N LEU A 38 -2.50 8.23 -5.37
CA LEU A 38 -3.36 8.16 -4.19
C LEU A 38 -4.83 8.15 -4.58
N ALA A 39 -5.57 7.18 -4.07
CA ALA A 39 -7.00 7.06 -4.36
C ALA A 39 -7.80 6.83 -3.09
N THR A 40 -9.07 7.24 -3.10
CA THR A 40 -9.94 7.08 -1.95
C THR A 40 -11.31 7.67 -2.22
N ASP A 41 -12.34 7.03 -1.65
CA ASP A 41 -13.71 7.49 -1.83
C ASP A 41 -13.87 8.94 -1.37
N LYS A 42 -13.00 9.35 -0.45
CA LYS A 42 -13.03 10.71 0.07
C LYS A 42 -11.85 11.53 -0.44
N ARG A 43 -11.95 12.02 -1.67
CA ARG A 43 -10.89 12.81 -2.27
C ARG A 43 -10.59 14.05 -1.44
N GLU A 44 -11.59 14.51 -0.69
CA GLU A 44 -11.44 15.69 0.16
C GLU A 44 -10.47 15.41 1.30
N LYS A 45 -10.36 14.15 1.68
CA LYS A 45 -9.47 13.75 2.77
C LYS A 45 -8.01 13.70 2.29
N ILE A 46 -7.83 13.42 1.01
CA ILE A 46 -6.49 13.35 0.43
C ILE A 46 -6.15 14.63 -0.34
N GLU A 47 -6.88 15.69 -0.04
CA GLU A 47 -6.67 16.97 -0.71
C GLU A 47 -5.31 17.55 -0.32
N GLU A 48 -5.00 18.72 -0.88
CA GLU A 48 -3.73 19.38 -0.60
C GLU A 48 -3.77 20.07 0.76
N HIS A 49 -4.97 20.38 1.23
CA HIS A 49 -5.14 21.04 2.52
C HIS A 49 -5.69 20.06 3.56
N GLY A 50 -5.50 18.77 3.31
CA GLY A 50 -5.98 17.75 4.23
C GLY A 50 -4.88 17.18 5.08
N SER A 51 -5.20 16.14 5.85
CA SER A 51 -4.22 15.50 6.72
C SER A 51 -4.30 13.98 6.60
N MET A 52 -4.91 13.51 5.51
CA MET A 52 -5.05 12.07 5.27
C MET A 52 -4.29 11.65 4.02
N ARG A 53 -3.27 12.44 3.66
CA ARG A 53 -2.46 12.15 2.48
C ARG A 53 -1.09 11.60 2.88
N VAL A 54 -1.06 10.84 3.98
CA VAL A 54 0.18 10.26 4.47
C VAL A 54 0.60 9.06 3.62
N PHE A 55 1.89 8.95 3.36
CA PHE A 55 2.42 7.85 2.56
C PHE A 55 3.67 7.26 3.20
N VAL A 56 3.87 5.96 2.99
CA VAL A 56 5.03 5.28 3.55
C VAL A 56 6.27 5.50 2.70
N GLU A 57 7.43 5.57 3.35
CA GLU A 57 8.69 5.79 2.64
C GLU A 57 9.48 4.49 2.55
N TYR A 58 9.20 3.56 3.45
CA TYR A 58 9.89 2.27 3.47
C TYR A 58 9.10 1.24 4.27
N ILE A 59 9.20 -0.01 3.86
CA ILE A 59 8.49 -1.10 4.53
C ILE A 59 9.47 -2.08 5.16
N HIS A 60 9.22 -2.45 6.41
CA HIS A 60 10.09 -3.38 7.12
C HIS A 60 9.30 -4.62 7.56
N VAL A 61 9.91 -5.79 7.41
CA VAL A 61 9.26 -7.05 7.79
C VAL A 61 9.85 -7.59 9.09
N LEU A 62 8.99 -7.79 10.08
CA LEU A 62 9.42 -8.31 11.37
C LEU A 62 9.19 -9.82 11.45
N GLU A 63 9.49 -10.39 12.62
CA GLU A 63 9.32 -11.83 12.82
C GLU A 63 7.84 -12.19 12.96
N ASN A 64 7.08 -11.30 13.58
CA ASN A 64 5.65 -11.53 13.78
C ASN A 64 4.87 -10.24 13.54
N SER A 65 5.31 -9.45 12.58
CA SER A 65 4.66 -8.19 12.26
C SER A 65 5.37 -7.47 11.11
N LEU A 66 4.95 -6.25 10.83
CA LEU A 66 5.54 -5.47 9.75
C LEU A 66 5.64 -3.99 10.14
N ALA A 67 6.86 -3.47 10.18
CA ALA A 67 7.07 -2.08 10.53
C ALA A 67 6.91 -1.17 9.31
N LEU A 68 6.46 0.07 9.55
CA LEU A 68 6.25 1.02 8.49
C LEU A 68 6.55 2.44 8.96
N LYS A 69 6.80 3.34 8.00
CA LYS A 69 7.10 4.73 8.32
C LYS A 69 6.41 5.67 7.34
N PHE A 70 5.37 6.36 7.81
CA PHE A 70 4.63 7.29 6.97
C PHE A 70 5.00 8.74 7.31
N HIS A 71 4.70 9.64 6.39
CA HIS A 71 5.01 11.05 6.59
C HIS A 71 3.74 11.90 6.46
N ILE A 72 3.84 13.17 6.83
CA ILE A 72 2.70 14.08 6.77
C ILE A 72 3.17 15.52 6.57
N ILE A 73 2.41 16.28 5.77
CA ILE A 73 2.74 17.67 5.51
C ILE A 73 2.42 18.55 6.71
N ILE A 74 3.45 19.02 7.40
CA ILE A 74 3.27 19.87 8.56
C ILE A 74 4.05 21.17 8.42
N ASN A 75 3.34 22.29 8.39
CA ASN A 75 3.98 23.61 8.26
C ASN A 75 4.81 23.68 6.98
N GLU A 76 4.25 23.19 5.89
CA GLU A 76 4.94 23.19 4.60
C GLU A 76 6.25 22.43 4.68
N GLU A 77 6.25 21.34 5.44
CA GLU A 77 7.45 20.52 5.61
C GLU A 77 7.08 19.07 5.88
N CYS A 78 7.95 18.15 5.44
CA CYS A 78 7.72 16.73 5.63
C CYS A 78 7.85 16.35 7.10
N SER A 79 7.32 15.19 7.46
CA SER A 79 7.39 14.70 8.84
C SER A 79 7.87 13.26 8.88
N GLU A 80 7.88 12.68 10.07
CA GLU A 80 8.33 11.30 10.25
C GLU A 80 7.45 10.57 11.28
N ILE A 81 6.76 9.54 10.83
CA ILE A 81 5.89 8.77 11.70
C ILE A 81 6.30 7.30 11.73
N PHE A 82 6.16 6.66 12.89
CA PHE A 82 6.51 5.26 13.04
C PHE A 82 5.36 4.47 13.66
N LEU A 83 5.10 3.28 13.12
CA LEU A 83 4.02 2.43 13.62
C LEU A 83 4.28 0.97 13.28
N VAL A 84 3.53 0.08 13.91
CA VAL A 84 3.67 -1.35 13.67
C VAL A 84 2.32 -2.04 13.60
N ALA A 85 2.13 -2.87 12.59
CA ALA A 85 0.87 -3.59 12.41
C ALA A 85 1.00 -5.04 12.88
N ASP A 86 0.24 -5.40 13.90
CA ASP A 86 0.26 -6.75 14.44
C ASP A 86 -0.73 -7.65 13.72
N LYS A 87 -0.33 -8.89 13.46
CA LYS A 87 -1.18 -9.84 12.77
C LYS A 87 -2.42 -10.16 13.60
N THR A 88 -3.49 -10.58 12.93
CA THR A 88 -4.73 -10.91 13.60
C THR A 88 -4.99 -12.41 13.56
N GLU A 89 -6.14 -12.83 14.09
CA GLU A 89 -6.50 -14.24 14.11
C GLU A 89 -6.46 -14.84 12.71
N LYS A 90 -6.70 -14.00 11.71
CA LYS A 90 -6.69 -14.44 10.32
C LYS A 90 -5.46 -13.91 9.59
N ALA A 91 -4.79 -14.78 8.84
CA ALA A 91 -3.60 -14.40 8.09
C ALA A 91 -3.97 -13.49 6.92
N GLY A 92 -3.08 -12.55 6.61
CA GLY A 92 -3.32 -11.63 5.50
C GLY A 92 -3.80 -10.27 5.97
N GLU A 93 -4.53 -10.26 7.08
CA GLU A 93 -5.04 -9.01 7.64
C GLU A 93 -4.12 -8.49 8.75
N TYR A 94 -3.78 -7.21 8.66
CA TYR A 94 -2.90 -6.58 9.65
C TYR A 94 -3.56 -5.33 10.23
N SER A 95 -3.51 -5.23 11.56
CA SER A 95 -4.09 -4.08 12.26
C SER A 95 -3.00 -3.21 12.88
N VAL A 96 -3.17 -1.90 12.78
CA VAL A 96 -2.21 -0.96 13.34
C VAL A 96 -2.91 0.28 13.89
N THR A 97 -2.29 0.90 14.89
CA THR A 97 -2.86 2.10 15.50
C THR A 97 -2.40 3.35 14.77
N TYR A 98 -3.35 4.24 14.48
CA TYR A 98 -3.04 5.49 13.78
C TYR A 98 -4.28 6.38 13.71
N ASP A 99 -4.37 7.33 14.65
CA ASP A 99 -5.49 8.26 14.69
C ASP A 99 -6.80 7.50 14.89
N GLY A 100 -6.73 6.34 15.51
CA GLY A 100 -7.92 5.54 15.75
C GLY A 100 -7.71 4.07 15.41
N SER A 101 -8.59 3.53 14.58
CA SER A 101 -8.50 2.13 14.18
C SER A 101 -8.18 2.00 12.70
N ASN A 102 -7.27 1.07 12.38
CA ASN A 102 -6.87 0.85 10.99
C ASN A 102 -6.55 -0.62 10.75
N THR A 103 -6.97 -1.13 9.59
CA THR A 103 -6.73 -2.52 9.23
C THR A 103 -6.64 -2.69 7.72
N PHE A 104 -5.55 -3.29 7.26
CA PHE A 104 -5.34 -3.52 5.85
C PHE A 104 -5.13 -5.01 5.55
N THR A 105 -5.13 -5.36 4.27
CA THR A 105 -4.94 -6.74 3.86
C THR A 105 -4.35 -6.82 2.45
N ILE A 106 -3.61 -7.90 2.19
CA ILE A 106 -3.00 -8.10 0.88
C ILE A 106 -3.94 -8.84 -0.07
N LEU A 107 -4.47 -8.11 -1.05
CA LEU A 107 -5.38 -8.70 -2.02
C LEU A 107 -4.67 -8.95 -3.35
N LYS A 108 -3.68 -8.12 -3.65
CA LYS A 108 -2.91 -8.26 -4.89
C LYS A 108 -1.67 -7.37 -4.87
N THR A 109 -0.51 -7.99 -5.05
CA THR A 109 0.76 -7.26 -5.05
C THR A 109 1.86 -8.08 -5.69
N ASP A 110 2.53 -7.49 -6.69
CA ASP A 110 3.61 -8.18 -7.38
C ASP A 110 4.93 -7.40 -7.23
N TYR A 111 6.03 -8.13 -7.11
CA TYR A 111 7.33 -7.52 -6.95
C TYR A 111 7.86 -7.00 -8.29
N ASP A 112 7.14 -7.33 -9.36
CA ASP A 112 7.53 -6.90 -10.70
C ASP A 112 6.65 -5.76 -11.18
N ASN A 113 5.50 -5.59 -10.52
CA ASN A 113 4.55 -4.54 -10.89
C ASN A 113 4.43 -3.50 -9.77
N TYR A 114 3.56 -3.77 -8.81
CA TYR A 114 3.35 -2.87 -7.69
C TYR A 114 2.67 -3.59 -6.53
N ILE A 115 2.50 -2.88 -5.41
CA ILE A 115 1.87 -3.46 -4.23
C ILE A 115 0.66 -2.64 -3.81
N MET A 116 -0.49 -3.29 -3.75
CA MET A 116 -1.74 -2.62 -3.35
C MET A 116 -2.04 -2.86 -1.87
N ILE A 117 -2.63 -1.87 -1.22
CA ILE A 117 -2.98 -1.99 0.19
C ILE A 117 -4.27 -1.25 0.50
N HIS A 118 -5.31 -2.01 0.85
CA HIS A 118 -6.60 -1.42 1.17
C HIS A 118 -6.70 -1.08 2.66
N LEU A 119 -6.56 0.20 2.97
CA LEU A 119 -6.63 0.66 4.36
C LEU A 119 -7.94 1.37 4.64
N ILE A 120 -8.65 0.92 5.67
CA ILE A 120 -9.92 1.51 6.04
C ILE A 120 -9.82 2.23 7.39
N ASN A 121 -10.16 3.51 7.40
CA ASN A 121 -10.10 4.31 8.62
C ASN A 121 -11.51 4.70 9.07
N LYS A 122 -11.65 4.97 10.36
CA LYS A 122 -12.94 5.35 10.92
C LYS A 122 -12.79 6.54 11.88
N LYS A 123 -13.74 7.47 11.82
CA LYS A 123 -13.72 8.65 12.68
C LYS A 123 -15.07 9.35 12.66
N ASP A 124 -15.48 9.85 13.83
CA ASP A 124 -16.75 10.56 13.94
C ASP A 124 -17.90 9.71 13.40
N GLY A 125 -17.88 8.42 13.72
CA GLY A 125 -18.93 7.53 13.25
C GLY A 125 -18.99 7.45 11.74
N GLU A 126 -17.91 7.87 11.09
CA GLU A 126 -17.85 7.85 9.62
C GLU A 126 -16.58 7.13 9.15
N THR A 127 -16.78 6.12 8.29
CA THR A 127 -15.66 5.35 7.77
C THR A 127 -15.60 5.45 6.25
N PHE A 128 -14.39 5.63 5.72
CA PHE A 128 -14.20 5.73 4.27
C PHE A 128 -13.21 4.68 3.77
N GLN A 129 -13.10 4.56 2.46
CA GLN A 129 -12.19 3.60 1.85
C GLN A 129 -10.93 4.28 1.35
N LEU A 130 -9.78 3.73 1.72
CA LEU A 130 -8.49 4.29 1.30
C LEU A 130 -7.67 3.25 0.54
N MET A 131 -6.90 3.71 -0.43
CA MET A 131 -6.07 2.83 -1.24
C MET A 131 -4.65 3.37 -1.35
N GLU A 132 -3.67 2.47 -1.36
CA GLU A 132 -2.27 2.86 -1.47
C GLU A 132 -1.54 2.00 -2.49
N LEU A 133 -0.89 2.66 -3.45
CA LEU A 133 -0.15 1.94 -4.49
C LEU A 133 1.31 2.37 -4.50
N TYR A 134 2.21 1.38 -4.53
CA TYR A 134 3.64 1.65 -4.54
C TYR A 134 4.33 0.83 -5.62
N GLY A 135 5.38 1.41 -6.21
CA GLY A 135 6.12 0.72 -7.25
C GLY A 135 7.62 0.86 -7.09
N ARG A 136 8.37 -0.02 -7.73
CA ARG A 136 9.83 0.01 -7.66
C ARG A 136 10.36 1.40 -7.99
N GLU A 137 9.64 2.12 -8.83
CA GLU A 137 10.04 3.46 -9.23
C GLU A 137 8.95 4.48 -8.88
N PRO A 138 9.35 5.76 -8.82
CA PRO A 138 8.43 6.86 -8.49
C PRO A 138 7.43 7.12 -9.61
N ASP A 139 7.63 6.46 -10.75
CA ASP A 139 6.74 6.62 -11.89
C ASP A 139 6.55 5.30 -12.62
N LEU A 140 5.29 4.86 -12.72
CA LEU A 140 4.97 3.61 -13.40
C LEU A 140 4.33 3.87 -14.75
N SER A 141 4.19 2.82 -15.55
CA SER A 141 3.59 2.92 -16.87
C SER A 141 2.18 3.49 -16.79
N SER A 142 1.82 4.32 -17.76
CA SER A 142 0.49 4.93 -17.80
C SER A 142 -0.60 3.86 -17.73
N ASP A 143 -0.28 2.67 -18.23
CA ASP A 143 -1.24 1.57 -18.23
C ASP A 143 -1.47 1.05 -16.82
N ILE A 144 -0.44 1.16 -15.98
CA ILE A 144 -0.54 0.70 -14.60
C ILE A 144 -1.65 1.42 -13.85
N LYS A 145 -1.83 2.70 -14.15
CA LYS A 145 -2.86 3.50 -13.51
C LYS A 145 -4.22 2.85 -13.67
N GLU A 146 -4.53 2.43 -14.90
CA GLU A 146 -5.80 1.79 -15.20
C GLU A 146 -5.84 0.37 -14.66
N LYS A 147 -4.68 -0.28 -14.63
CA LYS A 147 -4.57 -1.65 -14.14
C LYS A 147 -4.94 -1.72 -12.65
N PHE A 148 -4.37 -0.83 -11.86
CA PHE A 148 -4.64 -0.79 -10.43
C PHE A 148 -5.97 -0.11 -10.15
N ALA A 149 -6.38 0.76 -11.05
CA ALA A 149 -7.65 1.48 -10.91
C ALA A 149 -8.83 0.52 -10.94
N GLN A 150 -8.68 -0.58 -11.66
CA GLN A 150 -9.73 -1.59 -11.77
C GLN A 150 -10.20 -2.04 -10.40
N LEU A 151 -9.25 -2.15 -9.47
CA LEU A 151 -9.58 -2.58 -8.11
C LEU A 151 -10.31 -1.48 -7.35
N SER A 152 -10.08 -0.24 -7.76
CA SER A 152 -10.73 0.90 -7.11
C SER A 152 -12.24 0.77 -7.16
N GLU A 153 -12.76 0.31 -8.29
CA GLU A 153 -14.20 0.14 -8.46
C GLU A 153 -14.76 -0.83 -7.43
N GLU A 154 -13.94 -1.79 -7.03
CA GLU A 154 -14.35 -2.79 -6.03
C GLU A 154 -14.83 -2.11 -4.76
N HIS A 155 -14.12 -1.07 -4.35
CA HIS A 155 -14.47 -0.34 -3.14
C HIS A 155 -15.37 0.86 -3.46
N GLY A 156 -15.95 0.84 -4.65
CA GLY A 156 -16.83 1.93 -5.06
C GLY A 156 -16.07 3.21 -5.35
N ILE A 157 -14.77 3.08 -5.57
CA ILE A 157 -13.93 4.24 -5.86
C ILE A 157 -13.88 4.51 -7.37
N VAL A 158 -14.26 5.73 -7.75
CA VAL A 158 -14.25 6.12 -9.15
C VAL A 158 -12.95 6.81 -9.53
N ARG A 159 -12.57 6.70 -10.80
CA ARG A 159 -11.34 7.31 -11.29
C ARG A 159 -11.30 8.80 -10.97
N GLU A 160 -12.47 9.40 -10.83
CA GLU A 160 -12.57 10.83 -10.52
C GLU A 160 -11.76 11.16 -9.26
N ASN A 161 -11.66 10.19 -8.36
CA ASN A 161 -10.92 10.39 -7.12
C ASN A 161 -9.47 9.98 -7.28
N ILE A 162 -9.20 9.13 -8.27
CA ILE A 162 -7.85 8.66 -8.55
C ILE A 162 -7.02 9.74 -9.26
N ILE A 163 -6.11 10.35 -8.52
CA ILE A 163 -5.25 11.39 -9.09
C ILE A 163 -3.78 11.07 -8.87
N ASP A 164 -2.96 11.40 -9.86
CA ASP A 164 -1.53 11.14 -9.78
C ASP A 164 -0.84 12.17 -8.87
N LEU A 165 -0.16 11.68 -7.84
CA LEU A 165 0.53 12.55 -6.90
C LEU A 165 1.87 13.01 -7.47
N THR A 166 2.19 12.53 -8.67
CA THR A 166 3.45 12.90 -9.33
C THR A 166 3.62 14.42 -9.37
N ASN A 167 2.53 15.12 -9.66
CA ASN A 167 2.57 16.58 -9.73
C ASN A 167 2.13 17.20 -8.41
N ALA A 168 2.34 16.47 -7.32
CA ALA A 168 1.96 16.95 -5.99
C ALA A 168 3.09 16.71 -4.99
N ASN A 169 2.83 17.04 -3.73
CA ASN A 169 3.82 16.86 -2.67
C ASN A 169 4.37 15.43 -2.68
N ARG A 170 5.67 15.32 -2.94
CA ARG A 170 6.33 14.02 -2.98
C ARG A 170 7.09 13.75 -1.68
N CYS A 171 7.85 14.75 -1.23
CA CYS A 171 8.62 14.62 0.00
C CYS A 171 9.64 13.48 -0.11
N LEU A 172 9.98 13.12 -1.34
CA LEU A 172 10.94 12.05 -1.59
C LEU A 172 12.35 12.51 -1.26
N GLU A 173 12.51 13.80 -0.98
CA GLU A 173 13.82 14.36 -0.65
C GLU A 173 14.10 14.21 0.84
N ALA A 174 13.05 14.10 1.64
CA ALA A 174 13.18 13.95 3.08
C ALA A 174 13.55 12.51 3.45
N ARG A 175 12.94 11.56 2.75
CA ARG A 175 13.20 10.15 3.01
C ARG A 175 14.62 9.76 2.60
N GLU A 176 15.14 8.70 3.19
CA GLU A 176 16.48 8.23 2.88
C GLU A 176 16.60 6.73 3.12
N MET A 1 -41.18 -50.25 -24.88
CA MET A 1 -40.86 -50.80 -26.20
C MET A 1 -40.80 -49.69 -27.24
N GLY A 2 -39.59 -49.32 -27.63
CA GLY A 2 -39.41 -48.28 -28.62
C GLY A 2 -39.22 -46.91 -28.00
N SER A 3 -38.80 -46.89 -26.74
CA SER A 3 -38.57 -45.64 -26.02
C SER A 3 -37.51 -45.82 -24.94
N SER A 4 -36.57 -44.88 -24.87
CA SER A 4 -35.50 -44.94 -23.89
C SER A 4 -34.66 -43.66 -23.93
N HIS A 5 -34.27 -43.17 -22.76
CA HIS A 5 -33.46 -41.96 -22.66
C HIS A 5 -32.10 -42.17 -23.33
N HIS A 6 -31.31 -41.09 -23.39
CA HIS A 6 -29.99 -41.16 -24.00
C HIS A 6 -28.91 -40.84 -22.97
N HIS A 7 -27.72 -41.42 -23.17
CA HIS A 7 -26.60 -41.20 -22.27
C HIS A 7 -25.55 -40.30 -22.91
N HIS A 8 -24.63 -39.80 -22.10
CA HIS A 8 -23.57 -38.92 -22.58
C HIS A 8 -22.50 -38.71 -21.52
N HIS A 9 -21.24 -38.75 -21.94
CA HIS A 9 -20.12 -38.56 -21.02
C HIS A 9 -19.14 -37.54 -21.56
N HIS A 10 -19.65 -36.58 -22.33
CA HIS A 10 -18.82 -35.54 -22.91
C HIS A 10 -19.00 -34.22 -22.17
N ILE A 11 -18.40 -34.12 -20.99
CA ILE A 11 -18.50 -32.91 -20.18
C ILE A 11 -17.16 -32.18 -20.12
N GLU A 12 -17.23 -30.84 -20.11
CA GLU A 12 -16.02 -30.03 -20.07
C GLU A 12 -15.85 -29.40 -18.68
N GLY A 13 -14.76 -28.66 -18.50
CA GLY A 13 -14.50 -28.02 -17.23
C GLY A 13 -13.31 -28.62 -16.50
N ARG A 14 -12.28 -28.98 -17.27
CA ARG A 14 -11.08 -29.58 -16.69
C ARG A 14 -10.05 -28.51 -16.37
N GLU A 15 -10.07 -28.02 -15.13
CA GLU A 15 -9.13 -26.98 -14.70
C GLU A 15 -8.52 -27.35 -13.35
N GLU A 16 -7.21 -27.17 -13.24
CA GLU A 16 -6.49 -27.47 -12.00
C GLU A 16 -5.58 -26.31 -11.61
N ALA A 17 -5.51 -26.04 -10.30
CA ALA A 17 -4.67 -24.96 -9.80
C ALA A 17 -4.44 -25.12 -8.30
N SER A 18 -3.26 -24.72 -7.84
CA SER A 18 -2.92 -24.81 -6.42
C SER A 18 -1.82 -23.81 -6.06
N SER A 19 -2.04 -23.07 -4.98
CA SER A 19 -1.07 -22.07 -4.53
C SER A 19 -0.34 -22.55 -3.27
N MET A 20 0.98 -22.54 -3.34
CA MET A 20 1.80 -22.97 -2.21
C MET A 20 2.46 -21.78 -1.53
N GLU A 21 2.45 -21.78 -0.20
CA GLU A 21 3.06 -20.69 0.56
C GLU A 21 4.55 -20.61 0.29
N ARG A 22 5.12 -21.69 -0.24
CA ARG A 22 6.54 -21.73 -0.54
C ARG A 22 6.94 -20.59 -1.47
N ASN A 23 5.96 -20.09 -2.23
CA ASN A 23 6.21 -19.00 -3.17
C ASN A 23 6.32 -17.67 -2.44
N PHE A 24 5.72 -17.60 -1.26
CA PHE A 24 5.75 -16.38 -0.46
C PHE A 24 7.18 -15.94 -0.18
N ASN A 25 7.51 -14.73 -0.59
CA ASN A 25 8.85 -14.19 -0.39
C ASN A 25 8.80 -12.73 0.03
N VAL A 26 8.73 -12.49 1.33
CA VAL A 26 8.68 -11.13 1.86
C VAL A 26 10.00 -10.41 1.67
N GLU A 27 11.08 -11.19 1.59
CA GLU A 27 12.42 -10.61 1.41
C GLU A 27 12.45 -9.68 0.20
N LYS A 28 11.60 -9.97 -0.77
CA LYS A 28 11.52 -9.16 -1.99
C LYS A 28 11.07 -7.74 -1.67
N ILE A 29 9.93 -7.62 -1.00
CA ILE A 29 9.39 -6.32 -0.62
C ILE A 29 10.23 -5.68 0.48
N ASN A 30 10.86 -6.50 1.30
CA ASN A 30 11.69 -6.02 2.39
C ASN A 30 12.74 -5.03 1.89
N GLY A 31 12.48 -3.75 2.10
CA GLY A 31 13.41 -2.72 1.66
C GLY A 31 12.79 -1.34 1.64
N GLU A 32 12.55 -0.81 0.45
CA GLU A 32 11.95 0.51 0.31
C GLU A 32 10.96 0.55 -0.85
N TRP A 33 10.17 1.61 -0.91
CA TRP A 33 9.17 1.75 -1.97
C TRP A 33 9.02 3.22 -2.37
N TYR A 34 8.09 3.48 -3.28
CA TYR A 34 7.84 4.84 -3.75
C TYR A 34 6.36 5.06 -4.03
N THR A 35 5.90 6.28 -3.81
CA THR A 35 4.50 6.63 -4.04
C THR A 35 4.22 6.81 -5.52
N ILE A 36 3.05 6.35 -5.96
CA ILE A 36 2.65 6.46 -7.36
C ILE A 36 1.37 7.29 -7.50
N MET A 37 0.29 6.81 -6.88
CA MET A 37 -0.99 7.49 -6.94
C MET A 37 -1.76 7.31 -5.63
N LEU A 38 -2.60 8.29 -5.30
CA LEU A 38 -3.40 8.25 -4.08
C LEU A 38 -4.88 8.26 -4.40
N ALA A 39 -5.58 7.20 -4.01
CA ALA A 39 -7.01 7.10 -4.25
C ALA A 39 -7.79 6.93 -2.95
N THR A 40 -9.03 7.40 -2.94
CA THR A 40 -9.87 7.31 -1.75
C THR A 40 -11.29 7.74 -2.05
N ASP A 41 -12.25 7.07 -1.42
CA ASP A 41 -13.66 7.38 -1.62
C ASP A 41 -13.95 8.85 -1.30
N LYS A 42 -13.12 9.43 -0.45
CA LYS A 42 -13.28 10.83 -0.05
C LYS A 42 -12.02 11.63 -0.37
N ARG A 43 -12.01 12.27 -1.53
CA ARG A 43 -10.87 13.08 -1.95
C ARG A 43 -10.59 14.18 -0.94
N GLU A 44 -11.60 14.54 -0.16
CA GLU A 44 -11.46 15.58 0.85
C GLU A 44 -10.50 15.15 1.95
N LYS A 45 -10.41 13.84 2.17
CA LYS A 45 -9.53 13.29 3.20
C LYS A 45 -8.07 13.47 2.82
N ILE A 46 -7.72 13.07 1.60
CA ILE A 46 -6.35 13.20 1.12
C ILE A 46 -6.05 14.63 0.68
N GLU A 47 -7.10 15.41 0.49
CA GLU A 47 -6.94 16.80 0.08
C GLU A 47 -5.97 17.54 1.00
N GLU A 48 -5.42 18.65 0.51
CA GLU A 48 -4.48 19.44 1.30
C GLU A 48 -5.14 19.98 2.57
N HIS A 49 -6.46 19.98 2.57
CA HIS A 49 -7.22 20.47 3.74
C HIS A 49 -7.59 19.32 4.66
N GLY A 50 -6.86 18.22 4.56
CA GLY A 50 -7.13 17.06 5.39
C GLY A 50 -5.92 16.63 6.19
N SER A 51 -6.00 15.46 6.81
CA SER A 51 -4.91 14.93 7.61
C SER A 51 -4.60 13.48 7.23
N MET A 52 -4.99 13.11 6.02
CA MET A 52 -4.75 11.75 5.53
C MET A 52 -3.81 11.76 4.33
N ARG A 53 -2.98 12.80 4.24
CA ARG A 53 -2.03 12.92 3.15
C ARG A 53 -0.67 12.35 3.54
N VAL A 54 -0.69 11.20 4.20
CA VAL A 54 0.54 10.54 4.62
C VAL A 54 0.88 9.36 3.73
N PHE A 55 2.16 9.20 3.41
CA PHE A 55 2.61 8.11 2.56
C PHE A 55 3.87 7.46 3.12
N VAL A 56 4.02 6.17 2.87
CA VAL A 56 5.19 5.43 3.35
C VAL A 56 6.36 5.56 2.39
N GLU A 57 7.57 5.65 2.95
CA GLU A 57 8.78 5.78 2.13
C GLU A 57 9.47 4.44 1.96
N TYR A 58 9.27 3.55 2.94
CA TYR A 58 9.88 2.22 2.90
C TYR A 58 9.06 1.22 3.71
N ILE A 59 9.08 -0.03 3.29
CA ILE A 59 8.34 -1.09 3.98
C ILE A 59 9.29 -2.14 4.54
N HIS A 60 9.16 -2.40 5.84
CA HIS A 60 9.99 -3.39 6.51
C HIS A 60 9.16 -4.58 6.99
N VAL A 61 9.67 -5.79 6.75
CA VAL A 61 8.98 -7.00 7.16
C VAL A 61 9.61 -7.61 8.41
N LEU A 62 8.79 -7.89 9.41
CA LEU A 62 9.27 -8.48 10.65
C LEU A 62 8.99 -9.98 10.70
N GLU A 63 9.18 -10.58 11.87
CA GLU A 63 8.93 -12.00 12.04
C GLU A 63 7.44 -12.29 12.20
N ASN A 64 6.70 -11.28 12.62
CA ASN A 64 5.26 -11.42 12.81
C ASN A 64 4.51 -10.21 12.25
N SER A 65 5.03 -9.02 12.55
CA SER A 65 4.41 -7.79 12.09
C SER A 65 5.22 -7.17 10.94
N LEU A 66 4.88 -5.93 10.59
CA LEU A 66 5.58 -5.24 9.52
C LEU A 66 5.82 -3.78 9.89
N ALA A 67 7.09 -3.37 9.89
CA ALA A 67 7.46 -2.00 10.23
C ALA A 67 7.29 -1.08 9.03
N LEU A 68 6.84 0.14 9.27
CA LEU A 68 6.63 1.12 8.21
C LEU A 68 6.92 2.53 8.70
N LYS A 69 7.18 3.44 7.76
CA LYS A 69 7.46 4.83 8.11
C LYS A 69 6.72 5.78 7.18
N PHE A 70 5.74 6.48 7.72
CA PHE A 70 4.95 7.43 6.94
C PHE A 70 5.33 8.87 7.28
N HIS A 71 5.13 9.77 6.33
CA HIS A 71 5.45 11.18 6.52
C HIS A 71 4.22 12.05 6.32
N ILE A 72 4.09 13.09 7.14
CA ILE A 72 2.95 13.99 7.05
C ILE A 72 3.42 15.44 6.90
N ILE A 73 2.71 16.20 6.06
CA ILE A 73 3.05 17.60 5.82
C ILE A 73 2.41 18.50 6.87
N ILE A 74 3.24 19.08 7.74
CA ILE A 74 2.75 19.96 8.78
C ILE A 74 3.41 21.33 8.69
N ASN A 75 2.60 22.37 8.49
CA ASN A 75 3.10 23.73 8.37
C ASN A 75 4.17 23.83 7.28
N GLU A 76 3.87 23.25 6.13
CA GLU A 76 4.79 23.28 5.00
C GLU A 76 6.13 22.65 5.38
N GLU A 77 6.08 21.68 6.28
CA GLU A 77 7.29 20.99 6.73
C GLU A 77 7.02 19.51 6.98
N CYS A 78 7.55 18.67 6.11
CA CYS A 78 7.36 17.22 6.23
C CYS A 78 7.84 16.73 7.59
N SER A 79 7.56 15.47 7.89
CA SER A 79 7.95 14.88 9.17
C SER A 79 8.11 13.36 9.03
N GLU A 80 8.39 12.71 10.15
CA GLU A 80 8.55 11.25 10.16
C GLU A 80 7.63 10.61 11.19
N ILE A 81 7.13 9.42 10.85
CA ILE A 81 6.23 8.70 11.74
C ILE A 81 6.53 7.20 11.73
N PHE A 82 6.85 6.66 12.90
CA PHE A 82 7.16 5.24 13.03
C PHE A 82 5.96 4.46 13.59
N LEU A 83 5.61 3.37 12.92
CA LEU A 83 4.49 2.54 13.34
C LEU A 83 4.65 1.11 12.83
N VAL A 84 4.06 0.16 13.56
CA VAL A 84 4.14 -1.24 13.19
C VAL A 84 2.75 -1.88 13.15
N ALA A 85 2.46 -2.60 12.07
CA ALA A 85 1.17 -3.25 11.92
C ALA A 85 1.27 -4.75 12.23
N ASP A 86 0.52 -5.18 13.22
CA ASP A 86 0.51 -6.59 13.63
C ASP A 86 -0.71 -7.31 13.07
N LYS A 87 -0.52 -8.56 12.67
CA LYS A 87 -1.60 -9.37 12.13
C LYS A 87 -2.72 -9.56 13.16
N THR A 88 -3.88 -9.98 12.69
CA THR A 88 -5.02 -10.20 13.58
C THR A 88 -5.60 -11.59 13.38
N GLU A 89 -6.73 -11.86 14.03
CA GLU A 89 -7.39 -13.16 13.92
C GLU A 89 -7.65 -13.51 12.47
N LYS A 90 -7.85 -12.49 11.64
CA LYS A 90 -8.09 -12.70 10.21
C LYS A 90 -6.80 -12.97 9.46
N ALA A 91 -6.78 -14.03 8.68
CA ALA A 91 -5.59 -14.39 7.90
C ALA A 91 -5.36 -13.42 6.76
N GLY A 92 -4.27 -12.66 6.84
CA GLY A 92 -3.96 -11.69 5.81
C GLY A 92 -4.39 -10.29 6.18
N GLU A 93 -4.72 -10.09 7.45
CA GLU A 93 -5.16 -8.78 7.93
C GLU A 93 -4.19 -8.24 8.98
N TYR A 94 -3.69 -7.04 8.75
CA TYR A 94 -2.75 -6.41 9.66
C TYR A 94 -3.34 -5.13 10.26
N SER A 95 -3.49 -5.10 11.58
CA SER A 95 -4.05 -3.93 12.26
C SER A 95 -2.93 -3.05 12.80
N VAL A 96 -3.17 -1.73 12.76
CA VAL A 96 -2.19 -0.77 13.24
C VAL A 96 -2.87 0.47 13.81
N THR A 97 -2.27 1.05 14.85
CA THR A 97 -2.83 2.24 15.47
C THR A 97 -2.25 3.51 14.85
N TYR A 98 -3.14 4.42 14.47
CA TYR A 98 -2.72 5.68 13.85
C TYR A 98 -3.52 6.85 14.41
N ASP A 99 -4.81 6.88 14.09
CA ASP A 99 -5.69 7.95 14.56
C ASP A 99 -7.05 7.39 14.95
N GLY A 100 -7.10 6.11 15.28
CA GLY A 100 -8.35 5.48 15.68
C GLY A 100 -8.35 3.99 15.41
N SER A 101 -8.75 3.61 14.20
CA SER A 101 -8.80 2.20 13.81
C SER A 101 -8.39 2.01 12.36
N ASN A 102 -7.30 1.30 12.14
CA ASN A 102 -6.80 1.04 10.80
C ASN A 102 -6.48 -0.43 10.60
N THR A 103 -6.90 -0.97 9.46
CA THR A 103 -6.66 -2.37 9.15
C THR A 103 -6.59 -2.61 7.65
N PHE A 104 -5.48 -3.14 7.17
CA PHE A 104 -5.29 -3.41 5.76
C PHE A 104 -5.04 -4.90 5.51
N THR A 105 -5.03 -5.29 4.24
CA THR A 105 -4.80 -6.68 3.87
C THR A 105 -4.19 -6.78 2.48
N ILE A 106 -3.46 -7.87 2.24
CA ILE A 106 -2.83 -8.09 0.95
C ILE A 106 -3.75 -8.84 0.00
N LEU A 107 -4.30 -8.13 -0.98
CA LEU A 107 -5.20 -8.75 -1.96
C LEU A 107 -4.49 -8.98 -3.29
N LYS A 108 -3.51 -8.14 -3.58
CA LYS A 108 -2.75 -8.25 -4.83
C LYS A 108 -1.51 -7.37 -4.79
N THR A 109 -0.34 -7.97 -4.96
CA THR A 109 0.92 -7.24 -4.95
C THR A 109 2.03 -8.06 -5.58
N ASP A 110 2.68 -7.49 -6.60
CA ASP A 110 3.77 -8.17 -7.28
C ASP A 110 5.07 -7.38 -7.15
N TYR A 111 6.19 -8.09 -7.02
CA TYR A 111 7.49 -7.46 -6.88
C TYR A 111 8.00 -6.96 -8.23
N ASP A 112 7.27 -7.29 -9.29
CA ASP A 112 7.64 -6.88 -10.63
C ASP A 112 6.77 -5.72 -11.12
N ASN A 113 5.58 -5.60 -10.52
CA ASN A 113 4.65 -4.54 -10.90
C ASN A 113 4.54 -3.51 -9.78
N TYR A 114 3.66 -3.78 -8.82
CA TYR A 114 3.45 -2.87 -7.70
C TYR A 114 2.78 -3.58 -6.53
N ILE A 115 2.62 -2.87 -5.42
CA ILE A 115 1.99 -3.45 -4.24
C ILE A 115 0.74 -2.66 -3.84
N MET A 116 -0.39 -3.35 -3.76
CA MET A 116 -1.65 -2.72 -3.40
C MET A 116 -1.97 -2.97 -1.93
N ILE A 117 -2.59 -1.98 -1.28
CA ILE A 117 -2.96 -2.08 0.12
C ILE A 117 -4.22 -1.29 0.42
N HIS A 118 -5.29 -2.00 0.76
CA HIS A 118 -6.56 -1.36 1.08
C HIS A 118 -6.64 -1.01 2.56
N LEU A 119 -6.53 0.28 2.87
CA LEU A 119 -6.59 0.75 4.25
C LEU A 119 -7.92 1.43 4.53
N ILE A 120 -8.55 1.05 5.63
CA ILE A 120 -9.83 1.63 6.02
C ILE A 120 -9.73 2.32 7.39
N ASN A 121 -10.04 3.61 7.41
CA ASN A 121 -9.98 4.39 8.65
C ASN A 121 -11.38 4.85 9.06
N LYS A 122 -11.60 4.95 10.36
CA LYS A 122 -12.89 5.38 10.89
C LYS A 122 -12.73 6.62 11.76
N LYS A 123 -13.52 7.65 11.47
CA LYS A 123 -13.47 8.90 12.22
C LYS A 123 -14.83 9.58 12.22
N ASP A 124 -15.21 10.13 13.37
CA ASP A 124 -16.48 10.83 13.51
C ASP A 124 -17.63 9.92 13.10
N GLY A 125 -17.53 8.63 13.45
CA GLY A 125 -18.58 7.69 13.11
C GLY A 125 -18.72 7.50 11.61
N GLU A 126 -17.70 7.92 10.87
CA GLU A 126 -17.72 7.80 9.41
C GLU A 126 -16.46 7.11 8.91
N THR A 127 -16.64 6.04 8.13
CA THR A 127 -15.52 5.29 7.58
C THR A 127 -15.41 5.49 6.07
N PHE A 128 -14.18 5.58 5.59
CA PHE A 128 -13.93 5.77 4.15
C PHE A 128 -12.96 4.72 3.62
N GLN A 129 -12.80 4.67 2.31
CA GLN A 129 -11.91 3.72 1.68
C GLN A 129 -10.60 4.40 1.25
N LEU A 130 -9.48 3.81 1.67
CA LEU A 130 -8.16 4.35 1.34
C LEU A 130 -7.33 3.34 0.56
N MET A 131 -6.69 3.79 -0.49
CA MET A 131 -5.84 2.92 -1.31
C MET A 131 -4.43 3.47 -1.44
N GLU A 132 -3.44 2.60 -1.30
CA GLU A 132 -2.05 3.00 -1.39
C GLU A 132 -1.29 2.12 -2.39
N LEU A 133 -0.79 2.73 -3.45
CA LEU A 133 -0.04 2.00 -4.47
C LEU A 133 1.42 2.42 -4.47
N TYR A 134 2.31 1.43 -4.60
CA TYR A 134 3.74 1.68 -4.62
C TYR A 134 4.45 0.82 -5.67
N GLY A 135 5.45 1.40 -6.32
CA GLY A 135 6.18 0.67 -7.34
C GLY A 135 7.68 0.85 -7.21
N ARG A 136 8.44 -0.02 -7.88
CA ARG A 136 9.89 0.05 -7.83
C ARG A 136 10.39 1.45 -8.17
N GLU A 137 9.62 2.16 -9.01
CA GLU A 137 9.99 3.51 -9.41
C GLU A 137 8.87 4.50 -9.07
N PRO A 138 9.22 5.79 -9.01
CA PRO A 138 8.26 6.86 -8.70
C PRO A 138 7.26 7.08 -9.83
N ASP A 139 7.49 6.42 -10.97
CA ASP A 139 6.61 6.55 -12.11
C ASP A 139 6.41 5.20 -12.80
N LEU A 140 5.15 4.80 -12.95
CA LEU A 140 4.83 3.53 -13.58
C LEU A 140 4.16 3.75 -14.94
N SER A 141 4.00 2.68 -15.70
CA SER A 141 3.39 2.75 -17.02
C SER A 141 1.94 3.25 -16.92
N SER A 142 1.47 3.90 -17.97
CA SER A 142 0.11 4.43 -17.99
C SER A 142 -0.91 3.31 -17.81
N ASP A 143 -0.59 2.14 -18.34
CA ASP A 143 -1.48 0.98 -18.24
C ASP A 143 -1.61 0.53 -16.79
N ILE A 144 -0.57 0.77 -16.01
CA ILE A 144 -0.57 0.38 -14.60
C ILE A 144 -1.68 1.08 -13.84
N LYS A 145 -1.93 2.35 -14.18
CA LYS A 145 -2.97 3.13 -13.53
C LYS A 145 -4.34 2.45 -13.67
N GLU A 146 -4.64 2.01 -14.88
CA GLU A 146 -5.90 1.34 -15.15
C GLU A 146 -5.90 -0.08 -14.58
N LYS A 147 -4.74 -0.70 -14.56
CA LYS A 147 -4.60 -2.05 -14.03
C LYS A 147 -4.96 -2.11 -12.55
N PHE A 148 -4.40 -1.18 -11.78
CA PHE A 148 -4.66 -1.13 -10.35
C PHE A 148 -6.00 -0.47 -10.06
N ALA A 149 -6.42 0.40 -10.97
CA ALA A 149 -7.70 1.11 -10.82
C ALA A 149 -8.86 0.12 -10.82
N GLN A 150 -8.71 -0.98 -11.55
CA GLN A 150 -9.75 -1.99 -11.64
C GLN A 150 -10.18 -2.44 -10.24
N LEU A 151 -9.21 -2.54 -9.34
CA LEU A 151 -9.49 -2.96 -7.97
C LEU A 151 -10.19 -1.86 -7.19
N SER A 152 -9.98 -0.62 -7.60
CA SER A 152 -10.59 0.53 -6.93
C SER A 152 -12.11 0.45 -7.00
N GLU A 153 -12.63 0.12 -8.18
CA GLU A 153 -14.07 0.00 -8.38
C GLU A 153 -14.67 -0.98 -7.38
N GLU A 154 -13.90 -1.98 -6.99
CA GLU A 154 -14.35 -2.98 -6.03
C GLU A 154 -14.69 -2.35 -4.69
N HIS A 155 -13.97 -1.28 -4.35
CA HIS A 155 -14.19 -0.58 -3.09
C HIS A 155 -15.08 0.65 -3.30
N GLY A 156 -15.77 0.69 -4.44
CA GLY A 156 -16.64 1.81 -4.74
C GLY A 156 -15.86 3.07 -5.07
N ILE A 157 -14.62 2.90 -5.49
CA ILE A 157 -13.77 4.04 -5.84
C ILE A 157 -13.65 4.19 -7.35
N VAL A 158 -13.99 5.38 -7.85
CA VAL A 158 -13.91 5.66 -9.27
C VAL A 158 -12.58 6.30 -9.65
N ARG A 159 -12.17 6.12 -10.90
CA ARG A 159 -10.92 6.68 -11.38
C ARG A 159 -10.90 8.20 -11.20
N GLU A 160 -12.08 8.80 -11.18
CA GLU A 160 -12.20 10.24 -11.02
C GLU A 160 -11.44 10.72 -9.78
N ASN A 161 -11.40 9.87 -8.76
CA ASN A 161 -10.71 10.20 -7.52
C ASN A 161 -9.22 9.86 -7.62
N ILE A 162 -8.88 8.96 -8.53
CA ILE A 162 -7.50 8.55 -8.72
C ILE A 162 -6.71 9.62 -9.48
N ILE A 163 -5.84 10.33 -8.77
CA ILE A 163 -5.03 11.37 -9.38
C ILE A 163 -3.55 11.17 -9.07
N ASP A 164 -2.70 11.38 -10.07
CA ASP A 164 -1.26 11.23 -9.90
C ASP A 164 -0.73 12.21 -8.87
N LEU A 165 0.19 11.75 -8.03
CA LEU A 165 0.78 12.59 -6.99
C LEU A 165 2.17 13.06 -7.41
N THR A 166 2.56 12.74 -8.64
CA THR A 166 3.87 13.13 -9.15
C THR A 166 4.09 14.63 -8.98
N ASN A 167 3.01 15.41 -9.08
CA ASN A 167 3.10 16.85 -8.94
C ASN A 167 2.48 17.32 -7.63
N ALA A 168 2.44 16.41 -6.64
CA ALA A 168 1.87 16.73 -5.34
C ALA A 168 2.87 16.46 -4.23
N ASN A 169 2.40 16.55 -2.98
CA ASN A 169 3.26 16.31 -1.83
C ASN A 169 3.75 14.88 -1.80
N ARG A 170 5.01 14.68 -2.20
CA ARG A 170 5.60 13.35 -2.22
C ARG A 170 6.68 13.22 -1.13
N CYS A 171 7.32 14.32 -0.81
CA CYS A 171 8.37 14.33 0.21
C CYS A 171 9.40 13.24 -0.06
N LEU A 172 9.91 13.21 -1.29
CA LEU A 172 10.91 12.22 -1.68
C LEU A 172 12.32 12.79 -1.52
N GLU A 173 12.43 14.11 -1.50
CA GLU A 173 13.72 14.77 -1.34
C GLU A 173 14.11 14.86 0.13
N ALA A 174 13.26 14.31 1.00
CA ALA A 174 13.52 14.32 2.43
C ALA A 174 13.77 12.92 2.97
N ARG A 175 13.16 11.93 2.31
CA ARG A 175 13.31 10.54 2.72
C ARG A 175 14.67 9.98 2.26
N GLU A 176 14.93 8.74 2.61
CA GLU A 176 16.19 8.09 2.23
C GLU A 176 15.96 6.66 1.80
N MET A 1 -20.03 7.56 -9.31
CA MET A 1 -19.39 8.78 -8.84
C MET A 1 -19.10 8.68 -7.34
N GLY A 2 -18.60 7.53 -6.90
CA GLY A 2 -18.30 7.34 -5.51
C GLY A 2 -19.22 6.33 -4.84
N SER A 3 -19.42 5.19 -5.49
CA SER A 3 -20.30 4.15 -4.96
C SER A 3 -19.68 3.50 -3.73
N SER A 4 -20.35 2.47 -3.22
CA SER A 4 -19.87 1.76 -2.03
C SER A 4 -20.15 0.27 -2.15
N HIS A 5 -19.23 -0.55 -1.63
CA HIS A 5 -19.38 -1.99 -1.67
C HIS A 5 -18.32 -2.67 -0.81
N HIS A 6 -18.46 -3.98 -0.63
CA HIS A 6 -17.51 -4.75 0.17
C HIS A 6 -17.38 -4.15 1.57
N HIS A 7 -18.44 -3.49 2.03
CA HIS A 7 -18.43 -2.88 3.35
C HIS A 7 -18.94 -3.86 4.40
N HIS A 8 -18.01 -4.45 5.15
CA HIS A 8 -18.36 -5.41 6.18
C HIS A 8 -17.57 -5.15 7.45
N HIS A 9 -18.20 -5.39 8.61
CA HIS A 9 -17.55 -5.18 9.89
C HIS A 9 -17.06 -6.50 10.49
N HIS A 10 -15.96 -6.44 11.22
CA HIS A 10 -15.39 -7.63 11.84
C HIS A 10 -14.66 -7.27 13.13
N ILE A 11 -14.80 -8.13 14.14
CA ILE A 11 -14.16 -7.91 15.43
C ILE A 11 -12.83 -8.66 15.52
N GLU A 12 -11.81 -7.99 16.05
CA GLU A 12 -10.50 -8.59 16.19
C GLU A 12 -10.13 -8.77 17.67
N GLY A 13 -8.96 -9.33 17.92
CA GLY A 13 -8.51 -9.54 19.28
C GLY A 13 -8.44 -11.01 19.64
N ARG A 14 -8.03 -11.84 18.69
CA ARG A 14 -7.92 -13.27 18.92
C ARG A 14 -6.54 -13.79 18.53
N GLU A 15 -6.35 -15.10 18.64
CA GLU A 15 -5.07 -15.71 18.30
C GLU A 15 -4.75 -15.52 16.81
N GLU A 16 -3.48 -15.25 16.51
CA GLU A 16 -3.06 -15.04 15.14
C GLU A 16 -3.28 -16.31 14.31
N ALA A 17 -3.04 -16.20 13.00
CA ALA A 17 -3.21 -17.33 12.09
C ALA A 17 -1.89 -17.72 11.45
N SER A 18 -1.90 -18.82 10.70
CA SER A 18 -0.69 -19.31 10.04
C SER A 18 -0.87 -19.28 8.52
N SER A 19 0.24 -19.42 7.80
CA SER A 19 0.21 -19.41 6.35
C SER A 19 0.64 -20.77 5.79
N MET A 20 0.07 -21.14 4.66
CA MET A 20 0.39 -22.42 4.02
C MET A 20 1.49 -22.24 2.97
N GLU A 21 1.20 -21.46 1.95
CA GLU A 21 2.16 -21.21 0.88
C GLU A 21 3.49 -20.73 1.45
N ARG A 22 4.49 -21.60 1.42
CA ARG A 22 5.81 -21.26 1.93
C ARG A 22 6.69 -20.65 0.84
N ASN A 23 6.11 -20.50 -0.35
CA ASN A 23 6.83 -19.92 -1.48
C ASN A 23 6.95 -18.41 -1.35
N PHE A 24 6.14 -17.83 -0.45
CA PHE A 24 6.15 -16.40 -0.23
C PHE A 24 7.57 -15.90 0.03
N ASN A 25 7.92 -14.77 -0.60
CA ASN A 25 9.25 -14.19 -0.44
C ASN A 25 9.15 -12.73 0.01
N VAL A 26 9.13 -12.53 1.32
CA VAL A 26 9.05 -11.18 1.88
C VAL A 26 10.33 -10.40 1.63
N GLU A 27 11.44 -11.12 1.50
CA GLU A 27 12.74 -10.49 1.27
C GLU A 27 12.69 -9.59 0.03
N LYS A 28 11.78 -9.91 -0.88
CA LYS A 28 11.63 -9.13 -2.11
C LYS A 28 11.15 -7.72 -1.80
N ILE A 29 10.04 -7.63 -1.06
CA ILE A 29 9.48 -6.34 -0.71
C ILE A 29 10.33 -5.64 0.34
N ASN A 30 11.00 -6.43 1.18
CA ASN A 30 11.85 -5.89 2.23
C ASN A 30 12.87 -4.91 1.65
N GLY A 31 12.66 -3.62 1.94
CA GLY A 31 13.56 -2.60 1.45
C GLY A 31 12.94 -1.22 1.45
N GLU A 32 12.69 -0.68 0.26
CA GLU A 32 12.08 0.64 0.14
C GLU A 32 11.08 0.66 -1.01
N TRP A 33 10.21 1.67 -1.00
CA TRP A 33 9.19 1.81 -2.03
C TRP A 33 9.01 3.28 -2.42
N TYR A 34 8.06 3.53 -3.32
CA TYR A 34 7.80 4.90 -3.78
C TYR A 34 6.31 5.09 -4.06
N THR A 35 5.85 6.33 -3.90
CA THR A 35 4.44 6.65 -4.13
C THR A 35 4.14 6.74 -5.63
N ILE A 36 2.96 6.26 -6.02
CA ILE A 36 2.56 6.29 -7.42
C ILE A 36 1.29 7.11 -7.61
N MET A 37 0.22 6.69 -6.94
CA MET A 37 -1.06 7.40 -7.03
C MET A 37 -1.86 7.24 -5.74
N LEU A 38 -2.63 8.27 -5.40
CA LEU A 38 -3.45 8.25 -4.20
C LEU A 38 -4.93 8.31 -4.54
N ALA A 39 -5.67 7.30 -4.09
CA ALA A 39 -7.11 7.24 -4.36
C ALA A 39 -7.88 7.05 -3.06
N THR A 40 -9.12 7.53 -3.04
CA THR A 40 -9.97 7.43 -1.87
C THR A 40 -11.33 8.08 -2.10
N ASP A 41 -12.38 7.44 -1.61
CA ASP A 41 -13.73 7.97 -1.77
C ASP A 41 -13.81 9.41 -1.28
N LYS A 42 -12.98 9.75 -0.30
CA LYS A 42 -12.96 11.09 0.25
C LYS A 42 -11.71 11.85 -0.21
N ARG A 43 -11.73 12.33 -1.45
CA ARG A 43 -10.61 13.06 -2.01
C ARG A 43 -10.28 14.29 -1.15
N GLU A 44 -11.29 14.79 -0.44
CA GLU A 44 -11.10 15.95 0.42
C GLU A 44 -10.19 15.63 1.59
N LYS A 45 -10.14 14.35 1.96
CA LYS A 45 -9.30 13.91 3.07
C LYS A 45 -7.84 13.86 2.66
N ILE A 46 -7.59 13.53 1.39
CA ILE A 46 -6.23 13.45 0.88
C ILE A 46 -5.81 14.77 0.23
N GLU A 47 -6.78 15.63 -0.02
CA GLU A 47 -6.51 16.92 -0.64
C GLU A 47 -5.51 17.72 0.19
N GLU A 48 -4.99 18.79 -0.39
CA GLU A 48 -4.02 19.64 0.29
C GLU A 48 -4.60 20.19 1.59
N HIS A 49 -5.92 20.26 1.66
CA HIS A 49 -6.60 20.78 2.84
C HIS A 49 -6.78 19.67 3.88
N GLY A 50 -6.58 18.43 3.46
CA GLY A 50 -6.73 17.30 4.37
C GLY A 50 -5.43 16.97 5.08
N SER A 51 -5.54 16.27 6.21
CA SER A 51 -4.37 15.89 6.99
C SER A 51 -4.19 14.37 7.00
N MET A 52 -4.84 13.70 6.06
CA MET A 52 -4.76 12.25 5.95
C MET A 52 -4.09 11.84 4.64
N ARG A 53 -3.27 12.72 4.10
CA ARG A 53 -2.56 12.45 2.84
C ARG A 53 -1.13 12.01 3.12
N VAL A 54 -0.96 11.10 4.07
CA VAL A 54 0.35 10.58 4.43
C VAL A 54 0.74 9.40 3.55
N PHE A 55 2.03 9.29 3.26
CA PHE A 55 2.53 8.20 2.42
C PHE A 55 3.79 7.59 3.02
N VAL A 56 3.99 6.30 2.77
CA VAL A 56 5.17 5.60 3.29
C VAL A 56 6.35 5.75 2.34
N GLU A 57 7.56 5.74 2.91
CA GLU A 57 8.77 5.88 2.11
C GLU A 57 9.44 4.52 1.90
N TYR A 58 9.32 3.65 2.90
CA TYR A 58 9.91 2.32 2.80
C TYR A 58 9.08 1.31 3.60
N ILE A 59 9.31 0.03 3.33
CA ILE A 59 8.59 -1.04 4.01
C ILE A 59 9.56 -2.03 4.65
N HIS A 60 9.25 -2.42 5.89
CA HIS A 60 10.09 -3.37 6.62
C HIS A 60 9.32 -4.63 6.95
N VAL A 61 9.98 -5.78 6.81
CA VAL A 61 9.35 -7.07 7.09
C VAL A 61 9.83 -7.64 8.42
N LEU A 62 8.89 -8.07 9.25
CA LEU A 62 9.21 -8.64 10.56
C LEU A 62 8.80 -10.10 10.64
N GLU A 63 9.28 -10.80 11.66
CA GLU A 63 8.96 -12.21 11.85
C GLU A 63 7.45 -12.43 11.77
N ASN A 64 6.70 -11.62 12.50
CA ASN A 64 5.25 -11.74 12.53
C ASN A 64 4.60 -10.36 12.48
N SER A 65 5.21 -9.44 11.75
CA SER A 65 4.69 -8.09 11.62
C SER A 65 5.29 -7.38 10.39
N LEU A 66 5.05 -6.08 10.29
CA LEU A 66 5.56 -5.30 9.18
C LEU A 66 5.75 -3.84 9.58
N ALA A 67 7.01 -3.39 9.61
CA ALA A 67 7.32 -2.01 9.98
C ALA A 67 7.14 -1.08 8.79
N LEU A 68 6.70 0.14 9.07
CA LEU A 68 6.49 1.14 8.03
C LEU A 68 6.75 2.54 8.55
N LYS A 69 7.15 3.44 7.66
CA LYS A 69 7.43 4.82 8.02
C LYS A 69 6.68 5.79 7.12
N PHE A 70 5.70 6.49 7.67
CA PHE A 70 4.91 7.45 6.92
C PHE A 70 5.33 8.88 7.25
N HIS A 71 4.95 9.81 6.38
CA HIS A 71 5.28 11.22 6.59
C HIS A 71 4.06 12.10 6.39
N ILE A 72 3.85 13.04 7.31
CA ILE A 72 2.71 13.94 7.25
C ILE A 72 3.16 15.39 7.08
N ILE A 73 2.56 16.09 6.13
CA ILE A 73 2.90 17.48 5.88
C ILE A 73 2.23 18.41 6.88
N ILE A 74 3.01 18.93 7.82
CA ILE A 74 2.49 19.83 8.84
C ILE A 74 3.10 21.21 8.71
N ASN A 75 2.26 22.21 8.42
CA ASN A 75 2.72 23.57 8.27
C ASN A 75 3.77 23.68 7.17
N GLU A 76 3.45 23.13 6.00
CA GLU A 76 4.36 23.18 4.86
C GLU A 76 5.70 22.52 5.23
N GLU A 77 5.65 21.57 6.14
CA GLU A 77 6.86 20.87 6.58
C GLU A 77 6.56 19.41 6.88
N CYS A 78 7.20 18.50 6.13
CA CYS A 78 7.00 17.07 6.32
C CYS A 78 7.33 16.66 7.75
N SER A 79 7.18 15.37 8.04
CA SER A 79 7.45 14.85 9.37
C SER A 79 7.90 13.39 9.30
N GLU A 80 8.06 12.78 10.47
CA GLU A 80 8.48 11.37 10.53
C GLU A 80 7.55 10.57 11.43
N ILE A 81 7.06 9.45 10.91
CA ILE A 81 6.15 8.59 11.67
C ILE A 81 6.65 7.15 11.69
N PHE A 82 6.64 6.55 12.87
CA PHE A 82 7.09 5.17 13.03
C PHE A 82 5.98 4.30 13.60
N LEU A 83 5.66 3.22 12.88
CA LEU A 83 4.61 2.30 13.31
C LEU A 83 4.86 0.91 12.75
N VAL A 84 4.18 -0.09 13.33
CA VAL A 84 4.31 -1.47 12.89
C VAL A 84 2.96 -2.17 12.86
N ALA A 85 2.68 -2.86 11.76
CA ALA A 85 1.43 -3.58 11.60
C ALA A 85 1.63 -5.07 11.81
N ASP A 86 1.03 -5.59 12.88
CA ASP A 86 1.14 -7.02 13.20
C ASP A 86 -0.03 -7.79 12.60
N LYS A 87 0.13 -9.12 12.51
CA LYS A 87 -0.91 -9.97 11.96
C LYS A 87 -2.05 -10.14 12.95
N THR A 88 -3.26 -10.36 12.42
CA THR A 88 -4.44 -10.53 13.25
C THR A 88 -5.03 -11.93 13.08
N GLU A 89 -6.18 -12.16 13.70
CA GLU A 89 -6.85 -13.45 13.62
C GLU A 89 -7.31 -13.74 12.20
N LYS A 90 -7.52 -12.67 11.42
CA LYS A 90 -7.97 -12.81 10.04
C LYS A 90 -6.80 -13.14 9.13
N ALA A 91 -7.06 -13.95 8.11
CA ALA A 91 -6.03 -14.34 7.14
C ALA A 91 -5.59 -13.14 6.31
N GLY A 92 -4.28 -12.95 6.22
CA GLY A 92 -3.74 -11.84 5.45
C GLY A 92 -4.35 -10.51 5.85
N GLU A 93 -4.67 -10.37 7.13
CA GLU A 93 -5.25 -9.14 7.63
C GLU A 93 -4.37 -8.53 8.72
N TYR A 94 -4.03 -7.25 8.56
CA TYR A 94 -3.20 -6.54 9.52
C TYR A 94 -4.00 -5.49 10.27
N SER A 95 -3.47 -5.05 11.41
CA SER A 95 -4.14 -4.05 12.22
C SER A 95 -3.13 -3.09 12.84
N VAL A 96 -3.34 -1.79 12.63
CA VAL A 96 -2.45 -0.77 13.16
C VAL A 96 -3.24 0.40 13.74
N THR A 97 -2.73 0.95 14.85
CA THR A 97 -3.40 2.07 15.51
C THR A 97 -2.69 3.39 15.18
N TYR A 98 -3.47 4.39 14.82
CA TYR A 98 -2.92 5.70 14.49
C TYR A 98 -3.82 6.82 15.01
N ASP A 99 -5.00 6.95 14.41
CA ASP A 99 -5.95 7.98 14.81
C ASP A 99 -7.26 7.35 15.27
N GLY A 100 -7.23 6.05 15.51
CA GLY A 100 -8.43 5.35 15.95
C GLY A 100 -8.36 3.86 15.69
N SER A 101 -8.74 3.45 14.48
CA SER A 101 -8.73 2.04 14.11
C SER A 101 -8.40 1.88 12.63
N ASN A 102 -7.28 1.22 12.34
CA ASN A 102 -6.86 0.99 10.97
C ASN A 102 -6.55 -0.49 10.72
N THR A 103 -7.02 -1.01 9.60
CA THR A 103 -6.80 -2.41 9.25
C THR A 103 -6.76 -2.61 7.75
N PHE A 104 -5.67 -3.19 7.26
CA PHE A 104 -5.50 -3.43 5.83
C PHE A 104 -5.28 -4.91 5.55
N THR A 105 -5.27 -5.27 4.26
CA THR A 105 -5.07 -6.65 3.87
C THR A 105 -4.46 -6.74 2.47
N ILE A 106 -3.76 -7.84 2.21
CA ILE A 106 -3.13 -8.05 0.90
C ILE A 106 -4.08 -8.74 -0.06
N LEU A 107 -4.58 -7.98 -1.03
CA LEU A 107 -5.50 -8.51 -2.03
C LEU A 107 -4.79 -8.75 -3.35
N LYS A 108 -3.70 -8.03 -3.58
CA LYS A 108 -2.92 -8.17 -4.80
C LYS A 108 -1.67 -7.29 -4.75
N THR A 109 -0.51 -7.93 -4.92
CA THR A 109 0.76 -7.20 -4.89
C THR A 109 1.88 -8.04 -5.49
N ASP A 110 2.54 -7.49 -6.51
CA ASP A 110 3.63 -8.18 -7.18
C ASP A 110 4.94 -7.42 -7.02
N TYR A 111 6.04 -8.15 -6.87
CA TYR A 111 7.34 -7.53 -6.71
C TYR A 111 7.89 -7.04 -8.04
N ASP A 112 7.17 -7.36 -9.12
CA ASP A 112 7.57 -6.95 -10.46
C ASP A 112 6.71 -5.79 -10.95
N ASN A 113 5.51 -5.68 -10.40
CA ASN A 113 4.59 -4.62 -10.78
C ASN A 113 4.48 -3.57 -9.68
N TYR A 114 3.59 -3.82 -8.72
CA TYR A 114 3.39 -2.89 -7.61
C TYR A 114 2.70 -3.58 -6.44
N ILE A 115 2.54 -2.86 -5.34
CA ILE A 115 1.90 -3.41 -4.15
C ILE A 115 0.67 -2.59 -3.76
N MET A 116 -0.47 -3.26 -3.65
CA MET A 116 -1.71 -2.59 -3.28
C MET A 116 -2.03 -2.81 -1.80
N ILE A 117 -2.66 -1.81 -1.18
CA ILE A 117 -3.01 -1.91 0.23
C ILE A 117 -4.30 -1.14 0.51
N HIS A 118 -5.35 -1.89 0.87
CA HIS A 118 -6.64 -1.28 1.17
C HIS A 118 -6.75 -0.93 2.65
N LEU A 119 -6.63 0.35 2.97
CA LEU A 119 -6.71 0.81 4.35
C LEU A 119 -8.02 1.55 4.60
N ILE A 120 -8.70 1.18 5.67
CA ILE A 120 -9.97 1.82 6.03
C ILE A 120 -9.86 2.54 7.37
N ASN A 121 -10.18 3.82 7.36
CA ASN A 121 -10.13 4.64 8.57
C ASN A 121 -11.54 4.96 9.07
N LYS A 122 -11.64 5.23 10.37
CA LYS A 122 -12.93 5.57 10.97
C LYS A 122 -12.78 6.67 12.01
N LYS A 123 -13.70 7.63 11.99
CA LYS A 123 -13.67 8.73 12.94
C LYS A 123 -14.99 9.50 12.93
N ASP A 124 -15.41 9.97 14.10
CA ASP A 124 -16.65 10.72 14.23
C ASP A 124 -17.82 9.94 13.64
N GLY A 125 -17.87 8.64 13.95
CA GLY A 125 -18.94 7.80 13.42
C GLY A 125 -18.96 7.75 11.92
N GLU A 126 -17.85 8.14 11.29
CA GLU A 126 -17.75 8.14 9.83
C GLU A 126 -16.51 7.38 9.38
N THR A 127 -16.71 6.39 8.51
CA THR A 127 -15.61 5.59 8.00
C THR A 127 -15.54 5.66 6.48
N PHE A 128 -14.33 5.83 5.96
CA PHE A 128 -14.12 5.92 4.51
C PHE A 128 -13.10 4.90 4.05
N GLN A 129 -12.96 4.77 2.73
CA GLN A 129 -12.02 3.82 2.16
C GLN A 129 -10.77 4.53 1.64
N LEU A 130 -9.62 3.92 1.85
CA LEU A 130 -8.35 4.50 1.41
C LEU A 130 -7.52 3.47 0.66
N MET A 131 -6.76 3.93 -0.33
CA MET A 131 -5.91 3.05 -1.12
C MET A 131 -4.50 3.61 -1.24
N GLU A 132 -3.52 2.73 -1.32
CA GLU A 132 -2.13 3.13 -1.42
C GLU A 132 -1.36 2.22 -2.38
N LEU A 133 -0.85 2.80 -3.45
CA LEU A 133 -0.09 2.04 -4.45
C LEU A 133 1.38 2.44 -4.44
N TYR A 134 2.25 1.45 -4.57
CA TYR A 134 3.69 1.69 -4.57
C TYR A 134 4.39 0.81 -5.60
N GLY A 135 5.44 1.34 -6.20
CA GLY A 135 6.18 0.59 -7.20
C GLY A 135 7.68 0.80 -7.08
N ARG A 136 8.45 -0.07 -7.74
CA ARG A 136 9.90 0.02 -7.71
C ARG A 136 10.37 1.42 -8.09
N GLU A 137 9.59 2.09 -8.93
CA GLU A 137 9.92 3.44 -9.37
C GLU A 137 8.79 4.42 -9.05
N PRO A 138 9.13 5.71 -9.03
CA PRO A 138 8.15 6.77 -8.74
C PRO A 138 7.13 6.95 -9.85
N ASP A 139 7.37 6.30 -10.98
CA ASP A 139 6.48 6.38 -12.13
C ASP A 139 6.28 5.01 -12.76
N LEU A 140 5.01 4.64 -12.99
CA LEU A 140 4.69 3.36 -13.59
C LEU A 140 4.02 3.54 -14.95
N SER A 141 3.92 2.46 -15.71
CA SER A 141 3.31 2.51 -17.03
C SER A 141 1.86 2.99 -16.94
N SER A 142 1.31 3.41 -18.08
CA SER A 142 -0.06 3.90 -18.13
C SER A 142 -1.04 2.78 -17.82
N ASP A 143 -0.81 1.61 -18.40
CA ASP A 143 -1.69 0.46 -18.18
C ASP A 143 -1.75 0.11 -16.69
N ILE A 144 -0.69 0.42 -15.96
CA ILE A 144 -0.63 0.13 -14.54
C ILE A 144 -1.73 0.87 -13.78
N LYS A 145 -2.00 2.11 -14.19
CA LYS A 145 -3.03 2.91 -13.56
C LYS A 145 -4.39 2.24 -13.67
N GLU A 146 -4.71 1.77 -14.87
CA GLU A 146 -5.98 1.10 -15.11
C GLU A 146 -5.99 -0.29 -14.51
N LYS A 147 -4.82 -0.93 -14.47
CA LYS A 147 -4.70 -2.27 -13.92
C LYS A 147 -5.05 -2.29 -12.44
N PHE A 148 -4.48 -1.36 -11.69
CA PHE A 148 -4.73 -1.26 -10.26
C PHE A 148 -6.07 -0.59 -9.99
N ALA A 149 -6.48 0.30 -10.90
CA ALA A 149 -7.74 1.01 -10.76
C ALA A 149 -8.92 0.03 -10.70
N GLN A 150 -8.75 -1.13 -11.32
CA GLN A 150 -9.80 -2.14 -11.34
C GLN A 150 -10.28 -2.44 -9.92
N LEU A 151 -9.34 -2.60 -9.00
CA LEU A 151 -9.67 -2.90 -7.61
C LEU A 151 -10.34 -1.70 -6.95
N SER A 152 -10.07 -0.51 -7.47
CA SER A 152 -10.64 0.72 -6.92
C SER A 152 -12.16 0.69 -7.00
N GLU A 153 -12.67 0.21 -8.13
CA GLU A 153 -14.12 0.12 -8.33
C GLU A 153 -14.75 -0.86 -7.34
N GLU A 154 -13.99 -1.89 -6.99
CA GLU A 154 -14.48 -2.91 -6.05
C GLU A 154 -14.91 -2.28 -4.74
N HIS A 155 -14.10 -1.35 -4.24
CA HIS A 155 -14.40 -0.67 -2.98
C HIS A 155 -15.42 0.44 -3.19
N GLY A 156 -15.69 0.75 -4.46
CA GLY A 156 -16.65 1.79 -4.77
C GLY A 156 -15.98 3.10 -5.13
N ILE A 157 -14.71 3.03 -5.48
CA ILE A 157 -13.95 4.24 -5.85
C ILE A 157 -13.91 4.41 -7.36
N VAL A 158 -14.14 5.65 -7.80
CA VAL A 158 -14.12 5.96 -9.23
C VAL A 158 -12.77 6.49 -9.66
N ARG A 159 -12.43 6.25 -10.93
CA ARG A 159 -11.15 6.71 -11.48
C ARG A 159 -11.00 8.22 -11.34
N GLU A 160 -12.13 8.92 -11.32
CA GLU A 160 -12.13 10.37 -11.19
C GLU A 160 -11.38 10.80 -9.94
N ASN A 161 -11.34 9.92 -8.95
CA ASN A 161 -10.65 10.21 -7.69
C ASN A 161 -9.18 9.82 -7.77
N ILE A 162 -8.86 8.92 -8.70
CA ILE A 162 -7.48 8.47 -8.88
C ILE A 162 -6.67 9.49 -9.67
N ILE A 163 -5.87 10.26 -8.96
CA ILE A 163 -5.03 11.28 -9.60
C ILE A 163 -3.56 11.03 -9.30
N ASP A 164 -2.72 11.19 -10.32
CA ASP A 164 -1.28 10.99 -10.17
C ASP A 164 -0.70 12.02 -9.21
N LEU A 165 0.22 11.58 -8.36
CA LEU A 165 0.86 12.47 -7.39
C LEU A 165 2.27 12.82 -7.83
N THR A 166 2.57 12.59 -9.11
CA THR A 166 3.88 12.90 -9.67
C THR A 166 4.23 14.37 -9.49
N ASN A 167 3.21 15.21 -9.55
CA ASN A 167 3.41 16.66 -9.40
C ASN A 167 2.85 17.14 -8.05
N ALA A 168 2.75 16.23 -7.09
CA ALA A 168 2.24 16.56 -5.77
C ALA A 168 3.31 16.38 -4.70
N ASN A 169 2.93 16.58 -3.45
CA ASN A 169 3.87 16.43 -2.34
C ASN A 169 4.13 14.97 -2.04
N ARG A 170 5.39 14.56 -2.14
CA ARG A 170 5.78 13.18 -1.88
C ARG A 170 6.59 13.07 -0.59
N CYS A 171 7.25 14.17 -0.22
CA CYS A 171 8.04 14.20 1.00
C CYS A 171 9.12 13.12 0.97
N LEU A 172 9.61 12.80 -0.23
CA LEU A 172 10.64 11.78 -0.39
C LEU A 172 12.02 12.35 -0.08
N GLU A 173 12.16 13.66 -0.24
CA GLU A 173 13.44 14.32 0.04
C GLU A 173 13.73 14.35 1.53
N ALA A 174 12.67 14.29 2.33
CA ALA A 174 12.82 14.31 3.79
C ALA A 174 12.82 12.89 4.36
N ARG A 175 13.20 11.93 3.52
CA ARG A 175 13.25 10.53 3.94
C ARG A 175 14.37 10.31 4.95
N GLU A 176 15.42 11.13 4.86
CA GLU A 176 16.55 11.02 5.77
C GLU A 176 16.10 11.12 7.22
N MET A 1 -36.57 -10.62 -29.43
CA MET A 1 -36.27 -11.41 -30.63
C MET A 1 -34.77 -11.64 -30.75
N GLY A 2 -34.09 -11.81 -29.62
CA GLY A 2 -32.66 -12.03 -29.62
C GLY A 2 -32.24 -13.16 -28.70
N SER A 3 -30.96 -13.50 -28.71
CA SER A 3 -30.44 -14.57 -27.88
C SER A 3 -29.02 -14.27 -27.43
N SER A 4 -28.57 -14.94 -26.38
CA SER A 4 -27.22 -14.74 -25.85
C SER A 4 -26.36 -15.98 -26.08
N HIS A 5 -25.32 -15.82 -26.89
CA HIS A 5 -24.40 -16.92 -27.19
C HIS A 5 -23.80 -17.49 -25.92
N HIS A 6 -24.25 -18.68 -25.53
CA HIS A 6 -23.76 -19.33 -24.33
C HIS A 6 -22.27 -19.64 -24.46
N HIS A 7 -21.64 -19.97 -23.33
CA HIS A 7 -20.22 -20.30 -23.33
C HIS A 7 -19.98 -21.72 -23.83
N HIS A 8 -19.09 -21.84 -24.81
CA HIS A 8 -18.77 -23.16 -25.38
C HIS A 8 -18.27 -24.10 -24.31
N HIS A 9 -18.02 -25.36 -24.69
CA HIS A 9 -17.54 -26.37 -23.76
C HIS A 9 -16.02 -26.34 -23.67
N HIS A 10 -15.49 -26.37 -22.46
CA HIS A 10 -14.05 -26.34 -22.23
C HIS A 10 -13.39 -27.55 -22.89
N ILE A 11 -12.17 -27.35 -23.41
CA ILE A 11 -11.43 -28.42 -24.05
C ILE A 11 -10.60 -29.21 -23.04
N GLU A 12 -10.61 -30.54 -23.17
CA GLU A 12 -9.86 -31.39 -22.27
C GLU A 12 -8.37 -31.38 -22.62
N GLY A 13 -7.59 -32.12 -21.85
CA GLY A 13 -6.16 -32.18 -22.09
C GLY A 13 -5.36 -31.37 -21.09
N ARG A 14 -5.81 -31.39 -19.83
CA ARG A 14 -5.14 -30.65 -18.78
C ARG A 14 -4.31 -31.58 -17.89
N GLU A 15 -3.06 -31.21 -17.65
CA GLU A 15 -2.17 -32.01 -16.82
C GLU A 15 -1.80 -31.27 -15.54
N GLU A 16 -1.89 -31.97 -14.42
CA GLU A 16 -1.55 -31.37 -13.13
C GLU A 16 -0.06 -31.49 -12.84
N ALA A 17 0.39 -30.73 -11.85
CA ALA A 17 1.81 -30.75 -11.48
C ALA A 17 1.99 -30.37 -10.00
N SER A 18 2.90 -31.08 -9.33
CA SER A 18 3.16 -30.81 -7.92
C SER A 18 4.37 -29.89 -7.75
N SER A 19 4.25 -28.96 -6.81
CA SER A 19 5.32 -28.00 -6.55
C SER A 19 5.21 -27.42 -5.15
N MET A 20 6.12 -26.51 -4.81
CA MET A 20 6.11 -25.89 -3.49
C MET A 20 5.68 -24.42 -3.59
N GLU A 21 5.63 -23.74 -2.45
CA GLU A 21 5.23 -22.35 -2.41
C GLU A 21 6.45 -21.43 -2.30
N ARG A 22 7.34 -21.54 -3.28
CA ARG A 22 8.56 -20.72 -3.29
C ARG A 22 8.32 -19.41 -4.03
N ASN A 23 7.08 -19.21 -4.48
CA ASN A 23 6.73 -18.00 -5.22
C ASN A 23 6.55 -16.82 -4.26
N PHE A 24 6.18 -17.12 -3.02
CA PHE A 24 5.97 -16.09 -2.01
C PHE A 24 7.28 -15.76 -1.29
N ASN A 25 7.61 -14.47 -1.23
CA ASN A 25 8.83 -14.03 -0.58
C ASN A 25 8.71 -12.57 -0.14
N VAL A 26 8.60 -12.36 1.17
CA VAL A 26 8.49 -11.01 1.71
C VAL A 26 9.80 -10.25 1.57
N GLU A 27 10.91 -10.98 1.53
CA GLU A 27 12.23 -10.37 1.38
C GLU A 27 12.27 -9.44 0.17
N LYS A 28 11.45 -9.75 -0.84
CA LYS A 28 11.39 -8.94 -2.05
C LYS A 28 10.89 -7.53 -1.74
N ILE A 29 9.74 -7.46 -1.10
CA ILE A 29 9.15 -6.17 -0.76
C ILE A 29 9.92 -5.49 0.37
N ASN A 30 10.54 -6.30 1.22
CA ASN A 30 11.32 -5.78 2.33
C ASN A 30 12.39 -4.81 1.85
N GLY A 31 12.28 -3.55 2.28
CA GLY A 31 13.25 -2.55 1.88
C GLY A 31 12.64 -1.15 1.82
N GLU A 32 12.46 -0.63 0.61
CA GLU A 32 11.89 0.70 0.43
C GLU A 32 10.95 0.72 -0.76
N TRP A 33 10.10 1.74 -0.83
CA TRP A 33 9.14 1.89 -1.91
C TRP A 33 8.94 3.35 -2.27
N TYR A 34 8.04 3.61 -3.21
CA TYR A 34 7.75 4.97 -3.65
C TYR A 34 6.26 5.15 -3.96
N THR A 35 5.76 6.36 -3.71
CA THR A 35 4.36 6.65 -3.96
C THR A 35 4.09 6.87 -5.44
N ILE A 36 2.94 6.40 -5.92
CA ILE A 36 2.58 6.54 -7.32
C ILE A 36 1.29 7.34 -7.46
N MET A 37 0.23 6.88 -6.81
CA MET A 37 -1.07 7.54 -6.87
C MET A 37 -1.83 7.35 -5.57
N LEU A 38 -2.63 8.36 -5.20
CA LEU A 38 -3.42 8.30 -3.97
C LEU A 38 -4.92 8.24 -4.29
N ALA A 39 -5.57 7.16 -3.87
CA ALA A 39 -6.99 6.99 -4.10
C ALA A 39 -7.73 6.76 -2.79
N THR A 40 -9.02 7.12 -2.78
CA THR A 40 -9.84 6.95 -1.58
C THR A 40 -11.26 7.46 -1.81
N ASP A 41 -12.24 6.76 -1.27
CA ASP A 41 -13.63 7.15 -1.41
C ASP A 41 -13.83 8.61 -1.01
N LYS A 42 -13.01 9.08 -0.08
CA LYS A 42 -13.10 10.46 0.38
C LYS A 42 -11.95 11.29 -0.16
N ARG A 43 -12.19 11.96 -1.28
CA ARG A 43 -11.16 12.80 -1.90
C ARG A 43 -10.84 14.00 -1.04
N GLU A 44 -11.82 14.45 -0.26
CA GLU A 44 -11.63 15.59 0.63
C GLU A 44 -10.71 15.23 1.79
N LYS A 45 -10.60 13.95 2.08
CA LYS A 45 -9.74 13.48 3.16
C LYS A 45 -8.28 13.55 2.77
N ILE A 46 -7.99 13.27 1.51
CA ILE A 46 -6.62 13.32 1.00
C ILE A 46 -6.32 14.67 0.36
N GLU A 47 -7.09 15.68 0.72
CA GLU A 47 -6.89 17.02 0.18
C GLU A 47 -5.75 17.74 0.89
N GLU A 48 -5.46 18.95 0.46
CA GLU A 48 -4.39 19.74 1.06
C GLU A 48 -4.76 20.18 2.48
N HIS A 49 -6.05 20.15 2.78
CA HIS A 49 -6.53 20.54 4.10
C HIS A 49 -6.98 19.32 4.90
N GLY A 50 -6.55 18.15 4.47
CA GLY A 50 -6.92 16.93 5.15
C GLY A 50 -5.77 16.33 5.95
N SER A 51 -6.01 15.19 6.58
CA SER A 51 -4.99 14.52 7.37
C SER A 51 -4.80 13.07 6.92
N MET A 52 -5.18 12.79 5.68
CA MET A 52 -5.05 11.46 5.12
C MET A 52 -4.10 11.46 3.93
N ARG A 53 -3.22 12.46 3.87
CA ARG A 53 -2.26 12.57 2.79
C ARG A 53 -0.92 11.96 3.19
N VAL A 54 -0.96 11.02 4.12
CA VAL A 54 0.26 10.36 4.58
C VAL A 54 0.64 9.20 3.67
N PHE A 55 1.94 9.06 3.41
CA PHE A 55 2.44 7.99 2.56
C PHE A 55 3.68 7.35 3.16
N VAL A 56 3.83 6.05 2.92
CA VAL A 56 4.98 5.31 3.44
C VAL A 56 6.21 5.51 2.56
N GLU A 57 7.37 5.64 3.18
CA GLU A 57 8.61 5.84 2.46
C GLU A 57 9.40 4.54 2.37
N TYR A 58 9.13 3.62 3.29
CA TYR A 58 9.81 2.34 3.31
C TYR A 58 9.02 1.32 4.13
N ILE A 59 9.07 0.06 3.69
CA ILE A 59 8.35 -1.02 4.38
C ILE A 59 9.33 -1.96 5.09
N HIS A 60 9.07 -2.22 6.36
CA HIS A 60 9.91 -3.11 7.16
C HIS A 60 9.14 -4.34 7.59
N VAL A 61 9.76 -5.51 7.42
CA VAL A 61 9.13 -6.77 7.79
C VAL A 61 9.67 -7.27 9.13
N LEU A 62 8.75 -7.48 10.08
CA LEU A 62 9.13 -7.96 11.40
C LEU A 62 8.93 -9.47 11.51
N GLU A 63 9.31 -10.03 12.66
CA GLU A 63 9.18 -11.46 12.88
C GLU A 63 7.73 -11.91 12.73
N ASN A 64 6.81 -11.02 13.09
CA ASN A 64 5.38 -11.30 13.00
C ASN A 64 4.61 -10.12 12.41
N SER A 65 4.94 -8.93 12.89
CA SER A 65 4.28 -7.72 12.41
C SER A 65 5.07 -7.08 11.28
N LEU A 66 4.71 -5.85 10.92
CA LEU A 66 5.37 -5.13 9.85
C LEU A 66 5.52 -3.65 10.18
N ALA A 67 6.76 -3.19 10.26
CA ALA A 67 7.05 -1.79 10.58
C ALA A 67 6.91 -0.92 9.34
N LEU A 68 6.43 0.31 9.53
CA LEU A 68 6.26 1.23 8.42
C LEU A 68 6.45 2.67 8.88
N LYS A 69 6.90 3.53 7.97
CA LYS A 69 7.11 4.95 8.30
C LYS A 69 6.38 5.84 7.31
N PHE A 70 5.36 6.55 7.81
CA PHE A 70 4.57 7.44 6.97
C PHE A 70 4.94 8.91 7.26
N HIS A 71 4.82 9.74 6.23
CA HIS A 71 5.13 11.16 6.36
C HIS A 71 3.93 12.02 5.99
N ILE A 72 3.72 13.09 6.75
CA ILE A 72 2.60 13.99 6.50
C ILE A 72 3.08 15.41 6.25
N ILE A 73 2.39 16.13 5.36
CA ILE A 73 2.76 17.50 5.04
C ILE A 73 2.35 18.46 6.15
N ILE A 74 3.33 18.95 6.90
CA ILE A 74 3.07 19.88 8.00
C ILE A 74 3.81 21.19 7.78
N ASN A 75 3.05 22.27 7.60
CA ASN A 75 3.63 23.59 7.39
C ASN A 75 4.64 23.56 6.25
N GLU A 76 4.23 23.00 5.12
CA GLU A 76 5.10 22.91 3.95
C GLU A 76 6.41 22.20 4.30
N GLU A 77 6.35 21.34 5.32
CA GLU A 77 7.53 20.60 5.75
C GLU A 77 7.19 19.15 6.04
N CYS A 78 8.03 18.23 5.58
CA CYS A 78 7.81 16.80 5.79
C CYS A 78 8.04 16.43 7.26
N SER A 79 7.50 15.28 7.66
CA SER A 79 7.64 14.81 9.03
C SER A 79 8.04 13.34 9.06
N GLU A 80 8.00 12.75 10.24
CA GLU A 80 8.35 11.34 10.41
C GLU A 80 7.42 10.66 11.41
N ILE A 81 6.74 9.62 10.96
CA ILE A 81 5.82 8.87 11.82
C ILE A 81 6.16 7.39 11.83
N PHE A 82 6.56 6.90 13.00
CA PHE A 82 6.92 5.50 13.16
C PHE A 82 5.75 4.69 13.73
N LEU A 83 5.43 3.58 13.07
CA LEU A 83 4.33 2.72 13.52
C LEU A 83 4.60 1.26 13.15
N VAL A 84 3.78 0.37 13.69
CA VAL A 84 3.93 -1.05 13.43
C VAL A 84 2.57 -1.72 13.21
N ALA A 85 2.45 -2.49 12.14
CA ALA A 85 1.21 -3.19 11.83
C ALA A 85 1.29 -4.66 12.20
N ASP A 86 0.53 -5.06 13.22
CA ASP A 86 0.51 -6.44 13.68
C ASP A 86 -0.71 -7.18 13.13
N LYS A 87 -0.51 -8.44 12.76
CA LYS A 87 -1.59 -9.27 12.23
C LYS A 87 -2.68 -9.48 13.27
N THR A 88 -3.85 -9.91 12.82
CA THR A 88 -4.97 -10.17 13.72
C THR A 88 -5.28 -11.65 13.81
N GLU A 89 -6.37 -11.99 14.49
CA GLU A 89 -6.77 -13.38 14.66
C GLU A 89 -6.88 -14.07 13.30
N LYS A 90 -7.19 -13.30 12.27
CA LYS A 90 -7.33 -13.84 10.92
C LYS A 90 -6.10 -13.52 10.07
N ALA A 91 -5.42 -14.56 9.60
CA ALA A 91 -4.23 -14.38 8.78
C ALA A 91 -4.55 -13.56 7.53
N GLY A 92 -3.54 -12.83 7.04
CA GLY A 92 -3.73 -12.02 5.86
C GLY A 92 -4.14 -10.60 6.19
N GLU A 93 -4.67 -10.40 7.40
CA GLU A 93 -5.11 -9.09 7.84
C GLU A 93 -4.10 -8.48 8.81
N TYR A 94 -3.69 -7.24 8.53
CA TYR A 94 -2.73 -6.54 9.38
C TYR A 94 -3.34 -5.28 9.96
N SER A 95 -3.35 -5.19 11.29
CA SER A 95 -3.91 -4.02 11.98
C SER A 95 -2.80 -3.07 12.43
N VAL A 96 -3.05 -1.78 12.30
CA VAL A 96 -2.07 -0.76 12.68
C VAL A 96 -2.75 0.42 13.37
N THR A 97 -2.05 1.03 14.30
CA THR A 97 -2.58 2.18 15.03
C THR A 97 -1.96 3.48 14.54
N TYR A 98 -2.79 4.39 14.06
CA TYR A 98 -2.32 5.68 13.57
C TYR A 98 -3.20 6.82 14.07
N ASP A 99 -4.52 6.65 13.95
CA ASP A 99 -5.46 7.65 14.39
C ASP A 99 -6.75 7.00 14.91
N GLY A 100 -6.62 5.78 15.43
CA GLY A 100 -7.77 5.08 15.95
C GLY A 100 -7.79 3.62 15.54
N SER A 101 -8.61 3.30 14.53
CA SER A 101 -8.72 1.93 14.04
C SER A 101 -8.31 1.84 12.57
N ASN A 102 -7.34 0.99 12.28
CA ASN A 102 -6.86 0.80 10.91
C ASN A 102 -6.46 -0.64 10.66
N THR A 103 -6.92 -1.18 9.54
CA THR A 103 -6.62 -2.57 9.19
C THR A 103 -6.59 -2.75 7.67
N PHE A 104 -5.53 -3.36 7.17
CA PHE A 104 -5.39 -3.60 5.74
C PHE A 104 -5.12 -5.08 5.45
N THR A 105 -5.10 -5.43 4.17
CA THR A 105 -4.86 -6.81 3.76
C THR A 105 -4.28 -6.87 2.36
N ILE A 106 -3.60 -7.97 2.06
CA ILE A 106 -2.99 -8.16 0.74
C ILE A 106 -3.96 -8.84 -0.22
N LEU A 107 -4.50 -8.08 -1.16
CA LEU A 107 -5.45 -8.61 -2.13
C LEU A 107 -4.77 -8.81 -3.48
N LYS A 108 -3.70 -8.06 -3.73
CA LYS A 108 -2.96 -8.16 -4.98
C LYS A 108 -1.72 -7.27 -4.96
N THR A 109 -0.55 -7.87 -5.14
CA THR A 109 0.70 -7.13 -5.15
C THR A 109 1.82 -7.94 -5.77
N ASP A 110 2.48 -7.36 -6.78
CA ASP A 110 3.58 -8.03 -7.46
C ASP A 110 4.88 -7.25 -7.31
N TYR A 111 5.98 -7.97 -7.17
CA TYR A 111 7.29 -7.35 -7.01
C TYR A 111 7.81 -6.82 -8.35
N ASP A 112 7.10 -7.15 -9.43
CA ASP A 112 7.48 -6.71 -10.76
C ASP A 112 6.59 -5.58 -11.24
N ASN A 113 5.42 -5.45 -10.62
CA ASN A 113 4.47 -4.41 -10.99
C ASN A 113 4.34 -3.37 -9.88
N TYR A 114 3.47 -3.65 -8.92
CA TYR A 114 3.26 -2.74 -7.80
C TYR A 114 2.59 -3.45 -6.63
N ILE A 115 2.42 -2.74 -5.52
CA ILE A 115 1.80 -3.31 -4.33
C ILE A 115 0.59 -2.49 -3.90
N MET A 116 -0.55 -3.15 -3.78
CA MET A 116 -1.78 -2.49 -3.37
C MET A 116 -2.07 -2.74 -1.90
N ILE A 117 -2.68 -1.76 -1.24
CA ILE A 117 -3.01 -1.87 0.18
C ILE A 117 -4.33 -1.18 0.48
N HIS A 118 -5.34 -1.98 0.85
CA HIS A 118 -6.66 -1.45 1.17
C HIS A 118 -6.76 -1.11 2.66
N LEU A 119 -6.62 0.17 2.98
CA LEU A 119 -6.69 0.62 4.37
C LEU A 119 -8.01 1.34 4.63
N ILE A 120 -8.67 0.97 5.73
CA ILE A 120 -9.94 1.57 6.10
C ILE A 120 -9.90 2.11 7.53
N ASN A 121 -10.00 3.42 7.67
CA ASN A 121 -9.97 4.06 8.99
C ASN A 121 -11.36 4.55 9.38
N LYS A 122 -11.62 4.59 10.68
CA LYS A 122 -12.90 5.04 11.20
C LYS A 122 -12.73 6.23 12.13
N LYS A 123 -13.61 7.22 11.99
CA LYS A 123 -13.56 8.42 12.82
C LYS A 123 -14.87 9.20 12.73
N ASP A 124 -15.28 9.79 13.85
CA ASP A 124 -16.50 10.57 13.89
C ASP A 124 -17.70 9.74 13.43
N GLY A 125 -17.70 8.47 13.81
CA GLY A 125 -18.79 7.58 13.43
C GLY A 125 -18.90 7.43 11.92
N GLU A 126 -17.85 7.81 11.21
CA GLU A 126 -17.84 7.72 9.76
C GLU A 126 -16.61 6.97 9.26
N THR A 127 -16.84 5.92 8.47
CA THR A 127 -15.74 5.11 7.94
C THR A 127 -15.63 5.27 6.43
N PHE A 128 -14.41 5.46 5.95
CA PHE A 128 -14.16 5.63 4.52
C PHE A 128 -13.18 4.58 4.01
N GLN A 129 -13.02 4.52 2.69
CA GLN A 129 -12.12 3.56 2.07
C GLN A 129 -10.87 4.25 1.54
N LEU A 130 -9.70 3.74 1.93
CA LEU A 130 -8.43 4.31 1.49
C LEU A 130 -7.65 3.31 0.64
N MET A 131 -6.91 3.83 -0.34
CA MET A 131 -6.12 2.99 -1.22
C MET A 131 -4.73 3.59 -1.44
N GLU A 132 -3.72 2.73 -1.37
CA GLU A 132 -2.34 3.18 -1.56
C GLU A 132 -1.60 2.28 -2.56
N LEU A 133 -0.86 2.90 -3.47
CA LEU A 133 -0.12 2.16 -4.47
C LEU A 133 1.36 2.55 -4.45
N TYR A 134 2.23 1.55 -4.64
CA TYR A 134 3.67 1.78 -4.63
C TYR A 134 4.36 0.93 -5.69
N GLY A 135 5.51 1.39 -6.15
CA GLY A 135 6.26 0.65 -7.17
C GLY A 135 7.76 0.90 -7.07
N ARG A 136 8.52 0.11 -7.81
CA ARG A 136 9.97 0.24 -7.81
C ARG A 136 10.40 1.68 -8.08
N GLU A 137 9.68 2.33 -9.00
CA GLU A 137 9.98 3.72 -9.36
C GLU A 137 8.79 4.62 -9.05
N PRO A 138 9.06 5.94 -8.94
CA PRO A 138 8.02 6.93 -8.66
C PRO A 138 7.06 7.12 -9.82
N ASP A 139 7.39 6.51 -10.96
CA ASP A 139 6.55 6.60 -12.15
C ASP A 139 6.38 5.25 -12.81
N LEU A 140 5.13 4.83 -13.00
CA LEU A 140 4.83 3.55 -13.63
C LEU A 140 4.25 3.74 -15.02
N SER A 141 4.13 2.64 -15.76
CA SER A 141 3.58 2.69 -17.11
C SER A 141 2.14 3.21 -17.10
N SER A 142 1.69 3.72 -18.24
CA SER A 142 0.34 4.25 -18.37
C SER A 142 -0.69 3.14 -18.20
N ASP A 143 -0.37 1.96 -18.72
CA ASP A 143 -1.28 0.82 -18.63
C ASP A 143 -1.52 0.44 -17.18
N ILE A 144 -0.54 0.71 -16.32
CA ILE A 144 -0.65 0.39 -14.91
C ILE A 144 -1.82 1.13 -14.26
N LYS A 145 -2.05 2.35 -14.73
CA LYS A 145 -3.13 3.18 -14.20
C LYS A 145 -4.48 2.45 -14.32
N GLU A 146 -4.73 1.89 -15.50
CA GLU A 146 -5.98 1.17 -15.74
C GLU A 146 -5.96 -0.19 -15.06
N LYS A 147 -4.77 -0.79 -14.97
CA LYS A 147 -4.61 -2.09 -14.35
C LYS A 147 -4.96 -2.03 -12.86
N PHE A 148 -4.42 -1.04 -12.16
CA PHE A 148 -4.68 -0.87 -10.74
C PHE A 148 -6.05 -0.26 -10.51
N ALA A 149 -6.48 0.60 -11.43
CA ALA A 149 -7.77 1.26 -11.33
C ALA A 149 -8.90 0.23 -11.21
N GLN A 150 -8.68 -0.95 -11.78
CA GLN A 150 -9.67 -2.01 -11.74
C GLN A 150 -10.08 -2.33 -10.31
N LEU A 151 -9.08 -2.46 -9.44
CA LEU A 151 -9.34 -2.77 -8.04
C LEU A 151 -10.04 -1.61 -7.34
N SER A 152 -9.83 -0.40 -7.87
CA SER A 152 -10.44 0.79 -7.30
C SER A 152 -11.96 0.74 -7.40
N GLU A 153 -12.46 0.32 -8.57
CA GLU A 153 -13.89 0.22 -8.80
C GLU A 153 -14.53 -0.77 -7.83
N GLU A 154 -13.76 -1.79 -7.44
CA GLU A 154 -14.25 -2.81 -6.53
C GLU A 154 -14.74 -2.18 -5.23
N HIS A 155 -14.01 -1.16 -4.76
CA HIS A 155 -14.37 -0.47 -3.53
C HIS A 155 -15.26 0.74 -3.81
N GLY A 156 -15.80 0.79 -5.03
CA GLY A 156 -16.67 1.89 -5.41
C GLY A 156 -15.91 3.19 -5.61
N ILE A 157 -14.59 3.07 -5.78
CA ILE A 157 -13.74 4.24 -5.98
C ILE A 157 -13.67 4.61 -7.46
N VAL A 158 -14.23 5.77 -7.80
CA VAL A 158 -14.23 6.24 -9.18
C VAL A 158 -12.91 6.93 -9.52
N ARG A 159 -12.54 6.88 -10.79
CA ARG A 159 -11.30 7.49 -11.25
C ARG A 159 -11.24 8.97 -10.86
N GLU A 160 -12.41 9.57 -10.71
CA GLU A 160 -12.49 10.99 -10.33
C GLU A 160 -11.74 11.25 -9.04
N ASN A 161 -11.62 10.22 -8.20
CA ASN A 161 -10.92 10.34 -6.94
C ASN A 161 -9.45 9.98 -7.07
N ILE A 162 -9.13 9.23 -8.12
CA ILE A 162 -7.75 8.82 -8.38
C ILE A 162 -6.98 9.91 -9.11
N ILE A 163 -5.97 10.46 -8.44
CA ILE A 163 -5.15 11.51 -9.03
C ILE A 163 -3.66 11.23 -8.82
N ASP A 164 -2.87 11.50 -9.85
CA ASP A 164 -1.43 11.29 -9.78
C ASP A 164 -0.77 12.25 -8.79
N LEU A 165 0.17 11.73 -8.02
CA LEU A 165 0.88 12.54 -7.03
C LEU A 165 2.26 12.93 -7.53
N THR A 166 2.52 12.71 -8.81
CA THR A 166 3.80 13.04 -9.41
C THR A 166 4.10 14.53 -9.30
N ASN A 167 3.04 15.33 -9.19
CA ASN A 167 3.19 16.78 -9.08
C ASN A 167 2.84 17.26 -7.67
N ALA A 168 2.94 16.35 -6.71
CA ALA A 168 2.64 16.68 -5.32
C ALA A 168 3.84 16.42 -4.41
N ASN A 169 3.62 16.48 -3.10
CA ASN A 169 4.67 16.25 -2.13
C ASN A 169 5.05 14.77 -2.08
N ARG A 170 6.23 14.45 -2.59
CA ARG A 170 6.71 13.06 -2.61
C ARG A 170 7.61 12.79 -1.40
N CYS A 171 8.33 13.82 -0.97
CA CYS A 171 9.23 13.69 0.17
C CYS A 171 10.27 12.60 -0.07
N LEU A 172 10.80 12.56 -1.29
CA LEU A 172 11.81 11.57 -1.65
C LEU A 172 13.19 11.97 -1.14
N GLU A 173 13.37 13.28 -0.93
CA GLU A 173 14.65 13.79 -0.45
C GLU A 173 14.72 13.71 1.08
N ALA A 174 13.56 13.59 1.72
CA ALA A 174 13.49 13.51 3.17
C ALA A 174 13.83 12.10 3.65
N ARG A 175 13.75 11.13 2.75
CA ARG A 175 14.05 9.74 3.08
C ARG A 175 15.41 9.64 3.77
N GLU A 176 15.39 9.41 5.08
CA GLU A 176 16.61 9.28 5.85
C GLU A 176 17.30 7.95 5.58
N MET A 1 -14.09 -43.85 -28.80
CA MET A 1 -13.63 -42.52 -29.16
C MET A 1 -13.55 -41.62 -27.93
N GLY A 2 -12.80 -40.53 -28.04
CA GLY A 2 -12.66 -39.61 -26.93
C GLY A 2 -11.32 -38.89 -26.95
N SER A 3 -10.86 -38.46 -25.77
CA SER A 3 -9.59 -37.75 -25.66
C SER A 3 -8.66 -38.47 -24.69
N SER A 4 -7.38 -38.10 -24.73
CA SER A 4 -6.39 -38.70 -23.87
C SER A 4 -5.58 -37.64 -23.14
N HIS A 5 -5.69 -37.62 -21.81
CA HIS A 5 -4.97 -36.66 -21.00
C HIS A 5 -3.50 -37.05 -20.84
N HIS A 6 -2.70 -36.15 -20.29
CA HIS A 6 -1.28 -36.40 -20.08
C HIS A 6 -0.99 -36.69 -18.62
N HIS A 7 0.25 -37.10 -18.33
CA HIS A 7 0.66 -37.41 -16.97
C HIS A 7 2.14 -37.11 -16.77
N HIS A 8 2.45 -36.44 -15.66
CA HIS A 8 3.83 -36.09 -15.35
C HIS A 8 4.29 -36.77 -14.07
N HIS A 9 5.51 -37.31 -14.08
CA HIS A 9 6.06 -37.99 -12.93
C HIS A 9 7.58 -37.82 -12.86
N HIS A 10 8.17 -38.25 -11.75
CA HIS A 10 9.62 -38.13 -11.56
C HIS A 10 10.26 -39.51 -11.41
N ILE A 11 11.33 -39.75 -12.15
CA ILE A 11 12.03 -41.02 -12.10
C ILE A 11 13.20 -40.96 -11.12
N GLU A 12 13.26 -41.94 -10.21
CA GLU A 12 14.32 -41.99 -9.22
C GLU A 12 15.69 -42.02 -9.90
N GLY A 13 16.59 -41.15 -9.44
CA GLY A 13 17.92 -41.10 -10.02
C GLY A 13 18.13 -39.87 -10.89
N ARG A 14 17.57 -38.75 -10.46
CA ARG A 14 17.69 -37.50 -11.22
C ARG A 14 18.98 -36.77 -10.84
N GLU A 15 19.15 -35.57 -11.39
CA GLU A 15 20.34 -34.77 -11.12
C GLU A 15 20.29 -34.19 -9.70
N GLU A 16 21.28 -33.38 -9.36
CA GLU A 16 21.35 -32.76 -8.04
C GLU A 16 20.15 -31.85 -7.80
N ALA A 17 20.05 -31.33 -6.58
CA ALA A 17 18.96 -30.44 -6.22
C ALA A 17 19.35 -28.98 -6.42
N SER A 18 18.38 -28.08 -6.24
CA SER A 18 18.63 -26.66 -6.40
C SER A 18 17.73 -25.84 -5.48
N SER A 19 17.84 -24.53 -5.57
CA SER A 19 17.04 -23.63 -4.74
C SER A 19 15.56 -23.73 -5.11
N MET A 20 14.70 -23.20 -4.23
CA MET A 20 13.26 -23.23 -4.47
C MET A 20 12.58 -22.04 -3.80
N GLU A 21 11.25 -22.01 -3.86
CA GLU A 21 10.49 -20.92 -3.27
C GLU A 21 10.82 -19.60 -3.93
N ARG A 22 10.72 -19.57 -5.26
CA ARG A 22 11.01 -18.35 -6.01
C ARG A 22 9.75 -17.51 -6.19
N ASN A 23 8.60 -18.15 -6.12
CA ASN A 23 7.32 -17.46 -6.27
C ASN A 23 6.97 -16.70 -4.98
N PHE A 24 7.47 -17.18 -3.85
CA PHE A 24 7.20 -16.55 -2.57
C PHE A 24 8.50 -16.13 -1.89
N ASN A 25 8.67 -14.82 -1.71
CA ASN A 25 9.88 -14.29 -1.06
C ASN A 25 9.61 -12.92 -0.46
N VAL A 26 9.64 -12.85 0.87
CA VAL A 26 9.40 -11.59 1.58
C VAL A 26 10.56 -10.62 1.36
N GLU A 27 11.75 -11.17 1.16
CA GLU A 27 12.94 -10.34 0.95
C GLU A 27 12.73 -9.38 -0.22
N LYS A 28 11.85 -9.75 -1.15
CA LYS A 28 11.56 -8.92 -2.31
C LYS A 28 10.99 -7.57 -1.88
N ILE A 29 9.94 -7.60 -1.08
CA ILE A 29 9.30 -6.38 -0.61
C ILE A 29 10.11 -5.75 0.52
N ASN A 30 10.80 -6.59 1.29
CA ASN A 30 11.61 -6.12 2.40
C ASN A 30 12.69 -5.14 1.92
N GLY A 31 12.52 -3.87 2.26
CA GLY A 31 13.48 -2.86 1.85
C GLY A 31 12.88 -1.47 1.82
N GLU A 32 12.66 -0.95 0.61
CA GLU A 32 12.10 0.38 0.44
C GLU A 32 11.11 0.41 -0.73
N TRP A 33 10.28 1.44 -0.76
CA TRP A 33 9.29 1.58 -1.82
C TRP A 33 9.10 3.05 -2.21
N TYR A 34 8.18 3.31 -3.13
CA TYR A 34 7.92 4.66 -3.58
C TYR A 34 6.42 4.88 -3.80
N THR A 35 6.01 6.15 -3.78
CA THR A 35 4.61 6.50 -3.98
C THR A 35 4.27 6.62 -5.45
N ILE A 36 3.07 6.21 -5.83
CA ILE A 36 2.62 6.28 -7.22
C ILE A 36 1.40 7.18 -7.36
N MET A 37 0.33 6.80 -6.68
CA MET A 37 -0.91 7.57 -6.73
C MET A 37 -1.70 7.42 -5.43
N LEU A 38 -2.52 8.42 -5.13
CA LEU A 38 -3.34 8.40 -3.91
C LEU A 38 -4.82 8.32 -4.24
N ALA A 39 -5.44 7.19 -3.90
CA ALA A 39 -6.86 6.99 -4.16
C ALA A 39 -7.64 6.84 -2.86
N THR A 40 -8.89 7.29 -2.87
CA THR A 40 -9.74 7.20 -1.69
C THR A 40 -11.16 7.69 -1.99
N ASP A 41 -12.14 7.05 -1.37
CA ASP A 41 -13.54 7.43 -1.58
C ASP A 41 -13.78 8.87 -1.17
N LYS A 42 -12.93 9.38 -0.27
CA LYS A 42 -13.06 10.76 0.20
C LYS A 42 -11.92 11.62 -0.33
N ARG A 43 -12.20 12.37 -1.40
CA ARG A 43 -11.20 13.24 -2.01
C ARG A 43 -10.83 14.38 -1.07
N GLU A 44 -11.78 14.80 -0.24
CA GLU A 44 -11.55 15.88 0.71
C GLU A 44 -10.58 15.44 1.80
N LYS A 45 -10.48 14.14 2.01
CA LYS A 45 -9.60 13.59 3.03
C LYS A 45 -8.14 13.65 2.58
N ILE A 46 -7.92 13.42 1.28
CA ILE A 46 -6.57 13.46 0.73
C ILE A 46 -6.28 14.81 0.08
N GLU A 47 -7.30 15.67 0.04
CA GLU A 47 -7.15 16.99 -0.56
C GLU A 47 -6.04 17.78 0.13
N GLU A 48 -5.67 18.91 -0.46
CA GLU A 48 -4.62 19.75 0.10
C GLU A 48 -4.96 20.18 1.52
N HIS A 49 -6.25 20.17 1.85
CA HIS A 49 -6.71 20.55 3.18
C HIS A 49 -7.05 19.32 4.02
N GLY A 50 -6.49 18.18 3.63
CA GLY A 50 -6.74 16.95 4.34
C GLY A 50 -5.52 16.46 5.10
N SER A 51 -5.74 15.85 6.26
CA SER A 51 -4.65 15.34 7.08
C SER A 51 -4.49 13.83 6.89
N MET A 52 -4.95 13.33 5.75
CA MET A 52 -4.85 11.91 5.44
C MET A 52 -3.95 11.68 4.23
N ARG A 53 -3.05 12.62 3.98
CA ARG A 53 -2.13 12.51 2.86
C ARG A 53 -0.78 11.95 3.30
N VAL A 54 -0.83 10.84 4.02
CA VAL A 54 0.39 10.19 4.51
C VAL A 54 0.77 9.01 3.63
N PHE A 55 2.06 8.86 3.38
CA PHE A 55 2.57 7.77 2.56
C PHE A 55 3.80 7.13 3.18
N VAL A 56 3.98 5.83 2.94
CA VAL A 56 5.13 5.11 3.48
C VAL A 56 6.35 5.28 2.59
N GLU A 57 7.52 5.39 3.22
CA GLU A 57 8.76 5.57 2.49
C GLU A 57 9.49 4.24 2.32
N TYR A 58 9.31 3.35 3.30
CA TYR A 58 9.95 2.03 3.26
C TYR A 58 9.18 1.04 4.11
N ILE A 59 9.33 -0.25 3.79
CA ILE A 59 8.65 -1.30 4.54
C ILE A 59 9.66 -2.19 5.27
N HIS A 60 9.37 -2.47 6.53
CA HIS A 60 10.25 -3.31 7.35
C HIS A 60 9.51 -4.57 7.81
N VAL A 61 10.10 -5.72 7.53
CA VAL A 61 9.51 -7.00 7.92
C VAL A 61 10.11 -7.51 9.22
N LEU A 62 9.27 -7.67 10.24
CA LEU A 62 9.74 -8.15 11.54
C LEU A 62 9.61 -9.67 11.63
N GLU A 63 9.84 -10.21 12.82
CA GLU A 63 9.75 -11.65 13.04
C GLU A 63 8.30 -12.10 13.14
N ASN A 64 7.43 -11.17 13.51
CA ASN A 64 6.00 -11.47 13.65
C ASN A 64 5.15 -10.37 13.03
N SER A 65 5.51 -9.12 13.31
CA SER A 65 4.78 -7.98 12.77
C SER A 65 5.53 -7.33 11.63
N LEU A 66 5.08 -6.16 11.21
CA LEU A 66 5.72 -5.42 10.13
C LEU A 66 5.81 -3.94 10.44
N ALA A 67 7.04 -3.43 10.50
CA ALA A 67 7.27 -2.02 10.79
C ALA A 67 7.18 -1.17 9.53
N LEU A 68 6.61 0.02 9.65
CA LEU A 68 6.47 0.92 8.52
C LEU A 68 6.66 2.38 8.95
N LYS A 69 7.14 3.20 8.03
CA LYS A 69 7.38 4.61 8.30
C LYS A 69 6.65 5.49 7.29
N PHE A 70 5.69 6.26 7.79
CA PHE A 70 4.91 7.16 6.92
C PHE A 70 5.28 8.62 7.18
N HIS A 71 5.10 9.45 6.16
CA HIS A 71 5.42 10.86 6.26
C HIS A 71 4.17 11.72 6.05
N ILE A 72 4.10 12.84 6.77
CA ILE A 72 2.96 13.75 6.65
C ILE A 72 3.42 15.18 6.45
N ILE A 73 2.79 15.87 5.51
CA ILE A 73 3.13 17.26 5.21
C ILE A 73 2.53 18.20 6.25
N ILE A 74 3.37 18.85 7.03
CA ILE A 74 2.93 19.78 8.06
C ILE A 74 3.60 21.14 7.91
N ASN A 75 2.81 22.18 7.71
CA ASN A 75 3.33 23.53 7.56
C ASN A 75 4.31 23.60 6.38
N GLU A 76 3.93 22.98 5.27
CA GLU A 76 4.77 22.97 4.08
C GLU A 76 6.12 22.33 4.37
N GLU A 77 6.12 21.32 5.23
CA GLU A 77 7.35 20.62 5.60
C GLU A 77 7.08 19.14 5.83
N CYS A 78 7.98 18.29 5.33
CA CYS A 78 7.84 16.85 5.49
C CYS A 78 7.97 16.44 6.96
N SER A 79 7.42 15.29 7.30
CA SER A 79 7.47 14.79 8.67
C SER A 79 7.92 13.32 8.69
N GLU A 80 7.80 12.70 9.86
CA GLU A 80 8.20 11.31 10.02
C GLU A 80 7.30 10.60 11.04
N ILE A 81 6.94 9.36 10.74
CA ILE A 81 6.08 8.58 11.63
C ILE A 81 6.59 7.14 11.75
N PHE A 82 6.40 6.55 12.92
CA PHE A 82 6.82 5.18 13.16
C PHE A 82 5.67 4.33 13.71
N LEU A 83 5.39 3.23 13.03
CA LEU A 83 4.32 2.34 13.45
C LEU A 83 4.55 0.92 12.93
N VAL A 84 3.97 -0.06 13.61
CA VAL A 84 4.11 -1.46 13.22
C VAL A 84 2.80 -2.21 13.36
N ALA A 85 2.43 -2.95 12.33
CA ALA A 85 1.19 -3.72 12.33
C ALA A 85 1.47 -5.20 12.51
N ASP A 86 0.71 -5.84 13.40
CA ASP A 86 0.88 -7.27 13.67
C ASP A 86 -0.32 -8.06 13.17
N LYS A 87 -0.15 -9.37 13.02
CA LYS A 87 -1.22 -10.24 12.56
C LYS A 87 -2.49 -10.04 13.39
N THR A 88 -3.62 -10.46 12.84
CA THR A 88 -4.89 -10.33 13.53
C THR A 88 -5.64 -11.66 13.57
N GLU A 89 -6.86 -11.64 14.12
CA GLU A 89 -7.66 -12.85 14.22
C GLU A 89 -7.91 -13.46 12.84
N LYS A 90 -7.87 -12.62 11.81
CA LYS A 90 -8.08 -13.06 10.44
C LYS A 90 -6.75 -13.24 9.71
N ALA A 91 -6.60 -14.37 9.03
CA ALA A 91 -5.37 -14.66 8.29
C ALA A 91 -5.27 -13.77 7.05
N GLY A 92 -4.19 -13.02 6.95
CA GLY A 92 -3.99 -12.14 5.81
C GLY A 92 -4.32 -10.70 6.12
N GLU A 93 -5.08 -10.48 7.18
CA GLU A 93 -5.48 -9.14 7.58
C GLU A 93 -4.59 -8.63 8.73
N TYR A 94 -4.13 -7.40 8.61
CA TYR A 94 -3.27 -6.81 9.63
C TYR A 94 -3.99 -5.65 10.33
N SER A 95 -3.59 -5.38 11.56
CA SER A 95 -4.20 -4.31 12.35
C SER A 95 -3.12 -3.40 12.94
N VAL A 96 -3.40 -2.10 12.98
CA VAL A 96 -2.46 -1.13 13.53
C VAL A 96 -3.19 0.07 14.11
N THR A 97 -2.57 0.71 15.09
CA THR A 97 -3.17 1.88 15.74
C THR A 97 -2.68 3.18 15.08
N TYR A 98 -3.62 4.06 14.76
CA TYR A 98 -3.29 5.33 14.14
C TYR A 98 -4.52 6.23 14.04
N ASP A 99 -4.61 7.19 14.95
CA ASP A 99 -5.74 8.12 14.96
C ASP A 99 -7.06 7.37 15.06
N GLY A 100 -7.01 6.16 15.63
CA GLY A 100 -8.22 5.36 15.75
C GLY A 100 -7.98 3.90 15.43
N SER A 101 -8.84 3.33 14.59
CA SER A 101 -8.71 1.93 14.21
C SER A 101 -8.37 1.80 12.73
N ASN A 102 -7.42 0.92 12.43
CA ASN A 102 -7.00 0.71 11.05
C ASN A 102 -6.70 -0.78 10.80
N THR A 103 -7.12 -1.26 9.63
CA THR A 103 -6.90 -2.66 9.28
C THR A 103 -6.84 -2.83 7.76
N PHE A 104 -5.71 -3.37 7.28
CA PHE A 104 -5.52 -3.58 5.85
C PHE A 104 -5.31 -5.07 5.55
N THR A 105 -5.32 -5.41 4.26
CA THR A 105 -5.12 -6.79 3.84
C THR A 105 -4.51 -6.85 2.44
N ILE A 106 -3.80 -7.94 2.16
CA ILE A 106 -3.17 -8.13 0.86
C ILE A 106 -4.09 -8.87 -0.10
N LEU A 107 -4.61 -8.16 -1.09
CA LEU A 107 -5.51 -8.74 -2.07
C LEU A 107 -4.78 -9.00 -3.39
N LYS A 108 -3.74 -8.23 -3.64
CA LYS A 108 -2.95 -8.38 -4.86
C LYS A 108 -1.73 -7.46 -4.84
N THR A 109 -0.55 -8.07 -5.01
CA THR A 109 0.69 -7.31 -5.00
C THR A 109 1.83 -8.12 -5.61
N ASP A 110 2.50 -7.53 -6.61
CA ASP A 110 3.61 -8.20 -7.28
C ASP A 110 4.90 -7.41 -7.11
N TYR A 111 6.01 -8.13 -6.96
CA TYR A 111 7.31 -7.50 -6.79
C TYR A 111 7.85 -6.98 -8.12
N ASP A 112 7.16 -7.33 -9.20
CA ASP A 112 7.56 -6.90 -10.54
C ASP A 112 6.67 -5.78 -11.05
N ASN A 113 5.50 -5.64 -10.43
CA ASN A 113 4.55 -4.60 -10.82
C ASN A 113 4.40 -3.56 -9.72
N TYR A 114 3.51 -3.83 -8.77
CA TYR A 114 3.27 -2.92 -7.66
C TYR A 114 2.60 -3.63 -6.50
N ILE A 115 2.41 -2.92 -5.39
CA ILE A 115 1.78 -3.49 -4.21
C ILE A 115 0.55 -2.67 -3.81
N MET A 116 -0.59 -3.33 -3.73
CA MET A 116 -1.84 -2.67 -3.34
C MET A 116 -2.14 -2.89 -1.86
N ILE A 117 -2.70 -1.87 -1.22
CA ILE A 117 -3.04 -1.95 0.20
C ILE A 117 -4.37 -1.26 0.48
N HIS A 118 -5.36 -2.05 0.87
CA HIS A 118 -6.68 -1.52 1.18
C HIS A 118 -6.79 -1.16 2.66
N LEU A 119 -6.61 0.11 2.98
CA LEU A 119 -6.70 0.58 4.35
C LEU A 119 -7.99 1.34 4.59
N ILE A 120 -8.67 1.02 5.69
CA ILE A 120 -9.92 1.68 6.04
C ILE A 120 -9.88 2.21 7.47
N ASN A 121 -10.14 3.50 7.61
CA ASN A 121 -10.14 4.14 8.93
C ASN A 121 -11.53 4.61 9.31
N LYS A 122 -11.78 4.77 10.60
CA LYS A 122 -13.07 5.23 11.10
C LYS A 122 -12.91 6.43 12.01
N LYS A 123 -13.48 7.55 11.60
CA LYS A 123 -13.41 8.78 12.39
C LYS A 123 -14.72 9.56 12.31
N ASP A 124 -15.09 10.20 13.42
CA ASP A 124 -16.32 10.98 13.47
C ASP A 124 -17.53 10.10 13.17
N GLY A 125 -17.48 8.85 13.63
CA GLY A 125 -18.58 7.93 13.40
C GLY A 125 -18.74 7.57 11.94
N GLU A 126 -17.78 8.00 11.11
CA GLU A 126 -17.82 7.71 9.69
C GLU A 126 -16.49 7.12 9.22
N THR A 127 -16.57 6.15 8.31
CA THR A 127 -15.37 5.50 7.78
C THR A 127 -15.26 5.72 6.28
N PHE A 128 -14.04 5.61 5.76
CA PHE A 128 -13.80 5.79 4.33
C PHE A 128 -12.85 4.71 3.80
N GLN A 129 -12.72 4.65 2.48
CA GLN A 129 -11.86 3.66 1.84
C GLN A 129 -10.56 4.30 1.37
N LEU A 130 -9.44 3.71 1.78
CA LEU A 130 -8.13 4.22 1.40
C LEU A 130 -7.33 3.17 0.61
N MET A 131 -6.72 3.59 -0.48
CA MET A 131 -5.93 2.70 -1.31
C MET A 131 -4.53 3.25 -1.54
N GLU A 132 -3.52 2.43 -1.27
CA GLU A 132 -2.14 2.84 -1.45
C GLU A 132 -1.43 1.97 -2.49
N LEU A 133 -0.79 2.62 -3.46
CA LEU A 133 -0.08 1.91 -4.51
C LEU A 133 1.39 2.31 -4.55
N TYR A 134 2.27 1.33 -4.40
CA TYR A 134 3.70 1.59 -4.41
C TYR A 134 4.39 0.80 -5.54
N GLY A 135 5.60 1.23 -5.89
CA GLY A 135 6.34 0.55 -6.94
C GLY A 135 7.84 0.80 -6.85
N ARG A 136 8.61 -0.02 -7.56
CA ARG A 136 10.06 0.12 -7.55
C ARG A 136 10.47 1.55 -7.88
N GLU A 137 9.65 2.23 -8.67
CA GLU A 137 9.93 3.61 -9.06
C GLU A 137 8.77 4.53 -8.68
N PRO A 138 9.06 5.84 -8.61
CA PRO A 138 8.06 6.85 -8.26
C PRO A 138 7.01 7.03 -9.36
N ASP A 139 7.24 6.41 -10.50
CA ASP A 139 6.32 6.49 -11.63
C ASP A 139 6.21 5.17 -12.35
N LEU A 140 4.98 4.77 -12.66
CA LEU A 140 4.73 3.50 -13.35
C LEU A 140 4.14 3.75 -14.74
N SER A 141 4.07 2.69 -15.54
CA SER A 141 3.54 2.80 -16.89
C SER A 141 2.10 3.29 -16.87
N SER A 142 1.72 4.05 -17.90
CA SER A 142 0.37 4.58 -18.00
C SER A 142 -0.67 3.48 -17.86
N ASP A 143 -0.35 2.31 -18.40
CA ASP A 143 -1.26 1.16 -18.34
C ASP A 143 -1.45 0.70 -16.90
N ILE A 144 -0.42 0.87 -16.08
CA ILE A 144 -0.48 0.46 -14.68
C ILE A 144 -1.59 1.21 -13.95
N LYS A 145 -1.76 2.48 -14.30
CA LYS A 145 -2.79 3.31 -13.67
C LYS A 145 -4.18 2.70 -13.86
N GLU A 146 -4.47 2.27 -15.08
CA GLU A 146 -5.76 1.66 -15.38
C GLU A 146 -5.84 0.25 -14.82
N LYS A 147 -4.70 -0.43 -14.77
CA LYS A 147 -4.63 -1.79 -14.26
C LYS A 147 -5.03 -1.84 -12.79
N PHE A 148 -4.45 -0.95 -11.99
CA PHE A 148 -4.74 -0.89 -10.57
C PHE A 148 -6.07 -0.18 -10.32
N ALA A 149 -6.41 0.75 -11.20
CA ALA A 149 -7.65 1.50 -11.07
C ALA A 149 -8.86 0.57 -11.06
N GLN A 150 -8.73 -0.57 -11.74
CA GLN A 150 -9.80 -1.55 -11.80
C GLN A 150 -10.27 -1.94 -10.40
N LEU A 151 -9.32 -2.12 -9.50
CA LEU A 151 -9.63 -2.50 -8.12
C LEU A 151 -10.33 -1.35 -7.39
N SER A 152 -10.08 -0.13 -7.84
CA SER A 152 -10.69 1.04 -7.23
C SER A 152 -12.21 0.97 -7.30
N GLU A 153 -12.73 0.71 -8.50
CA GLU A 153 -14.17 0.61 -8.71
C GLU A 153 -14.76 -0.54 -7.89
N GLU A 154 -13.99 -1.61 -7.75
CA GLU A 154 -14.44 -2.77 -6.99
C GLU A 154 -14.79 -2.39 -5.56
N HIS A 155 -14.07 -1.41 -5.02
CA HIS A 155 -14.30 -0.95 -3.66
C HIS A 155 -15.28 0.22 -3.64
N GLY A 156 -15.53 0.79 -4.82
CA GLY A 156 -16.45 1.92 -4.91
C GLY A 156 -15.73 3.25 -4.98
N ILE A 157 -14.51 3.23 -5.52
CA ILE A 157 -13.72 4.44 -5.64
C ILE A 157 -13.61 4.89 -7.10
N VAL A 158 -14.35 5.93 -7.46
CA VAL A 158 -14.34 6.46 -8.81
C VAL A 158 -12.97 7.00 -9.17
N ARG A 159 -12.71 7.11 -10.48
CA ARG A 159 -11.43 7.63 -10.96
C ARG A 159 -11.25 9.09 -10.58
N GLU A 160 -12.36 9.78 -10.36
CA GLU A 160 -12.33 11.19 -9.98
C GLU A 160 -11.41 11.41 -8.78
N ASN A 161 -11.38 10.44 -7.89
CA ASN A 161 -10.55 10.53 -6.70
C ASN A 161 -9.12 10.04 -6.98
N ILE A 162 -8.99 9.23 -8.02
CA ILE A 162 -7.68 8.70 -8.40
C ILE A 162 -6.90 9.71 -9.23
N ILE A 163 -5.94 10.37 -8.59
CA ILE A 163 -5.11 11.36 -9.26
C ILE A 163 -3.63 11.16 -8.95
N ASP A 164 -2.80 11.28 -9.98
CA ASP A 164 -1.36 11.11 -9.82
C ASP A 164 -0.78 12.21 -8.94
N LEU A 165 0.15 11.83 -8.06
CA LEU A 165 0.78 12.78 -7.16
C LEU A 165 2.19 13.13 -7.64
N THR A 166 2.51 12.72 -8.86
CA THR A 166 3.82 12.99 -9.44
C THR A 166 4.07 14.49 -9.55
N ASN A 167 3.01 15.27 -9.71
CA ASN A 167 3.12 16.71 -9.82
C ASN A 167 2.56 17.40 -8.57
N ALA A 168 2.58 16.68 -7.46
CA ALA A 168 2.09 17.22 -6.19
C ALA A 168 3.12 17.03 -5.08
N ASN A 169 2.74 17.43 -3.87
CA ASN A 169 3.63 17.31 -2.72
C ASN A 169 3.66 15.87 -2.20
N ARG A 170 4.74 15.16 -2.53
CA ARG A 170 4.89 13.77 -2.10
C ARG A 170 6.11 13.62 -1.20
N CYS A 171 6.95 14.64 -1.16
CA CYS A 171 8.15 14.62 -0.33
C CYS A 171 9.05 13.45 -0.72
N LEU A 172 9.46 13.41 -1.98
CA LEU A 172 10.32 12.35 -2.48
C LEU A 172 11.79 12.76 -2.41
N GLU A 173 12.03 14.07 -2.37
CA GLU A 173 13.38 14.60 -2.31
C GLU A 173 13.89 14.61 -0.87
N ALA A 174 13.07 14.11 0.06
CA ALA A 174 13.44 14.07 1.47
C ALA A 174 13.81 12.65 1.88
N ARG A 175 13.13 11.66 1.30
CA ARG A 175 13.39 10.27 1.62
C ARG A 175 14.87 9.93 1.44
N GLU A 176 15.46 9.32 2.46
CA GLU A 176 16.87 8.95 2.41
C GLU A 176 17.09 7.75 1.50
N MET A 1 -1.74 -61.72 -2.74
CA MET A 1 -0.71 -62.54 -3.37
C MET A 1 0.09 -61.73 -4.37
N GLY A 2 1.31 -62.17 -4.64
CA GLY A 2 2.17 -61.47 -5.58
C GLY A 2 3.28 -60.68 -4.90
N SER A 3 4.50 -61.19 -4.99
CA SER A 3 5.64 -60.53 -4.36
C SER A 3 6.55 -59.91 -5.42
N SER A 4 5.97 -59.57 -6.57
CA SER A 4 6.73 -58.98 -7.66
C SER A 4 6.30 -57.54 -7.90
N HIS A 5 7.27 -56.67 -8.21
CA HIS A 5 7.00 -55.27 -8.45
C HIS A 5 7.67 -54.80 -9.74
N HIS A 6 7.00 -53.90 -10.45
CA HIS A 6 7.53 -53.37 -11.71
C HIS A 6 7.95 -51.92 -11.56
N HIS A 7 8.54 -51.36 -12.61
CA HIS A 7 8.99 -49.97 -12.59
C HIS A 7 9.20 -49.44 -14.00
N HIS A 8 8.35 -48.52 -14.42
CA HIS A 8 8.44 -47.94 -15.76
C HIS A 8 8.81 -46.46 -15.69
N HIS A 9 8.33 -45.78 -14.65
CA HIS A 9 8.62 -44.36 -14.46
C HIS A 9 10.11 -44.11 -14.41
N HIS A 10 10.50 -42.84 -14.35
CA HIS A 10 11.91 -42.46 -14.30
C HIS A 10 12.39 -42.37 -12.85
N ILE A 11 13.71 -42.29 -12.69
CA ILE A 11 14.29 -42.20 -11.35
C ILE A 11 14.48 -40.74 -10.94
N GLU A 12 14.23 -40.45 -9.67
CA GLU A 12 14.38 -39.10 -9.15
C GLU A 12 15.76 -38.53 -9.48
N GLY A 13 15.87 -37.20 -9.44
CA GLY A 13 17.13 -36.56 -9.75
C GLY A 13 17.09 -35.77 -11.05
N ARG A 14 15.93 -35.18 -11.34
CA ARG A 14 15.76 -34.40 -12.56
C ARG A 14 15.66 -32.91 -12.23
N GLU A 15 15.68 -32.08 -13.27
CA GLU A 15 15.58 -30.64 -13.11
C GLU A 15 14.29 -30.26 -12.38
N GLU A 16 14.23 -29.02 -11.90
CA GLU A 16 13.06 -28.52 -11.19
C GLU A 16 12.21 -27.64 -12.09
N ALA A 17 11.04 -27.25 -11.60
CA ALA A 17 10.13 -26.40 -12.36
C ALA A 17 10.44 -24.93 -12.14
N SER A 18 9.61 -24.06 -12.72
CA SER A 18 9.80 -22.62 -12.59
C SER A 18 8.46 -21.91 -12.52
N SER A 19 8.46 -20.73 -11.89
CA SER A 19 7.23 -19.94 -11.75
C SER A 19 6.20 -20.69 -10.91
N MET A 20 6.62 -21.14 -9.73
CA MET A 20 5.74 -21.87 -8.83
C MET A 20 5.22 -20.96 -7.72
N GLU A 21 4.11 -21.35 -7.10
CA GLU A 21 3.52 -20.57 -6.02
C GLU A 21 4.46 -20.51 -4.82
N ARG A 22 5.44 -21.42 -4.78
CA ARG A 22 6.40 -21.46 -3.70
C ARG A 22 7.55 -20.48 -3.94
N ASN A 23 7.46 -19.74 -5.04
CA ASN A 23 8.49 -18.76 -5.40
C ASN A 23 8.36 -17.50 -4.55
N PHE A 24 7.28 -17.43 -3.78
CA PHE A 24 7.03 -16.28 -2.91
C PHE A 24 8.25 -15.97 -2.05
N ASN A 25 8.59 -14.70 -1.94
CA ASN A 25 9.74 -14.27 -1.14
C ASN A 25 9.51 -12.88 -0.56
N VAL A 26 9.49 -12.80 0.76
CA VAL A 26 9.28 -11.53 1.45
C VAL A 26 10.48 -10.61 1.28
N GLU A 27 11.65 -11.21 1.06
CA GLU A 27 12.88 -10.44 0.88
C GLU A 27 12.73 -9.44 -0.26
N LYS A 28 11.87 -9.76 -1.22
CA LYS A 28 11.64 -8.88 -2.36
C LYS A 28 11.09 -7.53 -1.90
N ILE A 29 10.00 -7.57 -1.13
CA ILE A 29 9.39 -6.34 -0.63
C ILE A 29 10.20 -5.75 0.51
N ASN A 30 10.89 -6.62 1.26
CA ASN A 30 11.70 -6.18 2.39
C ASN A 30 12.76 -5.18 1.94
N GLY A 31 12.48 -3.90 2.15
CA GLY A 31 13.42 -2.87 1.75
C GLY A 31 12.79 -1.49 1.75
N GLU A 32 12.58 -0.93 0.56
CA GLU A 32 11.98 0.39 0.43
C GLU A 32 11.00 0.43 -0.75
N TRP A 33 10.17 1.46 -0.78
CA TRP A 33 9.19 1.62 -1.85
C TRP A 33 9.02 3.08 -2.22
N TYR A 34 8.11 3.36 -3.15
CA TYR A 34 7.85 4.71 -3.60
C TYR A 34 6.37 4.93 -3.88
N THR A 35 5.91 6.16 -3.68
CA THR A 35 4.51 6.49 -3.90
C THR A 35 4.22 6.68 -5.38
N ILE A 36 3.08 6.16 -5.83
CA ILE A 36 2.68 6.27 -7.23
C ILE A 36 1.43 7.12 -7.39
N MET A 37 0.35 6.69 -6.76
CA MET A 37 -0.92 7.41 -6.83
C MET A 37 -1.70 7.26 -5.52
N LEU A 38 -2.51 8.27 -5.20
CA LEU A 38 -3.32 8.25 -3.99
C LEU A 38 -4.80 8.29 -4.32
N ALA A 39 -5.50 7.20 -4.02
CA ALA A 39 -6.93 7.12 -4.29
C ALA A 39 -7.72 6.97 -2.99
N THR A 40 -9.00 7.33 -3.03
CA THR A 40 -9.86 7.25 -1.86
C THR A 40 -11.26 7.76 -2.16
N ASP A 41 -12.27 7.05 -1.65
CA ASP A 41 -13.66 7.43 -1.87
C ASP A 41 -13.88 8.90 -1.51
N LYS A 42 -13.11 9.39 -0.55
CA LYS A 42 -13.21 10.78 -0.11
C LYS A 42 -11.93 11.54 -0.38
N ARG A 43 -11.86 12.21 -1.53
CA ARG A 43 -10.69 12.98 -1.90
C ARG A 43 -10.36 14.02 -0.84
N GLU A 44 -11.37 14.42 -0.07
CA GLU A 44 -11.19 15.42 0.98
C GLU A 44 -10.28 14.88 2.08
N LYS A 45 -10.21 13.56 2.20
CA LYS A 45 -9.37 12.92 3.21
C LYS A 45 -7.90 13.05 2.84
N ILE A 46 -7.61 13.10 1.54
CA ILE A 46 -6.23 13.23 1.07
C ILE A 46 -5.91 14.66 0.69
N GLU A 47 -6.95 15.46 0.48
CA GLU A 47 -6.77 16.86 0.11
C GLU A 47 -6.19 17.67 1.27
N GLU A 48 -5.99 18.96 1.04
CA GLU A 48 -5.44 19.83 2.07
C GLU A 48 -6.34 19.85 3.31
N HIS A 49 -7.60 19.47 3.13
CA HIS A 49 -8.56 19.44 4.23
C HIS A 49 -8.63 18.05 4.84
N GLY A 50 -7.59 17.25 4.62
CA GLY A 50 -7.55 15.91 5.16
C GLY A 50 -6.24 15.59 5.86
N SER A 51 -6.33 15.00 7.04
CA SER A 51 -5.14 14.64 7.81
C SER A 51 -4.72 13.21 7.55
N MET A 52 -5.15 12.67 6.41
CA MET A 52 -4.82 11.30 6.04
C MET A 52 -3.97 11.27 4.77
N ARG A 53 -3.25 12.37 4.52
CA ARG A 53 -2.40 12.47 3.34
C ARG A 53 -0.98 12.00 3.66
N VAL A 54 -0.88 10.86 4.34
CA VAL A 54 0.42 10.30 4.70
C VAL A 54 0.80 9.15 3.78
N PHE A 55 2.09 9.02 3.50
CA PHE A 55 2.58 7.97 2.63
C PHE A 55 3.83 7.32 3.21
N VAL A 56 4.03 6.04 2.93
CA VAL A 56 5.19 5.31 3.42
C VAL A 56 6.37 5.45 2.49
N GLU A 57 7.58 5.49 3.05
CA GLU A 57 8.79 5.63 2.26
C GLU A 57 9.49 4.27 2.10
N TYR A 58 9.26 3.38 3.05
CA TYR A 58 9.87 2.06 3.02
C TYR A 58 9.04 1.06 3.83
N ILE A 59 9.20 -0.22 3.52
CA ILE A 59 8.47 -1.28 4.21
C ILE A 59 9.44 -2.25 4.88
N HIS A 60 9.22 -2.50 6.17
CA HIS A 60 10.07 -3.42 6.92
C HIS A 60 9.28 -4.65 7.35
N VAL A 61 9.82 -5.83 7.04
CA VAL A 61 9.17 -7.08 7.40
C VAL A 61 9.79 -7.70 8.64
N LEU A 62 8.96 -8.05 9.60
CA LEU A 62 9.43 -8.65 10.85
C LEU A 62 9.03 -10.12 10.94
N GLU A 63 9.34 -10.75 12.06
CA GLU A 63 9.00 -12.15 12.28
C GLU A 63 7.55 -12.30 12.71
N ASN A 64 7.05 -11.32 13.45
CA ASN A 64 5.68 -11.34 13.94
C ASN A 64 5.02 -9.97 13.79
N SER A 65 5.44 -9.23 12.77
CA SER A 65 4.89 -7.90 12.52
C SER A 65 5.56 -7.26 11.30
N LEU A 66 5.20 -6.01 11.03
CA LEU A 66 5.76 -5.29 9.89
C LEU A 66 5.96 -3.82 10.23
N ALA A 67 7.21 -3.38 10.24
CA ALA A 67 7.54 -1.99 10.54
C ALA A 67 7.35 -1.10 9.31
N LEU A 68 6.87 0.11 9.54
CA LEU A 68 6.65 1.06 8.44
C LEU A 68 6.92 2.49 8.91
N LYS A 69 7.15 3.37 7.94
CA LYS A 69 7.43 4.78 8.24
C LYS A 69 6.67 5.69 7.30
N PHE A 70 5.68 6.40 7.83
CA PHE A 70 4.87 7.32 7.04
C PHE A 70 5.22 8.77 7.36
N HIS A 71 4.99 9.65 6.38
CA HIS A 71 5.28 11.07 6.56
C HIS A 71 4.03 11.91 6.34
N ILE A 72 3.82 12.90 7.20
CA ILE A 72 2.67 13.78 7.10
C ILE A 72 3.10 15.22 6.86
N ILE A 73 2.40 15.90 5.94
CA ILE A 73 2.70 17.29 5.63
C ILE A 73 1.95 18.24 6.56
N ILE A 74 2.67 18.78 7.55
CA ILE A 74 2.07 19.70 8.50
C ILE A 74 2.62 21.12 8.30
N ASN A 75 1.72 22.06 8.06
CA ASN A 75 2.11 23.45 7.86
C ASN A 75 3.19 23.56 6.78
N GLU A 76 2.96 22.91 5.64
CA GLU A 76 3.91 22.94 4.54
C GLU A 76 5.28 22.42 4.99
N GLU A 77 5.27 21.54 5.98
CA GLU A 77 6.51 20.97 6.50
C GLU A 77 6.38 19.47 6.71
N CYS A 78 7.14 18.69 5.94
CA CYS A 78 7.10 17.25 6.04
C CYS A 78 7.59 16.78 7.41
N SER A 79 7.37 15.51 7.72
CA SER A 79 7.79 14.94 9.00
C SER A 79 8.02 13.44 8.88
N GLU A 80 8.20 12.78 10.03
CA GLU A 80 8.44 11.35 10.05
C GLU A 80 7.58 10.68 11.11
N ILE A 81 7.05 9.49 10.80
CA ILE A 81 6.22 8.75 11.72
C ILE A 81 6.61 7.28 11.76
N PHE A 82 7.14 6.84 12.89
CA PHE A 82 7.55 5.45 13.05
C PHE A 82 6.44 4.61 13.68
N LEU A 83 6.07 3.52 13.02
CA LEU A 83 5.01 2.65 13.51
C LEU A 83 5.18 1.23 12.95
N VAL A 84 4.58 0.26 13.63
CA VAL A 84 4.64 -1.13 13.20
C VAL A 84 3.31 -1.83 13.38
N ALA A 85 2.87 -2.53 12.33
CA ALA A 85 1.61 -3.25 12.38
C ALA A 85 1.82 -4.75 12.60
N ASP A 86 0.99 -5.34 13.45
CA ASP A 86 1.10 -6.76 13.75
C ASP A 86 -0.06 -7.54 13.13
N LYS A 87 0.06 -8.86 13.12
CA LYS A 87 -0.98 -9.72 12.56
C LYS A 87 -2.30 -9.54 13.32
N THR A 88 -3.39 -9.99 12.70
CA THR A 88 -4.70 -9.88 13.31
C THR A 88 -5.37 -11.25 13.43
N GLU A 89 -6.60 -11.26 13.93
CA GLU A 89 -7.34 -12.51 14.11
C GLU A 89 -7.52 -13.21 12.76
N LYS A 90 -7.53 -12.44 11.69
CA LYS A 90 -7.70 -12.98 10.35
C LYS A 90 -6.36 -13.04 9.61
N ALA A 91 -6.10 -14.16 8.93
CA ALA A 91 -4.87 -14.34 8.18
C ALA A 91 -4.83 -13.43 6.96
N GLY A 92 -3.77 -12.64 6.84
CA GLY A 92 -3.65 -11.74 5.70
C GLY A 92 -3.98 -10.31 6.06
N GLU A 93 -4.70 -10.12 7.17
CA GLU A 93 -5.09 -8.79 7.62
C GLU A 93 -4.16 -8.30 8.72
N TYR A 94 -3.96 -6.99 8.76
CA TYR A 94 -3.09 -6.39 9.78
C TYR A 94 -3.81 -5.23 10.49
N SER A 95 -3.43 -5.02 11.75
CA SER A 95 -4.03 -3.96 12.55
C SER A 95 -2.97 -3.00 13.07
N VAL A 96 -3.26 -1.71 12.98
CA VAL A 96 -2.32 -0.68 13.45
C VAL A 96 -3.07 0.52 14.02
N THR A 97 -2.42 1.21 14.96
CA THR A 97 -3.02 2.37 15.59
C THR A 97 -2.57 3.66 14.91
N TYR A 98 -3.53 4.53 14.62
CA TYR A 98 -3.22 5.80 13.95
C TYR A 98 -4.46 6.68 13.87
N ASP A 99 -4.57 7.64 14.78
CA ASP A 99 -5.71 8.55 14.79
C ASP A 99 -7.01 7.78 14.94
N GLY A 100 -6.94 6.60 15.56
CA GLY A 100 -8.12 5.78 15.75
C GLY A 100 -7.88 4.32 15.46
N SER A 101 -8.70 3.75 14.59
CA SER A 101 -8.56 2.34 14.22
C SER A 101 -8.26 2.19 12.73
N ASN A 102 -7.31 1.33 12.41
CA ASN A 102 -6.91 1.10 11.02
C ASN A 102 -6.58 -0.37 10.79
N THR A 103 -7.03 -0.90 9.66
CA THR A 103 -6.77 -2.30 9.32
C THR A 103 -6.69 -2.49 7.81
N PHE A 104 -5.58 -3.05 7.34
CA PHE A 104 -5.38 -3.29 5.91
C PHE A 104 -5.19 -4.77 5.63
N THR A 105 -5.20 -5.14 4.35
CA THR A 105 -5.02 -6.53 3.96
C THR A 105 -4.41 -6.62 2.56
N ILE A 106 -3.72 -7.73 2.30
CA ILE A 106 -3.08 -7.94 1.00
C ILE A 106 -3.97 -8.77 0.09
N LEU A 107 -4.56 -8.12 -0.91
CA LEU A 107 -5.43 -8.81 -1.85
C LEU A 107 -4.70 -9.12 -3.15
N LYS A 108 -3.71 -8.29 -3.47
CA LYS A 108 -2.92 -8.48 -4.69
C LYS A 108 -1.71 -7.54 -4.71
N THR A 109 -0.52 -8.10 -4.91
CA THR A 109 0.70 -7.32 -4.94
C THR A 109 1.84 -8.11 -5.58
N ASP A 110 2.43 -7.53 -6.62
CA ASP A 110 3.55 -8.19 -7.31
C ASP A 110 4.82 -7.36 -7.18
N TYR A 111 5.96 -8.05 -7.05
CA TYR A 111 7.25 -7.39 -6.91
C TYR A 111 7.73 -6.87 -8.27
N ASP A 112 7.02 -7.24 -9.33
CA ASP A 112 7.39 -6.81 -10.67
C ASP A 112 6.44 -5.72 -11.16
N ASN A 113 5.29 -5.60 -10.52
CA ASN A 113 4.30 -4.60 -10.89
C ASN A 113 4.16 -3.55 -9.81
N TYR A 114 3.30 -3.83 -8.83
CA TYR A 114 3.07 -2.90 -7.73
C TYR A 114 2.42 -3.62 -6.54
N ILE A 115 2.24 -2.89 -5.44
CA ILE A 115 1.65 -3.46 -4.24
C ILE A 115 0.41 -2.67 -3.82
N MET A 116 -0.73 -3.36 -3.75
CA MET A 116 -1.99 -2.72 -3.37
C MET A 116 -2.27 -2.97 -1.89
N ILE A 117 -2.90 -1.98 -1.25
CA ILE A 117 -3.23 -2.07 0.17
C ILE A 117 -4.51 -1.31 0.48
N HIS A 118 -5.56 -2.03 0.85
CA HIS A 118 -6.84 -1.42 1.18
C HIS A 118 -6.89 -1.04 2.66
N LEU A 119 -6.74 0.25 2.95
CA LEU A 119 -6.77 0.74 4.32
C LEU A 119 -8.08 1.47 4.60
N ILE A 120 -8.78 1.02 5.63
CA ILE A 120 -10.05 1.63 6.02
C ILE A 120 -9.96 2.26 7.41
N ASN A 121 -10.27 3.54 7.48
CA ASN A 121 -10.23 4.28 8.75
C ASN A 121 -11.63 4.67 9.19
N LYS A 122 -11.79 4.90 10.49
CA LYS A 122 -13.08 5.29 11.06
C LYS A 122 -12.90 6.34 12.15
N LYS A 123 -13.73 7.37 12.10
CA LYS A 123 -13.66 8.44 13.08
C LYS A 123 -14.91 9.33 13.00
N ASP A 124 -15.37 9.81 14.16
CA ASP A 124 -16.54 10.67 14.22
C ASP A 124 -17.76 9.96 13.62
N GLY A 125 -17.89 8.67 13.91
CA GLY A 125 -19.02 7.91 13.40
C GLY A 125 -19.03 7.86 11.88
N GLU A 126 -17.91 8.20 11.27
CA GLU A 126 -17.80 8.19 9.82
C GLU A 126 -16.59 7.37 9.36
N THR A 127 -16.83 6.40 8.49
CA THR A 127 -15.77 5.55 7.98
C THR A 127 -15.65 5.67 6.47
N PHE A 128 -14.42 5.81 5.98
CA PHE A 128 -14.17 5.92 4.55
C PHE A 128 -13.16 4.88 4.08
N GLN A 129 -12.99 4.78 2.78
CA GLN A 129 -12.05 3.82 2.20
C GLN A 129 -10.80 4.52 1.67
N LEU A 130 -9.66 3.88 1.84
CA LEU A 130 -8.38 4.45 1.40
C LEU A 130 -7.58 3.41 0.62
N MET A 131 -6.83 3.87 -0.38
CA MET A 131 -6.00 2.99 -1.19
C MET A 131 -4.61 3.58 -1.38
N GLU A 132 -3.60 2.71 -1.32
CA GLU A 132 -2.22 3.15 -1.48
C GLU A 132 -1.46 2.21 -2.42
N LEU A 133 -0.85 2.78 -3.45
CA LEU A 133 -0.09 2.00 -4.42
C LEU A 133 1.39 2.38 -4.39
N TYR A 134 2.25 1.38 -4.55
CA TYR A 134 3.69 1.62 -4.55
C TYR A 134 4.39 0.73 -5.58
N GLY A 135 5.55 1.18 -6.06
CA GLY A 135 6.29 0.43 -7.04
C GLY A 135 7.78 0.65 -6.93
N ARG A 136 8.56 -0.23 -7.57
CA ARG A 136 10.01 -0.13 -7.53
C ARG A 136 10.47 1.28 -7.94
N GLU A 137 9.68 1.92 -8.80
CA GLU A 137 10.00 3.26 -9.28
C GLU A 137 8.86 4.22 -8.99
N PRO A 138 9.17 5.52 -9.00
CA PRO A 138 8.17 6.59 -8.75
C PRO A 138 7.17 6.72 -9.88
N ASP A 139 7.43 6.00 -10.98
CA ASP A 139 6.53 6.04 -12.13
C ASP A 139 6.36 4.65 -12.73
N LEU A 140 5.15 4.37 -13.20
CA LEU A 140 4.85 3.07 -13.80
C LEU A 140 4.31 3.23 -15.22
N SER A 141 3.98 2.10 -15.85
CA SER A 141 3.46 2.12 -17.22
C SER A 141 2.02 2.65 -17.25
N SER A 142 1.58 3.05 -18.43
CA SER A 142 0.23 3.58 -18.60
C SER A 142 -0.81 2.49 -18.35
N ASP A 143 -0.59 1.32 -18.94
CA ASP A 143 -1.51 0.20 -18.79
C ASP A 143 -1.72 -0.13 -17.32
N ILE A 144 -0.69 0.09 -16.52
CA ILE A 144 -0.77 -0.18 -15.08
C ILE A 144 -1.88 0.63 -14.43
N LYS A 145 -2.04 1.87 -14.88
CA LYS A 145 -3.07 2.76 -14.34
C LYS A 145 -4.46 2.16 -14.56
N GLU A 146 -4.70 1.64 -15.75
CA GLU A 146 -5.99 1.04 -16.08
C GLU A 146 -6.13 -0.33 -15.45
N LYS A 147 -5.00 -1.01 -15.27
CA LYS A 147 -5.00 -2.34 -14.68
C LYS A 147 -5.26 -2.27 -13.18
N PHE A 148 -4.70 -1.26 -12.53
CA PHE A 148 -4.88 -1.07 -11.10
C PHE A 148 -6.22 -0.41 -10.80
N ALA A 149 -6.63 0.50 -11.67
CA ALA A 149 -7.90 1.20 -11.50
C ALA A 149 -9.07 0.23 -11.40
N GLN A 150 -8.91 -0.95 -12.01
CA GLN A 150 -9.94 -1.97 -11.97
C GLN A 150 -10.37 -2.27 -10.55
N LEU A 151 -9.41 -2.25 -9.63
CA LEU A 151 -9.70 -2.51 -8.22
C LEU A 151 -10.32 -1.30 -7.55
N SER A 152 -9.94 -0.11 -8.01
CA SER A 152 -10.46 1.13 -7.46
C SER A 152 -11.99 1.16 -7.53
N GLU A 153 -12.53 0.68 -8.65
CA GLU A 153 -13.97 0.66 -8.84
C GLU A 153 -14.64 -0.30 -7.86
N GLU A 154 -13.91 -1.35 -7.48
CA GLU A 154 -14.44 -2.35 -6.55
C GLU A 154 -14.81 -1.70 -5.23
N HIS A 155 -13.99 -0.75 -4.79
CA HIS A 155 -14.24 -0.05 -3.53
C HIS A 155 -15.09 1.21 -3.77
N GLY A 156 -15.64 1.33 -4.96
CA GLY A 156 -16.46 2.48 -5.29
C GLY A 156 -15.65 3.74 -5.46
N ILE A 157 -14.45 3.60 -6.02
CA ILE A 157 -13.57 4.74 -6.23
C ILE A 157 -13.44 5.07 -7.72
N VAL A 158 -14.17 6.10 -8.16
CA VAL A 158 -14.13 6.52 -9.55
C VAL A 158 -12.76 7.08 -9.93
N ARG A 159 -12.41 6.95 -11.20
CA ARG A 159 -11.13 7.44 -11.69
C ARG A 159 -10.93 8.92 -11.33
N GLU A 160 -12.05 9.64 -11.19
CA GLU A 160 -12.00 11.06 -10.84
C GLU A 160 -11.28 11.27 -9.51
N ASN A 161 -11.31 10.24 -8.67
CA ASN A 161 -10.67 10.31 -7.36
C ASN A 161 -9.20 9.89 -7.46
N ILE A 162 -8.86 9.14 -8.49
CA ILE A 162 -7.50 8.68 -8.70
C ILE A 162 -6.68 9.71 -9.47
N ILE A 163 -5.72 10.32 -8.80
CA ILE A 163 -4.86 11.33 -9.43
C ILE A 163 -3.40 11.08 -9.09
N ASP A 164 -2.54 11.19 -10.10
CA ASP A 164 -1.11 10.98 -9.91
C ASP A 164 -0.54 12.01 -8.94
N LEU A 165 0.37 11.56 -8.07
CA LEU A 165 0.99 12.44 -7.09
C LEU A 165 2.39 12.84 -7.53
N THR A 166 2.73 12.52 -8.77
CA THR A 166 4.04 12.85 -9.32
C THR A 166 4.33 14.34 -9.20
N ASN A 167 3.28 15.15 -9.25
CA ASN A 167 3.43 16.60 -9.15
C ASN A 167 2.87 17.10 -7.82
N ALA A 168 2.83 16.22 -6.83
CA ALA A 168 2.32 16.58 -5.51
C ALA A 168 3.47 16.76 -4.51
N ASN A 169 3.12 16.86 -3.24
CA ASN A 169 4.13 17.04 -2.19
C ASN A 169 4.73 15.70 -1.77
N ARG A 170 5.27 14.97 -2.75
CA ARG A 170 5.87 13.68 -2.48
C ARG A 170 6.89 13.77 -1.35
N CYS A 171 7.75 14.79 -1.42
CA CYS A 171 8.78 14.99 -0.40
C CYS A 171 9.75 13.81 -0.36
N LEU A 172 9.88 13.13 -1.50
CA LEU A 172 10.78 11.98 -1.61
C LEU A 172 12.21 12.38 -1.24
N GLU A 173 12.53 13.65 -1.43
CA GLU A 173 13.86 14.15 -1.12
C GLU A 173 14.04 14.33 0.39
N ALA A 174 12.93 14.45 1.10
CA ALA A 174 12.97 14.62 2.55
C ALA A 174 12.42 13.38 3.26
N ARG A 175 12.49 12.24 2.59
CA ARG A 175 12.00 10.98 3.15
C ARG A 175 12.95 10.46 4.23
N GLU A 176 14.24 10.74 4.06
CA GLU A 176 15.24 10.29 5.02
C GLU A 176 15.06 11.00 6.37
N MET A 1 33.14 15.14 -47.42
CA MET A 1 32.25 15.61 -48.47
C MET A 1 30.89 14.94 -48.37
N GLY A 2 29.84 15.75 -48.23
CA GLY A 2 28.50 15.21 -48.12
C GLY A 2 28.04 15.05 -46.68
N SER A 3 26.74 15.15 -46.46
CA SER A 3 26.17 15.02 -45.13
C SER A 3 24.99 14.07 -45.12
N SER A 4 25.12 12.96 -44.38
CA SER A 4 24.06 11.97 -44.30
C SER A 4 23.90 11.46 -42.86
N HIS A 5 22.67 11.12 -42.49
CA HIS A 5 22.40 10.62 -41.16
C HIS A 5 21.15 9.74 -41.16
N HIS A 6 20.99 8.95 -40.09
CA HIS A 6 19.84 8.07 -39.97
C HIS A 6 19.21 8.17 -38.58
N HIS A 7 17.89 8.36 -38.55
CA HIS A 7 17.17 8.48 -37.28
C HIS A 7 17.32 7.21 -36.45
N HIS A 8 17.19 7.36 -35.14
CA HIS A 8 17.32 6.23 -34.22
C HIS A 8 15.94 5.67 -33.86
N HIS A 9 15.70 4.42 -34.25
CA HIS A 9 14.43 3.77 -33.95
C HIS A 9 14.64 2.31 -33.56
N HIS A 10 13.79 1.82 -32.66
CA HIS A 10 13.89 0.44 -32.19
C HIS A 10 12.55 -0.26 -32.32
N ILE A 11 12.58 -1.51 -32.80
CA ILE A 11 11.36 -2.30 -32.97
C ILE A 11 11.01 -3.04 -31.69
N GLU A 12 9.72 -3.07 -31.35
CA GLU A 12 9.24 -3.74 -30.16
C GLU A 12 9.11 -5.25 -30.40
N GLY A 13 8.65 -5.96 -29.38
CA GLY A 13 8.48 -7.41 -29.50
C GLY A 13 9.46 -8.17 -28.63
N ARG A 14 9.75 -7.64 -27.45
CA ARG A 14 10.67 -8.29 -26.53
C ARG A 14 9.95 -9.32 -25.67
N GLU A 15 10.48 -10.54 -25.67
CA GLU A 15 9.89 -11.63 -24.89
C GLU A 15 9.71 -11.22 -23.44
N GLU A 16 8.75 -11.86 -22.75
CA GLU A 16 8.48 -11.57 -21.35
C GLU A 16 8.86 -12.75 -20.47
N ALA A 17 9.16 -12.46 -19.21
CA ALA A 17 9.52 -13.49 -18.25
C ALA A 17 8.32 -13.98 -17.46
N SER A 18 8.12 -15.29 -17.44
CA SER A 18 6.99 -15.89 -16.72
C SER A 18 7.31 -16.03 -15.24
N SER A 19 6.29 -15.82 -14.41
CA SER A 19 6.45 -15.93 -12.96
C SER A 19 5.44 -16.90 -12.37
N MET A 20 5.81 -17.53 -11.25
CA MET A 20 4.94 -18.48 -10.58
C MET A 20 4.50 -17.96 -9.22
N GLU A 21 3.48 -18.58 -8.65
CA GLU A 21 2.97 -18.18 -7.33
C GLU A 21 3.72 -18.89 -6.22
N ARG A 22 4.45 -19.94 -6.58
CA ARG A 22 5.23 -20.71 -5.61
C ARG A 22 6.57 -20.04 -5.32
N ASN A 23 6.80 -18.90 -5.97
CA ASN A 23 8.05 -18.17 -5.78
C ASN A 23 7.88 -17.06 -4.73
N PHE A 24 6.96 -17.28 -3.80
CA PHE A 24 6.71 -16.31 -2.75
C PHE A 24 7.97 -16.04 -1.92
N ASN A 25 8.37 -14.78 -1.88
CA ASN A 25 9.56 -14.38 -1.13
C ASN A 25 9.41 -12.99 -0.53
N VAL A 26 9.39 -12.92 0.78
CA VAL A 26 9.24 -11.64 1.48
C VAL A 26 10.50 -10.78 1.31
N GLU A 27 11.64 -11.44 1.14
CA GLU A 27 12.90 -10.73 0.97
C GLU A 27 12.83 -9.73 -0.18
N LYS A 28 11.94 -10.02 -1.14
CA LYS A 28 11.77 -9.15 -2.30
C LYS A 28 11.23 -7.79 -1.88
N ILE A 29 10.11 -7.79 -1.15
CA ILE A 29 9.50 -6.56 -0.69
C ILE A 29 10.31 -5.92 0.43
N ASN A 30 11.00 -6.76 1.20
CA ASN A 30 11.82 -6.28 2.30
C ASN A 30 12.82 -5.24 1.83
N GLY A 31 12.52 -3.97 2.07
CA GLY A 31 13.41 -2.90 1.66
C GLY A 31 12.73 -1.54 1.68
N GLU A 32 12.50 -0.98 0.50
CA GLU A 32 11.85 0.33 0.39
C GLU A 32 10.88 0.35 -0.79
N TRP A 33 10.05 1.38 -0.83
CA TRP A 33 9.07 1.53 -1.90
C TRP A 33 8.92 2.99 -2.31
N TYR A 34 8.00 3.25 -3.24
CA TYR A 34 7.76 4.60 -3.71
C TYR A 34 6.27 4.84 -3.97
N THR A 35 5.82 6.08 -3.77
CA THR A 35 4.42 6.43 -4.00
C THR A 35 4.14 6.64 -5.48
N ILE A 36 3.09 5.98 -5.97
CA ILE A 36 2.72 6.10 -7.37
C ILE A 36 1.49 7.00 -7.53
N MET A 37 0.38 6.61 -6.91
CA MET A 37 -0.85 7.38 -6.98
C MET A 37 -1.66 7.22 -5.71
N LEU A 38 -2.45 8.24 -5.38
CA LEU A 38 -3.29 8.21 -4.18
C LEU A 38 -4.77 8.17 -4.55
N ALA A 39 -5.44 7.09 -4.16
CA ALA A 39 -6.86 6.93 -4.44
C ALA A 39 -7.66 6.76 -3.16
N THR A 40 -8.92 7.15 -3.20
CA THR A 40 -9.81 7.04 -2.04
C THR A 40 -11.19 7.59 -2.34
N ASP A 41 -12.21 6.88 -1.88
CA ASP A 41 -13.59 7.29 -2.11
C ASP A 41 -13.80 8.74 -1.67
N LYS A 42 -13.03 9.17 -0.67
CA LYS A 42 -13.13 10.53 -0.16
C LYS A 42 -11.97 11.39 -0.66
N ARG A 43 -12.18 12.08 -1.78
CA ARG A 43 -11.15 12.93 -2.36
C ARG A 43 -10.84 14.11 -1.44
N GLU A 44 -11.84 14.55 -0.68
CA GLU A 44 -11.68 15.66 0.24
C GLU A 44 -10.71 15.31 1.37
N LYS A 45 -10.57 14.01 1.62
CA LYS A 45 -9.68 13.54 2.67
C LYS A 45 -8.22 13.64 2.23
N ILE A 46 -7.97 13.35 0.97
CA ILE A 46 -6.61 13.42 0.43
C ILE A 46 -6.37 14.75 -0.27
N GLU A 47 -7.21 15.74 0.03
CA GLU A 47 -7.08 17.06 -0.56
C GLU A 47 -5.87 17.80 0.01
N GLU A 48 -5.52 18.92 -0.64
CA GLU A 48 -4.38 19.71 -0.19
C GLU A 48 -4.55 20.15 1.26
N HIS A 49 -5.80 20.20 1.72
CA HIS A 49 -6.10 20.59 3.09
C HIS A 49 -6.55 19.39 3.91
N GLY A 50 -6.19 18.20 3.45
CA GLY A 50 -6.57 16.98 4.16
C GLY A 50 -5.50 16.52 5.14
N SER A 51 -5.77 15.45 5.84
CA SER A 51 -4.83 14.90 6.82
C SER A 51 -4.64 13.41 6.62
N MET A 52 -5.11 12.90 5.48
CA MET A 52 -4.99 11.49 5.16
C MET A 52 -4.11 11.27 3.94
N ARG A 53 -3.22 12.23 3.68
CA ARG A 53 -2.33 12.15 2.53
C ARG A 53 -0.97 11.57 2.94
N VAL A 54 -0.97 10.79 4.02
CA VAL A 54 0.26 10.18 4.51
C VAL A 54 0.67 9.01 3.63
N PHE A 55 1.97 8.89 3.39
CA PHE A 55 2.50 7.81 2.56
C PHE A 55 3.75 7.22 3.18
N VAL A 56 3.97 5.92 2.95
CA VAL A 56 5.14 5.23 3.49
C VAL A 56 6.36 5.44 2.60
N GLU A 57 7.51 5.67 3.22
CA GLU A 57 8.75 5.87 2.48
C GLU A 57 9.54 4.58 2.36
N TYR A 58 9.26 3.64 3.27
CA TYR A 58 9.95 2.35 3.26
C TYR A 58 9.16 1.31 4.05
N ILE A 59 9.17 0.08 3.56
CA ILE A 59 8.46 -1.01 4.22
C ILE A 59 9.43 -2.01 4.83
N HIS A 60 9.18 -2.39 6.08
CA HIS A 60 10.03 -3.34 6.78
C HIS A 60 9.25 -4.60 7.15
N VAL A 61 9.88 -5.75 6.97
CA VAL A 61 9.24 -7.02 7.29
C VAL A 61 9.75 -7.58 8.61
N LEU A 62 8.82 -7.94 9.50
CA LEU A 62 9.18 -8.49 10.80
C LEU A 62 8.85 -9.98 10.88
N GLU A 63 9.09 -10.57 12.04
CA GLU A 63 8.82 -11.99 12.24
C GLU A 63 7.33 -12.24 12.46
N ASN A 64 6.69 -11.31 13.17
CA ASN A 64 5.26 -11.43 13.45
C ASN A 64 4.56 -10.08 13.28
N SER A 65 5.07 -9.28 12.35
CA SER A 65 4.49 -7.97 12.08
C SER A 65 5.18 -7.31 10.89
N LEU A 66 4.90 -6.02 10.69
CA LEU A 66 5.50 -5.26 9.60
C LEU A 66 5.68 -3.81 9.98
N ALA A 67 6.95 -3.37 10.07
CA ALA A 67 7.26 -2.00 10.43
C ALA A 67 7.16 -1.08 9.21
N LEU A 68 6.63 0.11 9.41
CA LEU A 68 6.49 1.08 8.34
C LEU A 68 6.71 2.50 8.83
N LYS A 69 7.03 3.40 7.92
CA LYS A 69 7.27 4.80 8.27
C LYS A 69 6.53 5.74 7.32
N PHE A 70 5.49 6.40 7.84
CA PHE A 70 4.70 7.32 7.02
C PHE A 70 5.04 8.77 7.37
N HIS A 71 4.57 9.69 6.54
CA HIS A 71 4.82 11.11 6.75
C HIS A 71 3.52 11.91 6.72
N ILE A 72 3.59 13.17 7.11
CA ILE A 72 2.43 14.04 7.13
C ILE A 72 2.82 15.51 6.98
N ILE A 73 2.00 16.27 6.28
CA ILE A 73 2.26 17.69 6.07
C ILE A 73 1.87 18.51 7.29
N ILE A 74 2.85 18.88 8.10
CA ILE A 74 2.61 19.67 9.29
C ILE A 74 3.25 21.05 9.18
N ASN A 75 2.42 22.09 9.22
CA ASN A 75 2.91 23.45 9.13
C ASN A 75 3.77 23.64 7.88
N GLU A 76 3.25 23.21 6.73
CA GLU A 76 3.97 23.33 5.48
C GLU A 76 5.33 22.66 5.56
N GLU A 77 5.41 21.62 6.38
CA GLU A 77 6.67 20.89 6.57
C GLU A 77 6.40 19.41 6.83
N CYS A 78 7.09 18.54 6.10
CA CYS A 78 6.93 17.11 6.25
C CYS A 78 7.21 16.68 7.68
N SER A 79 7.04 15.38 7.95
CA SER A 79 7.26 14.85 9.29
C SER A 79 7.71 13.39 9.22
N GLU A 80 7.86 12.76 10.39
CA GLU A 80 8.28 11.37 10.46
C GLU A 80 7.42 10.59 11.45
N ILE A 81 6.73 9.57 10.94
CA ILE A 81 5.87 8.75 11.78
C ILE A 81 6.30 7.28 11.74
N PHE A 82 6.75 6.77 12.88
CA PHE A 82 7.19 5.38 12.98
C PHE A 82 6.11 4.51 13.61
N LEU A 83 5.69 3.48 12.88
CA LEU A 83 4.66 2.57 13.38
C LEU A 83 4.85 1.16 12.80
N VAL A 84 4.24 0.18 13.45
CA VAL A 84 4.34 -1.21 13.00
C VAL A 84 3.00 -1.92 13.11
N ALA A 85 2.61 -2.61 12.04
CA ALA A 85 1.35 -3.34 12.02
C ALA A 85 1.57 -4.83 12.24
N ASP A 86 0.89 -5.38 13.24
CA ASP A 86 1.01 -6.80 13.56
C ASP A 86 -0.20 -7.58 13.07
N LYS A 87 -0.09 -8.91 13.07
CA LYS A 87 -1.17 -9.76 12.62
C LYS A 87 -2.33 -9.76 13.62
N THR A 88 -3.55 -9.98 13.13
CA THR A 88 -4.72 -10.00 13.98
C THR A 88 -5.27 -11.41 14.14
N GLU A 89 -6.43 -11.53 14.78
CA GLU A 89 -7.05 -12.82 14.99
C GLU A 89 -7.18 -13.60 13.68
N LYS A 90 -7.33 -12.86 12.58
CA LYS A 90 -7.46 -13.46 11.26
C LYS A 90 -6.23 -13.18 10.41
N ALA A 91 -5.61 -14.25 9.91
CA ALA A 91 -4.41 -14.11 9.07
C ALA A 91 -4.73 -13.35 7.80
N GLY A 92 -3.78 -12.52 7.37
CA GLY A 92 -3.97 -11.74 6.16
C GLY A 92 -4.32 -10.29 6.45
N GLU A 93 -4.78 -10.03 7.66
CA GLU A 93 -5.15 -8.67 8.07
C GLU A 93 -4.20 -8.16 9.13
N TYR A 94 -3.73 -6.92 8.95
CA TYR A 94 -2.81 -6.30 9.90
C TYR A 94 -3.47 -5.11 10.60
N SER A 95 -3.47 -5.14 11.93
CA SER A 95 -4.07 -4.06 12.72
C SER A 95 -3.00 -3.11 13.23
N VAL A 96 -3.17 -1.83 12.93
CA VAL A 96 -2.22 -0.81 13.36
C VAL A 96 -2.94 0.42 13.93
N THR A 97 -2.30 1.09 14.88
CA THR A 97 -2.88 2.27 15.50
C THR A 97 -2.38 3.54 14.82
N TYR A 98 -3.32 4.43 14.50
CA TYR A 98 -2.99 5.69 13.84
C TYR A 98 -4.21 6.58 13.71
N ASP A 99 -4.28 7.61 14.55
CA ASP A 99 -5.40 8.54 14.53
C ASP A 99 -6.73 7.80 14.71
N GLY A 100 -6.66 6.65 15.38
CA GLY A 100 -7.86 5.86 15.61
C GLY A 100 -7.64 4.39 15.36
N SER A 101 -8.41 3.83 14.44
CA SER A 101 -8.30 2.41 14.11
C SER A 101 -8.01 2.21 12.62
N ASN A 102 -7.09 1.31 12.32
CA ASN A 102 -6.71 1.02 10.93
C ASN A 102 -6.43 -0.46 10.74
N THR A 103 -6.85 -0.99 9.61
CA THR A 103 -6.65 -2.41 9.29
C THR A 103 -6.59 -2.64 7.79
N PHE A 104 -5.45 -3.12 7.31
CA PHE A 104 -5.27 -3.39 5.88
C PHE A 104 -5.00 -4.87 5.64
N THR A 105 -4.97 -5.26 4.37
CA THR A 105 -4.72 -6.64 4.00
C THR A 105 -4.14 -6.74 2.59
N ILE A 106 -3.42 -7.83 2.32
CA ILE A 106 -2.82 -8.05 1.02
C ILE A 106 -3.75 -8.84 0.10
N LEU A 107 -4.28 -8.17 -0.91
CA LEU A 107 -5.19 -8.81 -1.86
C LEU A 107 -4.47 -9.11 -3.18
N LYS A 108 -3.55 -8.23 -3.56
CA LYS A 108 -2.80 -8.41 -4.79
C LYS A 108 -1.55 -7.52 -4.80
N THR A 109 -0.39 -8.13 -4.95
CA THR A 109 0.87 -7.41 -4.98
C THR A 109 1.97 -8.23 -5.63
N ASP A 110 2.60 -7.67 -6.65
CA ASP A 110 3.67 -8.35 -7.37
C ASP A 110 4.98 -7.57 -7.26
N TYR A 111 6.09 -8.28 -7.15
CA TYR A 111 7.40 -7.66 -7.03
C TYR A 111 7.88 -7.14 -8.39
N ASP A 112 7.20 -7.56 -9.45
CA ASP A 112 7.54 -7.13 -10.80
C ASP A 112 6.55 -6.10 -11.32
N ASN A 113 5.47 -5.90 -10.57
CA ASN A 113 4.44 -4.94 -10.96
C ASN A 113 4.29 -3.85 -9.90
N TYR A 114 3.44 -4.10 -8.91
CA TYR A 114 3.20 -3.14 -7.85
C TYR A 114 2.57 -3.81 -6.64
N ILE A 115 2.45 -3.07 -5.54
CA ILE A 115 1.87 -3.59 -4.32
C ILE A 115 0.69 -2.75 -3.87
N MET A 116 -0.50 -3.34 -3.87
CA MET A 116 -1.71 -2.64 -3.46
C MET A 116 -1.96 -2.80 -1.96
N ILE A 117 -2.53 -1.77 -1.35
CA ILE A 117 -2.81 -1.81 0.09
C ILE A 117 -4.12 -1.09 0.40
N HIS A 118 -5.12 -1.86 0.84
CA HIS A 118 -6.42 -1.29 1.18
C HIS A 118 -6.49 -0.95 2.66
N LEU A 119 -6.45 0.33 2.97
CA LEU A 119 -6.51 0.79 4.36
C LEU A 119 -7.81 1.54 4.62
N ILE A 120 -8.47 1.20 5.72
CA ILE A 120 -9.72 1.85 6.10
C ILE A 120 -9.66 2.38 7.53
N ASN A 121 -9.93 3.67 7.69
CA ASN A 121 -9.91 4.30 9.00
C ASN A 121 -11.31 4.72 9.43
N LYS A 122 -11.53 4.83 10.73
CA LYS A 122 -12.82 5.22 11.26
C LYS A 122 -12.66 6.29 12.35
N LYS A 123 -13.51 7.31 12.29
CA LYS A 123 -13.46 8.39 13.27
C LYS A 123 -14.72 9.26 13.18
N ASP A 124 -15.19 9.74 14.32
CA ASP A 124 -16.38 10.57 14.38
C ASP A 124 -17.58 9.84 13.77
N GLY A 125 -17.68 8.55 14.05
CA GLY A 125 -18.78 7.76 13.52
C GLY A 125 -18.82 7.75 12.01
N GLU A 126 -17.70 8.12 11.39
CA GLU A 126 -17.61 8.15 9.93
C GLU A 126 -16.38 7.37 9.45
N THR A 127 -16.63 6.40 8.56
CA THR A 127 -15.55 5.58 8.02
C THR A 127 -15.52 5.65 6.49
N PHE A 128 -14.32 5.83 5.94
CA PHE A 128 -14.15 5.92 4.49
C PHE A 128 -13.15 4.87 4.00
N GLN A 129 -13.06 4.73 2.68
CA GLN A 129 -12.15 3.77 2.09
C GLN A 129 -10.90 4.47 1.54
N LEU A 130 -9.74 3.86 1.79
CA LEU A 130 -8.48 4.43 1.33
C LEU A 130 -7.67 3.38 0.55
N MET A 131 -6.94 3.85 -0.45
CA MET A 131 -6.12 2.96 -1.27
C MET A 131 -4.69 3.49 -1.38
N GLU A 132 -3.72 2.57 -1.36
CA GLU A 132 -2.31 2.94 -1.46
C GLU A 132 -1.58 2.04 -2.46
N LEU A 133 -0.94 2.67 -3.44
CA LEU A 133 -0.19 1.92 -4.45
C LEU A 133 1.29 2.30 -4.44
N TYR A 134 2.15 1.31 -4.62
CA TYR A 134 3.59 1.54 -4.62
C TYR A 134 4.28 0.65 -5.65
N GLY A 135 5.46 1.07 -6.10
CA GLY A 135 6.19 0.31 -7.08
C GLY A 135 7.69 0.52 -6.96
N ARG A 136 8.46 -0.38 -7.57
CA ARG A 136 9.92 -0.31 -7.53
C ARG A 136 10.39 1.08 -7.95
N GLU A 137 9.63 1.72 -8.83
CA GLU A 137 9.98 3.06 -9.31
C GLU A 137 8.89 4.07 -8.95
N PRO A 138 9.26 5.36 -8.96
CA PRO A 138 8.34 6.45 -8.64
C PRO A 138 7.26 6.64 -9.70
N ASP A 139 7.41 5.93 -10.82
CA ASP A 139 6.45 6.01 -11.92
C ASP A 139 6.34 4.68 -12.64
N LEU A 140 5.10 4.26 -12.91
CA LEU A 140 4.85 3.01 -13.59
C LEU A 140 4.28 3.24 -14.99
N SER A 141 4.02 2.16 -15.72
CA SER A 141 3.48 2.26 -17.07
C SER A 141 2.08 2.87 -17.04
N SER A 142 1.77 3.66 -18.06
CA SER A 142 0.47 4.31 -18.16
C SER A 142 -0.67 3.30 -18.05
N ASP A 143 -0.39 2.07 -18.49
CA ASP A 143 -1.38 1.00 -18.44
C ASP A 143 -1.66 0.58 -17.00
N ILE A 144 -0.63 0.66 -16.17
CA ILE A 144 -0.76 0.28 -14.76
C ILE A 144 -1.81 1.15 -14.06
N LYS A 145 -1.90 2.41 -14.46
CA LYS A 145 -2.87 3.33 -13.88
C LYS A 145 -4.29 2.81 -14.04
N GLU A 146 -4.61 2.36 -15.26
CA GLU A 146 -5.94 1.83 -15.55
C GLU A 146 -6.11 0.44 -14.96
N LYS A 147 -5.02 -0.32 -14.91
CA LYS A 147 -5.04 -1.67 -14.36
C LYS A 147 -5.39 -1.66 -12.88
N PHE A 148 -4.71 -0.80 -12.13
CA PHE A 148 -4.94 -0.69 -10.69
C PHE A 148 -6.23 0.10 -10.41
N ALA A 149 -6.57 1.00 -11.32
CA ALA A 149 -7.78 1.82 -11.17
C ALA A 149 -9.03 0.95 -11.17
N GLN A 150 -8.95 -0.20 -11.85
CA GLN A 150 -10.08 -1.12 -11.92
C GLN A 150 -10.49 -1.59 -10.52
N LEU A 151 -9.50 -1.80 -9.67
CA LEU A 151 -9.75 -2.26 -8.30
C LEU A 151 -10.40 -1.15 -7.46
N SER A 152 -10.13 0.09 -7.84
CA SER A 152 -10.68 1.24 -7.13
C SER A 152 -12.20 1.20 -7.13
N GLU A 153 -12.78 0.82 -8.27
CA GLU A 153 -14.22 0.73 -8.40
C GLU A 153 -14.81 -0.27 -7.42
N GLU A 154 -14.07 -1.35 -7.17
CA GLU A 154 -14.51 -2.39 -6.25
C GLU A 154 -14.81 -1.81 -4.88
N HIS A 155 -14.08 -0.77 -4.50
CA HIS A 155 -14.28 -0.12 -3.21
C HIS A 155 -15.14 1.12 -3.36
N GLY A 156 -15.87 1.21 -4.46
CA GLY A 156 -16.72 2.36 -4.70
C GLY A 156 -15.93 3.61 -5.05
N ILE A 157 -14.67 3.43 -5.39
CA ILE A 157 -13.80 4.55 -5.74
C ILE A 157 -13.71 4.73 -7.25
N VAL A 158 -14.09 5.92 -7.72
CA VAL A 158 -14.05 6.21 -9.15
C VAL A 158 -12.68 6.76 -9.56
N ARG A 159 -12.47 6.87 -10.87
CA ARG A 159 -11.22 7.39 -11.39
C ARG A 159 -11.05 8.87 -11.08
N GLU A 160 -12.17 9.57 -10.95
CA GLU A 160 -12.15 11.00 -10.64
C GLU A 160 -11.33 11.28 -9.39
N ASN A 161 -11.30 10.31 -8.48
CA ASN A 161 -10.55 10.46 -7.24
C ASN A 161 -9.11 10.01 -7.42
N ILE A 162 -8.86 9.18 -8.43
CA ILE A 162 -7.53 8.68 -8.71
C ILE A 162 -6.72 9.69 -9.51
N ILE A 163 -5.69 10.25 -8.88
CA ILE A 163 -4.83 11.23 -9.53
C ILE A 163 -3.36 10.98 -9.21
N ASP A 164 -2.49 11.24 -10.18
CA ASP A 164 -1.06 11.04 -10.00
C ASP A 164 -0.50 12.07 -9.02
N LEU A 165 0.41 11.61 -8.16
CA LEU A 165 1.02 12.48 -7.16
C LEU A 165 2.45 12.85 -7.57
N THR A 166 2.81 12.50 -8.80
CA THR A 166 4.15 12.80 -9.31
C THR A 166 4.45 14.29 -9.22
N ASN A 167 3.42 15.11 -9.39
CA ASN A 167 3.58 16.56 -9.33
C ASN A 167 2.95 17.13 -8.06
N ALA A 168 2.86 16.29 -7.03
CA ALA A 168 2.27 16.70 -5.76
C ALA A 168 3.29 16.59 -4.63
N ASN A 169 2.81 16.74 -3.39
CA ASN A 169 3.68 16.66 -2.22
C ASN A 169 3.55 15.30 -1.55
N ARG A 170 4.53 14.43 -1.78
CA ARG A 170 4.52 13.09 -1.20
C ARG A 170 5.64 12.94 -0.19
N CYS A 171 6.34 14.03 0.08
CA CYS A 171 7.45 14.02 1.03
C CYS A 171 8.47 12.93 0.67
N LEU A 172 8.83 12.86 -0.60
CA LEU A 172 9.79 11.88 -1.08
C LEU A 172 11.21 12.45 -1.08
N GLU A 173 11.30 13.77 -1.13
CA GLU A 173 12.60 14.44 -1.14
C GLU A 173 13.13 14.62 0.28
N ALA A 174 12.40 14.10 1.26
CA ALA A 174 12.79 14.19 2.65
C ALA A 174 13.27 12.83 3.18
N ARG A 175 12.64 11.76 2.70
CA ARG A 175 12.99 10.42 3.13
C ARG A 175 14.47 10.14 2.90
N GLU A 176 14.99 9.11 3.55
CA GLU A 176 16.39 8.74 3.41
C GLU A 176 16.54 7.40 2.69
N MET A 1 58.58 -2.29 35.18
CA MET A 1 58.22 -3.48 35.93
C MET A 1 56.70 -3.62 36.04
N GLY A 2 56.16 -4.69 35.47
CA GLY A 2 54.73 -4.92 35.52
C GLY A 2 54.35 -6.30 35.04
N SER A 3 53.06 -6.52 34.85
CA SER A 3 52.55 -7.81 34.38
C SER A 3 51.48 -7.62 33.32
N SER A 4 50.97 -8.74 32.81
CA SER A 4 49.93 -8.69 31.78
C SER A 4 49.20 -10.03 31.69
N HIS A 5 47.92 -9.97 31.33
CA HIS A 5 47.10 -11.17 31.21
C HIS A 5 46.17 -11.09 30.00
N HIS A 6 45.90 -12.23 29.39
CA HIS A 6 45.02 -12.29 28.23
C HIS A 6 44.31 -13.63 28.14
N HIS A 7 43.30 -13.71 27.27
CA HIS A 7 42.55 -14.95 27.09
C HIS A 7 42.76 -15.52 25.69
N HIS A 8 42.05 -16.60 25.38
CA HIS A 8 42.17 -17.24 24.08
C HIS A 8 41.20 -16.61 23.07
N HIS A 9 41.13 -17.18 21.88
CA HIS A 9 40.26 -16.67 20.83
C HIS A 9 39.11 -17.64 20.57
N HIS A 10 38.30 -17.34 19.56
CA HIS A 10 37.17 -18.19 19.21
C HIS A 10 37.50 -19.07 18.00
N ILE A 11 36.49 -19.81 17.53
CA ILE A 11 36.68 -20.68 16.39
C ILE A 11 35.85 -20.22 15.20
N GLU A 12 36.33 -20.50 14.00
CA GLU A 12 35.63 -20.12 12.78
C GLU A 12 35.21 -21.35 11.97
N GLY A 13 34.60 -21.11 10.82
CA GLY A 13 34.16 -22.21 9.97
C GLY A 13 32.66 -22.24 9.80
N ARG A 14 32.05 -21.07 9.69
CA ARG A 14 30.61 -20.96 9.52
C ARG A 14 30.13 -21.83 8.35
N GLU A 15 28.82 -21.99 8.24
CA GLU A 15 28.24 -22.79 7.17
C GLU A 15 27.42 -21.93 6.21
N GLU A 16 27.39 -22.33 4.95
CA GLU A 16 26.63 -21.59 3.94
C GLU A 16 25.15 -21.58 4.26
N ALA A 17 24.38 -20.82 3.48
CA ALA A 17 22.94 -20.74 3.68
C ALA A 17 22.18 -21.27 2.47
N SER A 18 20.86 -21.15 2.50
CA SER A 18 20.02 -21.63 1.41
C SER A 18 19.27 -20.48 0.75
N SER A 19 18.35 -20.81 -0.14
CA SER A 19 17.57 -19.80 -0.86
C SER A 19 16.09 -19.92 -0.51
N MET A 20 15.28 -19.05 -1.10
CA MET A 20 13.84 -19.06 -0.86
C MET A 20 13.08 -19.12 -2.18
N GLU A 21 11.75 -19.05 -2.09
CA GLU A 21 10.90 -19.11 -3.27
C GLU A 21 11.13 -17.88 -4.16
N ARG A 22 10.97 -18.08 -5.47
CA ARG A 22 11.16 -16.99 -6.42
C ARG A 22 9.85 -16.24 -6.67
N ASN A 23 8.75 -16.97 -6.61
CA ASN A 23 7.43 -16.38 -6.84
C ASN A 23 6.97 -15.60 -5.60
N PHE A 24 7.44 -16.04 -4.43
CA PHE A 24 7.08 -15.39 -3.18
C PHE A 24 8.30 -15.25 -2.27
N ASN A 25 8.54 -14.03 -1.79
CA ASN A 25 9.67 -13.76 -0.91
C ASN A 25 9.45 -12.47 -0.12
N VAL A 26 9.67 -12.54 1.18
CA VAL A 26 9.50 -11.38 2.05
C VAL A 26 10.59 -10.35 1.80
N GLU A 27 11.80 -10.82 1.55
CA GLU A 27 12.93 -9.93 1.30
C GLU A 27 12.68 -9.07 0.06
N LYS A 28 11.97 -9.64 -0.91
CA LYS A 28 11.65 -8.93 -2.15
C LYS A 28 11.04 -7.56 -1.85
N ILE A 29 10.07 -7.55 -0.94
CA ILE A 29 9.40 -6.31 -0.56
C ILE A 29 10.14 -5.61 0.57
N ASN A 30 10.78 -6.39 1.43
CA ASN A 30 11.53 -5.84 2.55
C ASN A 30 12.60 -4.86 2.07
N GLY A 31 12.35 -3.56 2.29
CA GLY A 31 13.29 -2.55 1.88
C GLY A 31 12.66 -1.18 1.80
N GLU A 32 12.45 -0.69 0.58
CA GLU A 32 11.85 0.62 0.38
C GLU A 32 10.88 0.60 -0.81
N TRP A 33 10.05 1.63 -0.90
CA TRP A 33 9.08 1.74 -1.98
C TRP A 33 8.88 3.18 -2.40
N TYR A 34 7.97 3.40 -3.34
CA TYR A 34 7.68 4.76 -3.83
C TYR A 34 6.19 4.93 -4.10
N THR A 35 5.70 6.15 -3.89
CA THR A 35 4.29 6.45 -4.10
C THR A 35 3.98 6.63 -5.59
N ILE A 36 2.84 6.10 -6.02
CA ILE A 36 2.43 6.20 -7.41
C ILE A 36 1.17 7.04 -7.56
N MET A 37 0.10 6.61 -6.92
CA MET A 37 -1.17 7.32 -6.98
C MET A 37 -1.96 7.14 -5.69
N LEU A 38 -2.68 8.18 -5.29
CA LEU A 38 -3.48 8.13 -4.06
C LEU A 38 -4.98 8.19 -4.39
N ALA A 39 -5.68 7.08 -4.13
CA ALA A 39 -7.11 7.02 -4.39
C ALA A 39 -7.90 6.82 -3.10
N THR A 40 -9.15 7.24 -3.10
CA THR A 40 -10.01 7.12 -1.93
C THR A 40 -11.39 7.72 -2.18
N ASP A 41 -12.41 7.10 -1.61
CA ASP A 41 -13.78 7.56 -1.79
C ASP A 41 -13.92 9.01 -1.32
N LYS A 42 -13.04 9.42 -0.42
CA LYS A 42 -13.06 10.78 0.11
C LYS A 42 -11.86 11.57 -0.38
N ARG A 43 -12.07 12.36 -1.44
CA ARG A 43 -11.00 13.18 -2.01
C ARG A 43 -10.57 14.26 -1.04
N GLU A 44 -11.52 14.77 -0.25
CA GLU A 44 -11.23 15.81 0.72
C GLU A 44 -10.30 15.31 1.81
N LYS A 45 -10.32 14.00 2.04
CA LYS A 45 -9.48 13.38 3.06
C LYS A 45 -8.01 13.39 2.63
N ILE A 46 -7.78 13.12 1.35
CA ILE A 46 -6.43 13.10 0.81
C ILE A 46 -6.04 14.45 0.23
N GLU A 47 -6.80 15.48 0.60
CA GLU A 47 -6.54 16.83 0.11
C GLU A 47 -5.68 17.60 1.09
N GLU A 48 -5.31 18.83 0.72
CA GLU A 48 -4.48 19.67 1.57
C GLU A 48 -5.26 20.16 2.78
N HIS A 49 -6.57 19.96 2.74
CA HIS A 49 -7.44 20.39 3.84
C HIS A 49 -7.70 19.26 4.81
N GLY A 50 -6.85 18.23 4.76
CA GLY A 50 -7.01 17.09 5.64
C GLY A 50 -5.69 16.65 6.25
N SER A 51 -5.68 15.46 6.83
CA SER A 51 -4.48 14.92 7.47
C SER A 51 -4.27 13.46 7.09
N MET A 52 -4.84 13.05 5.97
CA MET A 52 -4.73 11.68 5.50
C MET A 52 -3.88 11.61 4.23
N ARG A 53 -3.07 12.64 4.01
CA ARG A 53 -2.21 12.69 2.83
C ARG A 53 -0.81 12.18 3.16
N VAL A 54 -0.73 11.21 4.06
CA VAL A 54 0.54 10.63 4.45
C VAL A 54 0.85 9.38 3.63
N PHE A 55 2.14 9.19 3.33
CA PHE A 55 2.57 8.04 2.55
C PHE A 55 3.83 7.40 3.15
N VAL A 56 3.96 6.09 2.98
CA VAL A 56 5.11 5.37 3.51
C VAL A 56 6.35 5.62 2.65
N GLU A 57 7.51 5.70 3.32
CA GLU A 57 8.76 5.93 2.62
C GLU A 57 9.54 4.63 2.43
N TYR A 58 9.27 3.66 3.31
CA TYR A 58 9.93 2.37 3.25
C TYR A 58 9.17 1.31 4.04
N ILE A 59 9.32 0.05 3.65
CA ILE A 59 8.64 -1.04 4.33
C ILE A 59 9.64 -2.00 4.96
N HIS A 60 9.44 -2.31 6.23
CA HIS A 60 10.32 -3.22 6.95
C HIS A 60 9.53 -4.41 7.50
N VAL A 61 10.06 -5.62 7.28
CA VAL A 61 9.42 -6.83 7.74
C VAL A 61 10.05 -7.32 9.05
N LEU A 62 9.21 -7.58 10.04
CA LEU A 62 9.68 -8.06 11.34
C LEU A 62 9.52 -9.58 11.46
N GLU A 63 9.69 -10.08 12.67
CA GLU A 63 9.58 -11.52 12.91
C GLU A 63 8.12 -11.96 12.82
N ASN A 64 7.21 -11.06 13.16
CA ASN A 64 5.78 -11.37 13.12
C ASN A 64 5.00 -10.20 12.51
N SER A 65 5.33 -8.99 12.93
CA SER A 65 4.65 -7.80 12.43
C SER A 65 5.48 -7.13 11.33
N LEU A 66 5.01 -5.97 10.87
CA LEU A 66 5.70 -5.24 9.82
C LEU A 66 5.83 -3.76 10.18
N ALA A 67 7.05 -3.26 10.24
CA ALA A 67 7.31 -1.86 10.57
C ALA A 67 7.14 -0.98 9.34
N LEU A 68 6.61 0.23 9.56
CA LEU A 68 6.40 1.16 8.46
C LEU A 68 6.62 2.60 8.94
N LYS A 69 7.04 3.46 8.01
CA LYS A 69 7.29 4.87 8.33
C LYS A 69 6.59 5.78 7.33
N PHE A 70 5.62 6.56 7.83
CA PHE A 70 4.87 7.48 6.99
C PHE A 70 5.24 8.93 7.30
N HIS A 71 4.96 9.82 6.36
CA HIS A 71 5.26 11.24 6.54
C HIS A 71 4.00 12.07 6.43
N ILE A 72 3.99 13.21 7.13
CA ILE A 72 2.83 14.11 7.11
C ILE A 72 3.27 15.56 6.94
N ILE A 73 2.53 16.29 6.11
CA ILE A 73 2.84 17.70 5.85
C ILE A 73 2.44 18.57 7.04
N ILE A 74 3.43 19.13 7.72
CA ILE A 74 3.18 19.99 8.87
C ILE A 74 3.91 21.32 8.74
N ASN A 75 3.15 22.41 8.74
CA ASN A 75 3.73 23.75 8.62
C ASN A 75 4.57 23.85 7.35
N GLU A 76 4.04 23.35 6.24
CA GLU A 76 4.75 23.39 4.97
C GLU A 76 6.11 22.70 5.07
N GLU A 77 6.15 21.61 5.83
CA GLU A 77 7.39 20.86 6.01
C GLU A 77 7.10 19.38 6.25
N CYS A 78 8.05 18.54 5.89
CA CYS A 78 7.91 17.09 6.07
C CYS A 78 7.96 16.72 7.55
N SER A 79 7.45 15.53 7.88
CA SER A 79 7.45 15.06 9.25
C SER A 79 7.96 13.62 9.33
N GLU A 80 7.80 13.00 10.50
CA GLU A 80 8.25 11.63 10.70
C GLU A 80 7.29 10.89 11.63
N ILE A 81 6.71 9.81 11.12
CA ILE A 81 5.77 9.01 11.91
C ILE A 81 6.22 7.55 11.95
N PHE A 82 6.25 6.99 13.16
CA PHE A 82 6.65 5.60 13.33
C PHE A 82 5.49 4.75 13.85
N LEU A 83 5.26 3.61 13.21
CA LEU A 83 4.18 2.71 13.60
C LEU A 83 4.51 1.28 13.23
N VAL A 84 3.75 0.33 13.79
CA VAL A 84 3.95 -1.09 13.51
C VAL A 84 2.62 -1.81 13.35
N ALA A 85 2.51 -2.60 12.29
CA ALA A 85 1.30 -3.36 12.01
C ALA A 85 1.46 -4.81 12.41
N ASP A 86 0.67 -5.24 13.40
CA ASP A 86 0.72 -6.62 13.88
C ASP A 86 -0.39 -7.45 13.25
N LYS A 87 -0.28 -8.77 13.39
CA LYS A 87 -1.27 -9.68 12.83
C LYS A 87 -2.57 -9.62 13.62
N THR A 88 -3.65 -10.09 13.01
CA THR A 88 -4.96 -10.10 13.65
C THR A 88 -5.47 -11.52 13.85
N GLU A 89 -6.68 -11.64 14.39
CA GLU A 89 -7.28 -12.95 14.63
C GLU A 89 -7.29 -13.78 13.35
N LYS A 90 -7.39 -13.11 12.21
CA LYS A 90 -7.41 -13.80 10.92
C LYS A 90 -6.16 -13.46 10.12
N ALA A 91 -5.58 -14.47 9.48
CA ALA A 91 -4.38 -14.28 8.67
C ALA A 91 -4.69 -13.51 7.39
N GLY A 92 -3.68 -12.82 6.87
CA GLY A 92 -3.87 -12.04 5.66
C GLY A 92 -4.20 -10.60 5.94
N GLU A 93 -4.84 -10.35 7.08
CA GLU A 93 -5.21 -9.00 7.47
C GLU A 93 -4.30 -8.47 8.58
N TYR A 94 -3.91 -7.21 8.47
CA TYR A 94 -3.04 -6.59 9.46
C TYR A 94 -3.74 -5.44 10.17
N SER A 95 -3.41 -5.23 11.43
CA SER A 95 -4.01 -4.17 12.23
C SER A 95 -2.94 -3.22 12.76
N VAL A 96 -3.20 -1.92 12.64
CA VAL A 96 -2.27 -0.91 13.12
C VAL A 96 -3.00 0.30 13.69
N THR A 97 -2.37 0.97 14.65
CA THR A 97 -2.96 2.14 15.27
C THR A 97 -2.48 3.43 14.60
N TYR A 98 -3.43 4.32 14.31
CA TYR A 98 -3.11 5.59 13.67
C TYR A 98 -4.33 6.48 13.57
N ASP A 99 -4.42 7.46 14.47
CA ASP A 99 -5.55 8.38 14.50
C ASP A 99 -6.86 7.64 14.67
N GLY A 100 -6.80 6.45 15.27
CA GLY A 100 -7.99 5.65 15.48
C GLY A 100 -7.76 4.18 15.19
N SER A 101 -8.56 3.63 14.28
CA SER A 101 -8.45 2.22 13.92
C SER A 101 -8.13 2.07 12.45
N ASN A 102 -7.23 1.14 12.13
CA ASN A 102 -6.83 0.90 10.75
C ASN A 102 -6.52 -0.59 10.52
N THR A 103 -6.98 -1.11 9.39
CA THR A 103 -6.75 -2.52 9.05
C THR A 103 -6.72 -2.72 7.54
N PHE A 104 -5.62 -3.27 7.05
CA PHE A 104 -5.46 -3.53 5.62
C PHE A 104 -5.24 -5.02 5.36
N THR A 105 -5.19 -5.37 4.08
CA THR A 105 -4.99 -6.77 3.68
C THR A 105 -4.34 -6.86 2.30
N ILE A 106 -3.70 -7.99 2.03
CA ILE A 106 -3.05 -8.21 0.75
C ILE A 106 -3.96 -8.97 -0.21
N LEU A 107 -4.49 -8.26 -1.20
CA LEU A 107 -5.37 -8.87 -2.18
C LEU A 107 -4.64 -9.10 -3.51
N LYS A 108 -3.62 -8.29 -3.76
CA LYS A 108 -2.84 -8.41 -4.98
C LYS A 108 -1.60 -7.52 -4.92
N THR A 109 -0.43 -8.13 -5.08
CA THR A 109 0.83 -7.39 -5.05
C THR A 109 1.96 -8.21 -5.67
N ASP A 110 2.62 -7.64 -6.68
CA ASP A 110 3.72 -8.31 -7.34
C ASP A 110 5.01 -7.51 -7.20
N TYR A 111 6.13 -8.22 -7.05
CA TYR A 111 7.42 -7.57 -6.90
C TYR A 111 7.95 -7.08 -8.24
N ASP A 112 7.23 -7.42 -9.31
CA ASP A 112 7.63 -7.02 -10.66
C ASP A 112 6.73 -5.89 -11.16
N ASN A 113 5.58 -5.72 -10.53
CA ASN A 113 4.64 -4.67 -10.91
C ASN A 113 4.50 -3.63 -9.80
N TYR A 114 3.61 -3.91 -8.85
CA TYR A 114 3.37 -3.01 -7.74
C TYR A 114 2.69 -3.73 -6.58
N ILE A 115 2.51 -3.02 -5.47
CA ILE A 115 1.87 -3.59 -4.29
C ILE A 115 0.62 -2.81 -3.90
N MET A 116 -0.51 -3.49 -3.86
CA MET A 116 -1.78 -2.86 -3.51
C MET A 116 -2.10 -3.10 -2.03
N ILE A 117 -2.71 -2.10 -1.40
CA ILE A 117 -3.09 -2.21 0.01
C ILE A 117 -4.34 -1.40 0.31
N HIS A 118 -5.42 -2.10 0.64
CA HIS A 118 -6.69 -1.44 0.95
C HIS A 118 -6.77 -1.10 2.44
N LEU A 119 -6.64 0.18 2.75
CA LEU A 119 -6.70 0.65 4.12
C LEU A 119 -8.02 1.35 4.42
N ILE A 120 -8.65 0.99 5.53
CA ILE A 120 -9.92 1.59 5.91
C ILE A 120 -9.83 2.22 7.30
N ASN A 121 -10.20 3.49 7.39
CA ASN A 121 -10.17 4.21 8.66
C ASN A 121 -11.57 4.69 9.05
N LYS A 122 -11.77 4.88 10.35
CA LYS A 122 -13.06 5.34 10.86
C LYS A 122 -12.91 6.66 11.61
N LYS A 123 -13.86 7.56 11.41
CA LYS A 123 -13.84 8.86 12.07
C LYS A 123 -15.19 9.56 11.93
N ASP A 124 -15.58 10.29 12.98
CA ASP A 124 -16.84 11.01 12.97
C ASP A 124 -18.01 10.06 12.72
N GLY A 125 -17.92 8.85 13.26
CA GLY A 125 -18.97 7.87 13.08
C GLY A 125 -19.09 7.40 11.64
N GLU A 126 -18.14 7.82 10.80
CA GLU A 126 -18.16 7.44 9.40
C GLU A 126 -16.81 6.86 8.98
N THR A 127 -16.85 5.87 8.10
CA THR A 127 -15.63 5.22 7.62
C THR A 127 -15.51 5.35 6.11
N PHE A 128 -14.31 5.68 5.64
CA PHE A 128 -14.06 5.82 4.21
C PHE A 128 -13.09 4.75 3.71
N GLN A 129 -12.93 4.68 2.40
CA GLN A 129 -12.04 3.70 1.79
C GLN A 129 -10.78 4.37 1.25
N LEU A 130 -9.62 3.83 1.64
CA LEU A 130 -8.35 4.38 1.20
C LEU A 130 -7.55 3.33 0.43
N MET A 131 -6.80 3.78 -0.56
CA MET A 131 -5.98 2.88 -1.38
C MET A 131 -4.54 3.41 -1.47
N GLU A 132 -3.59 2.47 -1.46
CA GLU A 132 -2.18 2.84 -1.55
C GLU A 132 -1.45 1.95 -2.56
N LEU A 133 -0.87 2.56 -3.58
CA LEU A 133 -0.15 1.83 -4.61
C LEU A 133 1.32 2.23 -4.63
N TYR A 134 2.21 1.23 -4.61
CA TYR A 134 3.64 1.48 -4.63
C TYR A 134 4.33 0.58 -5.65
N GLY A 135 5.40 1.10 -6.25
CA GLY A 135 6.14 0.33 -7.24
C GLY A 135 7.64 0.57 -7.15
N ARG A 136 8.40 -0.23 -7.89
CA ARG A 136 9.86 -0.11 -7.90
C ARG A 136 10.27 1.33 -8.18
N GLU A 137 9.49 2.01 -9.01
CA GLU A 137 9.78 3.40 -9.37
C GLU A 137 8.61 4.30 -9.02
N PRO A 138 8.88 5.61 -8.93
CA PRO A 138 7.86 6.62 -8.60
C PRO A 138 6.87 6.82 -9.74
N ASP A 139 7.16 6.21 -10.89
CA ASP A 139 6.29 6.33 -12.06
C ASP A 139 6.05 4.96 -12.69
N LEU A 140 4.79 4.68 -13.03
CA LEU A 140 4.42 3.41 -13.64
C LEU A 140 3.75 3.63 -14.99
N SER A 141 3.68 2.57 -15.78
CA SER A 141 3.07 2.64 -17.11
C SER A 141 1.60 3.07 -16.99
N SER A 142 1.13 3.77 -18.02
CA SER A 142 -0.25 4.25 -18.04
C SER A 142 -1.22 3.10 -17.82
N ASP A 143 -0.91 1.94 -18.39
CA ASP A 143 -1.75 0.77 -18.26
C ASP A 143 -1.86 0.34 -16.80
N ILE A 144 -0.79 0.55 -16.04
CA ILE A 144 -0.77 0.19 -14.63
C ILE A 144 -1.86 0.92 -13.85
N LYS A 145 -2.10 2.17 -14.23
CA LYS A 145 -3.12 2.98 -13.57
C LYS A 145 -4.50 2.34 -13.72
N GLU A 146 -4.81 1.92 -14.93
CA GLU A 146 -6.11 1.29 -15.21
C GLU A 146 -6.16 -0.13 -14.65
N LYS A 147 -5.01 -0.79 -14.63
CA LYS A 147 -4.91 -2.16 -14.12
C LYS A 147 -5.26 -2.21 -12.64
N PHE A 148 -4.67 -1.32 -11.86
CA PHE A 148 -4.93 -1.26 -10.43
C PHE A 148 -6.27 -0.57 -10.14
N ALA A 149 -6.63 0.35 -11.01
CA ALA A 149 -7.88 1.10 -10.86
C ALA A 149 -9.08 0.15 -10.82
N GLN A 150 -8.94 -1.00 -11.47
CA GLN A 150 -10.01 -1.99 -11.51
C GLN A 150 -10.51 -2.32 -10.10
N LEU A 151 -9.58 -2.45 -9.17
CA LEU A 151 -9.92 -2.77 -7.79
C LEU A 151 -10.55 -1.56 -7.09
N SER A 152 -10.21 -0.36 -7.59
CA SER A 152 -10.74 0.87 -7.02
C SER A 152 -12.26 0.91 -7.14
N GLU A 153 -12.76 0.46 -8.29
CA GLU A 153 -14.20 0.45 -8.54
C GLU A 153 -14.90 -0.55 -7.63
N GLU A 154 -14.21 -1.64 -7.30
CA GLU A 154 -14.78 -2.67 -6.45
C GLU A 154 -15.21 -2.09 -5.10
N HIS A 155 -14.47 -1.09 -4.63
CA HIS A 155 -14.77 -0.45 -3.36
C HIS A 155 -15.72 0.73 -3.56
N GLY A 156 -15.87 1.16 -4.81
CA GLY A 156 -16.73 2.28 -5.13
C GLY A 156 -15.98 3.57 -5.32
N ILE A 157 -14.70 3.45 -5.65
CA ILE A 157 -13.86 4.63 -5.87
C ILE A 157 -13.79 4.99 -7.34
N VAL A 158 -14.21 6.21 -7.66
CA VAL A 158 -14.20 6.68 -9.04
C VAL A 158 -12.81 7.17 -9.44
N ARG A 159 -12.55 7.21 -10.74
CA ARG A 159 -11.27 7.66 -11.25
C ARG A 159 -10.95 9.06 -10.75
N GLU A 160 -11.98 9.83 -10.45
CA GLU A 160 -11.81 11.19 -9.96
C GLU A 160 -10.90 11.22 -8.74
N ASN A 161 -10.94 10.14 -7.96
CA ASN A 161 -10.11 10.04 -6.76
C ASN A 161 -8.72 9.51 -7.09
N ILE A 162 -8.62 8.82 -8.22
CA ILE A 162 -7.34 8.25 -8.65
C ILE A 162 -6.57 9.24 -9.51
N ILE A 163 -5.63 9.94 -8.89
CA ILE A 163 -4.81 10.92 -9.59
C ILE A 163 -3.33 10.78 -9.21
N ASP A 164 -2.45 10.94 -10.20
CA ASP A 164 -1.02 10.83 -9.98
C ASP A 164 -0.55 11.91 -9.01
N LEU A 165 0.36 11.54 -8.11
CA LEU A 165 0.89 12.48 -7.13
C LEU A 165 2.29 12.94 -7.53
N THR A 166 2.66 12.68 -8.78
CA THR A 166 3.96 13.07 -9.28
C THR A 166 4.24 14.55 -9.02
N ASN A 167 3.19 15.36 -9.11
CA ASN A 167 3.32 16.80 -8.88
C ASN A 167 2.66 17.21 -7.57
N ALA A 168 2.50 16.23 -6.67
CA ALA A 168 1.88 16.49 -5.38
C ALA A 168 2.88 16.30 -4.24
N ASN A 169 2.37 16.25 -3.02
CA ASN A 169 3.22 16.08 -1.84
C ASN A 169 4.17 14.89 -2.02
N ARG A 170 5.43 15.20 -2.34
CA ARG A 170 6.43 14.15 -2.54
C ARG A 170 7.64 14.38 -1.65
N CYS A 171 7.43 14.34 -0.34
CA CYS A 171 8.50 14.54 0.62
C CYS A 171 9.48 13.38 0.59
N LEU A 172 9.16 12.36 -0.19
CA LEU A 172 10.03 11.19 -0.31
C LEU A 172 11.45 11.60 -0.68
N GLU A 173 11.58 12.74 -1.34
CA GLU A 173 12.88 13.25 -1.75
C GLU A 173 13.77 13.53 -0.53
N ALA A 174 13.13 13.80 0.60
CA ALA A 174 13.84 14.09 1.83
C ALA A 174 14.07 12.82 2.64
N ARG A 175 13.83 11.67 2.02
CA ARG A 175 13.99 10.38 2.69
C ARG A 175 15.38 10.29 3.34
N GLU A 176 15.40 9.87 4.60
CA GLU A 176 16.66 9.74 5.34
C GLU A 176 17.33 8.40 5.02
N MET A 1 22.00 -36.96 48.91
CA MET A 1 22.16 -37.35 47.51
C MET A 1 21.55 -36.30 46.59
N GLY A 2 21.96 -36.33 45.33
CA GLY A 2 21.45 -35.37 44.35
C GLY A 2 21.64 -35.83 42.93
N SER A 3 20.56 -35.85 42.16
CA SER A 3 20.62 -36.28 40.76
C SER A 3 20.20 -35.14 39.83
N SER A 4 21.07 -34.84 38.87
CA SER A 4 20.80 -33.77 37.91
C SER A 4 19.88 -34.25 36.81
N HIS A 5 20.34 -35.21 36.02
CA HIS A 5 19.55 -35.77 34.93
C HIS A 5 19.25 -34.69 33.88
N HIS A 6 20.29 -34.06 33.37
CA HIS A 6 20.14 -33.02 32.37
C HIS A 6 20.76 -33.44 31.04
N HIS A 7 20.51 -32.66 30.00
CA HIS A 7 21.04 -32.96 28.67
C HIS A 7 20.76 -31.81 27.71
N HIS A 8 21.29 -31.93 26.49
CA HIS A 8 21.10 -30.90 25.47
C HIS A 8 21.50 -31.42 24.09
N HIS A 9 20.73 -31.04 23.08
CA HIS A 9 21.00 -31.46 21.71
C HIS A 9 20.48 -30.44 20.71
N HIS A 10 20.61 -30.76 19.43
CA HIS A 10 20.15 -29.86 18.36
C HIS A 10 19.83 -30.64 17.10
N ILE A 11 19.13 -30.00 16.17
CA ILE A 11 18.75 -30.63 14.91
C ILE A 11 18.79 -29.63 13.76
N GLU A 12 19.41 -30.04 12.65
CA GLU A 12 19.51 -29.18 11.48
C GLU A 12 18.94 -29.87 10.25
N GLY A 13 19.01 -29.19 9.11
CA GLY A 13 18.49 -29.75 7.88
C GLY A 13 17.33 -28.95 7.31
N ARG A 14 17.41 -27.63 7.43
CA ARG A 14 16.37 -26.75 6.94
C ARG A 14 16.64 -26.35 5.49
N GLU A 15 15.59 -26.38 4.66
CA GLU A 15 15.72 -26.02 3.27
C GLU A 15 14.43 -25.37 2.75
N GLU A 16 14.58 -24.43 1.82
CA GLU A 16 13.43 -23.74 1.25
C GLU A 16 13.42 -23.86 -0.27
N ALA A 17 12.35 -23.36 -0.90
CA ALA A 17 12.22 -23.41 -2.35
C ALA A 17 11.28 -22.33 -2.85
N SER A 18 11.05 -22.30 -4.15
CA SER A 18 10.16 -21.32 -4.75
C SER A 18 8.82 -21.93 -5.11
N SER A 19 7.78 -21.09 -5.15
CA SER A 19 6.44 -21.56 -5.46
C SER A 19 5.47 -20.38 -5.59
N MET A 20 4.20 -20.69 -5.82
CA MET A 20 3.17 -19.66 -5.95
C MET A 20 2.25 -19.64 -4.74
N GLU A 21 2.77 -20.12 -3.61
CA GLU A 21 1.98 -20.15 -2.38
C GLU A 21 2.02 -18.81 -1.67
N ARG A 22 1.54 -18.78 -0.43
CA ARG A 22 1.52 -17.55 0.35
C ARG A 22 2.87 -17.31 1.02
N ASN A 23 3.82 -18.21 0.76
CA ASN A 23 5.16 -18.09 1.34
C ASN A 23 6.11 -17.40 0.37
N PHE A 24 5.55 -16.54 -0.48
CA PHE A 24 6.35 -15.80 -1.45
C PHE A 24 7.56 -15.14 -0.79
N ASN A 25 8.63 -14.96 -1.55
CA ASN A 25 9.84 -14.34 -1.04
C ASN A 25 9.56 -12.92 -0.54
N VAL A 26 9.42 -12.78 0.77
CA VAL A 26 9.15 -11.48 1.38
C VAL A 26 10.37 -10.57 1.29
N GLU A 27 11.55 -11.18 1.18
CA GLU A 27 12.79 -10.42 1.10
C GLU A 27 12.72 -9.39 -0.02
N LYS A 28 11.93 -9.69 -1.05
CA LYS A 28 11.77 -8.79 -2.18
C LYS A 28 11.18 -7.46 -1.74
N ILE A 29 10.04 -7.52 -1.05
CA ILE A 29 9.37 -6.31 -0.57
C ILE A 29 10.12 -5.70 0.62
N ASN A 30 10.78 -6.57 1.40
CA ASN A 30 11.52 -6.12 2.56
C ASN A 30 12.64 -5.16 2.15
N GLY A 31 12.39 -3.87 2.33
CA GLY A 31 13.37 -2.86 1.97
C GLY A 31 12.79 -1.46 1.93
N GLU A 32 12.58 -0.95 0.71
CA GLU A 32 12.02 0.39 0.54
C GLU A 32 11.05 0.43 -0.63
N TRP A 33 10.26 1.49 -0.70
CA TRP A 33 9.28 1.64 -1.77
C TRP A 33 9.09 3.11 -2.13
N TYR A 34 8.17 3.37 -3.04
CA TYR A 34 7.90 4.74 -3.47
C TYR A 34 6.41 4.94 -3.75
N THR A 35 5.97 6.19 -3.73
CA THR A 35 4.57 6.53 -3.96
C THR A 35 4.30 6.69 -5.46
N ILE A 36 3.12 6.26 -5.89
CA ILE A 36 2.73 6.35 -7.30
C ILE A 36 1.47 7.20 -7.45
N MET A 37 0.38 6.77 -6.82
CA MET A 37 -0.88 7.48 -6.89
C MET A 37 -1.71 7.25 -5.63
N LEU A 38 -2.48 8.26 -5.24
CA LEU A 38 -3.32 8.18 -4.06
C LEU A 38 -4.80 8.18 -4.43
N ALA A 39 -5.56 7.30 -3.79
CA ALA A 39 -6.99 7.19 -4.06
C ALA A 39 -7.77 6.89 -2.78
N THR A 40 -9.06 7.16 -2.80
CA THR A 40 -9.92 6.92 -1.64
C THR A 40 -11.36 7.35 -1.91
N ASP A 41 -12.30 6.69 -1.25
CA ASP A 41 -13.71 7.00 -1.41
C ASP A 41 -13.98 8.47 -1.15
N LYS A 42 -13.13 9.09 -0.33
CA LYS A 42 -13.28 10.50 0.01
C LYS A 42 -11.98 11.27 -0.29
N ARG A 43 -12.00 12.04 -1.36
CA ARG A 43 -10.83 12.82 -1.75
C ARG A 43 -10.53 13.90 -0.71
N GLU A 44 -11.54 14.29 0.06
CA GLU A 44 -11.38 15.31 1.08
C GLU A 44 -10.39 14.85 2.14
N LYS A 45 -10.25 13.54 2.30
CA LYS A 45 -9.33 12.98 3.28
C LYS A 45 -7.89 13.03 2.78
N ILE A 46 -7.72 13.04 1.46
CA ILE A 46 -6.41 13.09 0.85
C ILE A 46 -6.16 14.45 0.20
N GLU A 47 -6.91 15.45 0.63
CA GLU A 47 -6.77 16.80 0.10
C GLU A 47 -5.72 17.59 0.87
N GLU A 48 -5.23 18.67 0.26
CA GLU A 48 -4.22 19.51 0.90
C GLU A 48 -4.71 20.02 2.25
N HIS A 49 -6.03 20.10 2.41
CA HIS A 49 -6.63 20.56 3.66
C HIS A 49 -6.96 19.40 4.57
N GLY A 50 -6.31 18.26 4.35
CA GLY A 50 -6.56 17.08 5.16
C GLY A 50 -5.34 16.67 5.96
N SER A 51 -5.41 15.50 6.58
CA SER A 51 -4.31 14.98 7.39
C SER A 51 -4.15 13.48 7.19
N MET A 52 -4.78 12.95 6.16
CA MET A 52 -4.71 11.52 5.88
C MET A 52 -4.02 11.27 4.53
N ARG A 53 -3.22 12.23 4.09
CA ARG A 53 -2.51 12.12 2.83
C ARG A 53 -1.07 11.66 3.05
N VAL A 54 -0.85 10.93 4.14
CA VAL A 54 0.48 10.43 4.47
C VAL A 54 0.84 9.22 3.61
N PHE A 55 2.13 9.06 3.35
CA PHE A 55 2.60 7.94 2.54
C PHE A 55 3.85 7.31 3.16
N VAL A 56 4.02 6.01 2.95
CA VAL A 56 5.16 5.29 3.49
C VAL A 56 6.37 5.40 2.57
N GLU A 57 7.56 5.47 3.17
CA GLU A 57 8.79 5.57 2.39
C GLU A 57 9.49 4.22 2.28
N TYR A 58 9.29 3.38 3.28
CA TYR A 58 9.90 2.06 3.30
C TYR A 58 9.05 1.07 4.11
N ILE A 59 9.12 -0.20 3.75
CA ILE A 59 8.36 -1.23 4.44
C ILE A 59 9.30 -2.24 5.11
N HIS A 60 9.05 -2.51 6.39
CA HIS A 60 9.86 -3.45 7.15
C HIS A 60 9.06 -4.69 7.51
N VAL A 61 9.58 -5.86 7.15
CA VAL A 61 8.91 -7.12 7.44
C VAL A 61 9.41 -7.72 8.75
N LEU A 62 8.48 -8.17 9.58
CA LEU A 62 8.82 -8.76 10.86
C LEU A 62 8.32 -10.20 10.96
N GLU A 63 8.54 -10.84 12.10
CA GLU A 63 8.10 -12.22 12.31
C GLU A 63 6.63 -12.27 12.68
N ASN A 64 6.17 -11.28 13.45
CA ASN A 64 4.79 -11.22 13.87
C ASN A 64 4.23 -9.80 13.76
N SER A 65 4.70 -9.07 12.75
CA SER A 65 4.27 -7.70 12.53
C SER A 65 4.95 -7.10 11.31
N LEU A 66 4.70 -5.81 11.07
CA LEU A 66 5.30 -5.12 9.93
C LEU A 66 5.53 -3.65 10.26
N ALA A 67 6.80 -3.25 10.28
CA ALA A 67 7.15 -1.86 10.57
C ALA A 67 7.02 -0.99 9.34
N LEU A 68 6.54 0.24 9.54
CA LEU A 68 6.34 1.18 8.43
C LEU A 68 6.58 2.61 8.89
N LYS A 69 7.06 3.46 7.98
CA LYS A 69 7.31 4.85 8.29
C LYS A 69 6.60 5.78 7.30
N PHE A 70 5.58 6.48 7.78
CA PHE A 70 4.82 7.39 6.95
C PHE A 70 5.22 8.84 7.21
N HIS A 71 4.89 9.72 6.27
CA HIS A 71 5.22 11.13 6.40
C HIS A 71 3.97 12.00 6.26
N ILE A 72 3.78 12.92 7.20
CA ILE A 72 2.62 13.81 7.17
C ILE A 72 3.03 15.24 6.83
N ILE A 73 2.19 15.92 6.08
CA ILE A 73 2.46 17.31 5.68
C ILE A 73 2.32 18.25 6.86
N ILE A 74 3.37 19.01 7.15
CA ILE A 74 3.36 19.96 8.25
C ILE A 74 4.03 21.27 7.86
N ASN A 75 3.27 22.35 7.90
CA ASN A 75 3.80 23.68 7.54
C ASN A 75 4.47 23.64 6.18
N GLU A 76 3.78 23.11 5.18
CA GLU A 76 4.32 23.01 3.83
C GLU A 76 5.63 22.23 3.82
N GLU A 77 5.80 21.35 4.80
CA GLU A 77 7.01 20.54 4.91
C GLU A 77 6.68 19.14 5.42
N CYS A 78 7.14 18.13 4.69
CA CYS A 78 6.89 16.74 5.06
C CYS A 78 7.32 16.49 6.51
N SER A 79 6.94 15.33 7.03
CA SER A 79 7.27 14.97 8.40
C SER A 79 7.71 13.51 8.49
N GLU A 80 7.82 13.00 9.72
CA GLU A 80 8.23 11.62 9.93
C GLU A 80 7.34 10.95 10.98
N ILE A 81 6.91 9.73 10.69
CA ILE A 81 6.06 8.98 11.60
C ILE A 81 6.46 7.51 11.66
N PHE A 82 6.47 6.95 12.86
CA PHE A 82 6.84 5.56 13.06
C PHE A 82 5.67 4.76 13.64
N LEU A 83 5.42 3.59 13.07
CA LEU A 83 4.33 2.73 13.53
C LEU A 83 4.59 1.27 13.16
N VAL A 84 3.84 0.37 13.76
CA VAL A 84 3.98 -1.06 13.49
C VAL A 84 2.62 -1.74 13.42
N ALA A 85 2.42 -2.54 12.37
CA ALA A 85 1.17 -3.25 12.19
C ALA A 85 1.31 -4.73 12.59
N ASP A 86 0.41 -5.17 13.47
CA ASP A 86 0.43 -6.55 13.94
C ASP A 86 -0.69 -7.36 13.30
N LYS A 87 -0.63 -8.68 13.47
CA LYS A 87 -1.64 -9.57 12.90
C LYS A 87 -3.02 -9.29 13.51
N THR A 88 -4.05 -9.77 12.85
CA THR A 88 -5.42 -9.57 13.32
C THR A 88 -6.19 -10.89 13.35
N GLU A 89 -7.49 -10.80 13.61
CA GLU A 89 -8.33 -11.99 13.66
C GLU A 89 -8.59 -12.55 12.26
N LYS A 90 -8.48 -11.69 11.27
CA LYS A 90 -8.69 -12.09 9.88
C LYS A 90 -7.40 -12.62 9.26
N ALA A 91 -7.54 -13.52 8.30
CA ALA A 91 -6.39 -14.11 7.62
C ALA A 91 -5.71 -13.08 6.70
N GLY A 92 -4.38 -13.09 6.70
CA GLY A 92 -3.65 -12.15 5.87
C GLY A 92 -4.09 -10.72 6.07
N GLU A 93 -4.39 -10.36 7.31
CA GLU A 93 -4.83 -9.01 7.64
C GLU A 93 -4.04 -8.45 8.81
N TYR A 94 -3.65 -7.19 8.71
CA TYR A 94 -2.88 -6.53 9.77
C TYR A 94 -3.67 -5.37 10.37
N SER A 95 -3.26 -4.94 11.55
CA SER A 95 -3.93 -3.84 12.25
C SER A 95 -2.92 -2.89 12.87
N VAL A 96 -3.15 -1.60 12.73
CA VAL A 96 -2.26 -0.58 13.28
C VAL A 96 -3.05 0.63 13.77
N THR A 97 -2.49 1.32 14.76
CA THR A 97 -3.14 2.50 15.32
C THR A 97 -2.64 3.78 14.65
N TYR A 98 -3.57 4.61 14.19
CA TYR A 98 -3.22 5.86 13.54
C TYR A 98 -4.48 6.69 13.25
N ASP A 99 -4.77 7.63 14.14
CA ASP A 99 -5.93 8.49 13.99
C ASP A 99 -7.22 7.67 13.96
N GLY A 100 -7.18 6.50 14.59
CA GLY A 100 -8.35 5.63 14.63
C GLY A 100 -8.01 4.20 14.29
N SER A 101 -9.04 3.36 14.21
CA SER A 101 -8.85 1.94 13.88
C SER A 101 -8.51 1.77 12.41
N ASN A 102 -7.44 1.03 12.15
CA ASN A 102 -7.00 0.77 10.78
C ASN A 102 -6.62 -0.69 10.59
N THR A 103 -7.03 -1.25 9.45
CA THR A 103 -6.72 -2.65 9.15
C THR A 103 -6.66 -2.88 7.64
N PHE A 104 -5.49 -3.30 7.16
CA PHE A 104 -5.30 -3.56 5.74
C PHE A 104 -5.05 -5.04 5.49
N THR A 105 -4.96 -5.41 4.21
CA THR A 105 -4.73 -6.80 3.83
C THR A 105 -4.13 -6.89 2.43
N ILE A 106 -3.41 -7.97 2.18
CA ILE A 106 -2.78 -8.18 0.88
C ILE A 106 -3.73 -8.90 -0.08
N LEU A 107 -4.28 -8.16 -1.02
CA LEU A 107 -5.20 -8.73 -2.00
C LEU A 107 -4.52 -8.93 -3.34
N LYS A 108 -3.53 -8.09 -3.63
CA LYS A 108 -2.79 -8.18 -4.89
C LYS A 108 -1.54 -7.31 -4.85
N THR A 109 -0.38 -7.93 -5.04
CA THR A 109 0.89 -7.22 -5.03
C THR A 109 1.99 -8.05 -5.67
N ASP A 110 2.63 -7.49 -6.69
CA ASP A 110 3.71 -8.18 -7.39
C ASP A 110 5.01 -7.39 -7.29
N TYR A 111 6.12 -8.10 -7.17
CA TYR A 111 7.43 -7.48 -7.06
C TYR A 111 7.91 -6.98 -8.43
N ASP A 112 7.18 -7.33 -9.47
CA ASP A 112 7.53 -6.92 -10.82
C ASP A 112 6.61 -5.79 -11.31
N ASN A 113 5.51 -5.58 -10.59
CA ASN A 113 4.55 -4.55 -10.94
C ASN A 113 4.44 -3.51 -9.83
N TYR A 114 3.58 -3.78 -8.86
CA TYR A 114 3.37 -2.87 -7.74
C TYR A 114 2.72 -3.59 -6.56
N ILE A 115 2.57 -2.88 -5.45
CA ILE A 115 1.95 -3.45 -4.26
C ILE A 115 0.72 -2.64 -3.84
N MET A 116 -0.43 -3.32 -3.79
CA MET A 116 -1.68 -2.67 -3.40
C MET A 116 -2.00 -2.94 -1.93
N ILE A 117 -2.63 -1.97 -1.28
CA ILE A 117 -3.00 -2.11 0.12
C ILE A 117 -4.32 -1.42 0.41
N HIS A 118 -5.34 -2.20 0.74
CA HIS A 118 -6.66 -1.66 1.04
C HIS A 118 -6.78 -1.36 2.53
N LEU A 119 -6.58 -0.10 2.90
CA LEU A 119 -6.67 0.32 4.30
C LEU A 119 -7.94 1.13 4.54
N ILE A 120 -8.69 0.78 5.57
CA ILE A 120 -9.91 1.49 5.92
C ILE A 120 -9.78 2.22 7.24
N ASN A 121 -10.28 3.45 7.28
CA ASN A 121 -10.22 4.26 8.49
C ASN A 121 -11.62 4.64 8.97
N LYS A 122 -11.88 4.44 10.25
CA LYS A 122 -13.18 4.77 10.84
C LYS A 122 -13.04 5.85 11.90
N LYS A 123 -13.91 6.85 11.83
CA LYS A 123 -13.89 7.96 12.78
C LYS A 123 -15.17 8.79 12.68
N ASP A 124 -15.64 9.30 13.82
CA ASP A 124 -16.85 10.11 13.86
C ASP A 124 -18.05 9.31 13.37
N GLY A 125 -18.07 8.02 13.70
CA GLY A 125 -19.18 7.16 13.28
C GLY A 125 -19.20 6.93 11.79
N GLU A 126 -18.17 7.43 11.10
CA GLU A 126 -18.08 7.27 9.64
C GLU A 126 -16.73 6.72 9.24
N THR A 127 -16.74 5.74 8.34
CA THR A 127 -15.51 5.11 7.88
C THR A 127 -15.41 5.15 6.36
N PHE A 128 -14.25 5.51 5.85
CA PHE A 128 -14.03 5.59 4.40
C PHE A 128 -13.02 4.54 3.95
N GLN A 129 -12.88 4.40 2.63
CA GLN A 129 -11.96 3.43 2.07
C GLN A 129 -10.71 4.11 1.53
N LEU A 130 -9.54 3.62 1.93
CA LEU A 130 -8.28 4.19 1.48
C LEU A 130 -7.48 3.18 0.66
N MET A 131 -6.74 3.68 -0.33
CA MET A 131 -5.93 2.81 -1.18
C MET A 131 -4.51 3.36 -1.31
N GLU A 132 -3.53 2.46 -1.31
CA GLU A 132 -2.14 2.85 -1.43
C GLU A 132 -1.42 1.99 -2.46
N LEU A 133 -0.75 2.64 -3.41
CA LEU A 133 -0.02 1.92 -4.46
C LEU A 133 1.44 2.36 -4.49
N TYR A 134 2.34 1.38 -4.47
CA TYR A 134 3.77 1.66 -4.50
C TYR A 134 4.46 0.89 -5.61
N GLY A 135 5.62 1.38 -6.04
CA GLY A 135 6.35 0.70 -7.10
C GLY A 135 7.85 0.91 -6.98
N ARG A 136 8.62 0.07 -7.67
CA ARG A 136 10.08 0.17 -7.63
C ARG A 136 10.54 1.59 -7.94
N GLU A 137 9.77 2.29 -8.76
CA GLU A 137 10.09 3.66 -9.15
C GLU A 137 8.99 4.62 -8.73
N PRO A 138 9.32 5.92 -8.65
CA PRO A 138 8.38 6.96 -8.27
C PRO A 138 7.32 7.20 -9.35
N ASP A 139 7.51 6.58 -10.50
CA ASP A 139 6.57 6.74 -11.61
C ASP A 139 6.45 5.44 -12.40
N LEU A 140 5.23 4.93 -12.51
CA LEU A 140 4.98 3.70 -13.24
C LEU A 140 4.34 3.98 -14.61
N SER A 141 4.16 2.92 -15.40
CA SER A 141 3.57 3.07 -16.72
C SER A 141 2.16 3.66 -16.63
N SER A 142 1.74 4.32 -17.70
CA SER A 142 0.42 4.94 -17.75
C SER A 142 -0.68 3.89 -17.63
N ASP A 143 -0.44 2.72 -18.22
CA ASP A 143 -1.41 1.63 -18.18
C ASP A 143 -1.59 1.12 -16.75
N ILE A 144 -0.55 1.24 -15.94
CA ILE A 144 -0.61 0.80 -14.55
C ILE A 144 -1.71 1.52 -13.78
N LYS A 145 -1.91 2.79 -14.10
CA LYS A 145 -2.94 3.60 -13.44
C LYS A 145 -4.31 2.94 -13.58
N GLU A 146 -4.63 2.50 -14.80
CA GLU A 146 -5.91 1.87 -15.06
C GLU A 146 -5.92 0.43 -14.51
N LYS A 147 -4.77 -0.20 -14.53
CA LYS A 147 -4.64 -1.57 -14.03
C LYS A 147 -4.98 -1.65 -12.55
N PHE A 148 -4.38 -0.75 -11.77
CA PHE A 148 -4.62 -0.72 -10.32
C PHE A 148 -5.95 -0.05 -10.01
N ALA A 149 -6.40 0.81 -10.92
CA ALA A 149 -7.66 1.51 -10.74
C ALA A 149 -8.85 0.54 -10.76
N GLN A 150 -8.68 -0.56 -11.47
CA GLN A 150 -9.73 -1.57 -11.59
C GLN A 150 -10.15 -2.07 -10.21
N LEU A 151 -9.17 -2.27 -9.34
CA LEU A 151 -9.45 -2.74 -7.99
C LEU A 151 -10.12 -1.66 -7.15
N SER A 152 -9.97 -0.41 -7.58
CA SER A 152 -10.57 0.71 -6.88
C SER A 152 -12.09 0.66 -6.94
N GLU A 153 -12.61 0.36 -8.12
CA GLU A 153 -14.06 0.28 -8.32
C GLU A 153 -14.66 -0.81 -7.44
N GLU A 154 -13.88 -1.85 -7.18
CA GLU A 154 -14.33 -2.96 -6.35
C GLU A 154 -14.74 -2.47 -4.95
N HIS A 155 -14.13 -1.37 -4.53
CA HIS A 155 -14.42 -0.79 -3.22
C HIS A 155 -15.37 0.39 -3.34
N GLY A 156 -15.77 0.70 -4.58
CA GLY A 156 -16.67 1.81 -4.80
C GLY A 156 -15.96 3.06 -5.27
N ILE A 157 -14.63 3.01 -5.29
CA ILE A 157 -13.82 4.15 -5.72
C ILE A 157 -14.03 4.45 -7.20
N VAL A 158 -14.01 5.73 -7.54
CA VAL A 158 -14.20 6.16 -8.92
C VAL A 158 -12.90 6.67 -9.52
N ARG A 159 -12.79 6.59 -10.84
CA ARG A 159 -11.60 7.05 -11.54
C ARG A 159 -11.37 8.54 -11.31
N GLU A 160 -12.45 9.27 -11.10
CA GLU A 160 -12.37 10.71 -10.86
C GLU A 160 -11.75 11.00 -9.50
N ASN A 161 -11.74 10.01 -8.63
CA ASN A 161 -11.18 10.16 -7.29
C ASN A 161 -9.69 9.85 -7.29
N ILE A 162 -9.25 9.10 -8.29
CA ILE A 162 -7.84 8.73 -8.41
C ILE A 162 -7.05 9.83 -9.11
N ILE A 163 -6.03 10.34 -8.42
CA ILE A 163 -5.19 11.39 -8.98
C ILE A 163 -3.71 11.07 -8.80
N ASP A 164 -2.90 11.44 -9.79
CA ASP A 164 -1.46 11.20 -9.73
C ASP A 164 -0.77 12.23 -8.85
N LEU A 165 0.19 11.77 -8.05
CA LEU A 165 0.93 12.66 -7.16
C LEU A 165 2.33 12.93 -7.70
N THR A 166 2.53 12.64 -8.98
CA THR A 166 3.82 12.86 -9.62
C THR A 166 4.15 14.34 -9.71
N ASN A 167 3.12 15.17 -9.88
CA ASN A 167 3.31 16.60 -9.96
C ASN A 167 3.01 17.29 -8.63
N ALA A 168 3.16 16.52 -7.54
CA ALA A 168 2.90 17.05 -6.21
C ALA A 168 4.13 16.88 -5.31
N ASN A 169 3.97 17.20 -4.03
CA ASN A 169 5.07 17.09 -3.08
C ASN A 169 5.38 15.63 -2.77
N ARG A 170 6.15 15.00 -3.66
CA ARG A 170 6.52 13.60 -3.49
C ARG A 170 7.49 13.44 -2.33
N CYS A 171 8.26 14.48 -2.04
CA CYS A 171 9.23 14.45 -0.95
C CYS A 171 10.17 13.26 -1.10
N LEU A 172 10.47 12.90 -2.34
CA LEU A 172 11.36 11.77 -2.61
C LEU A 172 12.80 12.11 -2.22
N GLU A 173 13.08 13.39 -2.07
CA GLU A 173 14.42 13.85 -1.70
C GLU A 173 14.59 13.86 -0.18
N ALA A 174 13.48 13.68 0.53
CA ALA A 174 13.50 13.68 1.99
C ALA A 174 13.06 12.32 2.54
N ARG A 175 12.30 11.58 1.73
CA ARG A 175 11.82 10.27 2.14
C ARG A 175 12.92 9.23 2.06
N GLU A 176 13.88 9.45 1.16
CA GLU A 176 14.99 8.53 0.98
C GLU A 176 15.75 8.33 2.29
N MET A 1 26.80 13.85 -26.07
CA MET A 1 26.04 13.11 -27.07
C MET A 1 26.64 13.30 -28.46
N GLY A 2 26.55 14.52 -28.97
CA GLY A 2 27.09 14.82 -30.28
C GLY A 2 26.15 15.65 -31.13
N SER A 3 26.56 15.96 -32.36
CA SER A 3 25.74 16.76 -33.26
C SER A 3 24.84 15.87 -34.11
N SER A 4 25.27 14.64 -34.35
CA SER A 4 24.51 13.69 -35.15
C SER A 4 23.94 12.58 -34.27
N HIS A 5 22.61 12.50 -34.22
CA HIS A 5 21.95 11.48 -33.41
C HIS A 5 21.14 10.53 -34.30
N HIS A 6 21.59 10.35 -35.53
CA HIS A 6 20.92 9.47 -36.48
C HIS A 6 21.54 8.07 -36.46
N HIS A 7 21.12 7.26 -35.50
CA HIS A 7 21.62 5.90 -35.37
C HIS A 7 20.51 4.94 -34.99
N HIS A 8 20.77 3.65 -35.15
CA HIS A 8 19.78 2.62 -34.81
C HIS A 8 19.86 2.25 -33.34
N HIS A 9 18.88 2.71 -32.56
CA HIS A 9 18.83 2.43 -31.14
C HIS A 9 17.64 1.54 -30.79
N HIS A 10 17.22 0.73 -31.76
CA HIS A 10 16.08 -0.17 -31.55
C HIS A 10 16.55 -1.55 -31.10
N ILE A 11 16.91 -1.66 -29.84
CA ILE A 11 17.38 -2.93 -29.27
C ILE A 11 16.23 -3.71 -28.63
N GLU A 12 16.05 -4.95 -29.07
CA GLU A 12 14.99 -5.80 -28.53
C GLU A 12 15.58 -7.02 -27.83
N GLY A 13 14.73 -7.75 -27.12
CA GLY A 13 15.17 -8.94 -26.41
C GLY A 13 15.27 -8.71 -24.92
N ARG A 14 14.46 -7.80 -24.40
CA ARG A 14 14.46 -7.49 -22.97
C ARG A 14 13.02 -7.46 -22.43
N GLU A 15 12.38 -8.62 -22.41
CA GLU A 15 11.02 -8.73 -21.91
C GLU A 15 10.98 -9.53 -20.61
N GLU A 16 10.63 -8.86 -19.52
CA GLU A 16 10.54 -9.51 -18.22
C GLU A 16 9.47 -10.59 -18.21
N ALA A 17 9.73 -11.66 -17.46
CA ALA A 17 8.80 -12.77 -17.37
C ALA A 17 9.00 -13.57 -16.09
N SER A 18 7.98 -13.60 -15.25
CA SER A 18 8.05 -14.32 -13.98
C SER A 18 6.69 -14.38 -13.30
N SER A 19 6.25 -15.58 -12.97
CA SER A 19 4.96 -15.78 -12.32
C SER A 19 5.07 -16.80 -11.18
N MET A 20 4.81 -16.34 -9.97
CA MET A 20 4.88 -17.21 -8.79
C MET A 20 3.74 -16.91 -7.83
N GLU A 21 3.31 -17.93 -7.10
CA GLU A 21 2.23 -17.78 -6.14
C GLU A 21 2.56 -18.47 -4.82
N ARG A 22 2.87 -19.76 -4.90
CA ARG A 22 3.22 -20.53 -3.71
C ARG A 22 4.66 -20.28 -3.29
N ASN A 23 5.44 -19.69 -4.19
CA ASN A 23 6.84 -19.38 -3.92
C ASN A 23 7.00 -17.95 -3.43
N PHE A 24 5.96 -17.42 -2.81
CA PHE A 24 5.99 -16.05 -2.30
C PHE A 24 7.22 -15.82 -1.43
N ASN A 25 7.68 -14.57 -1.38
CA ASN A 25 8.85 -14.21 -0.59
C ASN A 25 8.77 -12.77 -0.13
N VAL A 26 8.70 -12.57 1.19
CA VAL A 26 8.63 -11.23 1.76
C VAL A 26 9.95 -10.49 1.59
N GLU A 27 11.04 -11.24 1.47
CA GLU A 27 12.36 -10.65 1.29
C GLU A 27 12.38 -9.70 0.10
N LYS A 28 11.50 -9.95 -0.87
CA LYS A 28 11.41 -9.12 -2.06
C LYS A 28 10.94 -7.72 -1.71
N ILE A 29 9.80 -7.63 -1.02
CA ILE A 29 9.24 -6.35 -0.63
C ILE A 29 10.07 -5.70 0.47
N ASN A 30 10.72 -6.53 1.29
CA ASN A 30 11.55 -6.04 2.38
C ASN A 30 12.62 -5.09 1.87
N GLY A 31 12.37 -3.79 2.02
CA GLY A 31 13.32 -2.79 1.57
C GLY A 31 12.74 -1.40 1.56
N GLU A 32 12.52 -0.84 0.37
CA GLU A 32 11.97 0.49 0.24
C GLU A 32 10.98 0.56 -0.91
N TRP A 33 10.13 1.58 -0.90
CA TRP A 33 9.12 1.76 -1.95
C TRP A 33 8.98 3.22 -2.33
N TYR A 34 8.04 3.51 -3.22
CA TYR A 34 7.81 4.87 -3.67
C TYR A 34 6.33 5.10 -3.98
N THR A 35 5.85 6.30 -3.69
CA THR A 35 4.46 6.65 -3.94
C THR A 35 4.18 6.83 -5.42
N ILE A 36 3.03 6.37 -5.87
CA ILE A 36 2.64 6.49 -7.27
C ILE A 36 1.37 7.29 -7.43
N MET A 37 0.29 6.82 -6.83
CA MET A 37 -1.00 7.50 -6.90
C MET A 37 -1.80 7.29 -5.61
N LEU A 38 -2.56 8.31 -5.23
CA LEU A 38 -3.38 8.23 -4.02
C LEU A 38 -4.87 8.29 -4.37
N ALA A 39 -5.60 7.23 -4.02
CA ALA A 39 -7.02 7.17 -4.28
C ALA A 39 -7.81 6.93 -3.00
N THR A 40 -9.05 7.43 -2.97
CA THR A 40 -9.90 7.27 -1.80
C THR A 40 -11.25 7.95 -2.01
N ASP A 41 -12.32 7.29 -1.58
CA ASP A 41 -13.67 7.83 -1.72
C ASP A 41 -13.74 9.24 -1.15
N LYS A 42 -12.92 9.52 -0.14
CA LYS A 42 -12.90 10.83 0.49
C LYS A 42 -11.67 11.62 0.03
N ARG A 43 -11.76 12.18 -1.17
CA ARG A 43 -10.66 12.96 -1.73
C ARG A 43 -10.35 14.16 -0.83
N GLU A 44 -11.32 14.56 -0.02
CA GLU A 44 -11.15 15.68 0.89
C GLU A 44 -10.15 15.34 2.00
N LYS A 45 -10.02 14.06 2.30
CA LYS A 45 -9.11 13.59 3.33
C LYS A 45 -7.67 13.54 2.81
N ILE A 46 -7.53 13.37 1.50
CA ILE A 46 -6.21 13.30 0.88
C ILE A 46 -5.87 14.60 0.15
N GLU A 47 -6.61 15.66 0.49
CA GLU A 47 -6.38 16.96 -0.13
C GLU A 47 -5.37 17.77 0.66
N GLU A 48 -4.87 18.85 0.07
CA GLU A 48 -3.89 19.71 0.72
C GLU A 48 -4.43 20.24 2.03
N HIS A 49 -5.76 20.30 2.14
CA HIS A 49 -6.41 20.79 3.36
C HIS A 49 -6.80 19.64 4.28
N GLY A 50 -6.14 18.50 4.09
CA GLY A 50 -6.43 17.34 4.91
C GLY A 50 -5.21 16.83 5.65
N SER A 51 -5.43 15.95 6.63
CA SER A 51 -4.34 15.40 7.42
C SER A 51 -4.29 13.88 7.29
N MET A 52 -4.93 13.36 6.24
CA MET A 52 -4.95 11.92 6.00
C MET A 52 -4.23 11.58 4.69
N ARG A 53 -3.32 12.45 4.28
CA ARG A 53 -2.57 12.23 3.05
C ARG A 53 -1.16 11.74 3.36
N VAL A 54 -1.04 10.85 4.34
CA VAL A 54 0.25 10.30 4.74
C VAL A 54 0.65 9.15 3.82
N PHE A 55 1.95 9.04 3.56
CA PHE A 55 2.47 7.98 2.71
C PHE A 55 3.72 7.35 3.31
N VAL A 56 3.91 6.06 3.07
CA VAL A 56 5.07 5.35 3.58
C VAL A 56 6.30 5.60 2.72
N GLU A 57 7.45 5.73 3.38
CA GLU A 57 8.71 5.98 2.67
C GLU A 57 9.50 4.69 2.51
N TYR A 58 9.19 3.70 3.35
CA TYR A 58 9.88 2.42 3.30
C TYR A 58 9.11 1.35 4.08
N ILE A 59 9.09 0.14 3.54
CA ILE A 59 8.39 -0.97 4.18
C ILE A 59 9.37 -1.99 4.74
N HIS A 60 9.14 -2.38 5.99
CA HIS A 60 10.01 -3.37 6.65
C HIS A 60 9.19 -4.55 7.17
N VAL A 61 9.72 -5.75 6.96
CA VAL A 61 9.04 -6.96 7.41
C VAL A 61 9.73 -7.55 8.64
N LEU A 62 8.95 -7.77 9.70
CA LEU A 62 9.48 -8.33 10.94
C LEU A 62 9.21 -9.83 11.01
N GLU A 63 9.58 -10.44 12.13
CA GLU A 63 9.37 -11.87 12.33
C GLU A 63 7.91 -12.16 12.68
N ASN A 64 7.27 -11.23 13.38
CA ASN A 64 5.88 -11.39 13.78
C ASN A 64 5.10 -10.09 13.57
N SER A 65 5.54 -9.29 12.61
CA SER A 65 4.88 -8.03 12.31
C SER A 65 5.51 -7.37 11.09
N LEU A 66 5.18 -6.10 10.87
CA LEU A 66 5.70 -5.35 9.73
C LEU A 66 5.89 -3.88 10.10
N ALA A 67 7.15 -3.43 10.09
CA ALA A 67 7.47 -2.04 10.41
C ALA A 67 7.26 -1.13 9.21
N LEU A 68 6.78 0.08 9.46
CA LEU A 68 6.52 1.04 8.39
C LEU A 68 6.74 2.46 8.88
N LYS A 69 7.11 3.35 7.97
CA LYS A 69 7.35 4.75 8.30
C LYS A 69 6.60 5.68 7.35
N PHE A 70 5.60 6.38 7.87
CA PHE A 70 4.81 7.30 7.07
C PHE A 70 5.16 8.75 7.40
N HIS A 71 5.04 9.63 6.40
CA HIS A 71 5.35 11.04 6.58
C HIS A 71 4.10 11.89 6.37
N ILE A 72 3.98 12.95 7.15
CA ILE A 72 2.84 13.85 7.05
C ILE A 72 3.29 15.28 6.79
N ILE A 73 2.56 15.98 5.91
CA ILE A 73 2.88 17.36 5.58
C ILE A 73 2.34 18.31 6.63
N ILE A 74 3.23 18.78 7.51
CA ILE A 74 2.83 19.70 8.56
C ILE A 74 3.46 21.08 8.35
N ASN A 75 2.62 22.09 8.20
CA ASN A 75 3.10 23.46 7.98
C ASN A 75 4.02 23.52 6.77
N GLU A 76 3.59 22.90 5.67
CA GLU A 76 4.40 22.90 4.45
C GLU A 76 5.77 22.28 4.70
N GLU A 77 5.81 21.29 5.57
CA GLU A 77 7.07 20.62 5.90
C GLU A 77 6.83 19.14 6.22
N CYS A 78 7.49 18.27 5.45
CA CYS A 78 7.35 16.83 5.65
C CYS A 78 7.68 16.44 7.08
N SER A 79 7.14 15.32 7.53
CA SER A 79 7.37 14.82 8.88
C SER A 79 7.77 13.35 8.87
N GLU A 80 7.81 12.75 10.06
CA GLU A 80 8.16 11.34 10.18
C GLU A 80 7.28 10.65 11.22
N ILE A 81 6.86 9.43 10.90
CA ILE A 81 6.01 8.66 11.81
C ILE A 81 6.39 7.18 11.79
N PHE A 82 6.92 6.70 12.91
CA PHE A 82 7.33 5.31 13.03
C PHE A 82 6.21 4.46 13.63
N LEU A 83 5.86 3.38 12.96
CA LEU A 83 4.80 2.49 13.43
C LEU A 83 4.97 1.08 12.85
N VAL A 84 4.50 0.09 13.58
CA VAL A 84 4.59 -1.30 13.14
C VAL A 84 3.27 -2.04 13.35
N ALA A 85 2.83 -2.75 12.32
CA ALA A 85 1.59 -3.50 12.39
C ALA A 85 1.86 -4.99 12.60
N ASP A 86 1.16 -5.58 13.56
CA ASP A 86 1.32 -7.00 13.87
C ASP A 86 0.18 -7.82 13.27
N LYS A 87 0.36 -9.13 13.23
CA LYS A 87 -0.66 -10.03 12.68
C LYS A 87 -1.95 -9.91 13.46
N THR A 88 -3.05 -10.34 12.85
CA THR A 88 -4.36 -10.28 13.48
C THR A 88 -5.01 -11.66 13.54
N GLU A 89 -6.24 -11.71 14.05
CA GLU A 89 -6.96 -12.97 14.16
C GLU A 89 -7.29 -13.53 12.78
N LYS A 90 -7.45 -12.64 11.81
CA LYS A 90 -7.76 -13.05 10.45
C LYS A 90 -6.52 -12.98 9.56
N ALA A 91 -6.12 -14.12 9.01
CA ALA A 91 -4.95 -14.19 8.15
C ALA A 91 -5.12 -13.29 6.92
N GLY A 92 -4.07 -12.55 6.59
CA GLY A 92 -4.12 -11.66 5.44
C GLY A 92 -4.35 -10.21 5.84
N GLU A 93 -4.97 -10.01 7.01
CA GLU A 93 -5.25 -8.67 7.50
C GLU A 93 -4.29 -8.29 8.63
N TYR A 94 -4.09 -7.00 8.81
CA TYR A 94 -3.18 -6.51 9.85
C TYR A 94 -3.86 -5.42 10.68
N SER A 95 -3.38 -5.23 11.91
CA SER A 95 -3.93 -4.23 12.80
C SER A 95 -2.87 -3.22 13.22
N VAL A 96 -3.18 -1.94 13.07
CA VAL A 96 -2.26 -0.87 13.43
C VAL A 96 -3.00 0.37 13.90
N THR A 97 -2.53 0.95 14.99
CA THR A 97 -3.15 2.15 15.55
C THR A 97 -2.76 3.39 14.76
N TYR A 98 -3.72 4.28 14.55
CA TYR A 98 -3.48 5.51 13.80
C TYR A 98 -4.72 6.39 13.78
N ASP A 99 -4.78 7.33 14.72
CA ASP A 99 -5.92 8.25 14.82
C ASP A 99 -7.22 7.48 14.95
N GLY A 100 -7.15 6.29 15.53
CA GLY A 100 -8.33 5.46 15.71
C GLY A 100 -8.09 4.01 15.34
N SER A 101 -9.04 3.43 14.62
CA SER A 101 -8.92 2.03 14.22
C SER A 101 -8.57 1.92 12.74
N ASN A 102 -7.62 1.04 12.42
CA ASN A 102 -7.17 0.84 11.06
C ASN A 102 -6.78 -0.61 10.81
N THR A 103 -7.19 -1.15 9.67
CA THR A 103 -6.89 -2.54 9.32
C THR A 103 -6.82 -2.71 7.82
N PHE A 104 -5.65 -3.12 7.32
CA PHE A 104 -5.45 -3.32 5.89
C PHE A 104 -5.25 -4.81 5.59
N THR A 105 -5.21 -5.15 4.30
CA THR A 105 -5.03 -6.53 3.88
C THR A 105 -4.45 -6.58 2.46
N ILE A 106 -3.73 -7.67 2.16
CA ILE A 106 -3.13 -7.85 0.86
C ILE A 106 -4.09 -8.57 -0.10
N LEU A 107 -4.57 -7.85 -1.10
CA LEU A 107 -5.49 -8.41 -2.07
C LEU A 107 -4.77 -8.71 -3.39
N LYS A 108 -3.72 -7.96 -3.66
CA LYS A 108 -2.94 -8.15 -4.88
C LYS A 108 -1.70 -7.27 -4.88
N THR A 109 -0.53 -7.88 -5.06
CA THR A 109 0.73 -7.15 -5.07
C THR A 109 1.84 -7.99 -5.68
N ASP A 110 2.51 -7.43 -6.70
CA ASP A 110 3.60 -8.13 -7.37
C ASP A 110 4.91 -7.35 -7.21
N TYR A 111 6.00 -8.09 -7.06
CA TYR A 111 7.32 -7.48 -6.90
C TYR A 111 7.86 -6.99 -8.24
N ASP A 112 7.21 -7.42 -9.32
CA ASP A 112 7.63 -7.02 -10.66
C ASP A 112 6.68 -5.97 -11.23
N ASN A 113 5.72 -5.54 -10.42
CA ASN A 113 4.75 -4.54 -10.84
C ASN A 113 4.57 -3.48 -9.77
N TYR A 114 3.67 -3.74 -8.82
CA TYR A 114 3.40 -2.80 -7.74
C TYR A 114 2.73 -3.51 -6.57
N ILE A 115 2.51 -2.76 -5.49
CA ILE A 115 1.87 -3.32 -4.30
C ILE A 115 0.67 -2.47 -3.88
N MET A 116 -0.49 -3.11 -3.79
CA MET A 116 -1.71 -2.41 -3.39
C MET A 116 -2.03 -2.68 -1.93
N ILE A 117 -2.60 -1.69 -1.26
CA ILE A 117 -2.97 -1.81 0.14
C ILE A 117 -4.29 -1.12 0.43
N HIS A 118 -5.29 -1.90 0.81
CA HIS A 118 -6.62 -1.36 1.12
C HIS A 118 -6.74 -1.05 2.61
N LEU A 119 -6.60 0.24 2.94
CA LEU A 119 -6.70 0.68 4.34
C LEU A 119 -8.02 1.38 4.60
N ILE A 120 -8.73 0.93 5.62
CA ILE A 120 -10.02 1.52 5.98
C ILE A 120 -9.96 2.18 7.35
N ASN A 121 -10.36 3.45 7.41
CA ASN A 121 -10.35 4.20 8.66
C ASN A 121 -11.76 4.65 9.04
N LYS A 122 -11.99 4.82 10.34
CA LYS A 122 -13.29 5.25 10.83
C LYS A 122 -13.14 6.42 11.79
N LYS A 123 -14.07 7.36 11.71
CA LYS A 123 -14.06 8.54 12.58
C LYS A 123 -15.39 9.29 12.51
N ASP A 124 -15.81 9.83 13.65
CA ASP A 124 -17.07 10.58 13.72
C ASP A 124 -18.23 9.73 13.21
N GLY A 125 -18.22 8.45 13.57
CA GLY A 125 -19.28 7.56 13.13
C GLY A 125 -19.32 7.39 11.63
N GLU A 126 -18.24 7.80 10.97
CA GLU A 126 -18.16 7.69 9.51
C GLU A 126 -16.87 6.99 9.09
N THR A 127 -17.02 5.93 8.30
CA THR A 127 -15.86 5.17 7.84
C THR A 127 -15.70 5.28 6.33
N PHE A 128 -14.48 5.53 5.88
CA PHE A 128 -14.19 5.66 4.46
C PHE A 128 -13.15 4.64 4.01
N GLN A 129 -12.94 4.55 2.70
CA GLN A 129 -11.98 3.61 2.15
C GLN A 129 -10.75 4.34 1.62
N LEU A 130 -9.58 3.77 1.88
CA LEU A 130 -8.32 4.37 1.43
C LEU A 130 -7.48 3.36 0.67
N MET A 131 -6.76 3.83 -0.34
CA MET A 131 -5.91 2.96 -1.15
C MET A 131 -4.49 3.52 -1.24
N GLU A 132 -3.51 2.64 -1.36
CA GLU A 132 -2.11 3.04 -1.44
C GLU A 132 -1.35 2.15 -2.42
N LEU A 133 -0.84 2.76 -3.48
CA LEU A 133 -0.08 2.02 -4.49
C LEU A 133 1.39 2.45 -4.50
N TYR A 134 2.28 1.47 -4.59
CA TYR A 134 3.72 1.74 -4.60
C TYR A 134 4.42 0.88 -5.65
N GLY A 135 5.60 1.34 -6.07
CA GLY A 135 6.36 0.61 -7.07
C GLY A 135 7.85 0.80 -6.92
N ARG A 136 8.63 -0.11 -7.51
CA ARG A 136 10.08 -0.02 -7.44
C ARG A 136 10.58 1.35 -7.86
N GLU A 137 9.83 2.00 -8.74
CA GLU A 137 10.19 3.33 -9.23
C GLU A 137 9.09 4.34 -8.94
N PRO A 138 9.45 5.62 -8.96
CA PRO A 138 8.50 6.72 -8.70
C PRO A 138 7.49 6.88 -9.82
N ASP A 139 7.72 6.19 -10.93
CA ASP A 139 6.83 6.26 -12.08
C ASP A 139 6.59 4.87 -12.67
N LEU A 140 5.36 4.63 -13.12
CA LEU A 140 5.01 3.34 -13.71
C LEU A 140 4.43 3.52 -15.10
N SER A 141 4.10 2.40 -15.75
CA SER A 141 3.54 2.44 -17.10
C SER A 141 2.11 2.96 -17.07
N SER A 142 1.63 3.42 -18.22
CA SER A 142 0.28 3.94 -18.33
C SER A 142 -0.75 2.84 -18.10
N ASP A 143 -0.48 1.66 -18.64
CA ASP A 143 -1.39 0.53 -18.51
C ASP A 143 -1.59 0.18 -17.04
N ILE A 144 -0.59 0.48 -16.22
CA ILE A 144 -0.65 0.20 -14.79
C ILE A 144 -1.82 0.94 -14.14
N LYS A 145 -2.07 2.16 -14.61
CA LYS A 145 -3.15 2.98 -14.07
C LYS A 145 -4.48 2.24 -14.16
N GLU A 146 -4.76 1.66 -15.32
CA GLU A 146 -6.01 0.92 -15.53
C GLU A 146 -5.95 -0.43 -14.83
N LYS A 147 -4.75 -1.00 -14.75
CA LYS A 147 -4.57 -2.30 -14.12
C LYS A 147 -4.89 -2.23 -12.62
N PHE A 148 -4.33 -1.22 -11.96
CA PHE A 148 -4.56 -1.03 -10.52
C PHE A 148 -5.94 -0.43 -10.27
N ALA A 149 -6.42 0.36 -11.22
CA ALA A 149 -7.73 1.00 -11.11
C ALA A 149 -8.84 -0.05 -11.00
N GLN A 150 -8.62 -1.21 -11.62
CA GLN A 150 -9.60 -2.28 -11.59
C GLN A 150 -10.03 -2.60 -10.16
N LEU A 151 -9.05 -2.60 -9.25
CA LEU A 151 -9.33 -2.89 -7.85
C LEU A 151 -9.99 -1.70 -7.16
N SER A 152 -9.74 -0.51 -7.69
CA SER A 152 -10.31 0.71 -7.14
C SER A 152 -11.82 0.72 -7.28
N GLU A 153 -12.31 0.37 -8.47
CA GLU A 153 -13.74 0.35 -8.73
C GLU A 153 -14.46 -0.59 -7.75
N GLU A 154 -13.76 -1.63 -7.32
CA GLU A 154 -14.32 -2.59 -6.37
C GLU A 154 -14.82 -1.89 -5.12
N HIS A 155 -14.10 -0.86 -4.69
CA HIS A 155 -14.47 -0.10 -3.50
C HIS A 155 -15.33 1.10 -3.86
N GLY A 156 -15.87 1.09 -5.08
CA GLY A 156 -16.72 2.18 -5.52
C GLY A 156 -15.92 3.45 -5.80
N ILE A 157 -14.60 3.31 -5.87
CA ILE A 157 -13.72 4.45 -6.13
C ILE A 157 -13.62 4.73 -7.62
N VAL A 158 -14.36 5.72 -8.10
CA VAL A 158 -14.34 6.09 -9.50
C VAL A 158 -13.00 6.69 -9.89
N ARG A 159 -12.67 6.60 -11.18
CA ARG A 159 -11.41 7.13 -11.69
C ARG A 159 -11.27 8.61 -11.35
N GLU A 160 -12.41 9.28 -11.16
CA GLU A 160 -12.40 10.70 -10.84
C GLU A 160 -11.69 10.96 -9.52
N ASN A 161 -11.68 9.95 -8.65
CA ASN A 161 -11.04 10.07 -7.35
C ASN A 161 -9.55 9.72 -7.44
N ILE A 162 -9.20 8.96 -8.48
CA ILE A 162 -7.81 8.56 -8.69
C ILE A 162 -7.04 9.64 -9.44
N ILE A 163 -6.06 10.25 -8.76
CA ILE A 163 -5.25 11.29 -9.36
C ILE A 163 -3.77 11.08 -9.08
N ASP A 164 -2.93 11.29 -10.08
CA ASP A 164 -1.49 11.12 -9.93
C ASP A 164 -0.91 12.19 -9.01
N LEU A 165 0.02 11.79 -8.15
CA LEU A 165 0.65 12.72 -7.22
C LEU A 165 2.08 13.04 -7.66
N THR A 166 2.38 12.72 -8.91
CA THR A 166 3.72 12.98 -9.45
C THR A 166 4.05 14.47 -9.41
N ASN A 167 3.04 15.31 -9.61
CA ASN A 167 3.23 16.76 -9.60
C ASN A 167 2.81 17.33 -8.25
N ALA A 168 2.81 16.50 -7.22
CA ALA A 168 2.43 16.94 -5.88
C ALA A 168 3.65 17.09 -4.98
N ASN A 169 3.41 17.27 -3.69
CA ASN A 169 4.49 17.43 -2.73
C ASN A 169 4.76 16.13 -1.98
N ARG A 170 5.50 15.23 -2.62
CA ARG A 170 5.81 13.94 -2.02
C ARG A 170 6.98 14.07 -1.03
N CYS A 171 7.53 15.27 -0.94
CA CYS A 171 8.65 15.54 -0.04
C CYS A 171 9.54 14.30 0.09
N LEU A 172 9.95 13.75 -1.04
CA LEU A 172 10.81 12.57 -1.05
C LEU A 172 12.27 12.95 -0.81
N GLU A 173 12.58 14.22 -1.02
CA GLU A 173 13.94 14.71 -0.82
C GLU A 173 14.31 14.72 0.66
N ALA A 174 13.30 14.58 1.51
CA ALA A 174 13.52 14.56 2.95
C ALA A 174 14.05 13.21 3.41
N ARG A 175 13.70 12.15 2.68
CA ARG A 175 14.14 10.81 3.02
C ARG A 175 15.65 10.76 3.24
N GLU A 176 16.40 10.86 2.14
CA GLU A 176 17.86 10.83 2.20
C GLU A 176 18.45 12.20 1.85
N MET A 1 -47.08 -45.17 5.86
CA MET A 1 -46.53 -43.83 5.73
C MET A 1 -45.80 -43.41 6.99
N GLY A 2 -44.66 -42.75 6.82
CA GLY A 2 -43.87 -42.30 7.96
C GLY A 2 -42.39 -42.26 7.67
N SER A 3 -41.58 -42.78 8.59
CA SER A 3 -40.14 -42.80 8.43
C SER A 3 -39.51 -43.89 9.28
N SER A 4 -38.95 -44.91 8.61
CA SER A 4 -38.32 -46.03 9.30
C SER A 4 -36.81 -46.03 9.06
N HIS A 5 -36.11 -46.92 9.76
CA HIS A 5 -34.66 -47.03 9.62
C HIS A 5 -34.30 -47.97 8.48
N HIS A 6 -34.28 -47.45 7.26
CA HIS A 6 -33.95 -48.26 6.09
C HIS A 6 -32.62 -47.80 5.49
N HIS A 7 -32.51 -46.50 5.22
CA HIS A 7 -31.30 -45.93 4.64
C HIS A 7 -30.30 -45.56 5.72
N HIS A 8 -29.02 -45.51 5.36
CA HIS A 8 -27.97 -45.17 6.30
C HIS A 8 -27.39 -43.78 5.99
N HIS A 9 -26.79 -43.16 7.00
CA HIS A 9 -26.20 -41.84 6.83
C HIS A 9 -24.68 -41.93 6.74
N HIS A 10 -24.06 -40.97 6.05
CA HIS A 10 -22.61 -40.95 5.91
C HIS A 10 -21.93 -40.68 7.25
N ILE A 11 -20.61 -40.71 7.26
CA ILE A 11 -19.85 -40.48 8.47
C ILE A 11 -19.00 -39.22 8.36
N GLU A 12 -18.98 -38.42 9.42
CA GLU A 12 -18.21 -37.17 9.43
C GLU A 12 -16.77 -37.44 9.88
N GLY A 13 -15.98 -36.37 9.93
CA GLY A 13 -14.59 -36.51 10.34
C GLY A 13 -13.62 -36.23 9.20
N ARG A 14 -14.05 -35.42 8.24
CA ARG A 14 -13.22 -35.08 7.10
C ARG A 14 -12.12 -34.09 7.50
N GLU A 15 -10.87 -34.48 7.26
CA GLU A 15 -9.74 -33.63 7.59
C GLU A 15 -8.73 -33.59 6.44
N GLU A 16 -8.10 -32.44 6.25
CA GLU A 16 -7.12 -32.27 5.18
C GLU A 16 -5.79 -31.77 5.75
N ALA A 17 -4.78 -31.69 4.89
CA ALA A 17 -3.46 -31.23 5.30
C ALA A 17 -3.26 -29.76 4.94
N SER A 18 -2.16 -29.19 5.40
CA SER A 18 -1.86 -27.79 5.15
C SER A 18 -0.61 -27.65 4.26
N SER A 19 -0.56 -26.57 3.48
CA SER A 19 0.56 -26.33 2.59
C SER A 19 1.37 -25.13 3.04
N MET A 20 2.69 -25.23 2.95
CA MET A 20 3.57 -24.15 3.36
C MET A 20 3.51 -22.99 2.36
N GLU A 21 4.13 -21.87 2.72
CA GLU A 21 4.14 -20.70 1.86
C GLU A 21 5.53 -20.47 1.24
N ARG A 22 6.10 -21.55 0.70
CA ARG A 22 7.42 -21.47 0.10
C ARG A 22 7.44 -20.44 -1.03
N ASN A 23 6.26 -20.15 -1.58
CA ASN A 23 6.14 -19.19 -2.67
C ASN A 23 6.24 -17.76 -2.15
N PHE A 24 5.85 -17.57 -0.89
CA PHE A 24 5.91 -16.24 -0.27
C PHE A 24 7.35 -15.80 -0.05
N ASN A 25 7.68 -14.61 -0.55
CA ASN A 25 9.02 -14.07 -0.40
C ASN A 25 8.98 -12.62 0.08
N VAL A 26 9.00 -12.45 1.41
CA VAL A 26 8.96 -11.12 2.00
C VAL A 26 10.28 -10.38 1.78
N GLU A 27 11.36 -11.13 1.67
CA GLU A 27 12.68 -10.55 1.46
C GLU A 27 12.66 -9.64 0.23
N LYS A 28 11.78 -9.94 -0.72
CA LYS A 28 11.67 -9.15 -1.94
C LYS A 28 11.19 -7.74 -1.63
N ILE A 29 10.06 -7.64 -0.93
CA ILE A 29 9.50 -6.34 -0.57
C ILE A 29 10.35 -5.65 0.50
N ASN A 30 11.00 -6.45 1.33
CA ASN A 30 11.84 -5.92 2.40
C ASN A 30 12.84 -4.91 1.84
N GLY A 31 12.64 -3.64 2.16
CA GLY A 31 13.54 -2.60 1.70
C GLY A 31 12.90 -1.22 1.73
N GLU A 32 12.66 -0.65 0.56
CA GLU A 32 12.05 0.67 0.46
C GLU A 32 11.07 0.73 -0.70
N TRP A 33 10.15 1.69 -0.64
CA TRP A 33 9.15 1.87 -1.69
C TRP A 33 8.95 3.34 -2.02
N TYR A 34 8.02 3.61 -2.91
CA TYR A 34 7.72 4.99 -3.32
C TYR A 34 6.23 5.16 -3.60
N THR A 35 5.77 6.41 -3.54
CA THR A 35 4.37 6.73 -3.79
C THR A 35 4.09 6.88 -5.28
N ILE A 36 2.95 6.38 -5.72
CA ILE A 36 2.57 6.47 -7.12
C ILE A 36 1.29 7.28 -7.29
N MET A 37 0.21 6.81 -6.68
CA MET A 37 -1.08 7.50 -6.76
C MET A 37 -1.88 7.29 -5.48
N LEU A 38 -2.66 8.31 -5.11
CA LEU A 38 -3.48 8.24 -3.90
C LEU A 38 -4.96 8.26 -4.26
N ALA A 39 -5.66 7.18 -3.91
CA ALA A 39 -7.09 7.08 -4.18
C ALA A 39 -7.88 6.90 -2.90
N THR A 40 -9.11 7.40 -2.89
CA THR A 40 -9.97 7.29 -1.72
C THR A 40 -11.35 7.88 -2.00
N ASP A 41 -12.37 7.34 -1.34
CA ASP A 41 -13.74 7.81 -1.51
C ASP A 41 -13.88 9.25 -1.01
N LYS A 42 -13.01 9.64 -0.08
CA LYS A 42 -13.04 10.98 0.48
C LYS A 42 -11.86 11.81 -0.03
N ARG A 43 -12.11 12.60 -1.08
CA ARG A 43 -11.07 13.44 -1.65
C ARG A 43 -10.65 14.53 -0.67
N GLU A 44 -11.58 14.97 0.16
CA GLU A 44 -11.31 16.01 1.14
C GLU A 44 -10.31 15.52 2.19
N LYS A 45 -10.26 14.20 2.36
CA LYS A 45 -9.36 13.59 3.34
C LYS A 45 -7.92 13.62 2.85
N ILE A 46 -7.75 13.38 1.55
CA ILE A 46 -6.42 13.37 0.94
C ILE A 46 -6.11 14.72 0.29
N GLU A 47 -6.87 15.74 0.66
CA GLU A 47 -6.68 17.08 0.11
C GLU A 47 -5.49 17.77 0.77
N GLU A 48 -4.95 18.78 0.08
CA GLU A 48 -3.80 19.52 0.60
C GLU A 48 -4.12 20.14 1.95
N HIS A 49 -5.40 20.39 2.19
CA HIS A 49 -5.84 20.99 3.45
C HIS A 49 -6.28 19.91 4.44
N GLY A 50 -5.82 18.69 4.21
CA GLY A 50 -6.18 17.59 5.09
C GLY A 50 -5.00 17.08 5.90
N SER A 51 -5.20 15.98 6.61
CA SER A 51 -4.14 15.40 7.43
C SER A 51 -4.15 13.87 7.31
N MET A 52 -4.81 13.36 6.28
CA MET A 52 -4.90 11.92 6.05
C MET A 52 -4.22 11.55 4.73
N ARG A 53 -3.28 12.38 4.30
CA ARG A 53 -2.55 12.13 3.05
C ARG A 53 -1.16 11.58 3.34
N VAL A 54 -1.02 10.91 4.47
CA VAL A 54 0.26 10.32 4.86
C VAL A 54 0.63 9.17 3.94
N PHE A 55 1.93 9.06 3.63
CA PHE A 55 2.41 7.99 2.76
C PHE A 55 3.67 7.35 3.35
N VAL A 56 3.83 6.05 3.13
CA VAL A 56 4.99 5.32 3.63
C VAL A 56 6.18 5.48 2.70
N GLU A 57 7.37 5.55 3.28
CA GLU A 57 8.59 5.71 2.50
C GLU A 57 9.28 4.37 2.29
N TYR A 58 9.14 3.48 3.28
CA TYR A 58 9.75 2.15 3.21
C TYR A 58 8.94 1.14 4.01
N ILE A 59 9.16 -0.14 3.71
CA ILE A 59 8.45 -1.21 4.40
C ILE A 59 9.42 -2.20 5.04
N HIS A 60 9.22 -2.49 6.32
CA HIS A 60 10.09 -3.41 7.04
C HIS A 60 9.33 -4.69 7.40
N VAL A 61 10.00 -5.82 7.28
CA VAL A 61 9.39 -7.11 7.60
C VAL A 61 9.91 -7.66 8.93
N LEU A 62 8.98 -8.04 9.80
CA LEU A 62 9.35 -8.59 11.11
C LEU A 62 8.95 -10.05 11.22
N GLU A 63 9.44 -10.70 12.27
CA GLU A 63 9.13 -12.12 12.50
C GLU A 63 7.64 -12.37 12.40
N ASN A 64 6.85 -11.57 13.13
CA ASN A 64 5.41 -11.70 13.14
C ASN A 64 4.73 -10.34 13.06
N SER A 65 5.32 -9.43 12.29
CA SER A 65 4.78 -8.08 12.14
C SER A 65 5.42 -7.38 10.95
N LEU A 66 5.06 -6.11 10.77
CA LEU A 66 5.59 -5.32 9.65
C LEU A 66 5.71 -3.85 10.04
N ALA A 67 6.93 -3.35 10.13
CA ALA A 67 7.18 -1.96 10.48
C ALA A 67 7.07 -1.05 9.26
N LEU A 68 6.51 0.13 9.46
CA LEU A 68 6.35 1.09 8.37
C LEU A 68 6.60 2.52 8.86
N LYS A 69 7.03 3.39 7.95
CA LYS A 69 7.30 4.78 8.29
C LYS A 69 6.56 5.72 7.33
N PHE A 70 5.53 6.38 7.86
CA PHE A 70 4.75 7.31 7.06
C PHE A 70 5.16 8.76 7.34
N HIS A 71 4.92 9.64 6.37
CA HIS A 71 5.26 11.04 6.51
C HIS A 71 4.03 11.93 6.32
N ILE A 72 3.99 13.04 7.06
CA ILE A 72 2.87 13.97 6.96
C ILE A 72 3.35 15.38 6.70
N ILE A 73 2.57 16.14 5.93
CA ILE A 73 2.92 17.52 5.61
C ILE A 73 2.54 18.46 6.75
N ILE A 74 3.55 18.99 7.43
CA ILE A 74 3.33 19.91 8.54
C ILE A 74 4.04 21.24 8.31
N ASN A 75 3.27 22.31 8.24
CA ASN A 75 3.82 23.65 8.03
C ASN A 75 4.61 23.70 6.72
N GLU A 76 4.05 23.10 5.67
CA GLU A 76 4.71 23.08 4.37
C GLU A 76 6.08 22.41 4.46
N GLU A 77 6.17 21.37 5.28
CA GLU A 77 7.42 20.64 5.45
C GLU A 77 7.16 19.16 5.67
N CYS A 78 8.13 18.34 5.27
CA CYS A 78 8.01 16.89 5.42
C CYS A 78 8.22 16.47 6.88
N SER A 79 7.40 15.53 7.34
CA SER A 79 7.49 15.05 8.72
C SER A 79 7.92 13.59 8.75
N GLU A 80 7.84 12.98 9.93
CA GLU A 80 8.23 11.58 10.10
C GLU A 80 7.38 10.92 11.18
N ILE A 81 6.90 9.72 10.89
CA ILE A 81 6.07 8.97 11.84
C ILE A 81 6.50 7.52 11.92
N PHE A 82 6.40 6.93 13.11
CA PHE A 82 6.78 5.55 13.31
C PHE A 82 5.60 4.73 13.81
N LEU A 83 5.41 3.55 13.22
CA LEU A 83 4.31 2.67 13.60
C LEU A 83 4.62 1.22 13.24
N VAL A 84 3.86 0.29 13.81
CA VAL A 84 4.06 -1.13 13.54
C VAL A 84 2.72 -1.84 13.39
N ALA A 85 2.60 -2.65 12.34
CA ALA A 85 1.38 -3.39 12.08
C ALA A 85 1.55 -4.87 12.43
N ASP A 86 0.71 -5.36 13.33
CA ASP A 86 0.77 -6.75 13.76
C ASP A 86 -0.41 -7.55 13.20
N LYS A 87 -0.11 -8.68 12.58
CA LYS A 87 -1.14 -9.53 11.99
C LYS A 87 -2.24 -9.83 13.01
N THR A 88 -3.38 -10.30 12.52
CA THR A 88 -4.51 -10.63 13.38
C THR A 88 -4.91 -12.09 13.23
N GLU A 89 -6.01 -12.47 13.88
CA GLU A 89 -6.50 -13.84 13.81
C GLU A 89 -6.73 -14.27 12.37
N LYS A 90 -7.06 -13.30 11.51
CA LYS A 90 -7.31 -13.58 10.11
C LYS A 90 -6.04 -13.39 9.28
N ALA A 91 -5.57 -14.47 8.68
CA ALA A 91 -4.37 -14.43 7.86
C ALA A 91 -4.52 -13.47 6.69
N GLY A 92 -3.54 -12.60 6.51
CA GLY A 92 -3.60 -11.63 5.42
C GLY A 92 -3.95 -10.24 5.91
N GLU A 93 -4.66 -10.16 7.03
CA GLU A 93 -5.06 -8.88 7.59
C GLU A 93 -4.02 -8.37 8.58
N TYR A 94 -3.94 -7.05 8.71
CA TYR A 94 -2.98 -6.42 9.62
C TYR A 94 -3.62 -5.26 10.37
N SER A 95 -3.57 -5.33 11.70
CA SER A 95 -4.14 -4.28 12.55
C SER A 95 -3.06 -3.32 13.03
N VAL A 96 -3.21 -2.05 12.66
CA VAL A 96 -2.24 -1.03 13.06
C VAL A 96 -2.94 0.19 13.67
N THR A 97 -2.35 0.73 14.73
CA THR A 97 -2.92 1.89 15.41
C THR A 97 -2.18 3.17 15.01
N TYR A 98 -2.89 4.07 14.34
CA TYR A 98 -2.30 5.33 13.90
C TYR A 98 -3.17 6.51 14.32
N ASP A 99 -4.48 6.35 14.16
CA ASP A 99 -5.43 7.40 14.53
C ASP A 99 -6.78 6.81 14.91
N GLY A 100 -6.75 5.58 15.45
CA GLY A 100 -7.98 4.93 15.84
C GLY A 100 -8.03 3.47 15.41
N SER A 101 -8.96 3.15 14.51
CA SER A 101 -9.10 1.79 14.03
C SER A 101 -8.67 1.68 12.56
N ASN A 102 -7.55 1.00 12.33
CA ASN A 102 -7.04 0.83 10.98
C ASN A 102 -6.65 -0.62 10.73
N THR A 103 -7.14 -1.18 9.63
CA THR A 103 -6.84 -2.57 9.28
C THR A 103 -6.83 -2.76 7.77
N PHE A 104 -5.75 -3.32 7.25
CA PHE A 104 -5.62 -3.56 5.81
C PHE A 104 -5.27 -5.02 5.54
N THR A 105 -5.27 -5.39 4.26
CA THR A 105 -4.95 -6.75 3.86
C THR A 105 -4.33 -6.79 2.47
N ILE A 106 -3.62 -7.87 2.17
CA ILE A 106 -2.98 -8.03 0.87
C ILE A 106 -3.86 -8.83 -0.08
N LEU A 107 -4.38 -8.17 -1.11
CA LEU A 107 -5.23 -8.83 -2.09
C LEU A 107 -4.46 -9.13 -3.37
N LYS A 108 -3.50 -8.27 -3.70
CA LYS A 108 -2.70 -8.44 -4.89
C LYS A 108 -1.50 -7.49 -4.89
N THR A 109 -0.30 -8.04 -5.06
CA THR A 109 0.92 -7.25 -5.07
C THR A 109 2.08 -8.03 -5.67
N ASP A 110 2.75 -7.43 -6.65
CA ASP A 110 3.88 -8.08 -7.30
C ASP A 110 5.15 -7.26 -7.11
N TYR A 111 6.28 -7.95 -6.95
CA TYR A 111 7.56 -7.30 -6.74
C TYR A 111 8.10 -6.74 -8.06
N ASP A 112 7.48 -7.14 -9.16
CA ASP A 112 7.89 -6.70 -10.49
C ASP A 112 6.94 -5.64 -11.03
N ASN A 113 5.77 -5.53 -10.40
CA ASN A 113 4.76 -4.56 -10.82
C ASN A 113 4.56 -3.49 -9.76
N TYR A 114 3.66 -3.77 -8.81
CA TYR A 114 3.36 -2.83 -7.74
C TYR A 114 2.69 -3.54 -6.57
N ILE A 115 2.47 -2.79 -5.49
CA ILE A 115 1.83 -3.34 -4.30
C ILE A 115 0.61 -2.52 -3.89
N MET A 116 -0.53 -3.18 -3.79
CA MET A 116 -1.77 -2.51 -3.41
C MET A 116 -2.02 -2.64 -1.91
N ILE A 117 -2.59 -1.60 -1.31
CA ILE A 117 -2.89 -1.61 0.11
C ILE A 117 -4.29 -1.05 0.39
N HIS A 118 -5.17 -1.92 0.86
CA HIS A 118 -6.55 -1.51 1.17
C HIS A 118 -6.69 -1.19 2.66
N LEU A 119 -6.57 0.08 2.99
CA LEU A 119 -6.70 0.52 4.38
C LEU A 119 -8.03 1.22 4.61
N ILE A 120 -8.73 0.83 5.67
CA ILE A 120 -10.02 1.42 6.00
C ILE A 120 -9.97 2.10 7.38
N ASN A 121 -10.24 3.40 7.40
CA ASN A 121 -10.22 4.16 8.64
C ASN A 121 -11.63 4.64 9.00
N LYS A 122 -11.87 4.85 10.28
CA LYS A 122 -13.17 5.31 10.76
C LYS A 122 -13.04 6.64 11.50
N LYS A 123 -13.98 7.55 11.25
CA LYS A 123 -13.96 8.85 11.90
C LYS A 123 -15.32 9.53 11.77
N ASP A 124 -15.72 10.26 12.81
CA ASP A 124 -16.99 10.96 12.81
C ASP A 124 -18.15 10.01 12.55
N GLY A 125 -18.03 8.79 13.08
CA GLY A 125 -19.08 7.80 12.90
C GLY A 125 -19.19 7.34 11.46
N GLU A 126 -18.24 7.77 10.63
CA GLU A 126 -18.25 7.41 9.21
C GLU A 126 -16.90 6.84 8.79
N THR A 127 -16.92 5.85 7.91
CA THR A 127 -15.70 5.23 7.42
C THR A 127 -15.56 5.39 5.92
N PHE A 128 -14.32 5.55 5.45
CA PHE A 128 -14.05 5.71 4.03
C PHE A 128 -13.08 4.65 3.53
N GLN A 129 -12.90 4.59 2.21
CA GLN A 129 -12.01 3.61 1.61
C GLN A 129 -10.68 4.25 1.21
N LEU A 130 -9.59 3.66 1.64
CA LEU A 130 -8.26 4.18 1.33
C LEU A 130 -7.44 3.15 0.56
N MET A 131 -6.76 3.61 -0.48
CA MET A 131 -5.94 2.72 -1.30
C MET A 131 -4.55 3.32 -1.53
N GLU A 132 -3.52 2.50 -1.38
CA GLU A 132 -2.15 2.96 -1.57
C GLU A 132 -1.42 2.08 -2.58
N LEU A 133 -0.76 2.70 -3.55
CA LEU A 133 -0.03 1.98 -4.57
C LEU A 133 1.44 2.39 -4.58
N TYR A 134 2.33 1.43 -4.37
CA TYR A 134 3.76 1.69 -4.36
C TYR A 134 4.47 0.86 -5.41
N GLY A 135 5.64 1.34 -5.86
CA GLY A 135 6.41 0.63 -6.86
C GLY A 135 7.89 0.89 -6.73
N ARG A 136 8.70 0.06 -7.40
CA ARG A 136 10.14 0.20 -7.36
C ARG A 136 10.56 1.62 -7.75
N GLU A 137 9.73 2.27 -8.57
CA GLU A 137 10.02 3.63 -9.03
C GLU A 137 8.85 4.55 -8.72
N PRO A 138 9.11 5.86 -8.73
CA PRO A 138 8.09 6.88 -8.45
C PRO A 138 7.06 7.00 -9.58
N ASP A 139 7.33 6.30 -10.68
CA ASP A 139 6.43 6.32 -11.83
C ASP A 139 6.26 4.91 -12.40
N LEU A 140 5.08 4.65 -12.95
CA LEU A 140 4.78 3.35 -13.54
C LEU A 140 4.18 3.50 -14.93
N SER A 141 4.06 2.39 -15.65
CA SER A 141 3.51 2.41 -17.00
C SER A 141 2.08 2.95 -16.99
N SER A 142 1.66 3.52 -18.12
CA SER A 142 0.33 4.09 -18.24
C SER A 142 -0.74 3.01 -18.06
N ASP A 143 -0.45 1.81 -18.59
CA ASP A 143 -1.39 0.69 -18.50
C ASP A 143 -1.62 0.31 -17.03
N ILE A 144 -0.63 0.56 -16.20
CA ILE A 144 -0.73 0.24 -14.78
C ILE A 144 -1.87 1.00 -14.12
N LYS A 145 -2.09 2.23 -14.57
CA LYS A 145 -3.16 3.07 -14.04
C LYS A 145 -4.52 2.39 -14.19
N GLU A 146 -4.78 1.86 -15.39
CA GLU A 146 -6.05 1.18 -15.65
C GLU A 146 -6.07 -0.20 -15.01
N LYS A 147 -4.89 -0.82 -14.93
CA LYS A 147 -4.78 -2.16 -14.34
C LYS A 147 -5.14 -2.13 -12.86
N PHE A 148 -4.58 -1.17 -12.13
CA PHE A 148 -4.84 -1.03 -10.70
C PHE A 148 -6.20 -0.38 -10.46
N ALA A 149 -6.60 0.51 -11.38
CA ALA A 149 -7.88 1.19 -11.27
C ALA A 149 -9.03 0.21 -11.16
N GLN A 150 -8.86 -0.96 -11.79
CA GLN A 150 -9.89 -1.99 -11.77
C GLN A 150 -10.32 -2.31 -10.35
N LEU A 151 -9.35 -2.29 -9.42
CA LEU A 151 -9.63 -2.59 -8.02
C LEU A 151 -10.26 -1.39 -7.33
N SER A 152 -10.01 -0.20 -7.87
CA SER A 152 -10.56 1.03 -7.30
C SER A 152 -12.08 1.02 -7.36
N GLU A 153 -12.63 0.64 -8.50
CA GLU A 153 -14.07 0.58 -8.68
C GLU A 153 -14.70 -0.42 -7.72
N GLU A 154 -13.95 -1.47 -7.39
CA GLU A 154 -14.44 -2.50 -6.48
C GLU A 154 -14.84 -1.90 -5.14
N HIS A 155 -14.09 -0.90 -4.70
CA HIS A 155 -14.38 -0.23 -3.43
C HIS A 155 -15.25 0.99 -3.65
N GLY A 156 -15.89 1.07 -4.81
CA GLY A 156 -16.73 2.20 -5.12
C GLY A 156 -15.96 3.47 -5.37
N ILE A 157 -14.66 3.32 -5.65
CA ILE A 157 -13.79 4.46 -5.92
C ILE A 157 -13.68 4.73 -7.42
N VAL A 158 -14.37 5.76 -7.88
CA VAL A 158 -14.34 6.12 -9.30
C VAL A 158 -13.02 6.78 -9.67
N ARG A 159 -12.68 6.74 -10.95
CA ARG A 159 -11.45 7.35 -11.43
C ARG A 159 -11.37 8.82 -11.05
N GLU A 160 -12.54 9.43 -10.85
CA GLU A 160 -12.60 10.84 -10.49
C GLU A 160 -11.80 11.11 -9.21
N ASN A 161 -11.74 10.11 -8.34
CA ASN A 161 -11.01 10.23 -7.09
C ASN A 161 -9.53 9.85 -7.27
N ILE A 162 -9.26 9.06 -8.31
CA ILE A 162 -7.91 8.62 -8.59
C ILE A 162 -7.13 9.69 -9.34
N ILE A 163 -6.09 10.23 -8.69
CA ILE A 163 -5.27 11.26 -9.31
C ILE A 163 -3.80 11.03 -9.01
N ASP A 164 -2.94 11.28 -10.00
CA ASP A 164 -1.51 11.10 -9.84
C ASP A 164 -0.94 12.17 -8.92
N LEU A 165 -0.01 11.75 -8.06
CA LEU A 165 0.62 12.68 -7.12
C LEU A 165 2.05 13.00 -7.55
N THR A 166 2.37 12.70 -8.81
CA THR A 166 3.69 12.96 -9.35
C THR A 166 4.05 14.44 -9.24
N ASN A 167 3.06 15.30 -9.43
CA ASN A 167 3.27 16.74 -9.35
C ASN A 167 3.00 17.26 -7.93
N ALA A 168 2.24 16.48 -7.17
CA ALA A 168 1.90 16.86 -5.80
C ALA A 168 3.11 16.67 -4.88
N ASN A 169 2.90 16.97 -3.59
CA ASN A 169 3.97 16.83 -2.61
C ASN A 169 4.45 15.38 -2.53
N ARG A 170 5.68 15.15 -2.95
CA ARG A 170 6.26 13.81 -2.93
C ARG A 170 7.24 13.66 -1.76
N CYS A 171 7.98 14.72 -1.48
CA CYS A 171 8.95 14.71 -0.40
C CYS A 171 9.98 13.60 -0.59
N LEU A 172 10.21 13.24 -1.84
CA LEU A 172 11.17 12.18 -2.17
C LEU A 172 12.60 12.63 -1.88
N GLU A 173 12.77 13.94 -1.69
CA GLU A 173 14.08 14.49 -1.41
C GLU A 173 14.37 14.47 0.08
N ALA A 174 13.33 14.22 0.89
CA ALA A 174 13.48 14.17 2.33
C ALA A 174 13.15 12.78 2.86
N ARG A 175 12.38 12.02 2.09
CA ARG A 175 11.98 10.67 2.49
C ARG A 175 13.14 9.70 2.30
N GLU A 176 14.03 10.02 1.38
CA GLU A 176 15.19 9.16 1.10
C GLU A 176 15.95 8.84 2.38
N MET A 1 42.06 15.23 -16.10
CA MET A 1 41.93 15.03 -14.67
C MET A 1 40.61 14.34 -14.33
N GLY A 2 40.26 13.33 -15.11
CA GLY A 2 39.03 12.60 -14.88
C GLY A 2 39.23 11.10 -14.82
N SER A 3 38.13 10.36 -14.74
CA SER A 3 38.20 8.90 -14.68
C SER A 3 36.81 8.29 -14.83
N SER A 4 36.74 7.13 -15.48
CA SER A 4 35.47 6.45 -15.70
C SER A 4 35.50 5.06 -15.07
N HIS A 5 34.32 4.46 -14.91
CA HIS A 5 34.21 3.13 -14.34
C HIS A 5 33.38 2.22 -15.23
N HIS A 6 33.23 0.96 -14.82
CA HIS A 6 32.47 -0.01 -15.58
C HIS A 6 31.18 -0.39 -14.86
N HIS A 7 30.21 -0.89 -15.61
CA HIS A 7 28.93 -1.29 -15.03
C HIS A 7 28.57 -2.72 -15.45
N HIS A 8 27.91 -3.44 -14.54
CA HIS A 8 27.51 -4.82 -14.81
C HIS A 8 26.07 -4.87 -15.32
N HIS A 9 25.71 -6.00 -15.92
CA HIS A 9 24.37 -6.18 -16.46
C HIS A 9 24.00 -7.66 -16.54
N HIS A 10 22.82 -8.01 -16.04
CA HIS A 10 22.35 -9.39 -16.06
C HIS A 10 21.47 -9.65 -17.27
N ILE A 11 21.04 -10.90 -17.43
CA ILE A 11 20.18 -11.28 -18.54
C ILE A 11 18.72 -11.37 -18.11
N GLU A 12 17.82 -10.87 -18.95
CA GLU A 12 16.39 -10.89 -18.65
C GLU A 12 15.63 -11.68 -19.71
N GLY A 13 14.32 -11.79 -19.52
CA GLY A 13 13.49 -12.52 -20.47
C GLY A 13 12.92 -13.79 -19.89
N ARG A 14 12.56 -13.76 -18.61
CA ARG A 14 12.01 -14.92 -17.94
C ARG A 14 10.62 -15.26 -18.47
N GLU A 15 10.32 -16.56 -18.54
CA GLU A 15 9.03 -17.01 -19.04
C GLU A 15 7.89 -16.44 -18.20
N GLU A 16 6.93 -15.81 -18.87
CA GLU A 16 5.78 -15.22 -18.19
C GLU A 16 4.65 -16.24 -18.05
N ALA A 17 3.90 -16.14 -16.95
CA ALA A 17 2.79 -17.06 -16.71
C ALA A 17 1.79 -16.44 -15.73
N SER A 18 0.55 -16.91 -15.79
CA SER A 18 -0.51 -16.41 -14.92
C SER A 18 -0.99 -17.49 -13.97
N SER A 19 -0.66 -17.34 -12.69
CA SER A 19 -1.06 -18.32 -11.69
C SER A 19 -0.64 -17.86 -10.30
N MET A 20 -1.08 -18.58 -9.28
CA MET A 20 -0.76 -18.25 -7.89
C MET A 20 0.75 -18.09 -7.72
N GLU A 21 1.15 -17.34 -6.70
CA GLU A 21 2.56 -17.11 -6.43
C GLU A 21 3.13 -18.19 -5.52
N ARG A 22 3.83 -19.15 -6.12
CA ARG A 22 4.42 -20.26 -5.37
C ARG A 22 5.81 -19.87 -4.85
N ASN A 23 6.44 -18.92 -5.52
CA ASN A 23 7.78 -18.47 -5.14
C ASN A 23 7.69 -17.22 -4.26
N PHE A 24 6.59 -17.10 -3.53
CA PHE A 24 6.39 -15.95 -2.64
C PHE A 24 7.58 -15.77 -1.72
N ASN A 25 7.95 -14.51 -1.47
CA ASN A 25 9.08 -14.20 -0.60
C ASN A 25 8.97 -12.77 -0.07
N VAL A 26 8.85 -12.64 1.25
CA VAL A 26 8.75 -11.33 1.88
C VAL A 26 10.08 -10.56 1.79
N GLU A 27 11.15 -11.30 1.49
CA GLU A 27 12.47 -10.68 1.38
C GLU A 27 12.50 -9.65 0.24
N LYS A 28 11.83 -9.98 -0.86
CA LYS A 28 11.78 -9.09 -2.01
C LYS A 28 11.24 -7.72 -1.62
N ILE A 29 10.08 -7.70 -0.99
CA ILE A 29 9.47 -6.46 -0.55
C ILE A 29 10.24 -5.83 0.60
N ASN A 30 10.89 -6.67 1.40
CA ASN A 30 11.67 -6.20 2.53
C ASN A 30 12.74 -5.21 2.09
N GLY A 31 12.46 -3.93 2.27
CA GLY A 31 13.41 -2.90 1.87
C GLY A 31 12.80 -1.52 1.85
N GLU A 32 12.57 -0.98 0.66
CA GLU A 32 11.99 0.34 0.50
C GLU A 32 11.00 0.38 -0.66
N TRP A 33 10.18 1.42 -0.70
CA TRP A 33 9.19 1.56 -1.76
C TRP A 33 8.98 3.03 -2.10
N TYR A 34 8.06 3.30 -3.01
CA TYR A 34 7.76 4.67 -3.43
C TYR A 34 6.26 4.84 -3.69
N THR A 35 5.81 6.09 -3.66
CA THR A 35 4.40 6.40 -3.88
C THR A 35 4.11 6.57 -5.37
N ILE A 36 2.91 6.14 -5.78
CA ILE A 36 2.51 6.23 -7.18
C ILE A 36 1.28 7.11 -7.33
N MET A 37 0.19 6.71 -6.69
CA MET A 37 -1.06 7.46 -6.76
C MET A 37 -1.84 7.31 -5.45
N LEU A 38 -2.67 8.31 -5.16
CA LEU A 38 -3.49 8.30 -3.94
C LEU A 38 -4.98 8.28 -4.28
N ALA A 39 -5.63 7.17 -3.96
CA ALA A 39 -7.06 7.03 -4.23
C ALA A 39 -7.84 6.85 -2.93
N THR A 40 -9.13 7.19 -2.98
CA THR A 40 -9.99 7.07 -1.80
C THR A 40 -11.40 7.56 -2.11
N ASP A 41 -12.36 7.09 -1.32
CA ASP A 41 -13.76 7.48 -1.51
C ASP A 41 -13.96 8.93 -1.11
N LYS A 42 -13.06 9.46 -0.29
CA LYS A 42 -13.15 10.84 0.16
C LYS A 42 -11.97 11.66 -0.36
N ARG A 43 -12.20 12.46 -1.40
CA ARG A 43 -11.16 13.29 -1.99
C ARG A 43 -10.73 14.38 -1.02
N GLU A 44 -11.68 14.88 -0.24
CA GLU A 44 -11.40 15.94 0.73
C GLU A 44 -10.46 15.42 1.83
N LYS A 45 -10.47 14.12 2.05
CA LYS A 45 -9.63 13.50 3.06
C LYS A 45 -8.16 13.52 2.63
N ILE A 46 -7.93 13.27 1.36
CA ILE A 46 -6.57 13.26 0.82
C ILE A 46 -6.19 14.62 0.24
N GLU A 47 -6.90 15.65 0.67
CA GLU A 47 -6.65 17.01 0.20
C GLU A 47 -5.96 17.83 1.28
N GLU A 48 -5.62 19.08 0.94
CA GLU A 48 -4.96 19.97 1.88
C GLU A 48 -5.82 20.17 3.14
N HIS A 49 -7.12 19.94 3.01
CA HIS A 49 -8.04 20.09 4.13
C HIS A 49 -8.27 18.75 4.83
N GLY A 50 -7.32 17.83 4.64
CA GLY A 50 -7.44 16.52 5.26
C GLY A 50 -6.21 16.16 6.09
N SER A 51 -6.30 15.06 6.83
CA SER A 51 -5.20 14.61 7.66
C SER A 51 -4.78 13.18 7.31
N MET A 52 -5.17 12.75 6.11
CA MET A 52 -4.84 11.40 5.64
C MET A 52 -3.92 11.47 4.42
N ARG A 53 -3.17 12.56 4.30
CA ARG A 53 -2.26 12.74 3.17
C ARG A 53 -0.87 12.23 3.53
N VAL A 54 -0.80 11.13 4.26
CA VAL A 54 0.48 10.55 4.67
C VAL A 54 0.85 9.36 3.80
N PHE A 55 2.13 9.24 3.49
CA PHE A 55 2.61 8.14 2.66
C PHE A 55 3.90 7.55 3.23
N VAL A 56 4.09 6.25 3.02
CA VAL A 56 5.27 5.55 3.52
C VAL A 56 6.44 5.72 2.55
N GLU A 57 7.66 5.76 3.11
CA GLU A 57 8.86 5.91 2.29
C GLU A 57 9.57 4.57 2.14
N TYR A 58 9.37 3.68 3.10
CA TYR A 58 10.00 2.37 3.07
C TYR A 58 9.19 1.36 3.88
N ILE A 59 9.31 0.09 3.51
CA ILE A 59 8.60 -0.98 4.20
C ILE A 59 9.57 -1.93 4.90
N HIS A 60 9.32 -2.19 6.17
CA HIS A 60 10.16 -3.09 6.95
C HIS A 60 9.41 -4.34 7.36
N VAL A 61 10.07 -5.49 7.27
CA VAL A 61 9.45 -6.76 7.64
C VAL A 61 9.94 -7.25 8.99
N LEU A 62 9.01 -7.68 9.83
CA LEU A 62 9.34 -8.18 11.16
C LEU A 62 8.99 -9.65 11.31
N GLU A 63 9.45 -10.27 12.39
CA GLU A 63 9.17 -11.68 12.64
C GLU A 63 7.68 -11.94 12.62
N ASN A 64 6.92 -11.11 13.33
CA ASN A 64 5.46 -11.25 13.39
C ASN A 64 4.78 -9.91 13.24
N SER A 65 5.33 -9.05 12.38
CA SER A 65 4.78 -7.73 12.14
C SER A 65 5.46 -7.06 10.96
N LEU A 66 5.11 -5.80 10.71
CA LEU A 66 5.68 -5.04 9.61
C LEU A 66 5.84 -3.57 9.99
N ALA A 67 7.09 -3.12 10.06
CA ALA A 67 7.38 -1.73 10.41
C ALA A 67 7.25 -0.83 9.19
N LEU A 68 6.76 0.39 9.41
CA LEU A 68 6.59 1.35 8.33
C LEU A 68 6.81 2.78 8.83
N LYS A 69 7.20 3.67 7.92
CA LYS A 69 7.43 5.06 8.27
C LYS A 69 6.70 6.00 7.31
N PHE A 70 5.65 6.65 7.79
CA PHE A 70 4.88 7.56 6.97
C PHE A 70 5.24 9.01 7.28
N HIS A 71 5.03 9.89 6.31
CA HIS A 71 5.34 11.30 6.48
C HIS A 71 4.08 12.15 6.27
N ILE A 72 3.92 13.16 7.13
CA ILE A 72 2.76 14.04 7.05
C ILE A 72 3.20 15.49 6.79
N ILE A 73 2.41 16.20 5.99
CA ILE A 73 2.72 17.59 5.67
C ILE A 73 2.46 18.50 6.88
N ILE A 74 3.54 18.93 7.52
CA ILE A 74 3.44 19.81 8.68
C ILE A 74 3.95 21.20 8.37
N ASN A 75 3.05 22.18 8.40
CA ASN A 75 3.41 23.57 8.12
C ASN A 75 4.16 23.67 6.80
N GLU A 76 3.65 23.00 5.78
CA GLU A 76 4.27 23.01 4.46
C GLU A 76 5.67 22.41 4.50
N GLU A 77 5.87 21.49 5.44
CA GLU A 77 7.17 20.84 5.60
C GLU A 77 7.01 19.32 5.67
N CYS A 78 8.13 18.60 5.61
CA CYS A 78 8.11 17.15 5.68
C CYS A 78 8.23 16.67 7.12
N SER A 79 7.41 15.70 7.49
CA SER A 79 7.43 15.15 8.84
C SER A 79 7.84 13.68 8.82
N GLU A 80 7.74 13.04 9.98
CA GLU A 80 8.10 11.63 10.10
C GLU A 80 7.24 10.93 11.15
N ILE A 81 6.82 9.71 10.85
CA ILE A 81 5.99 8.93 11.76
C ILE A 81 6.40 7.46 11.77
N PHE A 82 6.93 7.01 12.90
CA PHE A 82 7.36 5.62 13.03
C PHE A 82 6.26 4.76 13.64
N LEU A 83 5.90 3.68 12.95
CA LEU A 83 4.86 2.79 13.43
C LEU A 83 5.03 1.39 12.83
N VAL A 84 4.41 0.40 13.48
CA VAL A 84 4.50 -0.98 13.01
C VAL A 84 3.15 -1.69 13.14
N ALA A 85 2.75 -2.37 12.08
CA ALA A 85 1.48 -3.09 12.07
C ALA A 85 1.70 -4.59 12.28
N ASP A 86 0.84 -5.20 13.08
CA ASP A 86 0.94 -6.63 13.36
C ASP A 86 -0.26 -7.37 12.79
N LYS A 87 -0.28 -8.70 12.99
CA LYS A 87 -1.37 -9.53 12.49
C LYS A 87 -2.66 -9.25 13.26
N THR A 88 -3.78 -9.68 12.69
CA THR A 88 -5.07 -9.47 13.32
C THR A 88 -5.76 -10.81 13.61
N GLU A 89 -7.01 -10.75 14.05
CA GLU A 89 -7.77 -11.95 14.37
C GLU A 89 -7.95 -12.82 13.14
N LYS A 90 -7.94 -12.20 11.96
CA LYS A 90 -8.08 -12.92 10.70
C LYS A 90 -6.75 -13.06 9.99
N ALA A 91 -6.50 -14.24 9.44
CA ALA A 91 -5.26 -14.51 8.72
C ALA A 91 -5.22 -13.76 7.39
N GLY A 92 -4.07 -13.15 7.10
CA GLY A 92 -3.93 -12.42 5.86
C GLY A 92 -4.26 -10.95 6.01
N GLU A 93 -4.41 -10.50 7.25
CA GLU A 93 -4.74 -9.11 7.54
C GLU A 93 -3.80 -8.54 8.60
N TYR A 94 -3.54 -7.24 8.51
CA TYR A 94 -2.67 -6.56 9.46
C TYR A 94 -3.34 -5.34 10.05
N SER A 95 -3.24 -5.20 11.37
CA SER A 95 -3.85 -4.07 12.07
C SER A 95 -2.80 -3.02 12.43
N VAL A 96 -3.18 -1.75 12.33
CA VAL A 96 -2.26 -0.65 12.64
C VAL A 96 -3.02 0.51 13.29
N THR A 97 -2.40 1.13 14.29
CA THR A 97 -3.01 2.25 14.99
C THR A 97 -2.32 3.56 14.61
N TYR A 98 -3.10 4.46 14.01
CA TYR A 98 -2.56 5.76 13.60
C TYR A 98 -3.48 6.89 14.04
N ASP A 99 -4.79 6.68 13.87
CA ASP A 99 -5.78 7.69 14.25
C ASP A 99 -7.08 7.03 14.68
N GLY A 100 -6.97 5.79 15.17
CA GLY A 100 -8.15 5.06 15.62
C GLY A 100 -8.09 3.59 15.28
N SER A 101 -8.93 3.16 14.34
CA SER A 101 -8.97 1.77 13.93
C SER A 101 -8.61 1.63 12.45
N ASN A 102 -7.50 0.95 12.18
CA ASN A 102 -7.05 0.75 10.80
C ASN A 102 -6.59 -0.69 10.60
N THR A 103 -7.04 -1.30 9.51
CA THR A 103 -6.67 -2.67 9.19
C THR A 103 -6.65 -2.91 7.68
N PHE A 104 -5.51 -3.38 7.18
CA PHE A 104 -5.37 -3.65 5.75
C PHE A 104 -5.07 -5.12 5.50
N THR A 105 -5.09 -5.51 4.22
CA THR A 105 -4.82 -6.89 3.85
C THR A 105 -4.21 -6.97 2.45
N ILE A 106 -3.51 -8.08 2.18
CA ILE A 106 -2.88 -8.28 0.88
C ILE A 106 -3.77 -9.10 -0.04
N LEU A 107 -4.33 -8.46 -1.06
CA LEU A 107 -5.20 -9.13 -2.01
C LEU A 107 -4.46 -9.41 -3.33
N LYS A 108 -3.51 -8.53 -3.66
CA LYS A 108 -2.73 -8.68 -4.88
C LYS A 108 -1.52 -7.74 -4.87
N THR A 109 -0.33 -8.31 -5.05
CA THR A 109 0.89 -7.52 -5.08
C THR A 109 2.04 -8.31 -5.69
N ASP A 110 2.68 -7.71 -6.69
CA ASP A 110 3.80 -8.36 -7.38
C ASP A 110 5.07 -7.53 -7.24
N TYR A 111 6.20 -8.21 -7.09
CA TYR A 111 7.48 -7.53 -6.95
C TYR A 111 7.98 -7.03 -8.29
N ASP A 112 7.30 -7.43 -9.36
CA ASP A 112 7.67 -7.01 -10.71
C ASP A 112 6.72 -5.94 -11.24
N ASN A 113 5.59 -5.78 -10.56
CA ASN A 113 4.60 -4.80 -10.96
C ASN A 113 4.41 -3.74 -9.87
N TYR A 114 3.55 -4.03 -8.91
CA TYR A 114 3.29 -3.10 -7.81
C TYR A 114 2.64 -3.82 -6.64
N ILE A 115 2.43 -3.09 -5.54
CA ILE A 115 1.81 -3.65 -4.35
C ILE A 115 0.58 -2.87 -3.94
N MET A 116 -0.55 -3.56 -3.88
CA MET A 116 -1.82 -2.93 -3.50
C MET A 116 -2.08 -3.09 -2.00
N ILE A 117 -2.72 -2.10 -1.41
CA ILE A 117 -3.03 -2.14 0.02
C ILE A 117 -4.41 -1.54 0.30
N HIS A 118 -5.34 -2.39 0.72
CA HIS A 118 -6.70 -1.94 1.03
C HIS A 118 -6.81 -1.52 2.49
N LEU A 119 -6.61 -0.23 2.75
CA LEU A 119 -6.70 0.30 4.11
C LEU A 119 -7.99 1.09 4.30
N ILE A 120 -8.71 0.79 5.38
CA ILE A 120 -9.96 1.47 5.69
C ILE A 120 -9.87 2.22 7.00
N ASN A 121 -10.14 3.52 6.96
CA ASN A 121 -10.09 4.34 8.16
C ASN A 121 -11.50 4.70 8.64
N LYS A 122 -11.66 4.79 9.95
CA LYS A 122 -12.95 5.12 10.54
C LYS A 122 -12.78 6.03 11.75
N LYS A 123 -13.56 7.12 11.78
CA LYS A 123 -13.50 8.06 12.89
C LYS A 123 -14.70 9.00 12.86
N ASP A 124 -15.19 9.37 14.04
CA ASP A 124 -16.33 10.27 14.16
C ASP A 124 -17.54 9.69 13.43
N GLY A 125 -17.76 8.39 13.58
CA GLY A 125 -18.88 7.74 12.92
C GLY A 125 -18.80 7.82 11.41
N GLU A 126 -17.61 8.14 10.90
CA GLU A 126 -17.41 8.25 9.46
C GLU A 126 -16.22 7.41 9.02
N THR A 127 -16.45 6.52 8.05
CA THR A 127 -15.40 5.66 7.54
C THR A 127 -15.37 5.67 6.02
N PHE A 128 -14.17 5.69 5.45
CA PHE A 128 -14.00 5.69 4.00
C PHE A 128 -13.04 4.60 3.55
N GLN A 129 -12.95 4.40 2.24
CA GLN A 129 -12.07 3.39 1.68
C GLN A 129 -10.80 4.02 1.10
N LEU A 130 -9.65 3.47 1.47
CA LEU A 130 -8.37 3.99 0.99
C LEU A 130 -7.61 2.91 0.22
N MET A 131 -6.86 3.33 -0.80
CA MET A 131 -6.08 2.40 -1.60
C MET A 131 -4.77 3.05 -2.05
N GLU A 132 -3.66 2.43 -1.67
CA GLU A 132 -2.34 2.94 -2.03
C GLU A 132 -1.64 2.00 -3.00
N LEU A 133 -0.79 2.55 -3.86
CA LEU A 133 -0.07 1.77 -4.84
C LEU A 133 1.41 2.16 -4.86
N TYR A 134 2.27 1.22 -4.50
CA TYR A 134 3.71 1.46 -4.49
C TYR A 134 4.43 0.61 -5.54
N GLY A 135 5.55 1.12 -6.03
CA GLY A 135 6.31 0.39 -7.03
C GLY A 135 7.80 0.69 -6.95
N ARG A 136 8.59 -0.09 -7.68
CA ARG A 136 10.04 0.08 -7.68
C ARG A 136 10.41 1.53 -7.99
N GLU A 137 9.60 2.19 -8.81
CA GLU A 137 9.85 3.57 -9.18
C GLU A 137 8.65 4.45 -8.84
N PRO A 138 8.88 5.76 -8.74
CA PRO A 138 7.82 6.74 -8.42
C PRO A 138 6.81 6.89 -9.55
N ASP A 139 7.13 6.31 -10.70
CA ASP A 139 6.25 6.39 -11.87
C ASP A 139 6.14 5.04 -12.55
N LEU A 140 4.90 4.62 -12.83
CA LEU A 140 4.66 3.34 -13.48
C LEU A 140 4.05 3.54 -14.86
N SER A 141 3.91 2.45 -15.61
CA SER A 141 3.34 2.51 -16.96
C SER A 141 1.92 3.06 -16.91
N SER A 142 1.53 3.77 -17.96
CA SER A 142 0.20 4.36 -18.05
C SER A 142 -0.88 3.28 -17.90
N ASP A 143 -0.57 2.08 -18.39
CA ASP A 143 -1.51 0.96 -18.30
C ASP A 143 -1.68 0.50 -16.86
N ILE A 144 -0.63 0.68 -16.06
CA ILE A 144 -0.67 0.27 -14.66
C ILE A 144 -1.77 1.01 -13.91
N LYS A 145 -1.97 2.27 -14.25
CA LYS A 145 -3.00 3.09 -13.61
C LYS A 145 -4.38 2.47 -13.79
N GLU A 146 -4.68 2.05 -15.01
CA GLU A 146 -5.96 1.44 -15.32
C GLU A 146 -6.03 0.01 -14.79
N LYS A 147 -4.88 -0.66 -14.75
CA LYS A 147 -4.81 -2.02 -14.25
C LYS A 147 -5.20 -2.10 -12.78
N PHE A 148 -4.60 -1.22 -11.97
CA PHE A 148 -4.89 -1.18 -10.55
C PHE A 148 -6.21 -0.48 -10.27
N ALA A 149 -6.57 0.45 -11.15
CA ALA A 149 -7.82 1.19 -11.01
C ALA A 149 -9.02 0.25 -11.01
N GLN A 150 -8.88 -0.89 -11.69
CA GLN A 150 -9.96 -1.87 -11.77
C GLN A 150 -10.45 -2.26 -10.37
N LEU A 151 -9.51 -2.35 -9.43
CA LEU A 151 -9.85 -2.71 -8.06
C LEU A 151 -10.54 -1.55 -7.34
N SER A 152 -10.31 -0.34 -7.83
CA SER A 152 -10.91 0.85 -7.23
C SER A 152 -12.44 0.78 -7.32
N GLU A 153 -12.95 0.42 -8.49
CA GLU A 153 -14.38 0.33 -8.71
C GLU A 153 -15.00 -0.75 -7.82
N GLU A 154 -14.21 -1.78 -7.52
CA GLU A 154 -14.68 -2.87 -6.68
C GLU A 154 -15.16 -2.35 -5.32
N HIS A 155 -14.42 -1.38 -4.78
CA HIS A 155 -14.78 -0.79 -3.49
C HIS A 155 -15.73 0.38 -3.66
N GLY A 156 -15.87 0.84 -4.91
CA GLY A 156 -16.76 1.96 -5.18
C GLY A 156 -16.02 3.27 -5.32
N ILE A 157 -14.75 3.19 -5.72
CA ILE A 157 -13.93 4.39 -5.89
C ILE A 157 -13.82 4.77 -7.36
N VAL A 158 -14.38 5.94 -7.70
CA VAL A 158 -14.33 6.42 -9.08
C VAL A 158 -12.97 6.98 -9.42
N ARG A 159 -12.63 6.95 -10.71
CA ARG A 159 -11.34 7.45 -11.17
C ARG A 159 -11.13 8.90 -10.75
N GLU A 160 -12.24 9.61 -10.53
CA GLU A 160 -12.18 11.01 -10.12
C GLU A 160 -11.32 11.18 -8.88
N ASN A 161 -11.27 10.14 -8.05
CA ASN A 161 -10.48 10.17 -6.83
C ASN A 161 -9.05 9.69 -7.09
N ILE A 162 -8.86 8.93 -8.16
CA ILE A 162 -7.55 8.42 -8.53
C ILE A 162 -6.79 9.43 -9.38
N ILE A 163 -5.85 10.13 -8.75
CA ILE A 163 -5.04 11.12 -9.45
C ILE A 163 -3.57 10.99 -9.08
N ASP A 164 -2.71 11.08 -10.09
CA ASP A 164 -1.27 10.97 -9.87
C ASP A 164 -0.77 12.08 -8.96
N LEU A 165 0.14 11.74 -8.06
CA LEU A 165 0.70 12.71 -7.13
C LEU A 165 2.12 13.10 -7.53
N THR A 166 2.49 12.78 -8.77
CA THR A 166 3.82 13.09 -9.28
C THR A 166 4.14 14.57 -9.10
N ASN A 167 3.12 15.41 -9.23
CA ASN A 167 3.30 16.85 -9.08
C ASN A 167 2.79 17.32 -7.73
N ALA A 168 2.73 16.42 -6.76
CA ALA A 168 2.27 16.74 -5.42
C ALA A 168 3.37 16.49 -4.39
N ASN A 169 2.99 16.51 -3.12
CA ASN A 169 3.94 16.29 -2.03
C ASN A 169 4.79 15.04 -2.29
N ARG A 170 6.09 15.24 -2.45
CA ARG A 170 7.01 14.13 -2.71
C ARG A 170 8.26 14.25 -1.84
N CYS A 171 8.06 14.29 -0.53
CA CYS A 171 9.17 14.41 0.40
C CYS A 171 9.91 13.07 0.54
N LEU A 172 10.38 12.56 -0.59
CA LEU A 172 11.11 11.29 -0.60
C LEU A 172 12.61 11.52 -0.52
N GLU A 173 13.04 12.71 -0.92
CA GLU A 173 14.46 13.06 -0.88
C GLU A 173 14.90 13.41 0.54
N ALA A 174 13.93 13.79 1.38
CA ALA A 174 14.22 14.16 2.76
C ALA A 174 13.95 12.98 3.70
N ARG A 175 13.98 11.77 3.15
CA ARG A 175 13.74 10.58 3.94
C ARG A 175 14.63 10.55 5.18
N GLU A 176 15.87 10.99 5.02
CA GLU A 176 16.83 11.02 6.12
C GLU A 176 17.58 12.34 6.15
N MET A 1 -30.30 -43.33 34.55
CA MET A 1 -29.40 -42.38 35.18
C MET A 1 -28.11 -42.25 34.38
N GLY A 2 -27.33 -41.22 34.69
CA GLY A 2 -26.08 -41.00 33.99
C GLY A 2 -25.85 -39.54 33.64
N SER A 3 -24.70 -39.24 33.04
CA SER A 3 -24.37 -37.88 32.67
C SER A 3 -23.43 -37.86 31.47
N SER A 4 -23.53 -36.81 30.65
CA SER A 4 -22.68 -36.67 29.47
C SER A 4 -21.30 -36.15 29.85
N HIS A 5 -20.34 -36.34 28.95
CA HIS A 5 -18.98 -35.88 29.19
C HIS A 5 -18.27 -35.56 27.87
N HIS A 6 -17.27 -34.69 27.94
CA HIS A 6 -16.51 -34.31 26.75
C HIS A 6 -15.13 -33.77 27.13
N HIS A 7 -14.12 -34.21 26.41
CA HIS A 7 -12.74 -33.78 26.67
C HIS A 7 -11.82 -34.18 25.53
N HIS A 8 -10.83 -33.35 25.25
CA HIS A 8 -9.88 -33.62 24.18
C HIS A 8 -8.53 -32.97 24.48
N HIS A 9 -7.52 -33.33 23.69
CA HIS A 9 -6.18 -32.77 23.87
C HIS A 9 -5.30 -33.08 22.67
N HIS A 10 -4.73 -32.03 22.08
CA HIS A 10 -3.87 -32.19 20.90
C HIS A 10 -2.67 -33.06 21.23
N ILE A 11 -2.04 -33.62 20.20
CA ILE A 11 -0.89 -34.48 20.38
C ILE A 11 0.40 -33.73 20.07
N GLU A 12 1.40 -33.89 20.93
CA GLU A 12 2.69 -33.22 20.76
C GLU A 12 3.77 -34.23 20.37
N GLY A 13 4.95 -33.71 20.05
CA GLY A 13 6.06 -34.58 19.66
C GLY A 13 6.44 -34.43 18.21
N ARG A 14 5.50 -33.92 17.40
CA ARG A 14 5.74 -33.72 15.98
C ARG A 14 6.91 -32.78 15.75
N GLU A 15 7.71 -33.07 14.72
CA GLU A 15 8.87 -32.25 14.40
C GLU A 15 8.69 -31.57 13.04
N GLU A 16 9.00 -30.29 12.98
CA GLU A 16 8.88 -29.52 11.74
C GLU A 16 10.05 -29.81 10.80
N ALA A 17 9.94 -29.35 9.57
CA ALA A 17 10.98 -29.55 8.58
C ALA A 17 11.73 -28.26 8.29
N SER A 18 13.04 -28.36 8.09
CA SER A 18 13.86 -27.19 7.81
C SER A 18 13.84 -26.86 6.32
N SER A 19 13.18 -25.76 5.97
CA SER A 19 13.09 -25.33 4.58
C SER A 19 12.50 -23.92 4.48
N MET A 20 12.65 -23.30 3.33
CA MET A 20 12.14 -21.96 3.10
C MET A 20 11.13 -21.94 1.95
N GLU A 21 9.92 -21.50 2.24
CA GLU A 21 8.86 -21.44 1.23
C GLU A 21 9.35 -20.68 -0.01
N ARG A 22 9.04 -21.21 -1.18
CA ARG A 22 9.44 -20.59 -2.43
C ARG A 22 8.37 -19.61 -2.92
N ASN A 23 7.13 -19.85 -2.51
CA ASN A 23 6.02 -18.99 -2.91
C ASN A 23 6.02 -17.69 -2.09
N PHE A 24 6.56 -17.76 -0.89
CA PHE A 24 6.63 -16.59 -0.01
C PHE A 24 8.02 -15.96 -0.05
N ASN A 25 8.11 -14.75 -0.59
CA ASN A 25 9.38 -14.05 -0.67
C ASN A 25 9.23 -12.59 -0.24
N VAL A 26 9.17 -12.38 1.07
CA VAL A 26 9.02 -11.04 1.63
C VAL A 26 10.29 -10.22 1.42
N GLU A 27 11.40 -10.91 1.15
CA GLU A 27 12.68 -10.25 0.93
C GLU A 27 12.59 -9.27 -0.23
N LYS A 28 11.82 -9.63 -1.24
CA LYS A 28 11.65 -8.78 -2.41
C LYS A 28 11.11 -7.40 -2.02
N ILE A 29 10.05 -7.38 -1.24
CA ILE A 29 9.44 -6.14 -0.78
C ILE A 29 10.26 -5.51 0.34
N ASN A 30 10.94 -6.36 1.12
CA ASN A 30 11.76 -5.88 2.22
C ASN A 30 12.80 -4.87 1.73
N GLY A 31 12.53 -3.60 1.98
CA GLY A 31 13.44 -2.55 1.55
C GLY A 31 12.79 -1.18 1.55
N GLU A 32 12.56 -0.64 0.35
CA GLU A 32 11.95 0.68 0.22
C GLU A 32 10.98 0.71 -0.96
N TRP A 33 10.10 1.71 -0.97
CA TRP A 33 9.13 1.85 -2.04
C TRP A 33 8.91 3.31 -2.40
N TYR A 34 7.99 3.56 -3.32
CA TYR A 34 7.70 4.92 -3.77
C TYR A 34 6.21 5.09 -4.05
N THR A 35 5.72 6.31 -3.84
CA THR A 35 4.30 6.61 -4.08
C THR A 35 4.02 6.77 -5.56
N ILE A 36 2.86 6.27 -6.00
CA ILE A 36 2.47 6.35 -7.41
C ILE A 36 1.19 7.17 -7.56
N MET A 37 0.12 6.71 -6.94
CA MET A 37 -1.17 7.40 -7.00
C MET A 37 -1.96 7.20 -5.71
N LEU A 38 -2.76 8.20 -5.35
CA LEU A 38 -3.56 8.14 -4.15
C LEU A 38 -5.06 8.11 -4.49
N ALA A 39 -5.74 7.07 -4.03
CA ALA A 39 -7.17 6.91 -4.29
C ALA A 39 -7.94 6.78 -2.98
N THR A 40 -9.20 7.24 -3.00
CA THR A 40 -10.05 7.16 -1.81
C THR A 40 -11.43 7.76 -2.09
N ASP A 41 -12.46 7.15 -1.51
CA ASP A 41 -13.82 7.63 -1.70
C ASP A 41 -13.95 9.09 -1.30
N LYS A 42 -13.08 9.54 -0.38
CA LYS A 42 -13.09 10.92 0.07
C LYS A 42 -11.85 11.66 -0.40
N ARG A 43 -11.97 12.31 -1.56
CA ARG A 43 -10.86 13.06 -2.14
C ARG A 43 -10.49 14.23 -1.24
N GLU A 44 -11.47 14.75 -0.50
CA GLU A 44 -11.23 15.88 0.40
C GLU A 44 -10.36 15.46 1.57
N LYS A 45 -10.41 14.18 1.91
CA LYS A 45 -9.62 13.65 3.02
C LYS A 45 -8.14 13.59 2.66
N ILE A 46 -7.86 13.37 1.38
CA ILE A 46 -6.47 13.30 0.92
C ILE A 46 -6.02 14.63 0.34
N GLU A 47 -6.98 15.48 -0.01
CA GLU A 47 -6.68 16.79 -0.57
C GLU A 47 -5.68 17.54 0.31
N GLU A 48 -5.14 18.63 -0.22
CA GLU A 48 -4.18 19.44 0.51
C GLU A 48 -4.77 19.96 1.81
N HIS A 49 -6.10 20.01 1.86
CA HIS A 49 -6.82 20.49 3.04
C HIS A 49 -7.20 19.33 3.95
N GLY A 50 -6.51 18.20 3.80
CA GLY A 50 -6.80 17.04 4.61
C GLY A 50 -5.57 16.51 5.33
N SER A 51 -5.80 15.77 6.40
CA SER A 51 -4.70 15.20 7.19
C SER A 51 -4.60 13.69 6.97
N MET A 52 -5.15 13.22 5.86
CA MET A 52 -5.12 11.80 5.54
C MET A 52 -4.30 11.55 4.27
N ARG A 53 -3.38 12.46 3.97
CA ARG A 53 -2.54 12.33 2.79
C ARG A 53 -1.20 11.70 3.13
N VAL A 54 -1.19 10.88 4.19
CA VAL A 54 0.03 10.21 4.61
C VAL A 54 0.42 9.09 3.66
N PHE A 55 1.72 8.97 3.39
CA PHE A 55 2.21 7.94 2.48
C PHE A 55 3.46 7.27 3.06
N VAL A 56 3.65 6.01 2.74
CA VAL A 56 4.80 5.25 3.22
C VAL A 56 6.04 5.56 2.39
N GLU A 57 7.21 5.31 2.97
CA GLU A 57 8.47 5.57 2.29
C GLU A 57 9.28 4.28 2.14
N TYR A 58 9.11 3.38 3.10
CA TYR A 58 9.83 2.10 3.08
C TYR A 58 9.11 1.07 3.93
N ILE A 59 9.16 -0.19 3.49
CA ILE A 59 8.51 -1.28 4.21
C ILE A 59 9.54 -2.21 4.83
N HIS A 60 9.32 -2.58 6.08
CA HIS A 60 10.23 -3.47 6.80
C HIS A 60 9.49 -4.72 7.28
N VAL A 61 10.12 -5.88 7.08
CA VAL A 61 9.52 -7.14 7.50
C VAL A 61 10.13 -7.63 8.80
N LEU A 62 9.27 -7.98 9.76
CA LEU A 62 9.72 -8.47 11.06
C LEU A 62 9.37 -9.94 11.23
N GLU A 63 9.90 -10.54 12.30
CA GLU A 63 9.65 -11.95 12.58
C GLU A 63 8.16 -12.21 12.75
N ASN A 64 7.50 -11.36 13.54
CA ASN A 64 6.07 -11.50 13.79
C ASN A 64 5.37 -10.14 13.67
N SER A 65 5.82 -9.32 12.74
CA SER A 65 5.23 -8.00 12.53
C SER A 65 5.79 -7.35 11.27
N LEU A 66 5.40 -6.11 11.03
CA LEU A 66 5.88 -5.37 9.87
C LEU A 66 6.05 -3.89 10.19
N ALA A 67 7.30 -3.44 10.22
CA ALA A 67 7.60 -2.04 10.52
C ALA A 67 7.44 -1.17 9.28
N LEU A 68 6.69 -0.09 9.41
CA LEU A 68 6.46 0.83 8.31
C LEU A 68 6.65 2.27 8.75
N LYS A 69 7.01 3.14 7.79
CA LYS A 69 7.22 4.55 8.08
C LYS A 69 6.42 5.43 7.12
N PHE A 70 5.61 6.32 7.68
CA PHE A 70 4.79 7.22 6.88
C PHE A 70 5.12 8.68 7.18
N HIS A 71 4.74 9.57 6.26
CA HIS A 71 5.00 10.99 6.44
C HIS A 71 3.69 11.78 6.47
N ILE A 72 3.78 13.05 6.84
CA ILE A 72 2.61 13.92 6.91
C ILE A 72 3.02 15.39 6.96
N ILE A 73 2.17 16.24 6.38
CA ILE A 73 2.43 17.67 6.36
C ILE A 73 2.25 18.29 7.74
N ILE A 74 3.35 18.77 8.32
CA ILE A 74 3.30 19.38 9.64
C ILE A 74 4.07 20.70 9.65
N ASN A 75 3.35 21.80 9.88
CA ASN A 75 3.96 23.12 9.91
C ASN A 75 4.81 23.37 8.67
N GLU A 76 4.23 23.09 7.50
CA GLU A 76 4.94 23.28 6.24
C GLU A 76 6.22 22.46 6.20
N GLU A 77 6.20 21.30 6.85
CA GLU A 77 7.36 20.42 6.89
C GLU A 77 6.94 18.97 7.16
N CYS A 78 7.54 18.05 6.43
CA CYS A 78 7.24 16.63 6.59
C CYS A 78 7.36 16.20 8.05
N SER A 79 6.94 14.98 8.34
CA SER A 79 6.99 14.46 9.70
C SER A 79 7.22 12.94 9.69
N GLU A 80 8.41 12.52 10.12
CA GLU A 80 8.75 11.12 10.16
C GLU A 80 7.91 10.37 11.20
N ILE A 81 7.07 9.46 10.72
CA ILE A 81 6.21 8.68 11.61
C ILE A 81 6.62 7.22 11.63
N PHE A 82 7.04 6.74 12.80
CA PHE A 82 7.46 5.36 12.96
C PHE A 82 6.35 4.52 13.57
N LEU A 83 6.02 3.41 12.90
CA LEU A 83 4.97 2.51 13.38
C LEU A 83 5.18 1.11 12.84
N VAL A 84 4.56 0.13 13.51
CA VAL A 84 4.68 -1.26 13.10
C VAL A 84 3.34 -1.99 13.23
N ALA A 85 2.95 -2.71 12.17
CA ALA A 85 1.70 -3.45 12.17
C ALA A 85 1.94 -4.93 12.43
N ASP A 86 1.11 -5.51 13.29
CA ASP A 86 1.23 -6.93 13.63
C ASP A 86 0.02 -7.70 13.14
N LYS A 87 0.16 -9.03 13.07
CA LYS A 87 -0.94 -9.88 12.62
C LYS A 87 -2.17 -9.71 13.50
N THR A 88 -3.34 -10.04 12.95
CA THR A 88 -4.58 -9.92 13.69
C THR A 88 -5.36 -11.24 13.68
N GLU A 89 -6.58 -11.20 14.20
CA GLU A 89 -7.42 -12.40 14.24
C GLU A 89 -7.83 -12.84 12.84
N LYS A 90 -7.86 -11.89 11.91
CA LYS A 90 -8.23 -12.18 10.54
C LYS A 90 -7.01 -12.65 9.74
N ALA A 91 -7.21 -13.69 8.93
CA ALA A 91 -6.13 -14.23 8.11
C ALA A 91 -5.78 -13.28 6.97
N GLY A 92 -4.54 -12.79 6.97
CA GLY A 92 -4.10 -11.88 5.95
C GLY A 92 -4.51 -10.45 6.22
N GLU A 93 -4.82 -10.15 7.48
CA GLU A 93 -5.23 -8.81 7.88
C GLU A 93 -4.29 -8.25 8.94
N TYR A 94 -3.94 -6.98 8.79
CA TYR A 94 -3.04 -6.31 9.73
C TYR A 94 -3.73 -5.13 10.39
N SER A 95 -3.51 -4.98 11.70
CA SER A 95 -4.11 -3.89 12.45
C SER A 95 -3.04 -2.95 13.01
N VAL A 96 -3.21 -1.66 12.76
CA VAL A 96 -2.26 -0.66 13.24
C VAL A 96 -2.97 0.58 13.76
N THR A 97 -2.34 1.26 14.72
CA THR A 97 -2.92 2.46 15.31
C THR A 97 -2.46 3.71 14.57
N TYR A 98 -3.40 4.57 14.24
CA TYR A 98 -3.10 5.80 13.53
C TYR A 98 -4.34 6.68 13.38
N ASP A 99 -4.43 7.72 14.21
CA ASP A 99 -5.56 8.63 14.18
C ASP A 99 -6.87 7.88 14.38
N GLY A 100 -6.80 6.77 15.11
CA GLY A 100 -7.99 5.98 15.37
C GLY A 100 -7.77 4.50 15.09
N SER A 101 -8.61 3.94 14.23
CA SER A 101 -8.50 2.52 13.89
C SER A 101 -8.17 2.34 12.41
N ASN A 102 -7.30 1.37 12.12
CA ASN A 102 -6.90 1.10 10.75
C ASN A 102 -6.64 -0.39 10.55
N THR A 103 -7.04 -0.90 9.38
CA THR A 103 -6.86 -2.32 9.07
C THR A 103 -6.76 -2.53 7.56
N PHE A 104 -5.66 -3.12 7.12
CA PHE A 104 -5.44 -3.39 5.70
C PHE A 104 -5.21 -4.86 5.45
N THR A 105 -5.11 -5.24 4.19
CA THR A 105 -4.89 -6.64 3.81
C THR A 105 -4.30 -6.73 2.41
N ILE A 106 -3.61 -7.85 2.14
CA ILE A 106 -3.00 -8.08 0.85
C ILE A 106 -3.94 -8.84 -0.08
N LEU A 107 -4.48 -8.14 -1.07
CA LEU A 107 -5.40 -8.75 -2.03
C LEU A 107 -4.70 -9.00 -3.37
N LYS A 108 -3.65 -8.24 -3.62
CA LYS A 108 -2.88 -8.38 -4.86
C LYS A 108 -1.67 -7.46 -4.85
N THR A 109 -0.48 -8.05 -5.03
CA THR A 109 0.75 -7.28 -5.04
C THR A 109 1.89 -8.08 -5.67
N ASP A 110 2.53 -7.51 -6.68
CA ASP A 110 3.63 -8.18 -7.36
C ASP A 110 4.92 -7.36 -7.23
N TYR A 111 6.04 -8.06 -7.08
CA TYR A 111 7.34 -7.40 -6.95
C TYR A 111 7.85 -6.91 -8.31
N ASP A 112 7.13 -7.26 -9.36
CA ASP A 112 7.50 -6.86 -10.72
C ASP A 112 6.60 -5.73 -11.21
N ASN A 113 5.42 -5.62 -10.61
CA ASN A 113 4.47 -4.58 -10.99
C ASN A 113 4.33 -3.52 -9.89
N TYR A 114 3.46 -3.80 -8.93
CA TYR A 114 3.23 -2.88 -7.82
C TYR A 114 2.58 -3.59 -6.65
N ILE A 115 2.40 -2.87 -5.54
CA ILE A 115 1.78 -3.44 -4.35
C ILE A 115 0.53 -2.66 -3.97
N MET A 116 -0.59 -3.36 -3.88
CA MET A 116 -1.86 -2.74 -3.51
C MET A 116 -2.16 -2.94 -2.03
N ILE A 117 -2.78 -1.94 -1.42
CA ILE A 117 -3.13 -2.00 -0.01
C ILE A 117 -4.42 -1.25 0.28
N HIS A 118 -5.45 -1.99 0.67
CA HIS A 118 -6.75 -1.40 0.97
C HIS A 118 -6.84 -1.05 2.46
N LEU A 119 -6.69 0.23 2.77
CA LEU A 119 -6.76 0.70 4.15
C LEU A 119 -8.08 1.43 4.41
N ILE A 120 -8.73 1.09 5.51
CA ILE A 120 -10.00 1.72 5.88
C ILE A 120 -9.87 2.49 7.19
N ASN A 121 -10.33 3.74 7.19
CA ASN A 121 -10.26 4.58 8.37
C ASN A 121 -11.66 5.02 8.80
N LYS A 122 -11.83 5.25 10.10
CA LYS A 122 -13.11 5.67 10.64
C LYS A 122 -12.95 6.89 11.54
N LYS A 123 -13.87 7.84 11.42
CA LYS A 123 -13.83 9.06 12.22
C LYS A 123 -15.14 9.83 12.12
N ASP A 124 -15.61 10.34 13.26
CA ASP A 124 -16.86 11.09 13.29
C ASP A 124 -18.03 10.24 12.80
N GLY A 125 -18.01 8.96 13.18
CA GLY A 125 -19.07 8.05 12.77
C GLY A 125 -19.16 7.90 11.26
N GLU A 126 -18.07 8.24 10.58
CA GLU A 126 -18.04 8.15 9.12
C GLU A 126 -16.81 7.37 8.66
N THR A 127 -17.05 6.32 7.86
CA THR A 127 -15.96 5.50 7.36
C THR A 127 -15.83 5.63 5.85
N PHE A 128 -14.59 5.74 5.37
CA PHE A 128 -14.33 5.86 3.95
C PHE A 128 -13.32 4.82 3.48
N GLN A 129 -13.14 4.72 2.17
CA GLN A 129 -12.21 3.77 1.60
C GLN A 129 -10.91 4.46 1.17
N LEU A 130 -9.79 3.85 1.53
CA LEU A 130 -8.48 4.40 1.18
C LEU A 130 -7.64 3.38 0.42
N MET A 131 -6.83 3.87 -0.51
CA MET A 131 -5.96 3.00 -1.31
C MET A 131 -4.55 3.55 -1.38
N GLU A 132 -3.58 2.66 -1.55
CA GLU A 132 -2.19 3.07 -1.64
C GLU A 132 -1.41 2.17 -2.61
N LEU A 133 -0.95 2.76 -3.71
CA LEU A 133 -0.20 2.02 -4.71
C LEU A 133 1.27 2.45 -4.73
N TYR A 134 2.16 1.47 -4.68
CA TYR A 134 3.59 1.75 -4.69
C TYR A 134 4.31 0.91 -5.75
N GLY A 135 5.45 1.40 -6.22
CA GLY A 135 6.20 0.69 -7.23
C GLY A 135 7.70 0.94 -7.12
N ARG A 136 8.48 0.15 -7.85
CA ARG A 136 9.93 0.30 -7.84
C ARG A 136 10.34 1.74 -8.14
N GLU A 137 9.57 2.39 -9.00
CA GLU A 137 9.86 3.77 -9.38
C GLU A 137 8.71 4.70 -8.97
N PRO A 138 9.01 6.00 -8.89
CA PRO A 138 8.02 7.02 -8.51
C PRO A 138 6.95 7.22 -9.59
N ASP A 139 7.18 6.61 -10.75
CA ASP A 139 6.24 6.73 -11.86
C ASP A 139 6.15 5.42 -12.63
N LEU A 140 4.94 4.87 -12.73
CA LEU A 140 4.72 3.62 -13.44
C LEU A 140 4.06 3.87 -14.79
N SER A 141 3.89 2.80 -15.57
CA SER A 141 3.28 2.91 -16.89
C SER A 141 1.87 3.48 -16.78
N SER A 142 1.49 4.28 -17.77
CA SER A 142 0.16 4.89 -17.79
C SER A 142 -0.92 3.83 -17.69
N ASP A 143 -0.65 2.66 -18.25
CA ASP A 143 -1.61 1.56 -18.21
C ASP A 143 -1.79 1.03 -16.79
N ILE A 144 -0.75 1.15 -15.98
CA ILE A 144 -0.80 0.70 -14.60
C ILE A 144 -1.89 1.42 -13.82
N LYS A 145 -2.10 2.70 -14.14
CA LYS A 145 -3.11 3.50 -13.47
C LYS A 145 -4.49 2.87 -13.61
N GLU A 146 -4.83 2.45 -14.82
CA GLU A 146 -6.12 1.83 -15.08
C GLU A 146 -6.14 0.40 -14.54
N LYS A 147 -4.98 -0.26 -14.56
CA LYS A 147 -4.87 -1.63 -14.08
C LYS A 147 -5.18 -1.71 -12.58
N PHE A 148 -4.55 -0.82 -11.81
CA PHE A 148 -4.76 -0.78 -10.37
C PHE A 148 -6.09 -0.12 -10.02
N ALA A 149 -6.54 0.77 -10.89
CA ALA A 149 -7.80 1.48 -10.68
C ALA A 149 -8.98 0.52 -10.76
N GLN A 150 -8.94 -0.39 -11.73
CA GLN A 150 -10.00 -1.36 -11.91
C GLN A 150 -10.32 -2.09 -10.61
N LEU A 151 -9.27 -2.35 -9.83
CA LEU A 151 -9.43 -3.05 -8.55
C LEU A 151 -10.17 -2.17 -7.55
N SER A 152 -9.85 -0.89 -7.55
CA SER A 152 -10.49 0.06 -6.63
C SER A 152 -12.01 0.00 -6.75
N GLU A 153 -12.49 -0.39 -7.93
CA GLU A 153 -13.91 -0.50 -8.17
C GLU A 153 -14.60 -1.34 -7.11
N GLU A 154 -13.85 -2.29 -6.55
CA GLU A 154 -14.37 -3.18 -5.52
C GLU A 154 -14.70 -2.40 -4.25
N HIS A 155 -13.93 -1.35 -3.99
CA HIS A 155 -14.13 -0.52 -2.81
C HIS A 155 -15.07 0.64 -3.12
N GLY A 156 -15.71 0.58 -4.29
CA GLY A 156 -16.62 1.64 -4.68
C GLY A 156 -15.91 2.93 -5.06
N ILE A 157 -14.65 2.79 -5.49
CA ILE A 157 -13.86 3.96 -5.88
C ILE A 157 -13.75 4.05 -7.39
N VAL A 158 -14.18 5.19 -7.94
CA VAL A 158 -14.13 5.41 -9.38
C VAL A 158 -12.80 6.06 -9.78
N ARG A 159 -12.40 5.84 -11.03
CA ARG A 159 -11.16 6.40 -11.55
C ARG A 159 -11.11 7.92 -11.33
N GLU A 160 -12.29 8.53 -11.29
CA GLU A 160 -12.38 9.98 -11.10
C GLU A 160 -11.72 10.39 -9.78
N ASN A 161 -11.70 9.46 -8.83
CA ASN A 161 -11.10 9.73 -7.53
C ASN A 161 -9.61 9.47 -7.55
N ILE A 162 -9.16 8.65 -8.49
CA ILE A 162 -7.75 8.32 -8.63
C ILE A 162 -7.00 9.40 -9.41
N ILE A 163 -6.01 10.01 -8.77
CA ILE A 163 -5.21 11.05 -9.41
C ILE A 163 -3.72 10.84 -9.15
N ASP A 164 -2.90 11.24 -10.12
CA ASP A 164 -1.46 11.09 -10.00
C ASP A 164 -0.89 12.09 -9.00
N LEU A 165 0.06 11.64 -8.19
CA LEU A 165 0.68 12.50 -7.19
C LEU A 165 2.09 12.91 -7.61
N THR A 166 2.38 12.73 -8.90
CA THR A 166 3.69 13.08 -9.44
C THR A 166 4.00 14.55 -9.19
N ASN A 167 2.96 15.36 -9.07
CA ASN A 167 3.13 16.80 -8.84
C ASN A 167 2.76 17.15 -7.40
N ALA A 168 2.84 16.17 -6.51
CA ALA A 168 2.51 16.38 -5.11
C ALA A 168 3.78 16.48 -4.25
N ASN A 169 3.59 16.50 -2.94
CA ASN A 169 4.72 16.59 -2.02
C ASN A 169 5.40 15.24 -1.85
N ARG A 170 6.25 14.89 -2.81
CA ARG A 170 6.97 13.62 -2.76
C ARG A 170 7.69 13.44 -1.43
N CYS A 171 8.46 14.44 -1.04
CA CYS A 171 9.21 14.40 0.21
C CYS A 171 10.20 13.24 0.21
N LEU A 172 10.60 12.81 -0.99
CA LEU A 172 11.56 11.72 -1.13
C LEU A 172 12.96 12.15 -0.70
N GLU A 173 13.14 13.46 -0.54
CA GLU A 173 14.43 14.01 -0.12
C GLU A 173 14.58 13.95 1.39
N ALA A 174 13.46 13.89 2.09
CA ALA A 174 13.47 13.83 3.56
C ALA A 174 13.79 12.42 4.05
N ARG A 175 13.23 11.43 3.37
CA ARG A 175 13.46 10.04 3.73
C ARG A 175 14.94 9.68 3.64
N GLU A 176 15.39 8.84 4.56
CA GLU A 176 16.79 8.42 4.58
C GLU A 176 16.90 6.93 4.91
N MET A 1 -22.15 10.42 -27.14
CA MET A 1 -23.27 10.87 -26.32
C MET A 1 -23.85 9.73 -25.49
N GLY A 2 -23.01 8.73 -25.20
CA GLY A 2 -23.45 7.59 -24.42
C GLY A 2 -23.08 7.71 -22.95
N SER A 3 -23.24 6.63 -22.21
CA SER A 3 -22.92 6.62 -20.79
C SER A 3 -22.28 5.30 -20.39
N SER A 4 -21.45 5.34 -19.36
CA SER A 4 -20.77 4.14 -18.87
C SER A 4 -21.60 3.44 -17.81
N HIS A 5 -21.12 2.27 -17.38
CA HIS A 5 -21.82 1.49 -16.35
C HIS A 5 -20.85 1.02 -15.27
N HIS A 6 -21.38 0.36 -14.25
CA HIS A 6 -20.57 -0.14 -13.14
C HIS A 6 -20.93 -1.58 -12.81
N HIS A 7 -19.99 -2.30 -12.22
CA HIS A 7 -20.20 -3.69 -11.84
C HIS A 7 -20.96 -3.79 -10.52
N HIS A 8 -21.27 -5.02 -10.11
CA HIS A 8 -21.98 -5.25 -8.86
C HIS A 8 -21.13 -6.05 -7.90
N HIS A 9 -21.71 -6.40 -6.75
CA HIS A 9 -21.01 -7.17 -5.73
C HIS A 9 -20.89 -8.63 -6.13
N HIS A 10 -20.16 -9.41 -5.34
CA HIS A 10 -19.98 -10.83 -5.62
C HIS A 10 -20.94 -11.68 -4.79
N ILE A 11 -21.24 -12.87 -5.28
CA ILE A 11 -22.14 -13.78 -4.58
C ILE A 11 -21.36 -14.75 -3.69
N GLU A 12 -21.90 -15.00 -2.50
CA GLU A 12 -21.26 -15.91 -1.56
C GLU A 12 -20.96 -17.25 -2.21
N GLY A 13 -20.00 -17.98 -1.64
CA GLY A 13 -19.63 -19.27 -2.18
C GLY A 13 -18.26 -19.26 -2.84
N ARG A 14 -17.39 -18.37 -2.36
CA ARG A 14 -16.03 -18.26 -2.89
C ARG A 14 -15.27 -19.56 -2.70
N GLU A 15 -14.18 -19.72 -3.46
CA GLU A 15 -13.36 -20.91 -3.37
C GLU A 15 -12.36 -20.82 -2.22
N GLU A 16 -11.93 -21.98 -1.72
CA GLU A 16 -10.98 -22.02 -0.62
C GLU A 16 -9.56 -22.16 -1.13
N ALA A 17 -8.61 -21.55 -0.42
CA ALA A 17 -7.20 -21.60 -0.81
C ALA A 17 -6.37 -22.24 0.30
N SER A 18 -5.10 -22.54 -0.03
CA SER A 18 -4.20 -23.16 0.93
C SER A 18 -3.46 -22.10 1.74
N SER A 19 -2.63 -22.55 2.68
CA SER A 19 -1.87 -21.64 3.52
C SER A 19 -0.37 -21.86 3.35
N MET A 20 0.42 -20.94 3.89
CA MET A 20 1.87 -21.03 3.79
C MET A 20 2.32 -21.22 2.34
N GLU A 21 1.84 -20.33 1.47
CA GLU A 21 2.20 -20.39 0.06
C GLU A 21 3.71 -20.43 -0.13
N ARG A 22 4.16 -21.06 -1.20
CA ARG A 22 5.58 -21.18 -1.50
C ARG A 22 6.05 -20.00 -2.35
N ASN A 23 5.13 -19.42 -3.11
CA ASN A 23 5.45 -18.29 -3.97
C ASN A 23 5.55 -17.00 -3.16
N PHE A 24 4.85 -16.96 -2.04
CA PHE A 24 4.87 -15.79 -1.16
C PHE A 24 6.26 -15.57 -0.57
N ASN A 25 6.90 -14.47 -0.95
CA ASN A 25 8.23 -14.15 -0.46
C ASN A 25 8.32 -12.69 -0.04
N VAL A 26 8.30 -12.45 1.27
CA VAL A 26 8.38 -11.10 1.80
C VAL A 26 9.76 -10.50 1.60
N GLU A 27 10.77 -11.38 1.49
CA GLU A 27 12.14 -10.95 1.29
C GLU A 27 12.26 -10.03 0.08
N LYS A 28 11.34 -10.22 -0.88
CA LYS A 28 11.35 -9.41 -2.10
C LYS A 28 10.93 -7.98 -1.80
N ILE A 29 9.78 -7.82 -1.16
CA ILE A 29 9.27 -6.49 -0.81
C ILE A 29 10.13 -5.83 0.26
N ASN A 30 10.75 -6.66 1.09
CA ASN A 30 11.60 -6.16 2.17
C ASN A 30 12.64 -5.18 1.62
N GLY A 31 12.47 -3.90 1.95
CA GLY A 31 13.40 -2.88 1.49
C GLY A 31 12.78 -1.50 1.49
N GLU A 32 12.55 -0.95 0.30
CA GLU A 32 11.96 0.38 0.17
C GLU A 32 10.97 0.43 -0.98
N TRP A 33 10.18 1.50 -1.02
CA TRP A 33 9.18 1.67 -2.08
C TRP A 33 9.01 3.14 -2.44
N TYR A 34 8.08 3.41 -3.35
CA TYR A 34 7.83 4.79 -3.78
C TYR A 34 6.36 4.97 -4.14
N THR A 35 5.81 6.13 -3.77
CA THR A 35 4.41 6.43 -4.05
C THR A 35 4.19 6.68 -5.53
N ILE A 36 3.04 6.23 -6.03
CA ILE A 36 2.70 6.39 -7.44
C ILE A 36 1.43 7.22 -7.61
N MET A 37 0.38 6.81 -6.91
CA MET A 37 -0.90 7.50 -6.98
C MET A 37 -1.68 7.33 -5.68
N LEU A 38 -2.67 8.20 -5.47
CA LEU A 38 -3.51 8.13 -4.26
C LEU A 38 -4.98 8.16 -4.63
N ALA A 39 -5.73 7.19 -4.11
CA ALA A 39 -7.16 7.10 -4.36
C ALA A 39 -7.95 6.95 -3.07
N THR A 40 -9.18 7.46 -3.06
CA THR A 40 -10.04 7.38 -1.88
C THR A 40 -11.41 7.98 -2.16
N ASP A 41 -12.43 7.43 -1.52
CA ASP A 41 -13.80 7.90 -1.71
C ASP A 41 -13.92 9.36 -1.30
N LYS A 42 -12.99 9.83 -0.48
CA LYS A 42 -12.99 11.21 -0.03
C LYS A 42 -11.75 11.95 -0.53
N ARG A 43 -11.92 12.72 -1.60
CA ARG A 43 -10.82 13.48 -2.18
C ARG A 43 -10.36 14.59 -1.24
N GLU A 44 -11.31 15.13 -0.48
CA GLU A 44 -11.01 16.21 0.46
C GLU A 44 -10.12 15.70 1.59
N LYS A 45 -10.15 14.39 1.81
CA LYS A 45 -9.34 13.77 2.86
C LYS A 45 -7.88 13.67 2.44
N ILE A 46 -7.66 13.39 1.16
CA ILE A 46 -6.30 13.27 0.62
C ILE A 46 -5.84 14.59 0.03
N GLU A 47 -6.48 15.68 0.43
CA GLU A 47 -6.13 17.01 -0.07
C GLU A 47 -5.11 17.68 0.86
N GLU A 48 -4.63 18.85 0.44
CA GLU A 48 -3.65 19.59 1.23
C GLU A 48 -4.31 20.23 2.44
N HIS A 49 -5.64 20.18 2.49
CA HIS A 49 -6.39 20.75 3.60
C HIS A 49 -6.83 19.67 4.58
N GLY A 50 -6.16 18.52 4.53
CA GLY A 50 -6.50 17.43 5.43
C GLY A 50 -5.29 16.88 6.15
N SER A 51 -5.42 15.68 6.70
CA SER A 51 -4.34 15.05 7.44
C SER A 51 -4.25 13.56 7.09
N MET A 52 -4.81 13.18 5.96
CA MET A 52 -4.80 11.80 5.51
C MET A 52 -3.96 11.65 4.24
N ARG A 53 -3.01 12.56 4.05
CA ARG A 53 -2.14 12.53 2.88
C ARG A 53 -0.81 11.86 3.20
N VAL A 54 -0.82 11.03 4.25
CA VAL A 54 0.40 10.33 4.66
C VAL A 54 0.71 9.17 3.73
N PHE A 55 1.99 8.99 3.42
CA PHE A 55 2.42 7.92 2.52
C PHE A 55 3.66 7.23 3.08
N VAL A 56 3.80 5.94 2.77
CA VAL A 56 4.95 5.17 3.23
C VAL A 56 6.17 5.42 2.36
N GLU A 57 7.35 5.23 2.92
CA GLU A 57 8.60 5.42 2.20
C GLU A 57 9.37 4.12 2.07
N TYR A 58 9.14 3.22 3.01
CA TYR A 58 9.83 1.93 3.01
C TYR A 58 9.11 0.93 3.93
N ILE A 59 9.25 -0.35 3.62
CA ILE A 59 8.63 -1.41 4.41
C ILE A 59 9.67 -2.29 5.08
N HIS A 60 9.46 -2.59 6.35
CA HIS A 60 10.38 -3.44 7.11
C HIS A 60 9.69 -4.71 7.58
N VAL A 61 10.35 -5.85 7.38
CA VAL A 61 9.79 -7.14 7.79
C VAL A 61 10.35 -7.56 9.15
N LEU A 62 9.44 -7.88 10.07
CA LEU A 62 9.84 -8.31 11.40
C LEU A 62 9.60 -9.81 11.59
N GLU A 63 10.07 -10.34 12.71
CA GLU A 63 9.92 -11.76 13.01
C GLU A 63 8.44 -12.13 13.13
N ASN A 64 7.68 -11.28 13.83
CA ASN A 64 6.25 -11.51 14.01
C ASN A 64 5.45 -10.23 13.80
N SER A 65 5.93 -9.40 12.88
CA SER A 65 5.26 -8.13 12.57
C SER A 65 5.89 -7.47 11.36
N LEU A 66 5.43 -6.26 11.05
CA LEU A 66 5.94 -5.51 9.90
C LEU A 66 6.04 -4.02 10.22
N ALA A 67 7.26 -3.51 10.27
CA ALA A 67 7.49 -2.10 10.57
C ALA A 67 7.30 -1.25 9.32
N LEU A 68 6.72 -0.07 9.49
CA LEU A 68 6.48 0.84 8.38
C LEU A 68 6.69 2.30 8.81
N LYS A 69 7.11 3.13 7.86
CA LYS A 69 7.34 4.54 8.14
C LYS A 69 6.58 5.42 7.16
N PHE A 70 5.79 6.36 7.69
CA PHE A 70 5.02 7.27 6.86
C PHE A 70 5.40 8.72 7.13
N HIS A 71 5.02 9.60 6.21
CA HIS A 71 5.33 11.02 6.34
C HIS A 71 4.06 11.85 6.39
N ILE A 72 4.20 13.13 6.70
CA ILE A 72 3.05 14.04 6.76
C ILE A 72 3.48 15.48 6.59
N ILE A 73 2.64 16.28 5.95
CA ILE A 73 2.92 17.69 5.72
C ILE A 73 2.20 18.57 6.72
N ILE A 74 2.93 19.03 7.73
CA ILE A 74 2.36 19.90 8.76
C ILE A 74 2.91 21.31 8.65
N ASN A 75 2.01 22.27 8.41
CA ASN A 75 2.41 23.66 8.29
C ASN A 75 3.55 23.83 7.30
N GLU A 76 3.38 23.25 6.11
CA GLU A 76 4.41 23.33 5.07
C GLU A 76 5.74 22.81 5.59
N GLU A 77 5.69 21.92 6.57
CA GLU A 77 6.90 21.35 7.16
C GLU A 77 6.78 19.83 7.27
N CYS A 78 7.49 19.11 6.41
CA CYS A 78 7.45 17.66 6.41
C CYS A 78 7.78 17.11 7.79
N SER A 79 7.26 15.92 8.08
CA SER A 79 7.49 15.29 9.37
C SER A 79 7.79 13.79 9.20
N GLU A 80 8.02 13.11 10.32
CA GLU A 80 8.32 11.69 10.30
C GLU A 80 7.46 10.94 11.31
N ILE A 81 6.93 9.79 10.90
CA ILE A 81 6.09 8.98 11.78
C ILE A 81 6.59 7.54 11.84
N PHE A 82 6.43 6.91 12.99
CA PHE A 82 6.86 5.53 13.17
C PHE A 82 5.72 4.67 13.72
N LEU A 83 5.55 3.48 13.13
CA LEU A 83 4.50 2.56 13.56
C LEU A 83 4.86 1.13 13.21
N VAL A 84 4.13 0.17 13.80
CA VAL A 84 4.38 -1.24 13.55
C VAL A 84 3.06 -2.00 13.42
N ALA A 85 2.96 -2.82 12.38
CA ALA A 85 1.76 -3.62 12.14
C ALA A 85 2.00 -5.08 12.48
N ASP A 86 1.27 -5.59 13.46
CA ASP A 86 1.39 -6.98 13.88
C ASP A 86 0.23 -7.82 13.35
N LYS A 87 0.45 -9.12 13.26
CA LYS A 87 -0.58 -10.03 12.76
C LYS A 87 -1.84 -9.93 13.60
N THR A 88 -2.98 -10.30 13.01
CA THR A 88 -4.26 -10.25 13.70
C THR A 88 -4.83 -11.64 13.90
N GLU A 89 -6.03 -11.71 14.47
CA GLU A 89 -6.69 -12.98 14.72
C GLU A 89 -6.83 -13.79 13.43
N LYS A 90 -6.85 -13.08 12.30
CA LYS A 90 -6.99 -13.73 11.00
C LYS A 90 -5.81 -13.36 10.10
N ALA A 91 -5.25 -14.35 9.43
CA ALA A 91 -4.12 -14.14 8.52
C ALA A 91 -4.54 -13.34 7.30
N GLY A 92 -3.65 -12.49 6.81
CA GLY A 92 -3.94 -11.69 5.64
C GLY A 92 -4.26 -10.25 6.00
N GLU A 93 -4.84 -10.04 7.18
CA GLU A 93 -5.18 -8.70 7.63
C GLU A 93 -4.30 -8.27 8.79
N TYR A 94 -3.84 -7.03 8.75
CA TYR A 94 -2.98 -6.49 9.79
C TYR A 94 -3.70 -5.43 10.60
N SER A 95 -3.35 -5.30 11.87
CA SER A 95 -3.96 -4.34 12.76
C SER A 95 -2.92 -3.33 13.28
N VAL A 96 -3.15 -2.05 12.97
CA VAL A 96 -2.24 -1.00 13.41
C VAL A 96 -3.01 0.20 13.94
N THR A 97 -2.40 0.92 14.87
CA THR A 97 -3.02 2.10 15.47
C THR A 97 -2.37 3.38 14.96
N TYR A 98 -3.20 4.35 14.57
CA TYR A 98 -2.71 5.62 14.08
C TYR A 98 -3.63 6.76 14.50
N ASP A 99 -4.92 6.61 14.25
CA ASP A 99 -5.90 7.62 14.61
C ASP A 99 -7.22 6.99 15.00
N GLY A 100 -7.15 5.79 15.59
CA GLY A 100 -8.36 5.09 16.00
C GLY A 100 -8.31 3.61 15.68
N SER A 101 -8.92 3.24 14.56
CA SER A 101 -8.94 1.84 14.13
C SER A 101 -8.60 1.71 12.66
N ASN A 102 -7.51 1.00 12.38
CA ASN A 102 -7.05 0.81 11.00
C ASN A 102 -6.66 -0.64 10.76
N THR A 103 -7.09 -1.20 9.65
CA THR A 103 -6.78 -2.59 9.30
C THR A 103 -6.73 -2.78 7.79
N PHE A 104 -5.58 -3.19 7.29
CA PHE A 104 -5.39 -3.42 5.86
C PHE A 104 -5.18 -4.89 5.56
N THR A 105 -5.13 -5.24 4.28
CA THR A 105 -4.92 -6.62 3.86
C THR A 105 -4.34 -6.68 2.45
N ILE A 106 -3.71 -7.80 2.13
CA ILE A 106 -3.11 -8.00 0.82
C ILE A 106 -4.06 -8.73 -0.11
N LEU A 107 -4.58 -8.02 -1.12
CA LEU A 107 -5.50 -8.60 -2.08
C LEU A 107 -4.80 -8.89 -3.40
N LYS A 108 -3.76 -8.11 -3.69
CA LYS A 108 -2.99 -8.28 -4.92
C LYS A 108 -1.76 -7.39 -4.92
N THR A 109 -0.59 -8.01 -5.12
CA THR A 109 0.67 -7.28 -5.14
C THR A 109 1.78 -8.10 -5.77
N ASP A 110 2.43 -7.53 -6.77
CA ASP A 110 3.52 -8.22 -7.46
C ASP A 110 4.83 -7.45 -7.32
N TYR A 111 5.93 -8.18 -7.19
CA TYR A 111 7.25 -7.57 -7.04
C TYR A 111 7.77 -7.07 -8.39
N ASP A 112 7.04 -7.39 -9.45
CA ASP A 112 7.43 -6.98 -10.79
C ASP A 112 6.56 -5.82 -11.28
N ASN A 113 5.39 -5.67 -10.66
CA ASN A 113 4.46 -4.60 -11.02
C ASN A 113 4.36 -3.57 -9.92
N TYR A 114 3.49 -3.82 -8.95
CA TYR A 114 3.28 -2.91 -7.83
C TYR A 114 2.61 -3.62 -6.66
N ILE A 115 2.46 -2.90 -5.56
CA ILE A 115 1.83 -3.47 -4.36
C ILE A 115 0.62 -2.63 -3.95
N MET A 116 -0.54 -3.29 -3.86
CA MET A 116 -1.77 -2.62 -3.46
C MET A 116 -2.04 -2.82 -1.98
N ILE A 117 -2.65 -1.81 -1.34
CA ILE A 117 -2.97 -1.88 0.07
C ILE A 117 -4.28 -1.17 0.38
N HIS A 118 -5.28 -1.95 0.79
CA HIS A 118 -6.59 -1.39 1.11
C HIS A 118 -6.68 -1.05 2.60
N LEU A 119 -6.67 0.24 2.91
CA LEU A 119 -6.75 0.70 4.29
C LEU A 119 -8.05 1.46 4.54
N ILE A 120 -8.74 1.10 5.61
CA ILE A 120 -10.00 1.74 5.96
C ILE A 120 -9.90 2.44 7.32
N ASN A 121 -10.19 3.73 7.34
CA ASN A 121 -10.14 4.51 8.57
C ASN A 121 -11.54 4.97 8.98
N LYS A 122 -11.77 5.00 10.28
CA LYS A 122 -13.06 5.43 10.81
C LYS A 122 -12.91 6.62 11.74
N LYS A 123 -13.75 7.64 11.55
CA LYS A 123 -13.71 8.84 12.37
C LYS A 123 -15.06 9.55 12.37
N ASP A 124 -15.46 10.05 13.52
CA ASP A 124 -16.72 10.76 13.65
C ASP A 124 -17.88 9.91 13.14
N GLY A 125 -17.82 8.61 13.40
CA GLY A 125 -18.86 7.71 12.96
C GLY A 125 -18.93 7.61 11.45
N GLU A 126 -17.87 8.02 10.78
CA GLU A 126 -17.83 7.99 9.32
C GLU A 126 -16.58 7.26 8.83
N THR A 127 -16.77 6.24 8.00
CA THR A 127 -15.66 5.46 7.46
C THR A 127 -15.53 5.66 5.96
N PHE A 128 -14.29 5.69 5.47
CA PHE A 128 -14.04 5.86 4.04
C PHE A 128 -13.07 4.81 3.52
N GLN A 129 -12.90 4.75 2.21
CA GLN A 129 -12.00 3.79 1.59
C GLN A 129 -10.69 4.45 1.18
N LEU A 130 -9.58 3.86 1.61
CA LEU A 130 -8.25 4.39 1.29
C LEU A 130 -7.41 3.34 0.57
N MET A 131 -6.74 3.77 -0.49
CA MET A 131 -5.89 2.88 -1.28
C MET A 131 -4.48 3.44 -1.39
N GLU A 132 -3.50 2.54 -1.52
CA GLU A 132 -2.10 2.95 -1.64
C GLU A 132 -1.38 2.09 -2.67
N LEU A 133 -0.71 2.74 -3.61
CA LEU A 133 0.02 2.03 -4.66
C LEU A 133 1.51 2.39 -4.61
N TYR A 134 2.36 1.39 -4.81
CA TYR A 134 3.80 1.60 -4.79
C TYR A 134 4.49 0.73 -5.84
N GLY A 135 5.67 1.16 -6.27
CA GLY A 135 6.41 0.41 -7.27
C GLY A 135 7.91 0.58 -7.13
N ARG A 136 8.67 -0.27 -7.80
CA ARG A 136 10.12 -0.21 -7.75
C ARG A 136 10.63 1.20 -8.05
N GLU A 137 9.86 1.93 -8.87
CA GLU A 137 10.24 3.29 -9.24
C GLU A 137 9.15 4.27 -8.83
N PRO A 138 9.51 5.56 -8.75
CA PRO A 138 8.58 6.63 -8.38
C PRO A 138 7.54 6.89 -9.46
N ASP A 139 7.71 6.25 -10.62
CA ASP A 139 6.79 6.43 -11.73
C ASP A 139 6.53 5.09 -12.41
N LEU A 140 5.28 4.84 -12.78
CA LEU A 140 4.89 3.61 -13.45
C LEU A 140 4.24 3.90 -14.80
N SER A 141 4.04 2.85 -15.59
CA SER A 141 3.43 2.99 -16.90
C SER A 141 2.04 3.60 -16.80
N SER A 142 1.69 4.43 -17.77
CA SER A 142 0.38 5.08 -17.78
C SER A 142 -0.74 4.05 -17.73
N ASP A 143 -0.47 2.86 -18.24
CA ASP A 143 -1.44 1.78 -18.24
C ASP A 143 -1.66 1.22 -16.84
N ILE A 144 -0.63 1.33 -16.01
CA ILE A 144 -0.70 0.84 -14.64
C ILE A 144 -1.81 1.54 -13.87
N LYS A 145 -1.97 2.83 -14.10
CA LYS A 145 -3.00 3.61 -13.44
C LYS A 145 -4.38 2.98 -13.62
N GLU A 146 -4.69 2.60 -14.86
CA GLU A 146 -5.97 1.99 -15.17
C GLU A 146 -6.02 0.55 -14.69
N LYS A 147 -4.85 -0.11 -14.70
CA LYS A 147 -4.76 -1.50 -14.25
C LYS A 147 -5.12 -1.63 -12.78
N PHE A 148 -4.53 -0.78 -11.95
CA PHE A 148 -4.78 -0.79 -10.52
C PHE A 148 -6.11 -0.12 -10.20
N ALA A 149 -6.50 0.84 -11.03
CA ALA A 149 -7.75 1.56 -10.84
C ALA A 149 -8.95 0.61 -10.83
N GLN A 150 -8.81 -0.50 -11.55
CA GLN A 150 -9.88 -1.49 -11.62
C GLN A 150 -10.30 -1.94 -10.23
N LEU A 151 -9.34 -2.05 -9.33
CA LEU A 151 -9.60 -2.47 -7.96
C LEU A 151 -10.29 -1.36 -7.17
N SER A 152 -10.07 -0.11 -7.61
CA SER A 152 -10.67 1.04 -6.95
C SER A 152 -12.19 0.95 -6.96
N GLU A 153 -12.74 0.58 -8.10
CA GLU A 153 -14.19 0.46 -8.26
C GLU A 153 -14.76 -0.54 -7.27
N GLU A 154 -13.96 -1.55 -6.93
CA GLU A 154 -14.38 -2.58 -5.98
C GLU A 154 -14.74 -1.96 -4.63
N HIS A 155 -14.10 -0.85 -4.31
CA HIS A 155 -14.35 -0.17 -3.05
C HIS A 155 -15.20 1.08 -3.27
N GLY A 156 -15.89 1.13 -4.39
CA GLY A 156 -16.73 2.27 -4.70
C GLY A 156 -15.92 3.51 -5.05
N ILE A 157 -14.70 3.30 -5.52
CA ILE A 157 -13.83 4.40 -5.89
C ILE A 157 -13.71 4.53 -7.41
N VAL A 158 -14.24 5.61 -7.95
CA VAL A 158 -14.19 5.85 -9.39
C VAL A 158 -12.87 6.49 -9.80
N ARG A 159 -12.48 6.27 -11.05
CA ARG A 159 -11.23 6.82 -11.56
C ARG A 159 -11.18 8.34 -11.38
N GLU A 160 -12.35 8.96 -11.33
CA GLU A 160 -12.45 10.39 -11.16
C GLU A 160 -11.68 10.85 -9.92
N ASN A 161 -11.58 9.96 -8.94
CA ASN A 161 -10.86 10.26 -7.70
C ASN A 161 -9.40 9.86 -7.80
N ILE A 162 -9.11 8.94 -8.71
CA ILE A 162 -7.74 8.47 -8.91
C ILE A 162 -6.92 9.49 -9.70
N ILE A 163 -6.00 10.16 -9.01
CA ILE A 163 -5.14 11.16 -9.65
C ILE A 163 -3.68 10.82 -9.45
N ASP A 164 -2.87 11.13 -10.46
CA ASP A 164 -1.43 10.87 -10.39
C ASP A 164 -0.78 11.65 -9.26
N LEU A 165 0.14 11.01 -8.55
CA LEU A 165 0.83 11.64 -7.43
C LEU A 165 2.01 12.49 -7.93
N THR A 166 2.53 12.13 -9.10
CA THR A 166 3.65 12.86 -9.68
C THR A 166 3.33 14.34 -9.82
N ASN A 167 2.07 14.65 -10.12
CA ASN A 167 1.64 16.04 -10.28
C ASN A 167 1.17 16.62 -8.94
N ALA A 168 1.46 15.90 -7.87
CA ALA A 168 1.07 16.35 -6.53
C ALA A 168 2.26 16.37 -5.59
N ASN A 169 2.01 16.68 -4.31
CA ASN A 169 3.08 16.73 -3.32
C ASN A 169 3.48 15.33 -2.89
N ARG A 170 4.78 15.14 -2.64
CA ARG A 170 5.30 13.85 -2.22
C ARG A 170 6.27 14.01 -1.05
N CYS A 171 7.22 14.94 -1.19
CA CYS A 171 8.20 15.18 -0.14
C CYS A 171 9.07 13.96 0.09
N LEU A 172 9.63 13.42 -1.00
CA LEU A 172 10.47 12.23 -0.90
C LEU A 172 11.86 12.61 -0.37
N GLU A 173 12.25 13.86 -0.57
CA GLU A 173 13.55 14.34 -0.11
C GLU A 173 13.62 14.35 1.41
N ALA A 174 12.46 14.22 2.06
CA ALA A 174 12.38 14.21 3.51
C ALA A 174 12.78 12.85 4.07
N ARG A 175 12.81 11.85 3.21
CA ARG A 175 13.16 10.49 3.62
C ARG A 175 14.49 10.49 4.38
N GLU A 176 15.36 11.43 4.03
CA GLU A 176 16.67 11.54 4.67
C GLU A 176 16.70 12.70 5.66
N MET A 1 6.44 -2.26 -62.79
CA MET A 1 7.17 -1.59 -61.72
C MET A 1 7.74 -2.62 -60.74
N GLY A 2 9.01 -2.45 -60.39
CA GLY A 2 9.65 -3.37 -59.46
C GLY A 2 10.38 -2.65 -58.35
N SER A 3 10.51 -3.31 -57.20
CA SER A 3 11.19 -2.72 -56.06
C SER A 3 12.38 -3.57 -55.64
N SER A 4 13.58 -3.09 -55.92
CA SER A 4 14.80 -3.81 -55.57
C SER A 4 15.10 -3.69 -54.08
N HIS A 5 16.04 -4.50 -53.61
CA HIS A 5 16.42 -4.48 -52.19
C HIS A 5 17.91 -4.14 -52.03
N HIS A 6 18.37 -4.14 -50.80
CA HIS A 6 19.77 -3.83 -50.51
C HIS A 6 20.23 -4.53 -49.23
N HIS A 7 21.49 -4.32 -48.87
CA HIS A 7 22.06 -4.94 -47.67
C HIS A 7 21.26 -4.53 -46.43
N HIS A 8 21.54 -5.19 -45.32
CA HIS A 8 20.85 -4.91 -44.06
C HIS A 8 21.84 -4.83 -42.90
N HIS A 9 21.36 -4.38 -41.75
CA HIS A 9 22.20 -4.27 -40.56
C HIS A 9 21.64 -5.09 -39.41
N HIS A 10 22.50 -5.87 -38.78
CA HIS A 10 22.09 -6.72 -37.65
C HIS A 10 22.19 -5.95 -36.33
N ILE A 11 21.12 -5.97 -35.56
CA ILE A 11 21.07 -5.29 -34.27
C ILE A 11 20.86 -6.27 -33.13
N GLU A 12 21.39 -5.94 -31.96
CA GLU A 12 21.25 -6.79 -30.79
C GLU A 12 19.90 -6.57 -30.12
N GLY A 13 19.67 -7.26 -29.00
CA GLY A 13 18.41 -7.13 -28.29
C GLY A 13 17.62 -8.43 -28.26
N ARG A 14 18.33 -9.54 -28.11
CA ARG A 14 17.68 -10.85 -28.08
C ARG A 14 16.59 -10.89 -27.01
N GLU A 15 15.82 -11.97 -26.99
CA GLU A 15 14.75 -12.13 -26.01
C GLU A 15 15.19 -13.00 -24.85
N GLU A 16 14.47 -12.91 -23.74
CA GLU A 16 14.79 -13.69 -22.55
C GLU A 16 13.64 -14.63 -22.18
N ALA A 17 13.87 -15.48 -21.19
CA ALA A 17 12.84 -16.42 -20.75
C ALA A 17 11.93 -15.80 -19.70
N SER A 18 11.04 -16.61 -19.15
CA SER A 18 10.10 -16.13 -18.13
C SER A 18 10.14 -17.03 -16.90
N SER A 19 9.21 -16.79 -15.97
CA SER A 19 9.14 -17.57 -14.75
C SER A 19 7.70 -17.64 -14.24
N MET A 20 7.52 -18.24 -13.07
CA MET A 20 6.19 -18.39 -12.47
C MET A 20 6.11 -17.60 -11.17
N GLU A 21 4.99 -17.75 -10.46
CA GLU A 21 4.77 -17.04 -9.21
C GLU A 21 5.17 -17.92 -8.02
N ARG A 22 6.02 -18.90 -8.28
CA ARG A 22 6.48 -19.82 -7.24
C ARG A 22 7.75 -19.29 -6.57
N ASN A 23 8.18 -18.12 -7.00
CA ASN A 23 9.39 -17.50 -6.44
C ASN A 23 9.02 -16.49 -5.35
N PHE A 24 7.90 -16.71 -4.70
CA PHE A 24 7.44 -15.82 -3.64
C PHE A 24 8.53 -15.60 -2.60
N ASN A 25 8.75 -14.33 -2.23
CA ASN A 25 9.77 -13.99 -1.26
C ASN A 25 9.50 -12.62 -0.65
N VAL A 26 9.41 -12.56 0.67
CA VAL A 26 9.15 -11.31 1.37
C VAL A 26 10.35 -10.38 1.30
N GLU A 27 11.53 -10.96 1.10
CA GLU A 27 12.76 -10.18 1.00
C GLU A 27 12.66 -9.14 -0.10
N LYS A 28 11.85 -9.43 -1.11
CA LYS A 28 11.65 -8.51 -2.23
C LYS A 28 11.03 -7.20 -1.76
N ILE A 29 9.90 -7.31 -1.08
CA ILE A 29 9.20 -6.13 -0.57
C ILE A 29 9.93 -5.52 0.62
N ASN A 30 10.64 -6.36 1.36
CA ASN A 30 11.39 -5.91 2.52
C ASN A 30 12.46 -4.91 2.12
N GLY A 31 12.22 -3.64 2.41
CA GLY A 31 13.17 -2.60 2.06
C GLY A 31 12.54 -1.22 1.99
N GLU A 32 12.36 -0.72 0.78
CA GLU A 32 11.75 0.59 0.58
C GLU A 32 10.81 0.59 -0.63
N TRP A 33 10.01 1.63 -0.74
CA TRP A 33 9.06 1.74 -1.85
C TRP A 33 8.88 3.20 -2.26
N TYR A 34 7.99 3.44 -3.23
CA TYR A 34 7.72 4.78 -3.71
C TYR A 34 6.24 4.98 -3.98
N THR A 35 5.76 6.20 -3.80
CA THR A 35 4.35 6.52 -4.03
C THR A 35 4.08 6.75 -5.51
N ILE A 36 2.90 6.31 -5.96
CA ILE A 36 2.51 6.48 -7.36
C ILE A 36 1.25 7.32 -7.48
N MET A 37 0.19 6.87 -6.82
CA MET A 37 -1.09 7.59 -6.86
C MET A 37 -1.85 7.42 -5.54
N LEU A 38 -2.64 8.42 -5.19
CA LEU A 38 -3.42 8.38 -3.96
C LEU A 38 -4.92 8.41 -4.27
N ALA A 39 -5.60 7.31 -3.96
CA ALA A 39 -7.03 7.21 -4.21
C ALA A 39 -7.78 6.90 -2.92
N THR A 40 -9.05 7.31 -2.84
CA THR A 40 -9.88 7.08 -1.67
C THR A 40 -11.27 7.68 -1.85
N ASP A 41 -12.28 6.94 -1.42
CA ASP A 41 -13.66 7.39 -1.53
C ASP A 41 -13.82 8.78 -0.94
N LYS A 42 -13.00 9.09 0.07
CA LYS A 42 -13.06 10.40 0.72
C LYS A 42 -11.91 11.28 0.26
N ARG A 43 -12.00 11.79 -0.95
CA ARG A 43 -10.97 12.66 -1.50
C ARG A 43 -10.72 13.86 -0.61
N GLU A 44 -11.73 14.23 0.18
CA GLU A 44 -11.63 15.36 1.08
C GLU A 44 -10.59 15.10 2.17
N LYS A 45 -10.37 13.82 2.46
CA LYS A 45 -9.41 13.42 3.48
C LYS A 45 -7.97 13.54 2.96
N ILE A 46 -7.76 13.10 1.73
CA ILE A 46 -6.44 13.15 1.12
C ILE A 46 -6.20 14.51 0.46
N GLU A 47 -7.24 15.33 0.41
CA GLU A 47 -7.15 16.66 -0.19
C GLU A 47 -6.05 17.48 0.47
N GLU A 48 -5.79 18.66 -0.08
CA GLU A 48 -4.76 19.54 0.46
C GLU A 48 -5.21 20.15 1.79
N HIS A 49 -6.48 19.97 2.11
CA HIS A 49 -7.04 20.51 3.35
C HIS A 49 -7.27 19.40 4.37
N GLY A 50 -6.58 18.28 4.19
CA GLY A 50 -6.72 17.16 5.10
C GLY A 50 -5.41 16.77 5.76
N SER A 51 -5.47 15.83 6.70
CA SER A 51 -4.29 15.38 7.41
C SER A 51 -4.14 13.86 7.32
N MET A 52 -4.83 13.27 6.36
CA MET A 52 -4.78 11.83 6.16
C MET A 52 -4.17 11.48 4.81
N ARG A 53 -3.35 12.38 4.28
CA ARG A 53 -2.71 12.18 2.99
C ARG A 53 -1.24 11.76 3.18
N VAL A 54 -0.98 10.98 4.21
CA VAL A 54 0.36 10.51 4.50
C VAL A 54 0.73 9.30 3.64
N PHE A 55 2.01 9.13 3.37
CA PHE A 55 2.48 8.01 2.56
C PHE A 55 3.71 7.36 3.18
N VAL A 56 3.86 6.06 2.98
CA VAL A 56 4.99 5.32 3.52
C VAL A 56 6.25 5.55 2.69
N GLU A 57 7.39 5.68 3.37
CA GLU A 57 8.66 5.90 2.71
C GLU A 57 9.44 4.60 2.57
N TYR A 58 9.12 3.64 3.42
CA TYR A 58 9.79 2.34 3.40
C TYR A 58 9.03 1.32 4.25
N ILE A 59 9.04 0.07 3.80
CA ILE A 59 8.35 -1.00 4.50
C ILE A 59 9.34 -1.95 5.16
N HIS A 60 9.11 -2.26 6.43
CA HIS A 60 9.98 -3.16 7.17
C HIS A 60 9.23 -4.41 7.62
N VAL A 61 9.82 -5.57 7.39
CA VAL A 61 9.20 -6.84 7.76
C VAL A 61 9.80 -7.37 9.07
N LEU A 62 8.93 -7.68 10.02
CA LEU A 62 9.36 -8.20 11.32
C LEU A 62 9.18 -9.71 11.39
N GLU A 63 9.47 -10.29 12.55
CA GLU A 63 9.34 -11.73 12.74
C GLU A 63 7.87 -12.15 12.65
N ASN A 64 6.98 -11.26 13.05
CA ASN A 64 5.55 -11.54 13.01
C ASN A 64 4.77 -10.35 12.45
N SER A 65 5.12 -9.16 12.91
CA SER A 65 4.45 -7.94 12.45
C SER A 65 5.24 -7.28 11.32
N LEU A 66 4.86 -6.05 10.99
CA LEU A 66 5.53 -5.32 9.92
C LEU A 66 5.61 -3.83 10.26
N ALA A 67 6.83 -3.31 10.37
CA ALA A 67 7.04 -1.91 10.68
C ALA A 67 6.95 -1.04 9.42
N LEU A 68 6.50 0.19 9.60
CA LEU A 68 6.36 1.12 8.48
C LEU A 68 6.67 2.54 8.91
N LYS A 69 6.98 3.40 7.94
CA LYS A 69 7.29 4.79 8.23
C LYS A 69 6.56 5.72 7.26
N PHE A 70 5.57 6.45 7.77
CA PHE A 70 4.80 7.38 6.95
C PHE A 70 5.20 8.82 7.24
N HIS A 71 5.01 9.69 6.24
CA HIS A 71 5.35 11.09 6.38
C HIS A 71 4.11 11.96 6.24
N ILE A 72 4.02 12.99 7.08
CA ILE A 72 2.88 13.90 7.05
C ILE A 72 3.33 15.33 6.76
N ILE A 73 2.55 16.03 5.94
CA ILE A 73 2.87 17.41 5.58
C ILE A 73 2.40 18.38 6.66
N ILE A 74 3.34 18.89 7.44
CA ILE A 74 3.03 19.83 8.51
C ILE A 74 3.80 21.14 8.33
N ASN A 75 3.05 22.24 8.19
CA ASN A 75 3.66 23.55 8.01
C ASN A 75 4.59 23.56 6.80
N GLU A 76 4.20 22.84 5.75
CA GLU A 76 5.00 22.77 4.54
C GLU A 76 6.37 22.17 4.83
N GLU A 77 6.42 21.19 5.71
CA GLU A 77 7.67 20.53 6.08
C GLU A 77 7.45 19.04 6.33
N CYS A 78 8.28 18.22 5.68
CA CYS A 78 8.17 16.77 5.83
C CYS A 78 8.32 16.37 7.29
N SER A 79 7.73 15.24 7.65
CA SER A 79 7.79 14.73 9.02
C SER A 79 8.13 13.25 9.04
N GLU A 80 8.00 12.63 10.22
CA GLU A 80 8.28 11.21 10.37
C GLU A 80 7.29 10.55 11.33
N ILE A 81 6.86 9.35 10.99
CA ILE A 81 5.91 8.61 11.81
C ILE A 81 6.23 7.12 11.82
N PHE A 82 6.63 6.61 12.97
CA PHE A 82 6.97 5.21 13.12
C PHE A 82 5.79 4.42 13.68
N LEU A 83 5.44 3.33 13.00
CA LEU A 83 4.32 2.49 13.42
C LEU A 83 4.47 1.07 12.89
N VAL A 84 3.81 0.12 13.54
CA VAL A 84 3.87 -1.28 13.14
C VAL A 84 2.50 -1.94 13.24
N ALA A 85 2.13 -2.68 12.20
CA ALA A 85 0.85 -3.36 12.18
C ALA A 85 1.01 -4.84 12.50
N ASP A 86 0.33 -5.29 13.56
CA ASP A 86 0.40 -6.69 13.97
C ASP A 86 -0.77 -7.48 13.41
N LYS A 87 -0.46 -8.65 12.86
CA LYS A 87 -1.49 -9.51 12.29
C LYS A 87 -2.65 -9.72 13.27
N THR A 88 -3.78 -10.19 12.75
CA THR A 88 -4.95 -10.43 13.58
C THR A 88 -5.40 -11.89 13.50
N GLU A 89 -6.51 -12.20 14.15
CA GLU A 89 -7.04 -13.56 14.16
C GLU A 89 -7.16 -14.10 12.73
N LYS A 90 -7.40 -13.20 11.78
CA LYS A 90 -7.54 -13.58 10.38
C LYS A 90 -6.24 -13.34 9.62
N ALA A 91 -5.69 -14.40 9.04
CA ALA A 91 -4.45 -14.29 8.27
C ALA A 91 -4.63 -13.39 7.06
N GLY A 92 -3.61 -12.62 6.76
CA GLY A 92 -3.66 -11.71 5.62
C GLY A 92 -4.12 -10.32 6.01
N GLU A 93 -4.74 -10.21 7.18
CA GLU A 93 -5.23 -8.92 7.66
C GLU A 93 -4.30 -8.34 8.72
N TYR A 94 -3.92 -7.09 8.54
CA TYR A 94 -3.03 -6.41 9.48
C TYR A 94 -3.68 -5.17 10.06
N SER A 95 -3.59 -5.01 11.37
CA SER A 95 -4.18 -3.87 12.06
C SER A 95 -3.09 -2.98 12.66
N VAL A 96 -3.36 -1.68 12.72
CA VAL A 96 -2.40 -0.73 13.27
C VAL A 96 -3.12 0.46 13.90
N THR A 97 -2.48 1.09 14.89
CA THR A 97 -3.07 2.24 15.56
C THR A 97 -2.61 3.54 14.92
N TYR A 98 -3.56 4.42 14.65
CA TYR A 98 -3.26 5.70 14.03
C TYR A 98 -4.51 6.59 13.96
N ASP A 99 -4.60 7.54 14.88
CA ASP A 99 -5.74 8.45 14.93
C ASP A 99 -7.05 7.68 15.03
N GLY A 100 -6.99 6.48 15.62
CA GLY A 100 -8.18 5.66 15.76
C GLY A 100 -7.91 4.20 15.47
N SER A 101 -8.55 3.68 14.42
CA SER A 101 -8.38 2.28 14.04
C SER A 101 -8.05 2.16 12.56
N ASN A 102 -7.16 1.24 12.23
CA ASN A 102 -6.76 1.01 10.85
C ASN A 102 -6.43 -0.45 10.60
N THR A 103 -7.01 -1.01 9.54
CA THR A 103 -6.78 -2.41 9.18
C THR A 103 -6.72 -2.59 7.68
N PHE A 104 -5.66 -3.22 7.20
CA PHE A 104 -5.48 -3.46 5.77
C PHE A 104 -5.25 -4.94 5.49
N THR A 105 -5.18 -5.30 4.22
CA THR A 105 -4.96 -6.68 3.82
C THR A 105 -4.37 -6.76 2.41
N ILE A 106 -3.63 -7.84 2.15
CA ILE A 106 -3.01 -8.04 0.85
C ILE A 106 -3.93 -8.81 -0.09
N LEU A 107 -4.46 -8.11 -1.10
CA LEU A 107 -5.35 -8.72 -2.07
C LEU A 107 -4.63 -9.00 -3.38
N LYS A 108 -3.65 -8.17 -3.70
CA LYS A 108 -2.87 -8.33 -4.92
C LYS A 108 -1.65 -7.41 -4.92
N THR A 109 -0.47 -8.01 -5.04
CA THR A 109 0.77 -7.25 -5.06
C THR A 109 1.90 -8.05 -5.70
N ASP A 110 2.52 -7.48 -6.71
CA ASP A 110 3.62 -8.14 -7.41
C ASP A 110 4.92 -7.34 -7.27
N TYR A 111 6.03 -8.05 -7.15
CA TYR A 111 7.33 -7.41 -7.00
C TYR A 111 7.84 -6.87 -8.34
N ASP A 112 7.20 -7.31 -9.42
CA ASP A 112 7.57 -6.87 -10.76
C ASP A 112 6.56 -5.87 -11.30
N ASN A 113 5.58 -5.51 -10.47
CA ASN A 113 4.55 -4.56 -10.87
C ASN A 113 4.34 -3.49 -9.81
N TYR A 114 3.47 -3.79 -8.85
CA TYR A 114 3.18 -2.86 -7.76
C TYR A 114 2.56 -3.58 -6.57
N ILE A 115 2.34 -2.85 -5.49
CA ILE A 115 1.74 -3.42 -4.28
C ILE A 115 0.54 -2.60 -3.84
N MET A 116 -0.64 -3.21 -3.89
CA MET A 116 -1.87 -2.54 -3.48
C MET A 116 -2.12 -2.73 -2.00
N ILE A 117 -2.73 -1.72 -1.37
CA ILE A 117 -3.02 -1.78 0.06
C ILE A 117 -4.35 -1.08 0.36
N HIS A 118 -5.34 -1.86 0.79
CA HIS A 118 -6.65 -1.32 1.12
C HIS A 118 -6.74 -1.01 2.61
N LEU A 119 -6.61 0.26 2.96
CA LEU A 119 -6.68 0.69 4.35
C LEU A 119 -8.00 1.41 4.63
N ILE A 120 -8.71 0.94 5.65
CA ILE A 120 -9.98 1.55 6.02
C ILE A 120 -9.88 2.25 7.37
N ASN A 121 -10.24 3.53 7.39
CA ASN A 121 -10.19 4.32 8.62
C ASN A 121 -11.59 4.67 9.09
N LYS A 122 -11.72 4.96 10.38
CA LYS A 122 -13.00 5.32 10.97
C LYS A 122 -12.85 6.42 12.00
N LYS A 123 -13.35 7.61 11.68
CA LYS A 123 -13.26 8.74 12.59
C LYS A 123 -14.56 9.55 12.58
N ASP A 124 -14.94 10.07 13.73
CA ASP A 124 -16.16 10.88 13.85
C ASP A 124 -17.38 10.06 13.42
N GLY A 125 -17.41 8.81 13.83
CA GLY A 125 -18.52 7.94 13.49
C GLY A 125 -18.68 7.76 11.99
N GLU A 126 -17.63 8.10 11.25
CA GLU A 126 -17.65 7.98 9.79
C GLU A 126 -16.45 7.19 9.30
N THR A 127 -16.71 6.13 8.53
CA THR A 127 -15.65 5.30 7.99
C THR A 127 -15.59 5.38 6.47
N PHE A 128 -14.38 5.53 5.94
CA PHE A 128 -14.19 5.64 4.50
C PHE A 128 -13.18 4.61 4.01
N GLN A 129 -13.06 4.49 2.69
CA GLN A 129 -12.12 3.54 2.09
C GLN A 129 -10.90 4.26 1.54
N LEU A 130 -9.71 3.79 1.94
CA LEU A 130 -8.46 4.39 1.48
C LEU A 130 -7.65 3.39 0.66
N MET A 131 -6.94 3.90 -0.33
CA MET A 131 -6.11 3.06 -1.18
C MET A 131 -4.70 3.61 -1.31
N GLU A 132 -3.73 2.73 -1.51
CA GLU A 132 -2.33 3.13 -1.64
C GLU A 132 -1.59 2.22 -2.61
N LEU A 133 -0.98 2.83 -3.62
CA LEU A 133 -0.22 2.07 -4.62
C LEU A 133 1.25 2.46 -4.59
N TYR A 134 2.12 1.45 -4.68
CA TYR A 134 3.56 1.68 -4.66
C TYR A 134 4.25 0.80 -5.69
N GLY A 135 5.29 1.34 -6.32
CA GLY A 135 6.03 0.59 -7.32
C GLY A 135 7.53 0.73 -7.16
N ARG A 136 8.28 -0.07 -7.90
CA ARG A 136 9.73 -0.04 -7.84
C ARG A 136 10.25 1.36 -8.20
N GLU A 137 9.51 2.06 -9.05
CA GLU A 137 9.90 3.40 -9.47
C GLU A 137 8.79 4.40 -9.19
N PRO A 138 9.15 5.69 -9.14
CA PRO A 138 8.19 6.77 -8.88
C PRO A 138 7.22 6.98 -10.05
N ASP A 139 7.48 6.29 -11.16
CA ASP A 139 6.63 6.41 -12.33
C ASP A 139 6.43 5.05 -12.99
N LEU A 140 5.18 4.62 -13.11
CA LEU A 140 4.85 3.34 -13.72
C LEU A 140 4.25 3.53 -15.10
N SER A 141 4.13 2.44 -15.85
CA SER A 141 3.56 2.49 -17.19
C SER A 141 2.13 3.04 -17.16
N SER A 142 1.79 3.81 -18.18
CA SER A 142 0.46 4.40 -18.27
C SER A 142 -0.62 3.34 -18.14
N ASP A 143 -0.34 2.15 -18.66
CA ASP A 143 -1.28 1.04 -18.60
C ASP A 143 -1.51 0.60 -17.16
N ILE A 144 -0.48 0.73 -16.33
CA ILE A 144 -0.58 0.35 -14.93
C ILE A 144 -1.69 1.14 -14.22
N LYS A 145 -1.87 2.39 -14.62
CA LYS A 145 -2.89 3.24 -14.02
C LYS A 145 -4.28 2.63 -14.19
N GLU A 146 -4.57 2.17 -15.41
CA GLU A 146 -5.87 1.56 -15.70
C GLU A 146 -5.93 0.15 -15.14
N LYS A 147 -4.79 -0.53 -15.11
CA LYS A 147 -4.72 -1.89 -14.59
C LYS A 147 -5.03 -1.92 -13.10
N PHE A 148 -4.41 -1.05 -12.34
CA PHE A 148 -4.62 -0.97 -10.90
C PHE A 148 -5.95 -0.28 -10.58
N ALA A 149 -6.35 0.64 -11.45
CA ALA A 149 -7.60 1.37 -11.26
C ALA A 149 -8.78 0.41 -11.14
N GLN A 150 -8.66 -0.76 -11.75
CA GLN A 150 -9.71 -1.76 -11.71
C GLN A 150 -10.09 -2.10 -10.28
N LEU A 151 -9.07 -2.28 -9.44
CA LEU A 151 -9.30 -2.62 -8.04
C LEU A 151 -9.97 -1.46 -7.30
N SER A 152 -9.79 -0.25 -7.83
CA SER A 152 -10.38 0.94 -7.22
C SER A 152 -11.91 0.86 -7.25
N GLU A 153 -12.45 0.43 -8.38
CA GLU A 153 -13.90 0.32 -8.53
C GLU A 153 -14.47 -0.70 -7.56
N GLU A 154 -13.67 -1.72 -7.24
CA GLU A 154 -14.08 -2.77 -6.31
C GLU A 154 -14.52 -2.17 -4.97
N HIS A 155 -13.80 -1.15 -4.53
CA HIS A 155 -14.11 -0.48 -3.27
C HIS A 155 -15.02 0.72 -3.48
N GLY A 156 -15.60 0.80 -4.68
CA GLY A 156 -16.49 1.90 -4.99
C GLY A 156 -15.75 3.21 -5.18
N ILE A 157 -14.52 3.12 -5.69
CA ILE A 157 -13.71 4.30 -5.93
C ILE A 157 -13.58 4.60 -7.42
N VAL A 158 -14.14 5.72 -7.84
CA VAL A 158 -14.09 6.13 -9.24
C VAL A 158 -12.73 6.73 -9.58
N ARG A 159 -12.43 6.80 -10.88
CA ARG A 159 -11.16 7.35 -11.34
C ARG A 159 -11.03 8.82 -10.94
N GLU A 160 -12.17 9.49 -10.76
CA GLU A 160 -12.17 10.89 -10.38
C GLU A 160 -11.34 11.11 -9.11
N ASN A 161 -11.30 10.11 -8.24
CA ASN A 161 -10.55 10.18 -7.01
C ASN A 161 -9.11 9.74 -7.22
N ILE A 162 -8.88 8.96 -8.27
CA ILE A 162 -7.54 8.47 -8.58
C ILE A 162 -6.77 9.49 -9.41
N ILE A 163 -5.89 10.24 -8.75
CA ILE A 163 -5.08 11.24 -9.42
C ILE A 163 -3.61 11.05 -9.13
N ASP A 164 -2.78 11.14 -10.18
CA ASP A 164 -1.34 10.98 -10.03
C ASP A 164 -0.76 12.05 -9.12
N LEU A 165 0.18 11.66 -8.26
CA LEU A 165 0.81 12.59 -7.34
C LEU A 165 2.20 12.99 -7.84
N THR A 166 2.48 12.69 -9.10
CA THR A 166 3.77 13.01 -9.69
C THR A 166 4.10 14.49 -9.49
N ASN A 167 3.13 15.35 -9.73
CA ASN A 167 3.32 16.79 -9.57
C ASN A 167 2.84 17.26 -8.20
N ALA A 168 2.62 16.30 -7.30
CA ALA A 168 2.16 16.61 -5.95
C ALA A 168 3.27 16.40 -4.93
N ASN A 169 2.89 16.36 -3.66
CA ASN A 169 3.86 16.15 -2.58
C ASN A 169 4.75 14.95 -2.87
N ARG A 170 5.97 15.21 -3.30
CA ARG A 170 6.92 14.15 -3.62
C ARG A 170 8.12 14.20 -2.68
N CYS A 171 7.88 13.98 -1.40
CA CYS A 171 8.95 14.00 -0.40
C CYS A 171 9.83 12.76 -0.52
N LEU A 172 9.52 11.91 -1.49
CA LEU A 172 10.29 10.69 -1.72
C LEU A 172 11.76 11.01 -1.97
N GLU A 173 12.03 12.26 -2.35
CA GLU A 173 13.40 12.68 -2.63
C GLU A 173 14.08 13.19 -1.35
N ALA A 174 13.27 13.49 -0.35
CA ALA A 174 13.80 13.99 0.92
C ALA A 174 14.22 12.83 1.83
N ARG A 175 13.42 11.77 1.83
CA ARG A 175 13.71 10.60 2.65
C ARG A 175 15.13 10.09 2.39
N GLU A 176 15.73 9.47 3.40
CA GLU A 176 17.09 8.95 3.29
C GLU A 176 17.10 7.43 3.46
N MET A 1 -33.47 -66.06 26.71
CA MET A 1 -32.38 -65.31 27.33
C MET A 1 -31.19 -65.20 26.38
N GLY A 2 -30.67 -63.98 26.23
CA GLY A 2 -29.53 -63.76 25.35
C GLY A 2 -28.74 -62.53 25.73
N SER A 3 -27.76 -62.18 24.90
CA SER A 3 -26.92 -61.02 25.15
C SER A 3 -26.55 -60.32 23.85
N SER A 4 -25.82 -59.22 23.97
CA SER A 4 -25.40 -58.45 22.80
C SER A 4 -23.98 -57.91 22.98
N HIS A 5 -23.49 -57.20 21.97
CA HIS A 5 -22.16 -56.62 22.01
C HIS A 5 -22.06 -55.40 21.10
N HIS A 6 -20.87 -54.79 21.06
CA HIS A 6 -20.65 -53.62 20.22
C HIS A 6 -19.36 -53.77 19.41
N HIS A 7 -19.08 -52.78 18.58
CA HIS A 7 -17.87 -52.80 17.75
C HIS A 7 -17.54 -51.41 17.23
N HIS A 8 -16.25 -51.11 17.12
CA HIS A 8 -15.80 -49.80 16.64
C HIS A 8 -15.17 -49.93 15.26
N HIS A 9 -15.20 -48.83 14.51
CA HIS A 9 -14.62 -48.81 13.16
C HIS A 9 -14.00 -47.45 12.85
N HIS A 10 -12.76 -47.48 12.38
CA HIS A 10 -12.04 -46.25 12.05
C HIS A 10 -12.44 -45.75 10.67
N ILE A 11 -12.31 -44.44 10.46
CA ILE A 11 -12.65 -43.83 9.18
C ILE A 11 -11.45 -43.79 8.25
N GLU A 12 -11.65 -44.22 7.00
CA GLU A 12 -10.57 -44.21 6.02
C GLU A 12 -10.88 -43.26 4.87
N GLY A 13 -9.89 -43.04 4.01
CA GLY A 13 -10.07 -42.13 2.89
C GLY A 13 -9.26 -40.86 3.04
N ARG A 14 -8.06 -40.98 3.57
CA ARG A 14 -7.19 -39.83 3.77
C ARG A 14 -6.59 -39.37 2.44
N GLU A 15 -6.10 -38.13 2.40
CA GLU A 15 -5.51 -37.58 1.19
C GLU A 15 -4.17 -36.90 1.51
N GLU A 16 -3.57 -36.29 0.49
CA GLU A 16 -2.29 -35.61 0.66
C GLU A 16 -2.49 -34.09 0.73
N ALA A 17 -1.41 -33.38 1.00
CA ALA A 17 -1.45 -31.93 1.09
C ALA A 17 -1.01 -31.28 -0.22
N SER A 18 -0.90 -29.95 -0.21
CA SER A 18 -0.50 -29.21 -1.41
C SER A 18 0.67 -28.29 -1.11
N SER A 19 1.04 -27.47 -2.08
CA SER A 19 2.15 -26.53 -1.92
C SER A 19 1.89 -25.57 -0.78
N MET A 20 2.76 -24.58 -0.62
CA MET A 20 2.62 -23.58 0.44
C MET A 20 2.41 -22.20 -0.15
N GLU A 21 1.43 -21.47 0.37
CA GLU A 21 1.13 -20.13 -0.11
C GLU A 21 1.71 -19.08 0.84
N ARG A 22 1.89 -19.47 2.09
CA ARG A 22 2.43 -18.55 3.10
C ARG A 22 3.95 -18.53 3.04
N ASN A 23 4.53 -19.27 2.09
CA ASN A 23 5.97 -19.32 1.92
C ASN A 23 6.44 -18.33 0.87
N PHE A 24 5.67 -17.27 0.68
CA PHE A 24 6.00 -16.24 -0.31
C PHE A 24 7.35 -15.60 0.01
N ASN A 25 8.03 -15.12 -1.03
CA ASN A 25 9.33 -14.48 -0.86
C ASN A 25 9.18 -13.07 -0.29
N VAL A 26 9.14 -12.97 1.03
CA VAL A 26 9.00 -11.68 1.70
C VAL A 26 10.26 -10.84 1.54
N GLU A 27 11.40 -11.51 1.38
CA GLU A 27 12.67 -10.82 1.22
C GLU A 27 12.61 -9.84 0.05
N LYS A 28 11.74 -10.13 -0.91
CA LYS A 28 11.59 -9.27 -2.08
C LYS A 28 11.07 -7.89 -1.69
N ILE A 29 9.95 -7.86 -0.96
CA ILE A 29 9.37 -6.61 -0.52
C ILE A 29 10.17 -5.99 0.62
N ASN A 30 10.83 -6.85 1.41
CA ASN A 30 11.64 -6.38 2.53
C ASN A 30 12.70 -5.40 2.07
N GLY A 31 12.43 -4.11 2.25
CA GLY A 31 13.37 -3.09 1.84
C GLY A 31 12.76 -1.70 1.82
N GLU A 32 12.54 -1.17 0.63
CA GLU A 32 11.96 0.16 0.48
C GLU A 32 10.98 0.19 -0.70
N TRP A 33 10.18 1.25 -0.77
CA TRP A 33 9.21 1.40 -1.85
C TRP A 33 9.08 2.86 -2.27
N TYR A 34 8.17 3.13 -3.19
CA TYR A 34 7.95 4.49 -3.69
C TYR A 34 6.49 4.70 -4.07
N THR A 35 5.94 5.83 -3.66
CA THR A 35 4.55 6.16 -3.95
C THR A 35 4.34 6.38 -5.45
N ILE A 36 3.18 5.99 -5.95
CA ILE A 36 2.86 6.15 -7.36
C ILE A 36 1.61 7.01 -7.54
N MET A 37 0.54 6.67 -6.83
CA MET A 37 -0.70 7.41 -6.91
C MET A 37 -1.49 7.29 -5.62
N LEU A 38 -2.37 8.26 -5.38
CA LEU A 38 -3.18 8.26 -4.17
C LEU A 38 -4.67 8.26 -4.52
N ALA A 39 -5.37 7.21 -4.11
CA ALA A 39 -6.80 7.08 -4.37
C ALA A 39 -7.58 6.83 -3.09
N THR A 40 -8.85 7.21 -3.09
CA THR A 40 -9.70 7.03 -1.92
C THR A 40 -11.11 7.57 -2.18
N ASP A 41 -12.11 6.87 -1.65
CA ASP A 41 -13.50 7.29 -1.82
C ASP A 41 -13.69 8.74 -1.39
N LYS A 42 -12.86 9.19 -0.47
CA LYS A 42 -12.94 10.57 0.02
C LYS A 42 -11.75 11.39 -0.47
N ARG A 43 -11.96 12.14 -1.55
CA ARG A 43 -10.92 12.96 -2.12
C ARG A 43 -10.55 14.11 -1.18
N GLU A 44 -11.53 14.55 -0.39
CA GLU A 44 -11.31 15.64 0.55
C GLU A 44 -10.40 15.19 1.70
N LYS A 45 -10.38 13.89 1.96
CA LYS A 45 -9.56 13.33 3.02
C LYS A 45 -8.07 13.41 2.67
N ILE A 46 -7.76 13.16 1.40
CA ILE A 46 -6.38 13.20 0.95
C ILE A 46 -6.06 14.55 0.32
N GLU A 47 -6.85 15.57 0.66
CA GLU A 47 -6.65 16.91 0.14
C GLU A 47 -5.70 17.71 1.02
N GLU A 48 -5.23 18.85 0.52
CA GLU A 48 -4.32 19.69 1.26
C GLU A 48 -4.93 20.12 2.59
N HIS A 49 -6.25 20.05 2.67
CA HIS A 49 -6.97 20.42 3.89
C HIS A 49 -7.41 19.19 4.67
N GLY A 50 -6.74 18.07 4.42
CA GLY A 50 -7.08 16.84 5.10
C GLY A 50 -5.99 16.37 6.04
N SER A 51 -6.18 15.21 6.65
CA SER A 51 -5.21 14.66 7.58
C SER A 51 -4.89 13.21 7.25
N MET A 52 -5.23 12.80 6.03
CA MET A 52 -4.99 11.43 5.59
C MET A 52 -4.00 11.40 4.44
N ARG A 53 -3.16 12.43 4.35
CA ARG A 53 -2.16 12.52 3.30
C ARG A 53 -0.82 11.96 3.76
N VAL A 54 -0.81 10.68 4.12
CA VAL A 54 0.41 10.03 4.59
C VAL A 54 0.81 8.89 3.65
N PHE A 55 2.11 8.77 3.40
CA PHE A 55 2.62 7.72 2.53
C PHE A 55 3.87 7.08 3.13
N VAL A 56 4.03 5.78 2.88
CA VAL A 56 5.19 5.05 3.39
C VAL A 56 6.39 5.19 2.46
N GLU A 57 7.56 5.37 3.05
CA GLU A 57 8.79 5.51 2.26
C GLU A 57 9.52 4.17 2.16
N TYR A 58 9.31 3.31 3.14
CA TYR A 58 9.96 2.00 3.15
C TYR A 58 9.17 1.01 4.01
N ILE A 59 9.24 -0.27 3.64
CA ILE A 59 8.53 -1.30 4.38
C ILE A 59 9.50 -2.26 5.05
N HIS A 60 9.31 -2.48 6.35
CA HIS A 60 10.17 -3.38 7.11
C HIS A 60 9.38 -4.59 7.63
N VAL A 61 9.98 -5.76 7.51
CA VAL A 61 9.34 -6.99 7.97
C VAL A 61 9.97 -7.50 9.25
N LEU A 62 9.14 -7.69 10.28
CA LEU A 62 9.61 -8.17 11.57
C LEU A 62 9.39 -9.67 11.71
N GLU A 63 9.69 -10.21 12.88
CA GLU A 63 9.53 -11.63 13.14
C GLU A 63 8.06 -11.97 13.40
N ASN A 64 7.34 -11.03 14.00
CA ASN A 64 5.92 -11.23 14.30
C ASN A 64 5.13 -9.96 14.00
N SER A 65 5.60 -9.19 13.02
CA SER A 65 4.93 -7.95 12.64
C SER A 65 5.62 -7.31 11.44
N LEU A 66 5.26 -6.07 11.15
CA LEU A 66 5.84 -5.35 10.02
C LEU A 66 5.96 -3.86 10.33
N ALA A 67 7.20 -3.37 10.38
CA ALA A 67 7.47 -1.97 10.67
C ALA A 67 7.30 -1.11 9.41
N LEU A 68 6.83 0.12 9.60
CA LEU A 68 6.62 1.03 8.49
C LEU A 68 6.85 2.48 8.93
N LYS A 69 7.18 3.34 7.97
CA LYS A 69 7.40 4.74 8.26
C LYS A 69 6.64 5.63 7.27
N PHE A 70 5.67 6.37 7.79
CA PHE A 70 4.86 7.25 6.96
C PHE A 70 5.19 8.72 7.25
N HIS A 71 5.00 9.57 6.24
CA HIS A 71 5.28 11.00 6.38
C HIS A 71 4.04 11.83 6.07
N ILE A 72 3.83 12.89 6.85
CA ILE A 72 2.68 13.77 6.65
C ILE A 72 3.11 15.22 6.59
N ILE A 73 2.45 15.99 5.73
CA ILE A 73 2.76 17.40 5.56
C ILE A 73 2.11 18.23 6.66
N ILE A 74 2.92 18.86 7.50
CA ILE A 74 2.43 19.69 8.58
C ILE A 74 2.97 21.12 8.49
N ASN A 75 2.06 22.08 8.46
CA ASN A 75 2.46 23.49 8.38
C ASN A 75 3.42 23.71 7.21
N GLU A 76 3.04 23.23 6.03
CA GLU A 76 3.88 23.38 4.85
C GLU A 76 5.27 22.78 5.08
N GLU A 77 5.34 21.82 5.99
CA GLU A 77 6.60 21.16 6.30
C GLU A 77 6.40 19.67 6.55
N CYS A 78 7.02 18.85 5.71
CA CYS A 78 6.91 17.40 5.84
C CYS A 78 7.37 16.92 7.20
N SER A 79 6.88 15.77 7.63
CA SER A 79 7.24 15.21 8.93
C SER A 79 7.54 13.71 8.81
N GLU A 80 7.68 13.05 9.96
CA GLU A 80 7.96 11.62 9.98
C GLU A 80 7.12 10.92 11.05
N ILE A 81 6.79 9.66 10.79
CA ILE A 81 6.00 8.88 11.73
C ILE A 81 6.49 7.44 11.80
N PHE A 82 6.44 6.86 12.99
CA PHE A 82 6.88 5.49 13.21
C PHE A 82 5.75 4.63 13.75
N LEU A 83 5.49 3.50 13.10
CA LEU A 83 4.44 2.59 13.53
C LEU A 83 4.71 1.16 13.04
N VAL A 84 4.18 0.19 13.76
CA VAL A 84 4.37 -1.21 13.40
C VAL A 84 3.04 -1.96 13.41
N ALA A 85 2.79 -2.73 12.34
CA ALA A 85 1.56 -3.50 12.21
C ALA A 85 1.80 -4.96 12.54
N ASP A 86 1.03 -5.49 13.49
CA ASP A 86 1.16 -6.89 13.89
C ASP A 86 0.11 -7.75 13.19
N LYS A 87 0.20 -9.05 13.41
CA LYS A 87 -0.74 -9.99 12.79
C LYS A 87 -2.03 -10.06 13.60
N THR A 88 -3.14 -10.29 12.91
CA THR A 88 -4.44 -10.39 13.56
C THR A 88 -5.09 -11.75 13.32
N GLU A 89 -6.34 -11.89 13.76
CA GLU A 89 -7.06 -13.15 13.60
C GLU A 89 -7.50 -13.34 12.14
N LYS A 90 -7.87 -12.23 11.50
CA LYS A 90 -8.31 -12.28 10.11
C LYS A 90 -7.16 -12.70 9.19
N ALA A 91 -7.47 -13.60 8.26
CA ALA A 91 -6.46 -14.08 7.32
C ALA A 91 -5.96 -12.94 6.43
N GLY A 92 -4.65 -12.85 6.27
CA GLY A 92 -4.07 -11.81 5.44
C GLY A 92 -4.52 -10.43 5.86
N GLU A 93 -4.79 -10.25 7.15
CA GLU A 93 -5.23 -8.96 7.67
C GLU A 93 -4.26 -8.43 8.71
N TYR A 94 -3.86 -7.18 8.57
CA TYR A 94 -2.93 -6.55 9.50
C TYR A 94 -3.57 -5.37 10.20
N SER A 95 -3.29 -5.22 11.49
CA SER A 95 -3.85 -4.13 12.28
C SER A 95 -2.74 -3.26 12.86
N VAL A 96 -2.96 -1.94 12.83
CA VAL A 96 -1.97 -1.00 13.35
C VAL A 96 -2.65 0.26 13.87
N THR A 97 -2.15 0.77 15.00
CA THR A 97 -2.71 1.97 15.61
C THR A 97 -2.18 3.22 14.93
N TYR A 98 -3.08 4.13 14.57
CA TYR A 98 -2.71 5.37 13.92
C TYR A 98 -3.52 6.54 14.46
N ASP A 99 -4.81 6.55 14.18
CA ASP A 99 -5.70 7.61 14.64
C ASP A 99 -7.04 7.04 15.09
N GLY A 100 -7.04 5.77 15.48
CA GLY A 100 -8.26 5.13 15.93
C GLY A 100 -8.29 3.65 15.62
N SER A 101 -8.60 3.31 14.38
CA SER A 101 -8.67 1.92 13.94
C SER A 101 -8.31 1.78 12.47
N ASN A 102 -7.16 1.16 12.20
CA ASN A 102 -6.71 0.96 10.83
C ASN A 102 -6.34 -0.49 10.58
N THR A 103 -6.89 -1.07 9.52
CA THR A 103 -6.61 -2.46 9.17
C THR A 103 -6.61 -2.65 7.66
N PHE A 104 -5.51 -3.22 7.14
CA PHE A 104 -5.38 -3.46 5.72
C PHE A 104 -5.17 -4.95 5.43
N THR A 105 -5.17 -5.31 4.16
CA THR A 105 -4.98 -6.70 3.75
C THR A 105 -4.35 -6.79 2.37
N ILE A 106 -3.72 -7.92 2.08
CA ILE A 106 -3.08 -8.14 0.79
C ILE A 106 -3.98 -8.90 -0.16
N LEU A 107 -4.54 -8.19 -1.14
CA LEU A 107 -5.42 -8.81 -2.12
C LEU A 107 -4.69 -9.07 -3.43
N LYS A 108 -3.67 -8.27 -3.71
CA LYS A 108 -2.89 -8.42 -4.92
C LYS A 108 -1.65 -7.51 -4.89
N THR A 109 -0.49 -8.10 -5.08
CA THR A 109 0.76 -7.35 -5.08
C THR A 109 1.90 -8.15 -5.71
N ASP A 110 2.56 -7.56 -6.70
CA ASP A 110 3.67 -8.22 -7.38
C ASP A 110 4.96 -7.44 -7.21
N TYR A 111 6.06 -8.16 -7.07
CA TYR A 111 7.38 -7.53 -6.89
C TYR A 111 7.90 -6.99 -8.22
N ASP A 112 7.21 -7.32 -9.31
CA ASP A 112 7.61 -6.87 -10.64
C ASP A 112 6.70 -5.75 -11.12
N ASN A 113 5.53 -5.63 -10.52
CA ASN A 113 4.57 -4.59 -10.89
C ASN A 113 4.43 -3.56 -9.78
N TYR A 114 3.54 -3.84 -8.83
CA TYR A 114 3.31 -2.94 -7.71
C TYR A 114 2.63 -3.66 -6.55
N ILE A 115 2.45 -2.95 -5.44
CA ILE A 115 1.81 -3.53 -4.26
C ILE A 115 0.57 -2.72 -3.86
N MET A 116 -0.56 -3.40 -3.80
CA MET A 116 -1.82 -2.75 -3.42
C MET A 116 -2.08 -2.90 -1.93
N ILE A 117 -2.71 -1.90 -1.34
CA ILE A 117 -3.03 -1.93 0.09
C ILE A 117 -4.38 -1.27 0.37
N HIS A 118 -5.35 -2.07 0.79
CA HIS A 118 -6.68 -1.57 1.10
C HIS A 118 -6.82 -1.25 2.58
N LEU A 119 -6.53 0.00 2.95
CA LEU A 119 -6.63 0.42 4.34
C LEU A 119 -7.85 1.29 4.57
N ILE A 120 -8.69 0.89 5.52
CA ILE A 120 -9.90 1.63 5.84
C ILE A 120 -9.76 2.37 7.17
N ASN A 121 -9.99 3.68 7.14
CA ASN A 121 -9.90 4.51 8.34
C ASN A 121 -11.28 4.90 8.84
N LYS A 122 -11.38 5.16 10.14
CA LYS A 122 -12.65 5.57 10.74
C LYS A 122 -12.45 6.70 11.73
N LYS A 123 -13.36 7.67 11.71
CA LYS A 123 -13.29 8.82 12.61
C LYS A 123 -14.59 9.60 12.60
N ASP A 124 -14.98 10.10 13.77
CA ASP A 124 -16.21 10.88 13.89
C ASP A 124 -17.40 10.11 13.33
N GLY A 125 -17.46 8.81 13.64
CA GLY A 125 -18.55 7.99 13.16
C GLY A 125 -18.60 7.91 11.64
N GLU A 126 -17.49 8.29 11.00
CA GLU A 126 -17.41 8.27 9.55
C GLU A 126 -16.17 7.52 9.09
N THR A 127 -16.38 6.52 8.23
CA THR A 127 -15.29 5.71 7.71
C THR A 127 -15.24 5.77 6.18
N PHE A 128 -14.03 5.82 5.64
CA PHE A 128 -13.84 5.88 4.20
C PHE A 128 -12.87 4.80 3.73
N GLN A 129 -12.76 4.64 2.42
CA GLN A 129 -11.87 3.64 1.84
C GLN A 129 -10.60 4.28 1.30
N LEU A 130 -9.46 3.75 1.72
CA LEU A 130 -8.16 4.29 1.30
C LEU A 130 -7.38 3.23 0.51
N MET A 131 -6.62 3.69 -0.48
CA MET A 131 -5.81 2.79 -1.30
C MET A 131 -4.42 3.37 -1.54
N GLU A 132 -3.41 2.49 -1.54
CA GLU A 132 -2.04 2.92 -1.75
C GLU A 132 -1.34 2.01 -2.76
N LEU A 133 -0.63 2.61 -3.70
CA LEU A 133 0.10 1.86 -4.71
C LEU A 133 1.57 2.22 -4.73
N TYR A 134 2.43 1.22 -4.62
CA TYR A 134 3.87 1.44 -4.61
C TYR A 134 4.55 0.58 -5.66
N GLY A 135 5.76 0.99 -6.08
CA GLY A 135 6.49 0.25 -7.07
C GLY A 135 7.99 0.43 -6.94
N ARG A 136 8.76 -0.39 -7.66
CA ARG A 136 10.21 -0.31 -7.62
C ARG A 136 10.69 1.11 -7.88
N GLU A 137 9.92 1.85 -8.66
CA GLU A 137 10.26 3.23 -8.99
C GLU A 137 9.12 4.18 -8.63
N PRO A 138 9.45 5.48 -8.51
CA PRO A 138 8.47 6.51 -8.16
C PRO A 138 7.48 6.77 -9.29
N ASP A 139 7.74 6.17 -10.44
CA ASP A 139 6.86 6.33 -11.60
C ASP A 139 6.65 5.00 -12.31
N LEU A 140 5.40 4.74 -12.70
CA LEU A 140 5.06 3.50 -13.39
C LEU A 140 4.46 3.79 -14.77
N SER A 141 4.10 2.72 -15.48
CA SER A 141 3.52 2.87 -16.81
C SER A 141 2.13 3.50 -16.74
N SER A 142 1.80 4.31 -17.72
CA SER A 142 0.50 4.98 -17.77
C SER A 142 -0.63 3.97 -17.71
N ASP A 143 -0.35 2.75 -18.15
CA ASP A 143 -1.35 1.69 -18.16
C ASP A 143 -1.57 1.15 -16.74
N ILE A 144 -0.55 1.27 -15.91
CA ILE A 144 -0.63 0.79 -14.53
C ILE A 144 -1.72 1.54 -13.75
N LYS A 145 -1.84 2.83 -14.03
CA LYS A 145 -2.85 3.65 -13.36
C LYS A 145 -4.24 3.07 -13.54
N GLU A 146 -4.57 2.69 -14.77
CA GLU A 146 -5.86 2.10 -15.08
C GLU A 146 -5.96 0.68 -14.56
N LYS A 147 -4.83 -0.02 -14.56
CA LYS A 147 -4.78 -1.40 -14.09
C LYS A 147 -5.14 -1.49 -12.62
N PHE A 148 -4.51 -0.64 -11.81
CA PHE A 148 -4.76 -0.62 -10.37
C PHE A 148 -6.07 0.09 -10.06
N ALA A 149 -6.48 0.99 -10.96
CA ALA A 149 -7.71 1.75 -10.77
C ALA A 149 -8.93 0.84 -10.88
N GLN A 150 -8.80 -0.24 -11.64
CA GLN A 150 -9.88 -1.19 -11.82
C GLN A 150 -10.41 -1.68 -10.47
N LEU A 151 -9.50 -1.87 -9.53
CA LEU A 151 -9.87 -2.34 -8.20
C LEU A 151 -10.51 -1.22 -7.38
N SER A 152 -10.22 0.02 -7.76
CA SER A 152 -10.78 1.18 -7.07
C SER A 152 -12.30 1.16 -7.10
N GLU A 153 -12.86 0.79 -8.25
CA GLU A 153 -14.31 0.73 -8.41
C GLU A 153 -14.92 -0.27 -7.45
N GLU A 154 -14.16 -1.31 -7.12
CA GLU A 154 -14.63 -2.35 -6.21
C GLU A 154 -15.01 -1.75 -4.85
N HIS A 155 -14.21 -0.79 -4.39
CA HIS A 155 -14.46 -0.13 -3.12
C HIS A 155 -15.30 1.13 -3.30
N GLY A 156 -15.91 1.25 -4.48
CA GLY A 156 -16.73 2.42 -4.76
C GLY A 156 -15.91 3.67 -4.98
N ILE A 157 -14.70 3.50 -5.48
CA ILE A 157 -13.80 4.63 -5.73
C ILE A 157 -13.72 4.95 -7.22
N VAL A 158 -14.35 6.04 -7.62
CA VAL A 158 -14.34 6.45 -9.02
C VAL A 158 -12.98 6.99 -9.43
N ARG A 159 -12.68 6.93 -10.72
CA ARG A 159 -11.41 7.40 -11.25
C ARG A 159 -11.26 8.90 -11.06
N GLU A 160 -12.40 9.59 -10.95
CA GLU A 160 -12.39 11.03 -10.77
C GLU A 160 -11.55 11.43 -9.56
N ASN A 161 -11.44 10.52 -8.60
CA ASN A 161 -10.66 10.77 -7.39
C ASN A 161 -9.23 10.26 -7.55
N ILE A 162 -9.04 9.33 -8.48
CA ILE A 162 -7.72 8.76 -8.72
C ILE A 162 -6.86 9.72 -9.53
N ILE A 163 -5.88 10.32 -8.88
CA ILE A 163 -4.97 11.25 -9.54
C ILE A 163 -3.51 10.83 -9.36
N ASP A 164 -2.71 11.03 -10.40
CA ASP A 164 -1.30 10.67 -10.36
C ASP A 164 -0.58 11.49 -9.28
N LEU A 165 0.32 10.81 -8.57
CA LEU A 165 1.09 11.47 -7.51
C LEU A 165 2.23 12.29 -8.10
N THR A 166 2.70 11.90 -9.27
CA THR A 166 3.80 12.59 -9.93
C THR A 166 3.50 14.09 -10.04
N ASN A 167 2.25 14.42 -10.33
CA ASN A 167 1.84 15.81 -10.46
C ASN A 167 1.27 16.34 -9.15
N ALA A 168 1.74 15.78 -8.04
CA ALA A 168 1.28 16.19 -6.72
C ALA A 168 2.43 16.20 -5.72
N ASN A 169 2.12 16.54 -4.47
CA ASN A 169 3.14 16.59 -3.42
C ASN A 169 3.65 15.20 -3.09
N ARG A 170 4.90 14.94 -3.45
CA ARG A 170 5.52 13.63 -3.19
C ARG A 170 6.30 13.66 -1.88
N CYS A 171 7.08 14.71 -1.68
CA CYS A 171 7.88 14.86 -0.47
C CYS A 171 8.92 13.74 -0.38
N LEU A 172 9.28 13.17 -1.52
CA LEU A 172 10.27 12.10 -1.58
C LEU A 172 11.64 12.60 -1.15
N GLU A 173 11.86 13.91 -1.30
CA GLU A 173 13.13 14.52 -0.93
C GLU A 173 13.26 14.62 0.58
N ALA A 174 12.17 14.36 1.29
CA ALA A 174 12.16 14.43 2.74
C ALA A 174 12.78 13.17 3.35
N ARG A 175 12.90 12.13 2.54
CA ARG A 175 13.48 10.87 3.00
C ARG A 175 14.83 11.11 3.67
N GLU A 176 15.21 10.19 4.56
CA GLU A 176 16.48 10.29 5.28
C GLU A 176 17.64 10.46 4.31
N MET A 1 64.61 -41.65 -2.91
CA MET A 1 63.27 -42.00 -2.44
C MET A 1 62.47 -40.76 -2.07
N GLY A 2 61.16 -40.82 -2.31
CA GLY A 2 60.31 -39.68 -2.01
C GLY A 2 59.14 -39.56 -2.96
N SER A 3 58.02 -39.03 -2.47
CA SER A 3 56.83 -38.87 -3.28
C SER A 3 55.86 -37.88 -2.64
N SER A 4 54.79 -37.56 -3.35
CA SER A 4 53.79 -36.61 -2.85
C SER A 4 52.56 -36.60 -3.77
N HIS A 5 51.46 -36.06 -3.25
CA HIS A 5 50.22 -35.98 -4.00
C HIS A 5 49.66 -34.57 -3.98
N HIS A 6 48.49 -34.40 -4.59
CA HIS A 6 47.85 -33.09 -4.64
C HIS A 6 46.36 -33.19 -4.27
N HIS A 7 45.74 -32.06 -3.98
CA HIS A 7 44.33 -32.02 -3.62
C HIS A 7 43.46 -32.38 -4.81
N HIS A 8 42.19 -32.68 -4.54
CA HIS A 8 41.24 -33.04 -5.59
C HIS A 8 40.41 -31.83 -6.01
N HIS A 9 39.53 -32.03 -6.98
CA HIS A 9 38.67 -30.96 -7.48
C HIS A 9 37.21 -31.24 -7.15
N HIS A 10 36.46 -30.18 -6.87
CA HIS A 10 35.05 -30.31 -6.54
C HIS A 10 34.22 -30.61 -7.78
N ILE A 11 32.95 -30.96 -7.57
CA ILE A 11 32.05 -31.28 -8.68
C ILE A 11 30.96 -30.22 -8.83
N GLU A 12 30.66 -29.88 -10.07
CA GLU A 12 29.63 -28.87 -10.35
C GLU A 12 28.45 -29.50 -11.08
N GLY A 13 27.46 -28.67 -11.42
CA GLY A 13 26.29 -29.15 -12.13
C GLY A 13 25.04 -29.09 -11.28
N ARG A 14 24.94 -28.05 -10.45
CA ARG A 14 23.78 -27.88 -9.58
C ARG A 14 22.56 -27.45 -10.38
N GLU A 15 21.37 -27.78 -9.87
CA GLU A 15 20.12 -27.44 -10.54
C GLU A 15 19.58 -26.10 -10.01
N GLU A 16 18.49 -25.64 -10.63
CA GLU A 16 17.88 -24.39 -10.21
C GLU A 16 16.49 -24.63 -9.62
N ALA A 17 15.88 -23.57 -9.10
CA ALA A 17 14.56 -23.66 -8.49
C ALA A 17 13.54 -22.86 -9.29
N SER A 18 12.27 -22.93 -8.88
CA SER A 18 11.21 -22.20 -9.55
C SER A 18 10.51 -21.25 -8.59
N SER A 19 9.74 -20.32 -9.14
CA SER A 19 9.02 -19.33 -8.34
C SER A 19 7.54 -19.30 -8.70
N MET A 20 6.75 -20.14 -8.04
CA MET A 20 5.32 -20.20 -8.30
C MET A 20 4.55 -19.30 -7.34
N GLU A 21 3.23 -19.32 -7.46
CA GLU A 21 2.39 -18.49 -6.61
C GLU A 21 2.56 -18.86 -5.14
N ARG A 22 2.93 -20.11 -4.88
CA ARG A 22 3.14 -20.59 -3.52
C ARG A 22 4.57 -20.36 -3.08
N ASN A 23 5.37 -19.75 -3.95
CA ASN A 23 6.76 -19.46 -3.64
C ASN A 23 6.94 -18.02 -3.22
N PHE A 24 5.90 -17.44 -2.64
CA PHE A 24 5.95 -16.05 -2.19
C PHE A 24 7.16 -15.82 -1.29
N ASN A 25 7.67 -14.59 -1.31
CA ASN A 25 8.84 -14.23 -0.52
C ASN A 25 8.74 -12.78 -0.04
N VAL A 26 8.71 -12.60 1.27
CA VAL A 26 8.62 -11.26 1.86
C VAL A 26 9.91 -10.47 1.63
N GLU A 27 11.01 -11.20 1.48
CA GLU A 27 12.31 -10.57 1.26
C GLU A 27 12.26 -9.63 0.06
N LYS A 28 11.47 -10.00 -0.94
CA LYS A 28 11.32 -9.18 -2.15
C LYS A 28 10.85 -7.78 -1.81
N ILE A 29 9.74 -7.69 -1.08
CA ILE A 29 9.18 -6.40 -0.68
C ILE A 29 10.00 -5.77 0.43
N ASN A 30 10.64 -6.61 1.24
CA ASN A 30 11.46 -6.14 2.35
C ASN A 30 12.56 -5.19 1.85
N GLY A 31 12.41 -3.91 2.18
CA GLY A 31 13.39 -2.92 1.75
C GLY A 31 12.82 -1.52 1.69
N GLU A 32 12.62 -1.01 0.48
CA GLU A 32 12.08 0.32 0.29
C GLU A 32 11.10 0.36 -0.88
N TRP A 33 10.27 1.39 -0.93
CA TRP A 33 9.28 1.54 -1.99
C TRP A 33 9.09 3.01 -2.35
N TYR A 34 8.17 3.27 -3.27
CA TYR A 34 7.89 4.64 -3.71
C TYR A 34 6.39 4.83 -3.94
N THR A 35 5.96 6.09 -3.92
CA THR A 35 4.55 6.42 -4.13
C THR A 35 4.25 6.59 -5.61
N ILE A 36 3.05 6.18 -6.02
CA ILE A 36 2.64 6.29 -7.42
C ILE A 36 1.41 7.19 -7.56
N MET A 37 0.32 6.78 -6.91
CA MET A 37 -0.93 7.54 -6.96
C MET A 37 -1.71 7.38 -5.66
N LEU A 38 -2.45 8.42 -5.29
CA LEU A 38 -3.25 8.39 -4.07
C LEU A 38 -4.74 8.42 -4.40
N ALA A 39 -5.47 7.41 -3.92
CA ALA A 39 -6.90 7.33 -4.16
C ALA A 39 -7.66 7.10 -2.86
N THR A 40 -8.96 7.37 -2.88
CA THR A 40 -9.80 7.19 -1.70
C THR A 40 -11.24 7.59 -1.98
N ASP A 41 -12.18 6.90 -1.34
CA ASP A 41 -13.60 7.18 -1.53
C ASP A 41 -13.90 8.66 -1.28
N LYS A 42 -13.09 9.29 -0.44
CA LYS A 42 -13.26 10.70 -0.13
C LYS A 42 -11.99 11.49 -0.40
N ARG A 43 -11.98 12.25 -1.49
CA ARG A 43 -10.82 13.04 -1.86
C ARG A 43 -10.49 14.07 -0.78
N GLU A 44 -11.52 14.48 -0.04
CA GLU A 44 -11.33 15.47 1.03
C GLU A 44 -10.34 14.95 2.07
N LYS A 45 -10.19 13.63 2.14
CA LYS A 45 -9.27 13.01 3.09
C LYS A 45 -7.83 13.12 2.60
N ILE A 46 -7.65 13.08 1.28
CA ILE A 46 -6.33 13.17 0.68
C ILE A 46 -6.05 14.58 0.17
N GLU A 47 -6.87 15.53 0.61
CA GLU A 47 -6.71 16.92 0.19
C GLU A 47 -5.56 17.58 0.95
N GLU A 48 -5.28 18.83 0.60
CA GLU A 48 -4.20 19.58 1.24
C GLU A 48 -4.51 19.82 2.72
N HIS A 49 -5.77 19.62 3.09
CA HIS A 49 -6.20 19.82 4.47
C HIS A 49 -6.51 18.49 5.15
N GLY A 50 -6.55 17.42 4.35
CA GLY A 50 -6.83 16.10 4.88
C GLY A 50 -5.72 15.59 5.79
N SER A 51 -5.90 14.39 6.32
CA SER A 51 -4.90 13.79 7.21
C SER A 51 -4.40 12.47 6.65
N MET A 52 -5.02 12.01 5.57
CA MET A 52 -4.63 10.76 4.93
C MET A 52 -3.66 11.01 3.78
N ARG A 53 -2.93 12.12 3.85
CA ARG A 53 -1.97 12.48 2.83
C ARG A 53 -0.59 11.89 3.15
N VAL A 54 -0.55 11.01 4.13
CA VAL A 54 0.71 10.37 4.54
C VAL A 54 1.00 9.15 3.68
N PHE A 55 2.28 8.97 3.34
CA PHE A 55 2.69 7.84 2.52
C PHE A 55 3.92 7.16 3.12
N VAL A 56 4.02 5.85 2.90
CA VAL A 56 5.16 5.08 3.42
C VAL A 56 6.39 5.27 2.55
N GLU A 57 7.56 5.38 3.19
CA GLU A 57 8.81 5.56 2.48
C GLU A 57 9.53 4.23 2.29
N TYR A 58 9.33 3.31 3.25
CA TYR A 58 9.96 2.01 3.19
C TYR A 58 9.18 0.99 4.03
N ILE A 59 9.29 -0.28 3.66
CA ILE A 59 8.60 -1.34 4.38
C ILE A 59 9.59 -2.29 5.04
N HIS A 60 9.40 -2.51 6.34
CA HIS A 60 10.28 -3.40 7.10
C HIS A 60 9.52 -4.62 7.60
N VAL A 61 10.15 -5.78 7.50
CA VAL A 61 9.53 -7.03 7.93
C VAL A 61 10.14 -7.51 9.25
N LEU A 62 9.31 -7.66 10.26
CA LEU A 62 9.77 -8.13 11.57
C LEU A 62 9.58 -9.63 11.71
N GLU A 63 9.88 -10.15 12.90
CA GLU A 63 9.74 -11.58 13.17
C GLU A 63 8.26 -11.97 13.28
N ASN A 64 7.47 -11.08 13.87
CA ASN A 64 6.04 -11.33 14.04
C ASN A 64 5.23 -10.06 13.77
N SER A 65 5.80 -9.16 12.98
CA SER A 65 5.14 -7.91 12.63
C SER A 65 5.77 -7.27 11.41
N LEU A 66 5.42 -6.02 11.14
CA LEU A 66 5.94 -5.30 10.00
C LEU A 66 6.10 -3.81 10.32
N ALA A 67 7.34 -3.34 10.31
CA ALA A 67 7.63 -1.94 10.59
C ALA A 67 7.41 -1.07 9.35
N LEU A 68 6.94 0.15 9.56
CA LEU A 68 6.69 1.08 8.46
C LEU A 68 6.91 2.52 8.91
N LYS A 69 7.28 3.38 7.97
CA LYS A 69 7.51 4.79 8.25
C LYS A 69 6.74 5.67 7.29
N PHE A 70 5.86 6.51 7.83
CA PHE A 70 5.06 7.42 7.01
C PHE A 70 5.42 8.88 7.30
N HIS A 71 5.17 9.75 6.32
CA HIS A 71 5.47 11.16 6.48
C HIS A 71 4.20 12.00 6.34
N ILE A 72 3.99 12.91 7.28
CA ILE A 72 2.82 13.78 7.26
C ILE A 72 3.21 15.23 6.98
N ILE A 73 2.36 15.92 6.22
CA ILE A 73 2.61 17.32 5.88
C ILE A 73 2.29 18.24 7.06
N ILE A 74 3.34 18.66 7.76
CA ILE A 74 3.17 19.54 8.91
C ILE A 74 3.73 20.94 8.62
N ASN A 75 2.85 21.93 8.59
CA ASN A 75 3.26 23.30 8.32
C ASN A 75 4.11 23.38 7.06
N GLU A 76 3.61 22.79 5.97
CA GLU A 76 4.33 22.79 4.70
C GLU A 76 5.73 22.22 4.87
N GLU A 77 5.89 21.35 5.87
CA GLU A 77 7.19 20.73 6.13
C GLU A 77 7.06 19.21 6.17
N CYS A 78 8.17 18.52 5.93
CA CYS A 78 8.19 17.07 5.94
C CYS A 78 8.53 16.54 7.33
N SER A 79 7.78 15.54 7.78
CA SER A 79 8.01 14.95 9.09
C SER A 79 8.23 13.44 8.97
N GLU A 80 8.23 12.75 10.12
CA GLU A 80 8.44 11.31 10.14
C GLU A 80 7.53 10.66 11.18
N ILE A 81 7.04 9.46 10.86
CA ILE A 81 6.16 8.72 11.76
C ILE A 81 6.54 7.25 11.81
N PHE A 82 6.94 6.78 12.98
CA PHE A 82 7.33 5.38 13.16
C PHE A 82 6.18 4.58 13.76
N LEU A 83 5.85 3.45 13.12
CA LEU A 83 4.77 2.59 13.59
C LEU A 83 4.97 1.16 13.10
N VAL A 84 4.45 0.20 13.86
CA VAL A 84 4.55 -1.21 13.50
C VAL A 84 3.19 -1.88 13.46
N ALA A 85 2.92 -2.61 12.39
CA ALA A 85 1.65 -3.31 12.22
C ALA A 85 1.80 -4.79 12.53
N ASP A 86 1.18 -5.23 13.63
CA ASP A 86 1.24 -6.63 14.04
C ASP A 86 0.12 -7.43 13.39
N LYS A 87 0.24 -8.75 13.44
CA LYS A 87 -0.77 -9.63 12.86
C LYS A 87 -2.10 -9.50 13.58
N THR A 88 -3.17 -9.93 12.93
CA THR A 88 -4.51 -9.85 13.52
C THR A 88 -5.22 -11.19 13.43
N GLU A 89 -6.46 -11.23 13.92
CA GLU A 89 -7.25 -12.45 13.91
C GLU A 89 -7.56 -12.89 12.48
N LYS A 90 -7.65 -11.92 11.58
CA LYS A 90 -7.93 -12.21 10.18
C LYS A 90 -6.65 -12.55 9.42
N ALA A 91 -6.69 -13.63 8.65
CA ALA A 91 -5.54 -14.06 7.87
C ALA A 91 -5.27 -13.11 6.71
N GLY A 92 -4.13 -12.43 6.77
CA GLY A 92 -3.77 -11.49 5.73
C GLY A 92 -4.02 -10.05 6.13
N GLU A 93 -4.87 -9.86 7.13
CA GLU A 93 -5.20 -8.52 7.60
C GLU A 93 -4.26 -8.09 8.73
N TYR A 94 -3.94 -6.80 8.77
CA TYR A 94 -3.04 -6.27 9.79
C TYR A 94 -3.72 -5.15 10.57
N SER A 95 -3.15 -4.81 11.72
CA SER A 95 -3.69 -3.75 12.56
C SER A 95 -2.61 -2.75 12.95
N VAL A 96 -2.90 -1.46 12.73
CA VAL A 96 -1.95 -0.40 13.06
C VAL A 96 -2.67 0.88 13.46
N THR A 97 -2.24 1.47 14.55
CA THR A 97 -2.84 2.70 15.05
C THR A 97 -2.47 3.89 14.18
N TYR A 98 -3.44 4.76 13.92
CA TYR A 98 -3.22 5.93 13.09
C TYR A 98 -4.47 6.80 13.01
N ASP A 99 -4.54 7.80 13.89
CA ASP A 99 -5.70 8.70 13.92
C ASP A 99 -6.99 7.92 14.13
N GLY A 100 -6.88 6.78 14.81
CA GLY A 100 -8.05 5.96 15.07
C GLY A 100 -7.81 4.50 14.78
N SER A 101 -8.79 3.84 14.15
CA SER A 101 -8.67 2.43 13.83
C SER A 101 -8.36 2.24 12.34
N ASN A 102 -7.36 1.41 12.05
CA ASN A 102 -6.96 1.15 10.68
C ASN A 102 -6.56 -0.31 10.50
N THR A 103 -7.00 -0.92 9.40
CA THR A 103 -6.69 -2.32 9.12
C THR A 103 -6.67 -2.58 7.62
N PHE A 104 -5.52 -3.02 7.12
CA PHE A 104 -5.38 -3.31 5.70
C PHE A 104 -5.13 -4.80 5.47
N THR A 105 -5.14 -5.21 4.20
CA THR A 105 -4.93 -6.61 3.85
C THR A 105 -4.35 -6.74 2.45
N ILE A 106 -3.64 -7.84 2.20
CA ILE A 106 -3.04 -8.08 0.90
C ILE A 106 -4.00 -8.81 -0.03
N LEU A 107 -4.54 -8.09 -1.00
CA LEU A 107 -5.48 -8.67 -1.96
C LEU A 107 -4.80 -8.92 -3.30
N LYS A 108 -3.75 -8.17 -3.58
CA LYS A 108 -3.01 -8.31 -4.83
C LYS A 108 -1.77 -7.42 -4.82
N THR A 109 -0.60 -8.04 -5.01
CA THR A 109 0.65 -7.30 -5.04
C THR A 109 1.77 -8.14 -5.65
N ASP A 110 2.44 -7.58 -6.65
CA ASP A 110 3.52 -8.27 -7.33
C ASP A 110 4.83 -7.49 -7.19
N TYR A 111 5.93 -8.22 -7.05
CA TYR A 111 7.24 -7.60 -6.91
C TYR A 111 7.77 -7.11 -8.25
N ASP A 112 7.05 -7.46 -9.32
CA ASP A 112 7.44 -7.06 -10.66
C ASP A 112 6.55 -5.92 -11.17
N ASN A 113 5.38 -5.78 -10.56
CA ASN A 113 4.45 -4.72 -10.95
C ASN A 113 4.33 -3.67 -9.85
N TYR A 114 3.45 -3.91 -8.89
CA TYR A 114 3.25 -2.98 -7.79
C TYR A 114 2.58 -3.67 -6.61
N ILE A 115 2.41 -2.93 -5.51
CA ILE A 115 1.78 -3.47 -4.31
C ILE A 115 0.56 -2.65 -3.91
N MET A 116 -0.59 -3.30 -3.81
CA MET A 116 -1.83 -2.64 -3.44
C MET A 116 -2.14 -2.87 -1.97
N ILE A 117 -2.75 -1.88 -1.33
CA ILE A 117 -3.13 -1.98 0.07
C ILE A 117 -4.45 -1.30 0.35
N HIS A 118 -5.46 -2.09 0.70
CA HIS A 118 -6.79 -1.58 1.00
C HIS A 118 -6.93 -1.24 2.48
N LEU A 119 -6.74 0.02 2.83
CA LEU A 119 -6.85 0.46 4.21
C LEU A 119 -8.14 1.24 4.44
N ILE A 120 -8.90 0.83 5.45
CA ILE A 120 -10.16 1.49 5.77
C ILE A 120 -10.07 2.22 7.11
N ASN A 121 -10.51 3.47 7.13
CA ASN A 121 -10.48 4.28 8.34
C ASN A 121 -11.89 4.68 8.76
N LYS A 122 -12.06 4.99 10.04
CA LYS A 122 -13.36 5.39 10.58
C LYS A 122 -13.21 6.57 11.54
N LYS A 123 -14.14 7.51 11.45
CA LYS A 123 -14.11 8.69 12.32
C LYS A 123 -15.43 9.45 12.24
N ASP A 124 -15.90 9.93 13.39
CA ASP A 124 -17.15 10.68 13.45
C ASP A 124 -18.31 9.85 12.91
N GLY A 125 -18.34 8.56 13.27
CA GLY A 125 -19.40 7.69 12.81
C GLY A 125 -19.41 7.54 11.30
N GLU A 126 -18.32 7.93 10.66
CA GLU A 126 -18.21 7.85 9.21
C GLU A 126 -16.93 7.12 8.80
N THR A 127 -17.09 6.06 8.00
CA THR A 127 -15.95 5.29 7.54
C THR A 127 -15.84 5.32 6.02
N PHE A 128 -14.63 5.54 5.52
CA PHE A 128 -14.40 5.59 4.08
C PHE A 128 -13.36 4.56 3.67
N GLN A 129 -13.19 4.39 2.35
CA GLN A 129 -12.23 3.44 1.82
C GLN A 129 -10.98 4.14 1.32
N LEU A 130 -9.82 3.65 1.73
CA LEU A 130 -8.54 4.24 1.32
C LEU A 130 -7.70 3.22 0.56
N MET A 131 -6.94 3.71 -0.43
CA MET A 131 -6.08 2.85 -1.23
C MET A 131 -4.68 3.44 -1.34
N GLU A 132 -3.68 2.57 -1.51
CA GLU A 132 -2.30 3.00 -1.63
C GLU A 132 -1.53 2.11 -2.61
N LEU A 133 -0.92 2.72 -3.62
CA LEU A 133 -0.16 1.98 -4.61
C LEU A 133 1.30 2.40 -4.60
N TYR A 134 2.19 1.42 -4.64
CA TYR A 134 3.63 1.68 -4.63
C TYR A 134 4.33 0.91 -5.75
N GLY A 135 5.56 1.32 -6.07
CA GLY A 135 6.32 0.67 -7.11
C GLY A 135 7.81 0.92 -6.99
N ARG A 136 8.60 0.10 -7.67
CA ARG A 136 10.05 0.23 -7.64
C ARG A 136 10.48 1.67 -7.95
N GLU A 137 9.67 2.35 -8.76
CA GLU A 137 9.96 3.73 -9.15
C GLU A 137 8.80 4.64 -8.77
N PRO A 138 9.09 5.95 -8.70
CA PRO A 138 8.08 6.96 -8.36
C PRO A 138 7.05 7.16 -9.47
N ASP A 139 7.30 6.54 -10.61
CA ASP A 139 6.40 6.63 -11.75
C ASP A 139 6.33 5.32 -12.51
N LEU A 140 5.13 4.76 -12.63
CA LEU A 140 4.94 3.50 -13.34
C LEU A 140 4.35 3.74 -14.72
N SER A 141 4.22 2.66 -15.49
CA SER A 141 3.67 2.75 -16.84
C SER A 141 2.25 3.33 -16.82
N SER A 142 1.92 4.12 -17.84
CA SER A 142 0.60 4.73 -17.93
C SER A 142 -0.49 3.66 -17.88
N ASP A 143 -0.19 2.48 -18.39
CA ASP A 143 -1.15 1.37 -18.41
C ASP A 143 -1.40 0.87 -16.99
N ILE A 144 -0.39 1.00 -16.13
CA ILE A 144 -0.50 0.54 -14.76
C ILE A 144 -1.64 1.25 -14.02
N LYS A 145 -1.82 2.54 -14.33
CA LYS A 145 -2.86 3.34 -13.71
C LYS A 145 -4.23 2.69 -13.91
N GLU A 146 -4.50 2.24 -15.13
CA GLU A 146 -5.77 1.60 -15.44
C GLU A 146 -5.81 0.18 -14.88
N LYS A 147 -4.64 -0.47 -14.84
CA LYS A 147 -4.54 -1.83 -14.33
C LYS A 147 -4.94 -1.89 -12.86
N PHE A 148 -4.39 -0.99 -12.06
CA PHE A 148 -4.68 -0.94 -10.63
C PHE A 148 -6.03 -0.27 -10.38
N ALA A 149 -6.39 0.66 -11.26
CA ALA A 149 -7.67 1.37 -11.13
C ALA A 149 -8.84 0.40 -11.10
N GLN A 150 -8.67 -0.75 -11.74
CA GLN A 150 -9.72 -1.77 -11.79
C GLN A 150 -10.16 -2.15 -10.40
N LEU A 151 -9.20 -2.30 -9.49
CA LEU A 151 -9.49 -2.67 -8.11
C LEU A 151 -10.23 -1.54 -7.39
N SER A 152 -9.93 -0.31 -7.76
CA SER A 152 -10.57 0.85 -7.16
C SER A 152 -12.08 0.78 -7.30
N GLU A 153 -12.54 0.27 -8.44
CA GLU A 153 -13.96 0.16 -8.71
C GLU A 153 -14.60 -0.90 -7.81
N GLU A 154 -13.81 -1.92 -7.45
CA GLU A 154 -14.30 -2.99 -6.60
C GLU A 154 -14.83 -2.44 -5.28
N HIS A 155 -14.12 -1.46 -4.72
CA HIS A 155 -14.50 -0.85 -3.46
C HIS A 155 -15.55 0.25 -3.69
N GLY A 156 -15.71 0.65 -4.95
CA GLY A 156 -16.67 1.68 -5.28
C GLY A 156 -16.02 3.04 -5.48
N ILE A 157 -14.71 3.04 -5.69
CA ILE A 157 -13.97 4.27 -5.89
C ILE A 157 -13.91 4.65 -7.37
N VAL A 158 -14.50 5.78 -7.73
CA VAL A 158 -14.51 6.24 -9.10
C VAL A 158 -13.16 6.86 -9.48
N ARG A 159 -12.83 6.80 -10.78
CA ARG A 159 -11.58 7.35 -11.26
C ARG A 159 -11.43 8.81 -10.86
N GLU A 160 -12.56 9.49 -10.66
CA GLU A 160 -12.55 10.90 -10.28
C GLU A 160 -11.71 11.11 -9.03
N ASN A 161 -11.67 10.11 -8.17
CA ASN A 161 -10.89 10.18 -6.94
C ASN A 161 -9.45 9.75 -7.17
N ILE A 162 -9.24 8.98 -8.22
CA ILE A 162 -7.90 8.50 -8.56
C ILE A 162 -7.11 9.56 -9.32
N ILE A 163 -6.25 10.28 -8.61
CA ILE A 163 -5.43 11.32 -9.23
C ILE A 163 -3.95 11.09 -8.96
N ASP A 164 -3.13 11.28 -9.98
CA ASP A 164 -1.69 11.09 -9.86
C ASP A 164 -1.10 12.05 -8.83
N LEU A 165 -0.37 11.52 -7.87
CA LEU A 165 0.25 12.33 -6.82
C LEU A 165 1.60 12.87 -7.28
N THR A 166 1.94 12.61 -8.55
CA THR A 166 3.20 13.07 -9.10
C THR A 166 3.36 14.58 -8.94
N ASN A 167 2.27 15.31 -9.13
CA ASN A 167 2.27 16.76 -9.00
C ASN A 167 1.89 17.18 -7.58
N ALA A 168 1.92 16.23 -6.65
CA ALA A 168 1.58 16.50 -5.27
C ALA A 168 2.82 16.44 -4.38
N ASN A 169 2.60 16.40 -3.07
CA ASN A 169 3.69 16.34 -2.11
C ASN A 169 4.68 15.24 -2.47
N ARG A 170 5.85 15.64 -2.95
CA ARG A 170 6.88 14.68 -3.34
C ARG A 170 8.17 14.91 -2.55
N CYS A 171 8.06 14.83 -1.23
CA CYS A 171 9.22 15.03 -0.36
C CYS A 171 9.96 13.73 -0.13
N LEU A 172 9.73 12.76 -1.02
CA LEU A 172 10.38 11.46 -0.92
C LEU A 172 11.90 11.60 -0.89
N GLU A 173 12.38 12.73 -1.41
CA GLU A 173 13.82 12.99 -1.45
C GLU A 173 14.36 13.26 -0.04
N ALA A 174 13.46 13.58 0.88
CA ALA A 174 13.85 13.86 2.25
C ALA A 174 13.88 12.58 3.08
N ARG A 175 13.73 11.44 2.41
CA ARG A 175 13.72 10.14 3.09
C ARG A 175 15.04 9.92 3.83
N GLU A 176 16.14 10.31 3.20
CA GLU A 176 17.46 10.15 3.79
C GLU A 176 17.74 11.27 4.81
N MET A 1 23.17 10.00 -28.81
CA MET A 1 21.72 9.98 -28.62
C MET A 1 21.18 8.55 -28.61
N GLY A 2 19.86 8.42 -28.46
CA GLY A 2 19.25 7.11 -28.43
C GLY A 2 17.77 7.16 -28.11
N SER A 3 16.94 7.14 -29.14
CA SER A 3 15.49 7.19 -28.94
C SER A 3 14.81 6.04 -29.68
N SER A 4 14.13 5.19 -28.92
CA SER A 4 13.43 4.05 -29.49
C SER A 4 12.04 3.87 -28.86
N HIS A 5 11.09 3.44 -29.67
CA HIS A 5 9.72 3.25 -29.19
C HIS A 5 9.07 2.04 -29.88
N HIS A 6 8.03 1.50 -29.25
CA HIS A 6 7.33 0.35 -29.81
C HIS A 6 6.00 0.13 -29.08
N HIS A 7 4.95 -0.15 -29.85
CA HIS A 7 3.63 -0.39 -29.28
C HIS A 7 3.49 -1.84 -28.82
N HIS A 8 2.93 -2.02 -27.63
CA HIS A 8 2.73 -3.35 -27.08
C HIS A 8 1.53 -4.03 -27.71
N HIS A 9 1.73 -5.23 -28.24
CA HIS A 9 0.66 -5.99 -28.87
C HIS A 9 -0.36 -6.47 -27.84
N HIS A 10 -1.53 -6.87 -28.32
CA HIS A 10 -2.59 -7.34 -27.43
C HIS A 10 -2.96 -8.79 -27.76
N ILE A 11 -2.27 -9.73 -27.14
CA ILE A 11 -2.53 -11.14 -27.38
C ILE A 11 -3.51 -11.70 -26.34
N GLU A 12 -4.53 -12.40 -26.83
CA GLU A 12 -5.54 -12.99 -25.94
C GLU A 12 -5.20 -14.43 -25.62
N GLY A 13 -5.97 -15.03 -24.71
CA GLY A 13 -5.73 -16.41 -24.32
C GLY A 13 -4.87 -16.51 -23.07
N ARG A 14 -4.94 -15.50 -22.21
CA ARG A 14 -4.17 -15.48 -20.98
C ARG A 14 -4.62 -16.61 -20.05
N GLU A 15 -3.65 -17.21 -19.36
CA GLU A 15 -3.95 -18.31 -18.43
C GLU A 15 -3.91 -17.81 -16.99
N GLU A 16 -4.94 -18.15 -16.22
CA GLU A 16 -5.02 -17.74 -14.83
C GLU A 16 -3.88 -18.34 -14.02
N ALA A 17 -3.78 -17.95 -12.75
CA ALA A 17 -2.73 -18.44 -11.88
C ALA A 17 -3.17 -18.38 -10.42
N SER A 18 -2.44 -19.10 -9.56
CA SER A 18 -2.76 -19.12 -8.13
C SER A 18 -1.56 -18.67 -7.31
N SER A 19 -1.82 -18.25 -6.07
CA SER A 19 -0.78 -17.78 -5.17
C SER A 19 0.31 -18.84 -5.02
N MET A 20 1.56 -18.41 -5.07
CA MET A 20 2.69 -19.32 -4.92
C MET A 20 2.64 -20.05 -3.59
N GLU A 21 3.64 -20.89 -3.33
CA GLU A 21 3.70 -21.65 -2.08
C GLU A 21 3.95 -20.72 -0.90
N ARG A 22 4.26 -21.31 0.25
CA ARG A 22 4.52 -20.54 1.46
C ARG A 22 5.98 -20.07 1.50
N ASN A 23 6.71 -20.37 0.43
CA ASN A 23 8.11 -19.98 0.35
C ASN A 23 8.26 -18.65 -0.38
N PHE A 24 7.24 -17.81 -0.29
CA PHE A 24 7.26 -16.51 -0.96
C PHE A 24 8.55 -15.76 -0.65
N ASN A 25 8.96 -14.91 -1.57
CA ASN A 25 10.19 -14.13 -1.41
C ASN A 25 9.88 -12.75 -0.83
N VAL A 26 9.83 -12.67 0.50
CA VAL A 26 9.56 -11.41 1.17
C VAL A 26 10.72 -10.43 1.02
N GLU A 27 11.91 -10.96 0.76
CA GLU A 27 13.10 -10.14 0.60
C GLU A 27 12.88 -9.08 -0.48
N LYS A 28 11.97 -9.38 -1.42
CA LYS A 28 11.67 -8.45 -2.50
C LYS A 28 11.08 -7.15 -1.96
N ILE A 29 10.02 -7.27 -1.17
CA ILE A 29 9.36 -6.11 -0.59
C ILE A 29 10.18 -5.55 0.57
N ASN A 30 10.91 -6.43 1.26
CA ASN A 30 11.73 -6.01 2.39
C ASN A 30 12.78 -4.99 1.97
N GLY A 31 12.47 -3.72 2.18
CA GLY A 31 13.39 -2.66 1.80
C GLY A 31 12.73 -1.30 1.78
N GLU A 32 12.52 -0.77 0.58
CA GLU A 32 11.90 0.54 0.41
C GLU A 32 10.93 0.54 -0.77
N TRP A 33 10.11 1.58 -0.86
CA TRP A 33 9.14 1.69 -1.94
C TRP A 33 8.98 3.14 -2.37
N TYR A 34 8.08 3.38 -3.32
CA TYR A 34 7.83 4.74 -3.82
C TYR A 34 6.34 4.95 -4.09
N THR A 35 5.89 6.18 -3.87
CA THR A 35 4.49 6.53 -4.08
C THR A 35 4.19 6.68 -5.57
N ILE A 36 3.00 6.22 -5.98
CA ILE A 36 2.58 6.31 -7.37
C ILE A 36 1.32 7.14 -7.52
N MET A 37 0.25 6.70 -6.87
CA MET A 37 -1.02 7.42 -6.92
C MET A 37 -1.78 7.27 -5.61
N LEU A 38 -2.62 8.26 -5.31
CA LEU A 38 -3.41 8.24 -4.07
C LEU A 38 -4.90 8.27 -4.38
N ALA A 39 -5.60 7.22 -3.97
CA ALA A 39 -7.03 7.12 -4.19
C ALA A 39 -7.79 6.95 -2.88
N THR A 40 -9.03 7.42 -2.85
CA THR A 40 -9.86 7.31 -1.66
C THR A 40 -11.26 7.85 -1.92
N ASP A 41 -12.25 7.23 -1.27
CA ASP A 41 -13.64 7.65 -1.43
C ASP A 41 -13.81 9.11 -1.06
N LYS A 42 -12.92 9.62 -0.22
CA LYS A 42 -12.97 11.02 0.20
C LYS A 42 -11.76 11.78 -0.32
N ARG A 43 -11.93 12.46 -1.44
CA ARG A 43 -10.84 13.24 -2.04
C ARG A 43 -10.45 14.40 -1.13
N GLU A 44 -11.41 14.89 -0.36
CA GLU A 44 -11.16 16.01 0.55
C GLU A 44 -10.26 15.58 1.70
N LYS A 45 -10.24 14.28 1.99
CA LYS A 45 -9.43 13.74 3.07
C LYS A 45 -7.96 13.70 2.66
N ILE A 46 -7.71 13.41 1.38
CA ILE A 46 -6.35 13.34 0.86
C ILE A 46 -5.92 14.67 0.25
N GLU A 47 -6.59 15.75 0.66
CA GLU A 47 -6.28 17.08 0.16
C GLU A 47 -5.27 17.79 1.05
N GLU A 48 -4.53 18.72 0.47
CA GLU A 48 -3.52 19.48 1.22
C GLU A 48 -4.16 20.19 2.41
N HIS A 49 -5.47 20.41 2.35
CA HIS A 49 -6.19 21.08 3.42
C HIS A 49 -6.78 20.07 4.39
N GLY A 50 -6.22 18.85 4.40
CA GLY A 50 -6.71 17.81 5.28
C GLY A 50 -5.63 17.30 6.22
N SER A 51 -5.74 16.03 6.59
CA SER A 51 -4.77 15.41 7.50
C SER A 51 -4.63 13.93 7.20
N MET A 52 -5.06 13.51 6.02
CA MET A 52 -4.98 12.11 5.62
C MET A 52 -4.05 11.94 4.41
N ARG A 53 -3.11 12.87 4.26
CA ARG A 53 -2.17 12.82 3.16
C ARG A 53 -0.83 12.26 3.62
N VAL A 54 -0.84 11.02 4.07
CA VAL A 54 0.39 10.37 4.53
C VAL A 54 0.77 9.19 3.64
N PHE A 55 2.06 9.05 3.37
CA PHE A 55 2.56 7.97 2.52
C PHE A 55 3.80 7.34 3.12
N VAL A 56 3.98 6.04 2.87
CA VAL A 56 5.14 5.32 3.39
C VAL A 56 6.35 5.52 2.49
N GLU A 57 7.52 5.69 3.11
CA GLU A 57 8.76 5.88 2.36
C GLU A 57 9.53 4.57 2.24
N TYR A 58 9.26 3.65 3.14
CA TYR A 58 9.93 2.34 3.14
C TYR A 58 9.14 1.32 3.93
N ILE A 59 9.15 0.08 3.45
CA ILE A 59 8.43 -1.01 4.11
C ILE A 59 9.39 -2.00 4.75
N HIS A 60 9.15 -2.33 6.01
CA HIS A 60 9.99 -3.28 6.73
C HIS A 60 9.20 -4.53 7.13
N VAL A 61 9.81 -5.69 6.95
CA VAL A 61 9.17 -6.96 7.28
C VAL A 61 9.73 -7.54 8.57
N LEU A 62 8.84 -7.88 9.50
CA LEU A 62 9.25 -8.45 10.78
C LEU A 62 8.88 -9.92 10.87
N GLU A 63 9.29 -10.57 11.95
CA GLU A 63 9.00 -11.98 12.16
C GLU A 63 7.52 -12.19 12.44
N ASN A 64 6.92 -11.28 13.20
CA ASN A 64 5.51 -11.36 13.54
C ASN A 64 4.82 -10.01 13.40
N SER A 65 5.25 -9.25 12.38
CA SER A 65 4.67 -7.93 12.13
C SER A 65 5.36 -7.26 10.94
N LEU A 66 5.00 -6.01 10.68
CA LEU A 66 5.57 -5.26 9.57
C LEU A 66 5.75 -3.79 9.95
N ALA A 67 7.01 -3.35 9.99
CA ALA A 67 7.31 -1.96 10.33
C ALA A 67 7.15 -1.06 9.10
N LEU A 68 6.67 0.16 9.35
CA LEU A 68 6.47 1.12 8.27
C LEU A 68 6.71 2.55 8.76
N LYS A 69 7.05 3.44 7.84
CA LYS A 69 7.30 4.83 8.19
C LYS A 69 6.57 5.76 7.23
N PHE A 70 5.55 6.45 7.75
CA PHE A 70 4.76 7.37 6.94
C PHE A 70 5.12 8.82 7.26
N HIS A 71 4.96 9.69 6.28
CA HIS A 71 5.28 11.11 6.46
C HIS A 71 4.04 11.97 6.22
N ILE A 72 3.87 13.00 7.04
CA ILE A 72 2.73 13.90 6.92
C ILE A 72 3.19 15.36 6.84
N ILE A 73 2.51 16.14 6.01
CA ILE A 73 2.84 17.55 5.84
C ILE A 73 2.31 18.37 7.01
N ILE A 74 3.22 19.02 7.74
CA ILE A 74 2.83 19.84 8.88
C ILE A 74 3.49 21.22 8.80
N ASN A 75 2.67 22.26 8.80
CA ASN A 75 3.16 23.64 8.73
C ASN A 75 4.12 23.80 7.56
N GLU A 76 3.66 23.42 6.36
CA GLU A 76 4.48 23.53 5.16
C GLU A 76 5.82 22.84 5.34
N GLU A 77 5.83 21.79 6.18
CA GLU A 77 7.05 21.04 6.44
C GLU A 77 6.73 19.58 6.73
N CYS A 78 7.23 18.69 5.88
CA CYS A 78 7.00 17.26 6.02
C CYS A 78 7.36 16.80 7.43
N SER A 79 6.96 15.58 7.78
CA SER A 79 7.24 15.03 9.09
C SER A 79 7.63 13.55 8.99
N GLU A 80 7.71 12.88 10.14
CA GLU A 80 8.07 11.47 10.17
C GLU A 80 7.22 10.71 11.19
N ILE A 81 6.81 9.50 10.83
CA ILE A 81 6.00 8.68 11.71
C ILE A 81 6.55 7.26 11.80
N PHE A 82 6.65 6.75 13.03
CA PHE A 82 7.17 5.40 13.25
C PHE A 82 6.11 4.52 13.91
N LEU A 83 5.72 3.45 13.23
CA LEU A 83 4.72 2.52 13.74
C LEU A 83 4.88 1.15 13.11
N VAL A 84 4.45 0.12 13.84
CA VAL A 84 4.55 -1.26 13.35
C VAL A 84 3.17 -1.91 13.32
N ALA A 85 2.85 -2.56 12.21
CA ALA A 85 1.58 -3.23 12.04
C ALA A 85 1.72 -4.74 12.23
N ASP A 86 1.05 -5.28 13.25
CA ASP A 86 1.11 -6.70 13.53
C ASP A 86 -0.11 -7.43 12.94
N LYS A 87 -0.07 -8.74 12.97
CA LYS A 87 -1.16 -9.56 12.44
C LYS A 87 -2.38 -9.48 13.35
N THR A 88 -3.53 -9.87 12.83
CA THR A 88 -4.78 -9.84 13.60
C THR A 88 -5.28 -11.26 13.89
N GLU A 89 -6.45 -11.35 14.49
CA GLU A 89 -7.04 -12.64 14.82
C GLU A 89 -7.29 -13.47 13.56
N LYS A 90 -7.48 -12.78 12.44
CA LYS A 90 -7.73 -13.45 11.16
C LYS A 90 -6.55 -13.26 10.21
N ALA A 91 -6.00 -14.37 9.73
CA ALA A 91 -4.87 -14.31 8.81
C ALA A 91 -5.21 -13.50 7.56
N GLY A 92 -4.23 -12.75 7.07
CA GLY A 92 -4.45 -11.94 5.88
C GLY A 92 -4.71 -10.48 6.22
N GLU A 93 -5.28 -10.24 7.40
CA GLU A 93 -5.59 -8.89 7.83
C GLU A 93 -4.61 -8.42 8.91
N TYR A 94 -4.15 -7.18 8.80
CA TYR A 94 -3.21 -6.63 9.76
C TYR A 94 -3.86 -5.56 10.62
N SER A 95 -3.39 -5.41 11.85
CA SER A 95 -3.93 -4.41 12.77
C SER A 95 -2.88 -3.38 13.14
N VAL A 96 -3.18 -2.11 12.89
CA VAL A 96 -2.26 -1.03 13.20
C VAL A 96 -3.00 0.18 13.78
N THR A 97 -2.42 0.79 14.80
CA THR A 97 -3.02 1.95 15.44
C THR A 97 -2.48 3.24 14.86
N TYR A 98 -3.38 4.19 14.57
CA TYR A 98 -2.97 5.48 14.01
C TYR A 98 -3.86 6.60 14.55
N ASP A 99 -5.13 6.58 14.16
CA ASP A 99 -6.08 7.59 14.60
C ASP A 99 -7.41 6.97 14.98
N GLY A 100 -7.36 5.74 15.48
CA GLY A 100 -8.57 5.04 15.87
C GLY A 100 -8.50 3.55 15.62
N SER A 101 -9.09 3.12 14.51
CA SER A 101 -9.10 1.71 14.14
C SER A 101 -8.75 1.52 12.67
N ASN A 102 -7.56 0.99 12.41
CA ASN A 102 -7.11 0.76 11.04
C ASN A 102 -6.75 -0.71 10.82
N THR A 103 -7.19 -1.26 9.70
CA THR A 103 -6.90 -2.65 9.37
C THR A 103 -6.90 -2.88 7.87
N PHE A 104 -5.76 -3.34 7.35
CA PHE A 104 -5.62 -3.59 5.91
C PHE A 104 -5.34 -5.06 5.66
N THR A 105 -5.29 -5.43 4.38
CA THR A 105 -5.02 -6.82 3.99
C THR A 105 -4.46 -6.88 2.57
N ILE A 106 -3.70 -7.94 2.30
CA ILE A 106 -3.09 -8.12 0.99
C ILE A 106 -4.06 -8.83 0.05
N LEU A 107 -4.56 -8.09 -0.93
CA LEU A 107 -5.50 -8.64 -1.90
C LEU A 107 -4.80 -8.91 -3.24
N LYS A 108 -3.73 -8.18 -3.49
CA LYS A 108 -2.97 -8.33 -4.72
C LYS A 108 -1.73 -7.43 -4.72
N THR A 109 -0.56 -8.04 -4.90
CA THR A 109 0.69 -7.30 -4.91
C THR A 109 1.81 -8.13 -5.54
N ASP A 110 2.46 -7.57 -6.56
CA ASP A 110 3.55 -8.25 -7.23
C ASP A 110 4.85 -7.46 -7.10
N TYR A 111 5.96 -8.18 -6.96
CA TYR A 111 7.27 -7.55 -6.82
C TYR A 111 7.78 -7.06 -8.17
N ASP A 112 7.06 -7.41 -9.23
CA ASP A 112 7.43 -7.00 -10.58
C ASP A 112 6.56 -5.87 -11.08
N ASN A 113 5.38 -5.72 -10.47
CA ASN A 113 4.44 -4.67 -10.85
C ASN A 113 4.33 -3.62 -9.74
N TYR A 114 3.46 -3.88 -8.78
CA TYR A 114 3.25 -2.95 -7.67
C TYR A 114 2.58 -3.66 -6.49
N ILE A 115 2.43 -2.92 -5.40
CA ILE A 115 1.80 -3.47 -4.19
C ILE A 115 0.59 -2.65 -3.78
N MET A 116 -0.56 -3.31 -3.67
CA MET A 116 -1.80 -2.65 -3.28
C MET A 116 -2.10 -2.89 -1.80
N ILE A 117 -2.69 -1.90 -1.15
CA ILE A 117 -3.03 -2.00 0.26
C ILE A 117 -4.34 -1.27 0.56
N HIS A 118 -5.37 -2.03 0.92
CA HIS A 118 -6.67 -1.45 1.24
C HIS A 118 -6.77 -1.12 2.73
N LEU A 119 -6.82 0.17 3.03
CA LEU A 119 -6.91 0.62 4.41
C LEU A 119 -8.22 1.38 4.65
N ILE A 120 -8.90 1.03 5.75
CA ILE A 120 -10.17 1.67 6.08
C ILE A 120 -10.07 2.40 7.42
N ASN A 121 -10.36 3.70 7.39
CA ASN A 121 -10.30 4.52 8.60
C ASN A 121 -11.69 4.97 9.01
N LYS A 122 -11.90 5.12 10.32
CA LYS A 122 -13.19 5.55 10.85
C LYS A 122 -13.01 6.73 11.81
N LYS A 123 -13.84 7.76 11.63
CA LYS A 123 -13.78 8.94 12.47
C LYS A 123 -15.11 9.67 12.48
N ASP A 124 -15.53 10.14 13.66
CA ASP A 124 -16.79 10.86 13.80
C ASP A 124 -17.94 10.05 13.23
N GLY A 125 -17.91 8.74 13.46
CA GLY A 125 -18.96 7.87 12.97
C GLY A 125 -19.01 7.83 11.46
N GLU A 126 -17.91 8.19 10.81
CA GLU A 126 -17.84 8.20 9.36
C GLU A 126 -16.63 7.40 8.86
N THR A 127 -16.89 6.42 8.00
CA THR A 127 -15.82 5.59 7.45
C THR A 127 -15.64 5.83 5.95
N PHE A 128 -14.45 5.56 5.45
CA PHE A 128 -14.15 5.74 4.04
C PHE A 128 -13.17 4.68 3.54
N GLN A 129 -12.96 4.64 2.24
CA GLN A 129 -12.04 3.68 1.63
C GLN A 129 -10.71 4.35 1.27
N LEU A 130 -9.62 3.75 1.72
CA LEU A 130 -8.29 4.28 1.44
C LEU A 130 -7.43 3.25 0.72
N MET A 131 -6.74 3.69 -0.33
CA MET A 131 -5.88 2.82 -1.11
C MET A 131 -4.48 3.40 -1.25
N GLU A 132 -3.48 2.53 -1.29
CA GLU A 132 -2.09 2.97 -1.41
C GLU A 132 -1.33 2.06 -2.37
N LEU A 133 -0.82 2.65 -3.46
CA LEU A 133 -0.06 1.89 -4.45
C LEU A 133 1.41 2.30 -4.44
N TYR A 134 2.28 1.32 -4.64
CA TYR A 134 3.72 1.58 -4.64
C TYR A 134 4.42 0.71 -5.69
N GLY A 135 5.55 1.20 -6.19
CA GLY A 135 6.29 0.46 -7.19
C GLY A 135 7.79 0.69 -7.09
N ARG A 136 8.57 -0.15 -7.77
CA ARG A 136 10.02 -0.02 -7.75
C ARG A 136 10.45 1.39 -8.11
N GLU A 137 9.64 2.06 -8.92
CA GLU A 137 9.94 3.43 -9.35
C GLU A 137 8.83 4.38 -8.94
N PRO A 138 9.14 5.69 -8.89
CA PRO A 138 8.18 6.72 -8.52
C PRO A 138 7.10 6.92 -9.57
N ASP A 139 7.29 6.30 -10.73
CA ASP A 139 6.33 6.41 -11.82
C ASP A 139 6.31 5.12 -12.65
N LEU A 140 5.13 4.51 -12.74
CA LEU A 140 4.97 3.28 -13.51
C LEU A 140 4.40 3.56 -14.89
N SER A 141 4.17 2.51 -15.66
CA SER A 141 3.62 2.64 -17.01
C SER A 141 2.18 3.15 -16.97
N SER A 142 1.71 3.65 -18.10
CA SER A 142 0.35 4.17 -18.20
C SER A 142 -0.67 3.07 -17.97
N ASP A 143 -0.45 1.92 -18.61
CA ASP A 143 -1.35 0.78 -18.49
C ASP A 143 -1.50 0.38 -17.02
N ILE A 144 -0.43 0.53 -16.25
CA ILE A 144 -0.45 0.18 -14.84
C ILE A 144 -1.52 0.97 -14.08
N LYS A 145 -1.74 2.21 -14.50
CA LYS A 145 -2.73 3.07 -13.88
C LYS A 145 -4.14 2.54 -14.14
N GLU A 146 -4.39 2.11 -15.36
CA GLU A 146 -5.69 1.58 -15.73
C GLU A 146 -5.89 0.17 -15.19
N LYS A 147 -4.79 -0.56 -15.05
CA LYS A 147 -4.83 -1.93 -14.54
C LYS A 147 -5.13 -1.94 -13.05
N PHE A 148 -4.56 -0.98 -12.33
CA PHE A 148 -4.76 -0.87 -10.89
C PHE A 148 -6.10 -0.21 -10.57
N ALA A 149 -6.50 0.74 -11.41
CA ALA A 149 -7.76 1.45 -11.23
C ALA A 149 -8.93 0.47 -11.21
N GLN A 150 -8.77 -0.66 -11.90
CA GLN A 150 -9.83 -1.66 -11.96
C GLN A 150 -10.22 -2.13 -10.56
N LEU A 151 -9.23 -2.22 -9.68
CA LEU A 151 -9.48 -2.66 -8.31
C LEU A 151 -10.16 -1.56 -7.50
N SER A 152 -9.89 -0.32 -7.87
CA SER A 152 -10.48 0.82 -7.18
C SER A 152 -12.00 0.76 -7.20
N GLU A 153 -12.55 0.31 -8.34
CA GLU A 153 -13.99 0.19 -8.49
C GLU A 153 -14.58 -0.78 -7.46
N GLU A 154 -13.78 -1.78 -7.10
CA GLU A 154 -14.22 -2.78 -6.12
C GLU A 154 -14.66 -2.11 -4.82
N HIS A 155 -13.95 -1.06 -4.43
CA HIS A 155 -14.27 -0.35 -3.20
C HIS A 155 -15.13 0.88 -3.50
N GLY A 156 -15.74 0.90 -4.68
CA GLY A 156 -16.58 2.01 -5.08
C GLY A 156 -15.79 3.28 -5.36
N ILE A 157 -14.49 3.11 -5.58
CA ILE A 157 -13.61 4.24 -5.86
C ILE A 157 -13.50 4.49 -7.36
N VAL A 158 -14.06 5.61 -7.82
CA VAL A 158 -14.02 5.96 -9.23
C VAL A 158 -12.71 6.64 -9.59
N ARG A 159 -12.34 6.56 -10.87
CA ARG A 159 -11.11 7.17 -11.35
C ARG A 159 -11.04 8.65 -10.99
N GLU A 160 -12.22 9.26 -10.85
CA GLU A 160 -12.30 10.68 -10.50
C GLU A 160 -11.50 10.98 -9.25
N ASN A 161 -11.44 10.01 -8.34
CA ASN A 161 -10.71 10.17 -7.09
C ASN A 161 -9.24 9.78 -7.27
N ILE A 162 -8.97 8.97 -8.28
CA ILE A 162 -7.61 8.52 -8.55
C ILE A 162 -6.85 9.56 -9.37
N ILE A 163 -5.85 10.18 -8.75
CA ILE A 163 -5.04 11.18 -9.42
C ILE A 163 -3.56 10.99 -9.13
N ASP A 164 -2.73 11.15 -10.16
CA ASP A 164 -1.29 11.00 -10.00
C ASP A 164 -0.73 12.02 -9.03
N LEU A 165 0.20 11.58 -8.18
CA LEU A 165 0.81 12.46 -7.19
C LEU A 165 2.21 12.88 -7.64
N THR A 166 2.58 12.50 -8.85
CA THR A 166 3.90 12.84 -9.39
C THR A 166 4.14 14.35 -9.32
N ASN A 167 3.07 15.12 -9.43
CA ASN A 167 3.17 16.57 -9.39
C ASN A 167 2.57 17.12 -8.09
N ALA A 168 2.57 16.28 -7.05
CA ALA A 168 2.03 16.68 -5.76
C ALA A 168 3.06 16.48 -4.65
N ASN A 169 2.62 16.62 -3.40
CA ASN A 169 3.50 16.46 -2.26
C ASN A 169 3.84 14.99 -2.05
N ARG A 170 5.02 14.59 -2.50
CA ARG A 170 5.47 13.21 -2.37
C ARG A 170 6.51 13.08 -1.26
N CYS A 171 7.23 14.17 -1.00
CA CYS A 171 8.25 14.18 0.03
C CYS A 171 9.23 13.03 -0.15
N LEU A 172 9.85 12.96 -1.33
CA LEU A 172 10.80 11.91 -1.63
C LEU A 172 12.23 12.36 -1.31
N GLU A 173 12.45 13.66 -1.34
CA GLU A 173 13.77 14.21 -1.07
C GLU A 173 14.03 14.28 0.44
N ALA A 174 12.95 14.38 1.21
CA ALA A 174 13.05 14.45 2.66
C ALA A 174 12.73 13.10 3.30
N ARG A 175 12.92 12.03 2.53
CA ARG A 175 12.65 10.68 3.03
C ARG A 175 13.40 10.43 4.34
N GLU A 176 14.55 11.07 4.50
CA GLU A 176 15.36 10.91 5.70
C GLU A 176 14.59 11.36 6.93
N MET A 1 49.02 -46.03 13.18
CA MET A 1 49.24 -45.67 11.79
C MET A 1 48.21 -46.35 10.88
N GLY A 2 46.93 -46.21 11.24
CA GLY A 2 45.88 -46.83 10.45
C GLY A 2 45.30 -45.88 9.42
N SER A 3 45.39 -46.27 8.15
CA SER A 3 44.88 -45.44 7.06
C SER A 3 43.68 -46.11 6.39
N SER A 4 42.75 -46.59 7.19
CA SER A 4 41.55 -47.25 6.68
C SER A 4 40.30 -46.78 7.41
N HIS A 5 39.17 -46.83 6.73
CA HIS A 5 37.90 -46.40 7.31
C HIS A 5 36.74 -46.70 6.37
N HIS A 6 35.52 -46.71 6.92
CA HIS A 6 34.34 -46.99 6.14
C HIS A 6 33.77 -45.70 5.53
N HIS A 7 33.14 -45.83 4.37
CA HIS A 7 32.55 -44.67 3.70
C HIS A 7 31.04 -44.62 3.92
N HIS A 8 30.38 -43.64 3.30
CA HIS A 8 28.94 -43.49 3.44
C HIS A 8 28.26 -43.58 2.08
N HIS A 9 26.93 -43.47 2.08
CA HIS A 9 26.16 -43.53 0.83
C HIS A 9 25.38 -42.24 0.62
N HIS A 10 24.82 -42.09 -0.58
CA HIS A 10 24.05 -40.90 -0.93
C HIS A 10 22.59 -41.25 -1.17
N ILE A 11 21.77 -40.23 -1.41
CA ILE A 11 20.35 -40.44 -1.66
C ILE A 11 19.95 -39.90 -3.03
N GLU A 12 19.10 -40.65 -3.73
CA GLU A 12 18.64 -40.25 -5.05
C GLU A 12 17.11 -40.19 -5.10
N GLY A 13 16.59 -39.60 -6.17
CA GLY A 13 15.15 -39.48 -6.31
C GLY A 13 14.66 -38.06 -6.16
N ARG A 14 15.43 -37.11 -6.68
CA ARG A 14 15.08 -35.70 -6.60
C ARG A 14 14.50 -35.21 -7.92
N GLU A 15 13.28 -34.68 -7.86
CA GLU A 15 12.61 -34.18 -9.06
C GLU A 15 11.95 -32.83 -8.78
N GLU A 16 11.80 -32.02 -9.83
CA GLU A 16 11.20 -30.71 -9.70
C GLU A 16 9.70 -30.76 -9.99
N ALA A 17 9.02 -29.64 -9.78
CA ALA A 17 7.58 -29.57 -10.02
C ALA A 17 7.16 -28.15 -10.40
N SER A 18 5.86 -27.94 -10.59
CA SER A 18 5.33 -26.65 -10.97
C SER A 18 4.80 -25.90 -9.75
N SER A 19 4.35 -24.67 -9.96
CA SER A 19 3.81 -23.85 -8.87
C SER A 19 2.91 -22.75 -9.42
N MET A 20 2.36 -21.94 -8.51
CA MET A 20 1.47 -20.86 -8.91
C MET A 20 1.81 -19.58 -8.16
N GLU A 21 3.04 -19.09 -8.36
CA GLU A 21 3.49 -17.86 -7.71
C GLU A 21 3.40 -18.00 -6.20
N ARG A 22 3.45 -19.24 -5.72
CA ARG A 22 3.37 -19.51 -4.28
C ARG A 22 4.75 -19.44 -3.65
N ASN A 23 5.76 -19.11 -4.46
CA ASN A 23 7.13 -19.02 -3.97
C ASN A 23 7.48 -17.57 -3.63
N PHE A 24 6.48 -16.80 -3.24
CA PHE A 24 6.68 -15.40 -2.88
C PHE A 24 7.82 -15.26 -1.87
N ASN A 25 8.47 -14.11 -1.88
CA ASN A 25 9.59 -13.85 -0.97
C ASN A 25 9.38 -12.54 -0.23
N VAL A 26 9.53 -12.57 1.08
CA VAL A 26 9.37 -11.39 1.92
C VAL A 26 10.48 -10.38 1.67
N GLU A 27 11.70 -10.88 1.57
CA GLU A 27 12.87 -10.03 1.34
C GLU A 27 12.64 -9.13 0.13
N LYS A 28 11.92 -9.64 -0.86
CA LYS A 28 11.63 -8.87 -2.07
C LYS A 28 11.04 -7.50 -1.71
N ILE A 29 10.05 -7.50 -0.82
CA ILE A 29 9.40 -6.26 -0.41
C ILE A 29 10.16 -5.61 0.75
N ASN A 30 10.81 -6.44 1.56
CA ASN A 30 11.57 -5.95 2.70
C ASN A 30 12.62 -4.94 2.26
N GLY A 31 12.30 -3.65 2.44
CA GLY A 31 13.24 -2.60 2.06
C GLY A 31 12.56 -1.24 1.99
N GLU A 32 12.47 -0.68 0.79
CA GLU A 32 11.86 0.62 0.59
C GLU A 32 10.89 0.60 -0.58
N TRP A 33 10.08 1.65 -0.69
CA TRP A 33 9.11 1.75 -1.77
C TRP A 33 8.92 3.19 -2.20
N TYR A 34 8.00 3.42 -3.15
CA TYR A 34 7.73 4.76 -3.64
C TYR A 34 6.27 4.92 -4.02
N THR A 35 5.66 6.03 -3.63
CA THR A 35 4.26 6.30 -3.92
C THR A 35 4.06 6.53 -5.42
N ILE A 36 2.90 6.09 -5.92
CA ILE A 36 2.59 6.25 -7.34
C ILE A 36 1.31 7.06 -7.52
N MET A 37 0.27 6.70 -6.77
CA MET A 37 -1.01 7.39 -6.85
C MET A 37 -1.76 7.30 -5.53
N LEU A 38 -2.72 8.19 -5.34
CA LEU A 38 -3.52 8.20 -4.11
C LEU A 38 -5.01 8.27 -4.44
N ALA A 39 -5.74 7.21 -4.08
CA ALA A 39 -7.17 7.16 -4.33
C ALA A 39 -7.95 6.97 -3.03
N THR A 40 -9.18 7.47 -3.01
CA THR A 40 -10.03 7.35 -1.83
C THR A 40 -11.38 8.02 -2.05
N ASP A 41 -12.42 7.46 -1.43
CA ASP A 41 -13.77 7.99 -1.57
C ASP A 41 -13.82 9.45 -1.12
N LYS A 42 -12.90 9.83 -0.23
CA LYS A 42 -12.84 11.20 0.28
C LYS A 42 -11.63 11.94 -0.29
N ARG A 43 -11.85 12.67 -1.37
CA ARG A 43 -10.77 13.43 -2.01
C ARG A 43 -10.28 14.55 -1.10
N GLU A 44 -11.20 15.10 -0.31
CA GLU A 44 -10.86 16.20 0.60
C GLU A 44 -9.91 15.71 1.69
N LYS A 45 -9.99 14.42 2.01
CA LYS A 45 -9.14 13.83 3.03
C LYS A 45 -7.69 13.80 2.57
N ILE A 46 -7.48 13.59 1.28
CA ILE A 46 -6.14 13.53 0.72
C ILE A 46 -5.73 14.88 0.14
N GLU A 47 -6.70 15.78 -0.01
CA GLU A 47 -6.43 17.12 -0.54
C GLU A 47 -5.29 17.78 0.20
N GLU A 48 -4.67 18.77 -0.44
CA GLU A 48 -3.56 19.50 0.17
C GLU A 48 -3.98 20.14 1.49
N HIS A 49 -5.28 20.35 1.65
CA HIS A 49 -5.81 20.96 2.87
C HIS A 49 -6.25 19.89 3.86
N GLY A 50 -5.71 18.67 3.70
CA GLY A 50 -6.06 17.59 4.59
C GLY A 50 -4.86 17.06 5.35
N SER A 51 -5.11 16.16 6.30
CA SER A 51 -4.05 15.57 7.09
C SER A 51 -4.06 14.05 6.99
N MET A 52 -4.71 13.54 5.95
CA MET A 52 -4.80 12.11 5.74
C MET A 52 -4.09 11.70 4.45
N ARG A 53 -3.13 12.51 4.02
CA ARG A 53 -2.37 12.24 2.81
C ARG A 53 -1.01 11.64 3.13
N VAL A 54 -0.94 10.92 4.25
CA VAL A 54 0.31 10.29 4.67
C VAL A 54 0.67 9.13 3.75
N PHE A 55 1.96 8.99 3.45
CA PHE A 55 2.44 7.92 2.59
C PHE A 55 3.70 7.28 3.16
N VAL A 56 3.78 5.96 3.04
CA VAL A 56 4.94 5.22 3.55
C VAL A 56 6.15 5.41 2.65
N GLU A 57 7.33 5.51 3.27
CA GLU A 57 8.57 5.69 2.53
C GLU A 57 9.36 4.39 2.45
N TYR A 58 9.07 3.47 3.36
CA TYR A 58 9.75 2.18 3.41
C TYR A 58 9.00 1.19 4.29
N ILE A 59 8.98 -0.07 3.87
CA ILE A 59 8.30 -1.11 4.63
C ILE A 59 9.30 -2.07 5.25
N HIS A 60 9.10 -2.37 6.54
CA HIS A 60 9.99 -3.29 7.26
C HIS A 60 9.24 -4.55 7.67
N VAL A 61 9.91 -5.69 7.55
CA VAL A 61 9.31 -6.97 7.91
C VAL A 61 9.80 -7.44 9.28
N LEU A 62 8.87 -7.86 10.12
CA LEU A 62 9.20 -8.34 11.46
C LEU A 62 8.81 -9.80 11.63
N GLU A 63 9.41 -10.45 12.62
CA GLU A 63 9.12 -11.85 12.89
C GLU A 63 7.62 -12.10 12.97
N ASN A 64 6.92 -11.25 13.72
CA ASN A 64 5.48 -11.38 13.89
C ASN A 64 4.80 -10.02 13.77
N SER A 65 5.32 -9.18 12.87
CA SER A 65 4.77 -7.84 12.67
C SER A 65 5.39 -7.18 11.45
N LEU A 66 5.01 -5.93 11.21
CA LEU A 66 5.54 -5.18 10.06
C LEU A 66 5.63 -3.69 10.39
N ALA A 67 6.85 -3.18 10.40
CA ALA A 67 7.08 -1.76 10.69
C ALA A 67 6.93 -0.92 9.44
N LEU A 68 6.37 0.28 9.61
CA LEU A 68 6.17 1.19 8.48
C LEU A 68 6.44 2.63 8.90
N LYS A 69 6.94 3.43 7.96
CA LYS A 69 7.24 4.82 8.23
C LYS A 69 6.56 5.74 7.21
N PHE A 70 5.59 6.51 7.68
CA PHE A 70 4.86 7.43 6.80
C PHE A 70 5.30 8.87 7.04
N HIS A 71 5.08 9.72 6.04
CA HIS A 71 5.44 11.13 6.14
C HIS A 71 4.23 12.02 5.89
N ILE A 72 4.04 13.01 6.76
CA ILE A 72 2.93 13.93 6.64
C ILE A 72 3.43 15.38 6.51
N ILE A 73 2.73 16.16 5.69
CA ILE A 73 3.09 17.56 5.47
C ILE A 73 2.63 18.42 6.64
N ILE A 74 3.60 18.98 7.35
CA ILE A 74 3.29 19.84 8.49
C ILE A 74 4.09 21.14 8.43
N ASN A 75 3.38 22.26 8.37
CA ASN A 75 4.02 23.57 8.31
C ASN A 75 5.04 23.63 7.18
N GLU A 76 4.63 23.17 5.99
CA GLU A 76 5.50 23.18 4.82
C GLU A 76 6.76 22.36 5.10
N GLU A 77 6.62 21.27 5.83
CA GLU A 77 7.75 20.41 6.17
C GLU A 77 7.28 18.99 6.48
N CYS A 78 7.82 18.02 5.74
CA CYS A 78 7.46 16.62 5.94
C CYS A 78 7.76 16.18 7.37
N SER A 79 7.20 15.04 7.75
CA SER A 79 7.40 14.50 9.09
C SER A 79 7.65 13.00 9.04
N GLU A 80 7.75 12.38 10.22
CA GLU A 80 7.99 10.95 10.31
C GLU A 80 7.05 10.30 11.32
N ILE A 81 6.51 9.15 10.95
CA ILE A 81 5.58 8.43 11.82
C ILE A 81 5.82 6.92 11.74
N PHE A 82 6.21 6.32 12.86
CA PHE A 82 6.47 4.89 12.91
C PHE A 82 5.19 4.13 13.23
N LEU A 83 5.00 3.00 12.57
CA LEU A 83 3.82 2.16 12.78
C LEU A 83 4.21 0.71 12.97
N VAL A 84 3.29 -0.08 13.54
CA VAL A 84 3.53 -1.50 13.77
C VAL A 84 2.30 -2.33 13.46
N ALA A 85 2.39 -3.15 12.42
CA ALA A 85 1.28 -4.00 12.01
C ALA A 85 1.48 -5.43 12.48
N ASP A 86 0.64 -5.88 13.40
CA ASP A 86 0.73 -7.23 13.93
C ASP A 86 -0.33 -8.14 13.30
N LYS A 87 -0.03 -9.43 13.26
CA LYS A 87 -0.96 -10.41 12.68
C LYS A 87 -2.22 -10.52 13.52
N THR A 88 -3.36 -10.70 12.87
CA THR A 88 -4.63 -10.83 13.56
C THR A 88 -5.14 -12.28 13.52
N GLU A 89 -6.32 -12.50 14.09
CA GLU A 89 -6.91 -13.84 14.12
C GLU A 89 -6.97 -14.44 12.71
N LYS A 90 -7.09 -13.57 11.71
CA LYS A 90 -7.16 -14.00 10.33
C LYS A 90 -5.88 -13.65 9.58
N ALA A 91 -5.33 -14.63 8.88
CA ALA A 91 -4.10 -14.42 8.11
C ALA A 91 -4.35 -13.52 6.91
N GLY A 92 -3.35 -12.72 6.56
CA GLY A 92 -3.47 -11.82 5.43
C GLY A 92 -3.85 -10.41 5.86
N GLU A 93 -4.62 -10.31 6.94
CA GLU A 93 -5.05 -9.00 7.44
C GLU A 93 -4.14 -8.53 8.56
N TYR A 94 -3.88 -7.23 8.61
CA TYR A 94 -3.03 -6.64 9.63
C TYR A 94 -3.74 -5.50 10.36
N SER A 95 -3.46 -5.37 11.64
CA SER A 95 -4.07 -4.32 12.45
C SER A 95 -3.03 -3.30 12.90
N VAL A 96 -3.22 -2.05 12.50
CA VAL A 96 -2.30 -0.98 12.86
C VAL A 96 -3.04 0.20 13.47
N THR A 97 -2.39 0.87 14.43
CA THR A 97 -2.99 2.01 15.10
C THR A 97 -2.35 3.31 14.63
N TYR A 98 -3.16 4.35 14.47
CA TYR A 98 -2.67 5.65 14.04
C TYR A 98 -3.51 6.78 14.63
N ASP A 99 -4.83 6.70 14.44
CA ASP A 99 -5.74 7.70 14.96
C ASP A 99 -7.07 7.08 15.36
N GLY A 100 -7.03 5.80 15.75
CA GLY A 100 -8.24 5.11 16.15
C GLY A 100 -8.18 3.62 15.84
N SER A 101 -8.67 3.25 14.66
CA SER A 101 -8.68 1.85 14.26
C SER A 101 -8.37 1.72 12.77
N ASN A 102 -7.34 0.93 12.45
CA ASN A 102 -6.95 0.73 11.06
C ASN A 102 -6.66 -0.75 10.80
N THR A 103 -7.09 -1.23 9.63
CA THR A 103 -6.87 -2.62 9.25
C THR A 103 -6.80 -2.78 7.74
N PHE A 104 -5.69 -3.30 7.25
CA PHE A 104 -5.50 -3.51 5.82
C PHE A 104 -5.25 -4.98 5.51
N THR A 105 -5.15 -5.29 4.22
CA THR A 105 -4.92 -6.67 3.78
C THR A 105 -4.29 -6.70 2.39
N ILE A 106 -3.64 -7.82 2.07
CA ILE A 106 -2.99 -7.98 0.78
C ILE A 106 -3.87 -8.78 -0.17
N LEU A 107 -4.43 -8.10 -1.16
CA LEU A 107 -5.30 -8.75 -2.15
C LEU A 107 -4.53 -9.04 -3.44
N LYS A 108 -3.51 -8.24 -3.70
CA LYS A 108 -2.69 -8.41 -4.90
C LYS A 108 -1.50 -7.46 -4.89
N THR A 109 -0.30 -8.02 -5.07
CA THR A 109 0.92 -7.21 -5.08
C THR A 109 2.08 -7.99 -5.69
N ASP A 110 2.72 -7.39 -6.69
CA ASP A 110 3.85 -8.03 -7.36
C ASP A 110 5.12 -7.19 -7.20
N TYR A 111 6.25 -7.87 -7.05
CA TYR A 111 7.52 -7.19 -6.87
C TYR A 111 8.05 -6.66 -8.20
N ASP A 112 7.37 -7.05 -9.28
CA ASP A 112 7.77 -6.62 -10.62
C ASP A 112 6.83 -5.53 -11.14
N ASN A 113 5.67 -5.41 -10.51
CA ASN A 113 4.68 -4.42 -10.91
C ASN A 113 4.49 -3.36 -9.81
N TYR A 114 3.62 -3.67 -8.86
CA TYR A 114 3.34 -2.75 -7.76
C TYR A 114 2.69 -3.48 -6.59
N ILE A 115 2.47 -2.76 -5.49
CA ILE A 115 1.85 -3.34 -4.31
C ILE A 115 0.61 -2.57 -3.90
N MET A 116 -0.52 -3.27 -3.80
CA MET A 116 -1.78 -2.64 -3.42
C MET A 116 -2.06 -2.85 -1.93
N ILE A 117 -2.70 -1.87 -1.31
CA ILE A 117 -3.04 -1.95 0.11
C ILE A 117 -4.35 -1.23 0.41
N HIS A 118 -5.36 -2.00 0.79
CA HIS A 118 -6.67 -1.44 1.11
C HIS A 118 -6.76 -1.08 2.59
N LEU A 119 -6.68 0.21 2.89
CA LEU A 119 -6.74 0.67 4.27
C LEU A 119 -8.04 1.46 4.52
N ILE A 120 -8.72 1.13 5.60
CA ILE A 120 -9.97 1.79 5.95
C ILE A 120 -9.91 2.37 7.36
N ASN A 121 -10.05 3.68 7.47
CA ASN A 121 -10.02 4.35 8.77
C ASN A 121 -11.43 4.71 9.24
N LYS A 122 -11.58 4.86 10.55
CA LYS A 122 -12.88 5.19 11.13
C LYS A 122 -12.75 6.34 12.13
N LYS A 123 -13.59 7.36 11.95
CA LYS A 123 -13.56 8.52 12.84
C LYS A 123 -14.89 9.27 12.79
N ASP A 124 -15.32 9.78 13.93
CA ASP A 124 -16.58 10.51 14.02
C ASP A 124 -17.75 9.67 13.53
N GLY A 125 -17.71 8.37 13.85
CA GLY A 125 -18.77 7.47 13.43
C GLY A 125 -18.88 7.38 11.93
N GLU A 126 -17.82 7.78 11.22
CA GLU A 126 -17.81 7.74 9.76
C GLU A 126 -16.57 7.01 9.25
N THR A 127 -16.80 6.00 8.41
CA THR A 127 -15.71 5.22 7.84
C THR A 127 -15.62 5.42 6.33
N PHE A 128 -14.40 5.61 5.84
CA PHE A 128 -14.18 5.81 4.41
C PHE A 128 -13.20 4.77 3.87
N GLN A 129 -13.06 4.72 2.55
CA GLN A 129 -12.16 3.79 1.90
C GLN A 129 -10.87 4.48 1.45
N LEU A 130 -9.75 3.80 1.62
CA LEU A 130 -8.45 4.36 1.24
C LEU A 130 -7.62 3.32 0.50
N MET A 131 -6.82 3.78 -0.46
CA MET A 131 -5.97 2.89 -1.24
C MET A 131 -4.55 3.46 -1.36
N GLU A 132 -3.56 2.57 -1.44
CA GLU A 132 -2.18 3.00 -1.56
C GLU A 132 -1.42 2.08 -2.53
N LEU A 133 -0.87 2.67 -3.58
CA LEU A 133 -0.11 1.91 -4.58
C LEU A 133 1.34 2.35 -4.62
N TYR A 134 2.25 1.40 -4.51
CA TYR A 134 3.68 1.70 -4.53
C TYR A 134 4.39 0.90 -5.61
N GLY A 135 5.63 1.28 -5.91
CA GLY A 135 6.39 0.59 -6.93
C GLY A 135 7.89 0.82 -6.80
N ARG A 136 8.68 0.01 -7.48
CA ARG A 136 10.13 0.13 -7.43
C ARG A 136 10.56 1.56 -7.75
N GLU A 137 9.77 2.25 -8.56
CA GLU A 137 10.07 3.63 -8.93
C GLU A 137 8.94 4.56 -8.54
N PRO A 138 9.24 5.87 -8.47
CA PRO A 138 8.26 6.89 -8.10
C PRO A 138 7.21 7.09 -9.19
N ASP A 139 7.42 6.47 -10.35
CA ASP A 139 6.49 6.57 -11.47
C ASP A 139 6.38 5.25 -12.21
N LEU A 140 5.16 4.91 -12.63
CA LEU A 140 4.91 3.67 -13.35
C LEU A 140 4.31 3.95 -14.72
N SER A 141 3.98 2.89 -15.45
CA SER A 141 3.39 3.02 -16.78
C SER A 141 2.00 3.64 -16.71
N SER A 142 1.59 4.27 -17.81
CA SER A 142 0.28 4.90 -17.86
C SER A 142 -0.84 3.87 -17.78
N ASP A 143 -0.56 2.66 -18.24
CA ASP A 143 -1.54 1.58 -18.22
C ASP A 143 -1.72 1.05 -16.80
N ILE A 144 -0.69 1.21 -15.98
CA ILE A 144 -0.73 0.74 -14.60
C ILE A 144 -1.85 1.43 -13.82
N LYS A 145 -2.02 2.72 -14.07
CA LYS A 145 -3.06 3.49 -13.40
C LYS A 145 -4.43 2.85 -13.59
N GLU A 146 -4.73 2.47 -14.83
CA GLU A 146 -6.01 1.84 -15.14
C GLU A 146 -6.04 0.39 -14.65
N LYS A 147 -4.87 -0.25 -14.65
CA LYS A 147 -4.76 -1.64 -14.19
C LYS A 147 -5.12 -1.76 -12.71
N PHE A 148 -4.52 -0.89 -11.90
CA PHE A 148 -4.78 -0.89 -10.47
C PHE A 148 -6.12 -0.25 -10.14
N ALA A 149 -6.52 0.72 -10.97
CA ALA A 149 -7.79 1.40 -10.77
C ALA A 149 -8.96 0.44 -10.78
N GLN A 150 -8.79 -0.66 -11.52
CA GLN A 150 -9.84 -1.68 -11.61
C GLN A 150 -10.29 -2.13 -10.23
N LEU A 151 -9.36 -2.23 -9.31
CA LEU A 151 -9.66 -2.64 -7.94
C LEU A 151 -10.36 -1.52 -7.17
N SER A 152 -10.10 -0.28 -7.57
CA SER A 152 -10.69 0.87 -6.92
C SER A 152 -12.22 0.82 -7.02
N GLU A 153 -12.71 0.42 -8.18
CA GLU A 153 -14.15 0.31 -8.41
C GLU A 153 -14.79 -0.69 -7.46
N GLU A 154 -14.02 -1.71 -7.10
CA GLU A 154 -14.52 -2.75 -6.19
C GLU A 154 -14.98 -2.15 -4.87
N HIS A 155 -14.23 -1.17 -4.36
CA HIS A 155 -14.57 -0.51 -3.11
C HIS A 155 -15.55 0.63 -3.36
N GLY A 156 -15.74 0.99 -4.62
CA GLY A 156 -16.65 2.08 -4.95
C GLY A 156 -15.93 3.37 -5.22
N ILE A 157 -14.68 3.29 -5.65
CA ILE A 157 -13.88 4.47 -5.93
C ILE A 157 -13.75 4.70 -7.44
N VAL A 158 -14.42 5.74 -7.93
CA VAL A 158 -14.39 6.08 -9.35
C VAL A 158 -13.04 6.66 -9.75
N ARG A 159 -12.67 6.48 -11.01
CA ARG A 159 -11.40 6.99 -11.51
C ARG A 159 -11.29 8.49 -11.29
N GLU A 160 -12.44 9.16 -11.20
CA GLU A 160 -12.47 10.60 -10.98
C GLU A 160 -11.60 10.99 -9.79
N ASN A 161 -11.55 10.12 -8.79
CA ASN A 161 -10.76 10.37 -7.59
C ASN A 161 -9.34 9.86 -7.75
N ILE A 162 -9.17 8.91 -8.67
CA ILE A 162 -7.85 8.32 -8.92
C ILE A 162 -6.99 9.27 -9.76
N ILE A 163 -6.15 10.04 -9.09
CA ILE A 163 -5.27 10.98 -9.77
C ILE A 163 -3.80 10.63 -9.53
N ASP A 164 -2.97 10.86 -10.55
CA ASP A 164 -1.54 10.58 -10.45
C ASP A 164 -0.90 11.41 -9.35
N LEU A 165 -0.04 10.78 -8.56
CA LEU A 165 0.65 11.47 -7.48
C LEU A 165 1.77 12.36 -8.02
N THR A 166 2.26 12.03 -9.21
CA THR A 166 3.33 12.79 -9.83
C THR A 166 2.95 14.26 -9.97
N ASN A 167 1.70 14.52 -10.31
CA ASN A 167 1.21 15.88 -10.47
C ASN A 167 0.86 16.50 -9.11
N ALA A 168 1.03 15.71 -8.05
CA ALA A 168 0.74 16.17 -6.71
C ALA A 168 2.00 16.18 -5.85
N ASN A 169 1.85 16.56 -4.59
CA ASN A 169 2.98 16.62 -3.66
C ASN A 169 3.53 15.23 -3.40
N ARG A 170 4.86 15.10 -3.45
CA ARG A 170 5.51 13.83 -3.22
C ARG A 170 6.44 13.90 -2.01
N CYS A 171 7.24 14.97 -1.95
CA CYS A 171 8.18 15.17 -0.85
C CYS A 171 9.23 14.07 -0.84
N LEU A 172 9.46 13.46 -2.00
CA LEU A 172 10.45 12.39 -2.12
C LEU A 172 11.82 12.88 -1.71
N GLU A 173 12.03 14.20 -1.77
CA GLU A 173 13.30 14.79 -1.40
C GLU A 173 13.59 14.60 0.09
N ALA A 174 12.53 14.36 0.86
CA ALA A 174 12.66 14.15 2.29
C ALA A 174 13.07 12.71 2.61
N ARG A 175 12.58 11.78 1.80
CA ARG A 175 12.88 10.37 1.99
C ARG A 175 14.38 10.12 1.92
N GLU A 176 15.08 10.99 1.20
CA GLU A 176 16.53 10.86 1.04
C GLU A 176 17.24 12.12 1.53
N MET A 1 -32.65 -57.37 24.87
CA MET A 1 -33.23 -56.78 23.66
C MET A 1 -32.13 -56.15 22.80
N GLY A 2 -31.20 -55.45 23.44
CA GLY A 2 -30.12 -54.81 22.71
C GLY A 2 -29.42 -53.74 23.53
N SER A 3 -28.44 -54.16 24.33
CA SER A 3 -27.69 -53.23 25.16
C SER A 3 -26.25 -53.09 24.68
N SER A 4 -25.69 -51.90 24.83
CA SER A 4 -24.32 -51.64 24.41
C SER A 4 -23.80 -50.35 25.04
N HIS A 5 -22.48 -50.17 25.00
CA HIS A 5 -21.85 -48.99 25.57
C HIS A 5 -21.88 -47.82 24.57
N HIS A 6 -21.28 -46.70 24.95
CA HIS A 6 -21.24 -45.52 24.10
C HIS A 6 -20.20 -45.70 22.99
N HIS A 7 -20.62 -46.36 21.90
CA HIS A 7 -19.73 -46.59 20.77
C HIS A 7 -20.04 -45.62 19.63
N HIS A 8 -19.05 -44.78 19.29
CA HIS A 8 -19.21 -43.81 18.21
C HIS A 8 -17.91 -43.63 17.44
N HIS A 9 -18.04 -43.35 16.15
CA HIS A 9 -16.86 -43.15 15.30
C HIS A 9 -17.03 -41.90 14.43
N HIS A 10 -16.05 -41.67 13.56
CA HIS A 10 -16.09 -40.51 12.67
C HIS A 10 -16.23 -39.22 13.47
N ILE A 11 -15.36 -39.04 14.46
CA ILE A 11 -15.40 -37.85 15.30
C ILE A 11 -14.59 -36.71 14.67
N GLU A 12 -15.22 -35.55 14.56
CA GLU A 12 -14.56 -34.38 13.97
C GLU A 12 -13.29 -34.03 14.75
N GLY A 13 -12.37 -33.33 14.08
CA GLY A 13 -11.13 -32.94 14.72
C GLY A 13 -9.97 -33.83 14.32
N ARG A 14 -9.99 -34.29 13.06
CA ARG A 14 -8.94 -35.15 12.56
C ARG A 14 -7.63 -34.38 12.38
N GLU A 15 -6.61 -35.05 11.89
CA GLU A 15 -5.30 -34.43 11.68
C GLU A 15 -5.43 -33.19 10.79
N GLU A 16 -4.79 -32.10 11.19
CA GLU A 16 -4.83 -30.86 10.44
C GLU A 16 -4.14 -31.03 9.09
N ALA A 17 -4.55 -30.23 8.12
CA ALA A 17 -3.98 -30.29 6.78
C ALA A 17 -3.05 -29.10 6.53
N SER A 18 -2.07 -29.28 5.64
CA SER A 18 -1.12 -28.22 5.32
C SER A 18 -1.36 -27.68 3.92
N SER A 19 -1.06 -26.40 3.72
CA SER A 19 -1.24 -25.77 2.41
C SER A 19 0.10 -25.54 1.73
N MET A 20 0.06 -24.93 0.56
CA MET A 20 1.27 -24.65 -0.22
C MET A 20 1.50 -23.15 -0.35
N GLU A 21 1.28 -22.43 0.75
CA GLU A 21 1.46 -20.98 0.76
C GLU A 21 2.82 -20.61 1.36
N ARG A 22 3.76 -21.53 1.27
CA ARG A 22 5.10 -21.30 1.81
C ARG A 22 6.00 -20.65 0.76
N ASN A 23 5.45 -20.39 -0.42
CA ASN A 23 6.20 -19.78 -1.50
C ASN A 23 6.30 -18.27 -1.31
N PHE A 24 5.65 -17.77 -0.26
CA PHE A 24 5.66 -16.34 0.02
C PHE A 24 7.09 -15.81 0.06
N ASN A 25 7.29 -14.62 -0.50
CA ASN A 25 8.62 -14.00 -0.53
C ASN A 25 8.55 -12.55 -0.06
N VAL A 26 8.56 -12.38 1.27
CA VAL A 26 8.50 -11.04 1.86
C VAL A 26 9.80 -10.28 1.63
N GLU A 27 10.87 -11.02 1.35
CA GLU A 27 12.17 -10.42 1.11
C GLU A 27 12.12 -9.45 -0.08
N LYS A 28 11.45 -9.88 -1.14
CA LYS A 28 11.31 -9.05 -2.33
C LYS A 28 10.80 -7.66 -1.98
N ILE A 29 9.68 -7.60 -1.28
CA ILE A 29 9.09 -6.33 -0.88
C ILE A 29 9.90 -5.66 0.23
N ASN A 30 10.56 -6.49 1.04
CA ASN A 30 11.38 -5.99 2.14
C ASN A 30 12.43 -5.01 1.63
N GLY A 31 12.27 -3.73 2.00
CA GLY A 31 13.21 -2.71 1.58
C GLY A 31 12.59 -1.33 1.55
N GLU A 32 12.40 -0.80 0.34
CA GLU A 32 11.82 0.53 0.18
C GLU A 32 10.86 0.55 -1.00
N TRP A 33 10.04 1.59 -1.08
CA TRP A 33 9.08 1.74 -2.15
C TRP A 33 8.91 3.21 -2.54
N TYR A 34 8.00 3.46 -3.48
CA TYR A 34 7.75 4.82 -3.95
C TYR A 34 6.27 5.05 -4.21
N THR A 35 5.82 6.28 -4.05
CA THR A 35 4.41 6.63 -4.26
C THR A 35 4.12 6.81 -5.75
N ILE A 36 2.93 6.39 -6.16
CA ILE A 36 2.53 6.50 -7.56
C ILE A 36 1.28 7.37 -7.70
N MET A 37 0.20 6.93 -7.06
CA MET A 37 -1.06 7.67 -7.12
C MET A 37 -1.85 7.49 -5.82
N LEU A 38 -2.67 8.50 -5.49
CA LEU A 38 -3.46 8.45 -4.27
C LEU A 38 -4.95 8.39 -4.60
N ALA A 39 -5.60 7.32 -4.17
CA ALA A 39 -7.03 7.14 -4.41
C ALA A 39 -7.78 6.90 -3.11
N THR A 40 -9.06 7.27 -3.10
CA THR A 40 -9.89 7.10 -1.91
C THR A 40 -11.31 7.61 -2.16
N ASP A 41 -12.26 7.10 -1.38
CA ASP A 41 -13.65 7.51 -1.51
C ASP A 41 -13.84 8.97 -1.08
N LYS A 42 -12.95 9.42 -0.20
CA LYS A 42 -13.01 10.80 0.29
C LYS A 42 -11.88 11.64 -0.30
N ARG A 43 -12.14 12.26 -1.45
CA ARG A 43 -11.15 13.10 -2.11
C ARG A 43 -10.81 14.32 -1.26
N GLU A 44 -11.77 14.75 -0.46
CA GLU A 44 -11.58 15.91 0.41
C GLU A 44 -10.53 15.62 1.49
N LYS A 45 -10.38 14.35 1.83
CA LYS A 45 -9.43 13.93 2.84
C LYS A 45 -8.01 13.98 2.29
N ILE A 46 -7.85 13.66 1.02
CA ILE A 46 -6.54 13.67 0.38
C ILE A 46 -6.32 14.98 -0.39
N GLU A 47 -7.07 16.01 -0.02
CA GLU A 47 -6.96 17.31 -0.67
C GLU A 47 -5.80 18.12 -0.07
N GLU A 48 -5.44 19.20 -0.76
CA GLU A 48 -4.35 20.05 -0.29
C GLU A 48 -4.63 20.57 1.11
N HIS A 49 -5.91 20.62 1.47
CA HIS A 49 -6.31 21.10 2.79
C HIS A 49 -6.68 19.94 3.70
N GLY A 50 -6.19 18.75 3.36
CA GLY A 50 -6.48 17.57 4.16
C GLY A 50 -5.26 17.04 4.89
N SER A 51 -5.48 16.31 5.98
CA SER A 51 -4.39 15.76 6.76
C SER A 51 -4.30 14.24 6.58
N MET A 52 -4.84 13.77 5.45
CA MET A 52 -4.82 12.33 5.16
C MET A 52 -4.00 12.06 3.91
N ARG A 53 -3.04 12.94 3.61
CA ARG A 53 -2.18 12.79 2.45
C ARG A 53 -0.87 12.11 2.83
N VAL A 54 -0.91 11.28 3.87
CA VAL A 54 0.27 10.57 4.34
C VAL A 54 0.61 9.40 3.42
N PHE A 55 1.89 9.21 3.16
CA PHE A 55 2.34 8.13 2.30
C PHE A 55 3.57 7.43 2.89
N VAL A 56 3.70 6.14 2.62
CA VAL A 56 4.82 5.35 3.13
C VAL A 56 6.08 5.61 2.30
N GLU A 57 7.24 5.37 2.92
CA GLU A 57 8.51 5.57 2.25
C GLU A 57 9.28 4.26 2.13
N TYR A 58 9.03 3.35 3.07
CA TYR A 58 9.70 2.05 3.07
C TYR A 58 8.95 1.05 3.95
N ILE A 59 9.01 -0.22 3.57
CA ILE A 59 8.33 -1.27 4.33
C ILE A 59 9.34 -2.23 4.95
N HIS A 60 9.13 -2.55 6.23
CA HIS A 60 10.03 -3.46 6.94
C HIS A 60 9.29 -4.73 7.35
N VAL A 61 9.97 -5.86 7.24
CA VAL A 61 9.37 -7.14 7.60
C VAL A 61 9.91 -7.64 8.93
N LEU A 62 9.01 -8.10 9.80
CA LEU A 62 9.38 -8.59 11.12
C LEU A 62 9.00 -10.06 11.28
N GLU A 63 9.45 -10.67 12.37
CA GLU A 63 9.14 -12.07 12.64
C GLU A 63 7.64 -12.29 12.76
N ASN A 64 6.99 -11.42 13.52
CA ASN A 64 5.54 -11.52 13.73
C ASN A 64 4.89 -10.15 13.61
N SER A 65 5.39 -9.33 12.69
CA SER A 65 4.86 -8.00 12.48
C SER A 65 5.48 -7.35 11.24
N LEU A 66 5.12 -6.09 11.00
CA LEU A 66 5.64 -5.36 9.85
C LEU A 66 5.79 -3.88 10.17
N ALA A 67 7.03 -3.39 10.17
CA ALA A 67 7.29 -1.99 10.46
C ALA A 67 7.08 -1.13 9.22
N LEU A 68 6.52 0.06 9.42
CA LEU A 68 6.27 0.99 8.32
C LEU A 68 6.52 2.43 8.74
N LYS A 69 6.90 3.27 7.78
CA LYS A 69 7.17 4.66 8.05
C LYS A 69 6.41 5.57 7.08
N PHE A 70 5.68 6.53 7.62
CA PHE A 70 4.92 7.47 6.80
C PHE A 70 5.31 8.91 7.09
N HIS A 71 4.96 9.81 6.18
CA HIS A 71 5.29 11.22 6.34
C HIS A 71 4.03 12.08 6.28
N ILE A 72 4.02 13.17 7.03
CA ILE A 72 2.87 14.07 7.07
C ILE A 72 3.32 15.53 7.01
N ILE A 73 2.63 16.32 6.20
CA ILE A 73 2.95 17.74 6.06
C ILE A 73 2.37 18.55 7.23
N ILE A 74 3.26 19.12 8.02
CA ILE A 74 2.84 19.93 9.16
C ILE A 74 3.56 21.28 9.18
N ASN A 75 2.79 22.35 9.40
CA ASN A 75 3.35 23.69 9.44
C ASN A 75 4.24 23.94 8.22
N GLU A 76 3.80 23.49 7.06
CA GLU A 76 4.55 23.67 5.82
C GLU A 76 5.92 23.00 5.92
N GLU A 77 5.96 21.85 6.59
CA GLU A 77 7.21 21.11 6.77
C GLU A 77 6.95 19.62 6.94
N CYS A 78 7.80 18.80 6.34
CA CYS A 78 7.65 17.35 6.42
C CYS A 78 8.04 16.85 7.81
N SER A 79 7.66 15.61 8.11
CA SER A 79 7.96 15.01 9.41
C SER A 79 8.22 13.51 9.27
N GLU A 80 8.42 12.85 10.40
CA GLU A 80 8.67 11.40 10.40
C GLU A 80 7.73 10.69 11.36
N ILE A 81 7.05 9.67 10.87
CA ILE A 81 6.11 8.90 11.69
C ILE A 81 6.51 7.43 11.74
N PHE A 82 6.66 6.90 12.95
CA PHE A 82 7.04 5.50 13.13
C PHE A 82 5.88 4.70 13.71
N LEU A 83 5.59 3.57 13.09
CA LEU A 83 4.50 2.70 13.54
C LEU A 83 4.75 1.26 13.13
N VAL A 84 4.09 0.33 13.81
CA VAL A 84 4.23 -1.09 13.52
C VAL A 84 2.89 -1.80 13.60
N ALA A 85 2.60 -2.61 12.57
CA ALA A 85 1.34 -3.34 12.52
C ALA A 85 1.55 -4.81 12.91
N ASP A 86 0.70 -5.31 13.79
CA ASP A 86 0.80 -6.69 14.25
C ASP A 86 -0.28 -7.55 13.60
N LYS A 87 0.11 -8.74 13.14
CA LYS A 87 -0.83 -9.66 12.50
C LYS A 87 -1.97 -10.01 13.45
N THR A 88 -3.05 -10.56 12.89
CA THR A 88 -4.21 -10.95 13.70
C THR A 88 -4.43 -12.45 13.63
N GLU A 89 -5.50 -12.91 14.29
CA GLU A 89 -5.82 -14.34 14.30
C GLU A 89 -5.89 -14.90 12.89
N LYS A 90 -6.26 -14.05 11.93
CA LYS A 90 -6.35 -14.46 10.54
C LYS A 90 -5.20 -13.89 9.72
N ALA A 91 -4.51 -14.77 9.00
CA ALA A 91 -3.37 -14.36 8.18
C ALA A 91 -3.84 -13.51 6.99
N GLY A 92 -3.05 -12.51 6.63
CA GLY A 92 -3.39 -11.64 5.52
C GLY A 92 -3.97 -10.32 5.99
N GLU A 93 -4.44 -10.28 7.22
CA GLU A 93 -5.02 -9.06 7.77
C GLU A 93 -4.13 -8.48 8.87
N TYR A 94 -3.89 -7.18 8.81
CA TYR A 94 -3.06 -6.50 9.80
C TYR A 94 -3.80 -5.33 10.42
N SER A 95 -3.63 -5.16 11.73
CA SER A 95 -4.28 -4.07 12.46
C SER A 95 -3.26 -3.17 13.13
N VAL A 96 -3.36 -1.86 12.86
CA VAL A 96 -2.43 -0.90 13.44
C VAL A 96 -3.19 0.27 14.06
N THR A 97 -2.64 0.83 15.13
CA THR A 97 -3.26 1.95 15.82
C THR A 97 -2.75 3.28 15.27
N TYR A 98 -3.66 4.16 14.90
CA TYR A 98 -3.30 5.47 14.37
C TYR A 98 -4.38 6.51 14.67
N ASP A 99 -4.42 6.96 15.91
CA ASP A 99 -5.40 7.95 16.33
C ASP A 99 -6.81 7.40 16.22
N GLY A 100 -6.93 6.08 16.30
CA GLY A 100 -8.24 5.44 16.21
C GLY A 100 -8.14 3.96 15.89
N SER A 101 -8.63 3.58 14.71
CA SER A 101 -8.59 2.18 14.30
C SER A 101 -8.26 2.06 12.81
N ASN A 102 -7.36 1.15 12.48
CA ASN A 102 -6.96 0.94 11.09
C ASN A 102 -6.65 -0.53 10.84
N THR A 103 -7.08 -1.04 9.69
CA THR A 103 -6.84 -2.43 9.33
C THR A 103 -6.74 -2.59 7.81
N PHE A 104 -5.67 -3.23 7.36
CA PHE A 104 -5.46 -3.46 5.94
C PHE A 104 -5.20 -4.93 5.65
N THR A 105 -5.18 -5.28 4.37
CA THR A 105 -4.95 -6.66 3.96
C THR A 105 -4.40 -6.73 2.54
N ILE A 106 -3.67 -7.80 2.23
CA ILE A 106 -3.09 -7.98 0.91
C ILE A 106 -4.05 -8.72 -0.01
N LEU A 107 -4.56 -8.02 -1.02
CA LEU A 107 -5.48 -8.63 -1.97
C LEU A 107 -4.78 -8.94 -3.29
N LYS A 108 -3.77 -8.14 -3.63
CA LYS A 108 -3.01 -8.33 -4.85
C LYS A 108 -1.81 -7.41 -4.90
N THR A 109 -0.62 -8.00 -5.03
CA THR A 109 0.62 -7.24 -5.09
C THR A 109 1.73 -8.04 -5.74
N ASP A 110 2.33 -7.48 -6.79
CA ASP A 110 3.41 -8.15 -7.50
C ASP A 110 4.71 -7.36 -7.37
N TYR A 111 5.83 -8.08 -7.27
CA TYR A 111 7.13 -7.45 -7.13
C TYR A 111 7.62 -6.91 -8.46
N ASP A 112 6.99 -7.35 -9.54
CA ASP A 112 7.35 -6.91 -10.88
C ASP A 112 6.32 -5.92 -11.42
N ASN A 113 5.36 -5.56 -10.59
CA ASN A 113 4.31 -4.63 -10.98
C ASN A 113 4.12 -3.54 -9.93
N TYR A 114 3.27 -3.83 -8.95
CA TYR A 114 3.00 -2.88 -7.87
C TYR A 114 2.39 -3.59 -6.66
N ILE A 115 2.20 -2.83 -5.58
CA ILE A 115 1.62 -3.38 -4.36
C ILE A 115 0.45 -2.55 -3.88
N MET A 116 -0.75 -3.15 -3.89
CA MET A 116 -1.95 -2.46 -3.45
C MET A 116 -2.19 -2.68 -1.96
N ILE A 117 -2.76 -1.67 -1.30
CA ILE A 117 -3.04 -1.74 0.12
C ILE A 117 -4.34 -1.02 0.47
N HIS A 118 -5.33 -1.80 0.89
CA HIS A 118 -6.63 -1.23 1.25
C HIS A 118 -6.69 -0.92 2.74
N LEU A 119 -6.69 0.36 3.07
CA LEU A 119 -6.74 0.79 4.47
C LEU A 119 -8.02 1.58 4.75
N ILE A 120 -8.75 1.16 5.77
CA ILE A 120 -10.00 1.83 6.15
C ILE A 120 -9.84 2.57 7.47
N ASN A 121 -10.16 3.85 7.46
CA ASN A 121 -10.05 4.67 8.67
C ASN A 121 -11.44 5.09 9.16
N LYS A 122 -11.58 5.24 10.48
CA LYS A 122 -12.84 5.64 11.06
C LYS A 122 -12.66 6.85 11.99
N LYS A 123 -13.61 7.77 11.95
CA LYS A 123 -13.56 8.95 12.79
C LYS A 123 -14.90 9.68 12.79
N ASP A 124 -15.32 10.14 13.97
CA ASP A 124 -16.58 10.85 14.12
C ASP A 124 -17.74 10.02 13.57
N GLY A 125 -17.73 8.72 13.89
CA GLY A 125 -18.78 7.83 13.42
C GLY A 125 -18.84 7.75 11.91
N GLU A 126 -17.76 8.17 11.25
CA GLU A 126 -17.70 8.14 9.80
C GLU A 126 -16.45 7.42 9.32
N THR A 127 -16.64 6.41 8.47
CA THR A 127 -15.52 5.64 7.94
C THR A 127 -15.49 5.70 6.41
N PHE A 128 -14.29 5.83 5.85
CA PHE A 128 -14.13 5.89 4.41
C PHE A 128 -13.11 4.85 3.93
N GLN A 129 -13.03 4.69 2.61
CA GLN A 129 -12.09 3.73 2.02
C GLN A 129 -10.86 4.44 1.46
N LEU A 130 -9.69 3.96 1.87
CA LEU A 130 -8.44 4.55 1.40
C LEU A 130 -7.60 3.53 0.63
N MET A 131 -6.88 3.99 -0.38
CA MET A 131 -6.03 3.12 -1.18
C MET A 131 -4.64 3.69 -1.33
N GLU A 132 -3.65 2.80 -1.51
CA GLU A 132 -2.27 3.23 -1.67
C GLU A 132 -1.52 2.31 -2.62
N LEU A 133 -1.02 2.87 -3.71
CA LEU A 133 -0.28 2.09 -4.70
C LEU A 133 1.21 2.47 -4.70
N TYR A 134 2.06 1.47 -4.79
CA TYR A 134 3.50 1.70 -4.80
C TYR A 134 4.19 0.81 -5.84
N GLY A 135 5.35 1.26 -6.32
CA GLY A 135 6.08 0.50 -7.30
C GLY A 135 7.59 0.73 -7.22
N ARG A 136 8.35 -0.12 -7.90
CA ARG A 136 9.80 -0.01 -7.90
C ARG A 136 10.25 1.40 -8.28
N GLU A 137 9.45 2.05 -9.13
CA GLU A 137 9.77 3.40 -9.58
C GLU A 137 8.67 4.38 -9.18
N PRO A 138 9.00 5.67 -9.16
CA PRO A 138 8.05 6.73 -8.80
C PRO A 138 6.96 6.92 -9.85
N ASP A 139 7.12 6.26 -10.98
CA ASP A 139 6.16 6.35 -12.07
C ASP A 139 6.08 5.04 -12.85
N LEU A 140 4.88 4.49 -12.96
CA LEU A 140 4.67 3.23 -13.69
C LEU A 140 4.12 3.50 -15.09
N SER A 141 3.96 2.44 -15.86
CA SER A 141 3.43 2.54 -17.22
C SER A 141 2.00 3.05 -17.21
N SER A 142 1.62 3.77 -18.27
CA SER A 142 0.28 4.31 -18.37
C SER A 142 -0.78 3.22 -18.22
N ASP A 143 -0.47 2.05 -18.77
CA ASP A 143 -1.39 0.91 -18.69
C ASP A 143 -1.60 0.48 -17.25
N ILE A 144 -0.56 0.60 -16.43
CA ILE A 144 -0.64 0.22 -15.02
C ILE A 144 -1.72 1.02 -14.30
N LYS A 145 -1.88 2.27 -14.70
CA LYS A 145 -2.89 3.14 -14.09
C LYS A 145 -4.29 2.55 -14.25
N GLU A 146 -4.60 2.10 -15.46
CA GLU A 146 -5.90 1.51 -15.74
C GLU A 146 -5.99 0.10 -15.18
N LYS A 147 -4.87 -0.59 -15.14
CA LYS A 147 -4.81 -1.95 -14.62
C LYS A 147 -5.14 -1.98 -13.13
N PHE A 148 -4.50 -1.10 -12.37
CA PHE A 148 -4.73 -1.02 -10.94
C PHE A 148 -6.04 -0.31 -10.63
N ALA A 149 -6.42 0.63 -11.49
CA ALA A 149 -7.65 1.38 -11.32
C ALA A 149 -8.86 0.45 -11.25
N GLN A 150 -8.74 -0.71 -11.89
CA GLN A 150 -9.83 -1.68 -11.90
C GLN A 150 -10.16 -2.14 -10.49
N LEU A 151 -9.12 -2.31 -9.66
CA LEU A 151 -9.31 -2.74 -8.28
C LEU A 151 -10.08 -1.69 -7.49
N SER A 152 -9.91 -0.43 -7.86
CA SER A 152 -10.57 0.66 -7.17
C SER A 152 -12.09 0.48 -7.19
N GLU A 153 -12.60 0.02 -8.33
CA GLU A 153 -14.04 -0.19 -8.49
C GLU A 153 -14.56 -1.16 -7.43
N GLU A 154 -13.71 -2.09 -7.02
CA GLU A 154 -14.08 -3.08 -6.01
C GLU A 154 -14.54 -2.40 -4.73
N HIS A 155 -13.84 -1.34 -4.35
CA HIS A 155 -14.17 -0.60 -3.14
C HIS A 155 -15.09 0.58 -3.46
N GLY A 156 -15.72 0.53 -4.62
CA GLY A 156 -16.62 1.60 -5.02
C GLY A 156 -15.88 2.87 -5.40
N ILE A 157 -14.57 2.73 -5.64
CA ILE A 157 -13.75 3.88 -6.02
C ILE A 157 -13.63 4.01 -7.53
N VAL A 158 -13.94 5.19 -8.04
CA VAL A 158 -13.87 5.44 -9.47
C VAL A 158 -12.55 6.12 -9.85
N ARG A 159 -12.11 5.91 -11.08
CA ARG A 159 -10.86 6.49 -11.56
C ARG A 159 -10.87 8.00 -11.39
N GLU A 160 -12.06 8.59 -11.38
CA GLU A 160 -12.21 10.03 -11.23
C GLU A 160 -11.50 10.52 -9.98
N ASN A 161 -11.44 9.66 -8.97
CA ASN A 161 -10.79 10.00 -7.71
C ASN A 161 -9.29 9.72 -7.78
N ILE A 162 -8.90 8.84 -8.69
CA ILE A 162 -7.50 8.49 -8.86
C ILE A 162 -6.74 9.57 -9.61
N ILE A 163 -5.83 10.24 -8.93
CA ILE A 163 -5.03 11.30 -9.53
C ILE A 163 -3.54 11.08 -9.29
N ASP A 164 -2.73 11.40 -10.30
CA ASP A 164 -1.28 11.24 -10.18
C ASP A 164 -0.70 12.24 -9.20
N LEU A 165 0.25 11.78 -8.39
CA LEU A 165 0.89 12.64 -7.40
C LEU A 165 2.29 13.04 -7.84
N THR A 166 2.63 12.73 -9.09
CA THR A 166 3.94 13.05 -9.64
C THR A 166 4.25 14.53 -9.48
N ASN A 167 3.20 15.36 -9.51
CA ASN A 167 3.36 16.80 -9.36
C ASN A 167 2.84 17.28 -8.01
N ALA A 168 2.78 16.36 -7.06
CA ALA A 168 2.29 16.68 -5.71
C ALA A 168 3.41 16.56 -4.68
N ASN A 169 3.06 16.73 -3.42
CA ASN A 169 4.03 16.64 -2.32
C ASN A 169 4.18 15.19 -1.86
N ARG A 170 5.42 14.70 -1.89
CA ARG A 170 5.71 13.33 -1.47
C ARG A 170 6.62 13.32 -0.25
N CYS A 171 7.38 14.39 -0.08
CA CYS A 171 8.30 14.50 1.05
C CYS A 171 9.31 13.35 1.05
N LEU A 172 9.75 12.96 -0.14
CA LEU A 172 10.71 11.88 -0.27
C LEU A 172 12.10 12.31 0.17
N GLU A 173 12.32 13.62 0.21
CA GLU A 173 13.60 14.17 0.61
C GLU A 173 13.86 13.90 2.09
N ALA A 174 12.79 13.68 2.85
CA ALA A 174 12.91 13.41 4.27
C ALA A 174 12.90 11.91 4.54
N ARG A 175 13.30 11.13 3.54
CA ARG A 175 13.33 9.68 3.67
C ARG A 175 14.49 9.25 4.57
N GLU A 176 14.25 8.21 5.36
CA GLU A 176 15.27 7.70 6.28
C GLU A 176 15.59 6.24 5.98
#